data_8RCU
#
_entry.id   8RCU
#
_cell.length_a   1.00
_cell.length_b   1.00
_cell.length_c   1.00
_cell.angle_alpha   90.00
_cell.angle_beta   90.00
_cell.angle_gamma   90.00
#
_symmetry.space_group_name_H-M   'P 1'
#
loop_
_entity.id
_entity.type
_entity.pdbx_description
1 polymer 'Transient receptor potential cation channel subfamily M member 4'
2 non-polymer '4-chloranyl-2-[2-(3-iodanylphenoxy)ethanoylamino]benzoic acid'
3 non-polymer CHOLESTEROL
#
_entity_poly.entity_id   1
_entity_poly.type   'polypeptide(L)'
_entity_poly.pdbx_seq_one_letter_code
;RSFHLEASLMDALLNDRPEFVRLLISHGLSLGHFLTPMRLAQLYSAAPSNSLIRNLLDQASHSAGTKAPALKGGAAELRP
PDVGHVLRMLLGKMCAPRYPSGGAWDPHPGQGFGESMYLLSDKATSPLSLDAGLGQAPWSDLLLWALLLNRAQMAMYFWE
MGSNAVSSALGACLLLRVMARLEPDAEEAARRKDLAFKFEGMGVDLFGECYRSSEVRAARLLLRRCPLWGDATCLQLAMQ
ADARAFFAQDGVQSLLTQKWWGDMASTTPIWALVLAFFCPPLIYTRLITFRKSEEEPTREELEFDMDSVINGEGPVGTAD
PAEKTPLGVPRQSGRPGCCGGRCGGRRCLRRWFHFWGAPVTIFMGNVVSYLLFLLLFSRVLLVDFQPAPPGSLELLLYFW
AFTLLCEELRQGLSGGGGSLASGGPGPGHASLSQRLRLYLADSWNQCDLVALTCFLLGVGCRLTPGLYHLGRTVLCIDFM
VFTVRLLHIFTVNKQLGPKIVIVSKMMKDVFFFLFFLGVWLVAYGVATEGLLRPRDSDFPSILRRVFYRPYLQIFGQIPQ
EDMDVALMEHSNCSSEPGFWAHPPGAQAGTCVSQYANWLVVLLLVIFLLVANILLVNLLIAMFSYTFGKVQGNSDLYWKA
QRYRLIREFHSRPALAPPFIVISHLRLLLRQLCRRPRSPQPSSPALEHFRVYLSKEAERKLLTWESVHKENFLLARARDK
RESDSERLKRTSQKVDLALKQLGHIREY
;
_entity_poly.pdbx_strand_id   A,B,C,D
#
loop_
_chem_comp.id
_chem_comp.type
_chem_comp.name
_chem_comp.formula
A1HZ5 non-polymer '4-chloranyl-2-[2-(3-iodanylphenoxy)ethanoylamino]benzoic acid' 'C15 H11 Cl I N O4'
CLR non-polymer CHOLESTEROL 'C27 H46 O'
#
# COMPACT_ATOMS: atom_id res chain seq x y z
N ARG A 1 -19.13 64.54 5.13
CA ARG A 1 -19.54 64.82 3.76
C ARG A 1 -18.91 63.84 2.78
N SER A 2 -19.15 64.06 1.49
CA SER A 2 -18.67 63.15 0.47
C SER A 2 -17.15 63.16 0.38
N PHE A 3 -16.55 64.35 0.27
CA PHE A 3 -15.13 64.44 -0.04
C PHE A 3 -14.25 63.91 1.08
N HIS A 4 -14.69 64.04 2.34
CA HIS A 4 -13.91 63.48 3.45
C HIS A 4 -13.75 61.98 3.29
N LEU A 5 -14.87 61.27 3.08
CA LEU A 5 -14.80 59.83 2.85
C LEU A 5 -14.08 59.49 1.55
N GLU A 6 -14.22 60.33 0.53
CA GLU A 6 -13.52 60.10 -0.73
C GLU A 6 -12.01 60.09 -0.51
N ALA A 7 -11.48 61.12 0.14
CA ALA A 7 -10.04 61.18 0.39
C ALA A 7 -9.61 60.09 1.37
N SER A 8 -10.46 59.80 2.37
CA SER A 8 -10.12 58.75 3.33
C SER A 8 -9.99 57.40 2.63
N LEU A 9 -10.91 57.09 1.72
CA LEU A 9 -10.82 55.83 0.98
C LEU A 9 -9.69 55.86 -0.04
N MET A 10 -9.36 57.04 -0.56
CA MET A 10 -8.21 57.16 -1.45
C MET A 10 -6.93 56.76 -0.72
N ASP A 11 -6.74 57.29 0.49
CA ASP A 11 -5.59 56.89 1.30
C ASP A 11 -5.72 55.44 1.74
N ALA A 12 -6.94 54.98 2.00
CA ALA A 12 -7.17 53.59 2.41
C ALA A 12 -6.84 52.60 1.30
N LEU A 13 -6.89 53.04 0.05
CA LEU A 13 -6.42 52.21 -1.05
C LEU A 13 -4.92 52.37 -1.27
N LEU A 14 -4.39 53.58 -1.09
CA LEU A 14 -2.95 53.78 -1.23
C LEU A 14 -2.18 52.93 -0.23
N ASN A 15 -2.63 52.89 1.02
CA ASN A 15 -2.09 51.97 2.01
C ASN A 15 -2.97 50.73 2.12
N ASP A 16 -2.45 49.70 2.77
CA ASP A 16 -3.19 48.44 2.85
C ASP A 16 -4.47 48.60 3.67
N ARG A 17 -4.33 48.79 4.99
CA ARG A 17 -5.38 49.07 5.98
C ARG A 17 -6.74 48.46 5.62
N PRO A 18 -6.81 47.14 5.48
CA PRO A 18 -8.05 46.51 5.00
C PRO A 18 -9.24 46.73 5.91
N GLU A 19 -9.01 46.77 7.23
CA GLU A 19 -10.12 47.04 8.15
C GLU A 19 -10.68 48.43 7.93
N PHE A 20 -9.80 49.42 7.74
CA PHE A 20 -10.26 50.77 7.45
C PHE A 20 -11.04 50.81 6.15
N VAL A 21 -10.55 50.10 5.12
CA VAL A 21 -11.28 50.05 3.85
C VAL A 21 -12.67 49.45 4.06
N ARG A 22 -12.74 48.30 4.74
CA ARG A 22 -14.02 47.62 4.86
C ARG A 22 -15.01 48.45 5.68
N LEU A 23 -14.53 49.15 6.72
CA LEU A 23 -15.44 49.99 7.49
C LEU A 23 -15.90 51.19 6.66
N LEU A 24 -15.01 51.77 5.86
CA LEU A 24 -15.40 52.91 5.04
C LEU A 24 -16.51 52.55 4.06
N ILE A 25 -16.33 51.45 3.33
CA ILE A 25 -17.42 51.07 2.41
C ILE A 25 -18.64 50.56 3.16
N SER A 26 -18.43 49.93 4.33
CA SER A 26 -19.58 49.48 5.11
C SER A 26 -20.44 50.65 5.57
N HIS A 27 -19.84 51.83 5.73
CA HIS A 27 -20.64 53.03 5.96
C HIS A 27 -21.56 53.32 4.78
N GLY A 28 -21.07 53.13 3.56
CA GLY A 28 -21.88 53.36 2.37
C GLY A 28 -21.38 54.52 1.53
N LEU A 29 -20.89 54.22 0.32
CA LEU A 29 -20.36 55.21 -0.60
C LEU A 29 -21.16 55.17 -1.89
N SER A 30 -20.77 56.03 -2.84
CA SER A 30 -21.50 56.13 -4.10
C SER A 30 -21.06 55.05 -5.08
N LEU A 31 -19.75 54.89 -5.25
CA LEU A 31 -19.11 53.96 -6.18
C LEU A 31 -19.42 54.28 -7.64
N GLY A 32 -20.06 55.41 -7.93
CA GLY A 32 -20.30 55.82 -9.29
C GLY A 32 -19.43 57.00 -9.69
N HIS A 33 -19.19 57.89 -8.73
CA HIS A 33 -18.31 59.04 -8.94
C HIS A 33 -16.97 58.89 -8.25
N PHE A 34 -16.77 57.83 -7.48
CA PHE A 34 -15.50 57.53 -6.83
C PHE A 34 -14.51 56.87 -7.78
N LEU A 35 -14.93 56.52 -9.00
CA LEU A 35 -14.14 55.71 -9.91
C LEU A 35 -13.78 56.48 -11.17
N THR A 36 -13.38 57.75 -11.03
CA THR A 36 -13.03 58.55 -12.18
C THR A 36 -11.62 58.20 -12.67
N PRO A 37 -11.35 58.43 -13.96
CA PRO A 37 -10.04 58.05 -14.50
C PRO A 37 -8.87 58.73 -13.83
N MET A 38 -9.02 59.96 -13.32
CA MET A 38 -7.90 60.61 -12.66
C MET A 38 -7.61 59.98 -11.30
N ARG A 39 -8.66 59.59 -10.57
CA ARG A 39 -8.45 58.79 -9.36
C ARG A 39 -7.78 57.47 -9.70
N LEU A 40 -8.20 56.83 -10.79
CA LEU A 40 -7.55 55.59 -11.21
C LEU A 40 -6.07 55.81 -11.49
N ALA A 41 -5.75 56.91 -12.17
CA ALA A 41 -4.35 57.20 -12.49
C ALA A 41 -3.52 57.45 -11.25
N GLN A 42 -4.06 58.21 -10.29
CA GLN A 42 -3.26 58.51 -9.11
C GLN A 42 -3.14 57.30 -8.19
N LEU A 43 -4.11 56.38 -8.25
CA LEU A 43 -3.93 55.09 -7.57
C LEU A 43 -2.85 54.26 -8.27
N TYR A 44 -2.85 54.25 -9.60
CA TYR A 44 -1.82 53.51 -10.33
C TYR A 44 -0.44 54.09 -10.05
N SER A 45 -0.36 55.39 -9.79
CA SER A 45 0.92 56.03 -9.53
C SER A 45 1.58 55.54 -8.24
N ALA A 46 0.84 54.84 -7.38
CA ALA A 46 1.37 54.34 -6.12
C ALA A 46 2.12 53.03 -6.28
N ALA A 47 2.29 52.52 -7.50
CA ALA A 47 2.97 51.27 -7.72
C ALA A 47 4.45 51.37 -7.34
N PRO A 48 5.01 50.35 -6.71
CA PRO A 48 6.44 50.36 -6.37
C PRO A 48 7.30 50.35 -7.62
N SER A 49 8.36 51.15 -7.61
CA SER A 49 9.27 51.19 -8.75
C SER A 49 10.00 49.86 -8.92
N ASN A 50 10.45 49.27 -7.81
CA ASN A 50 11.21 48.02 -7.84
C ASN A 50 10.29 46.81 -7.79
N SER A 51 9.34 46.74 -8.72
CA SER A 51 8.40 45.63 -8.82
C SER A 51 8.11 45.39 -10.31
N LEU A 52 7.10 44.59 -10.59
CA LEU A 52 6.69 44.29 -11.95
C LEU A 52 5.46 45.08 -12.38
N ILE A 53 5.19 46.22 -11.76
CA ILE A 53 4.05 47.04 -12.12
C ILE A 53 4.49 48.35 -12.76
N ARG A 54 5.36 49.09 -12.06
CA ARG A 54 5.83 50.37 -12.60
C ARG A 54 6.65 50.17 -13.87
N ASN A 55 7.58 49.22 -13.85
CA ASN A 55 8.38 48.96 -15.04
C ASN A 55 7.52 48.41 -16.18
N LEU A 56 6.54 47.57 -15.84
CA LEU A 56 5.64 47.05 -16.87
C LEU A 56 4.84 48.17 -17.51
N LEU A 57 4.31 49.09 -16.70
CA LEU A 57 3.57 50.23 -17.25
C LEU A 57 4.47 51.11 -18.11
N ASP A 58 5.70 51.35 -17.65
CA ASP A 58 6.63 52.17 -18.43
C ASP A 58 6.95 51.51 -19.77
N GLN A 59 7.18 50.19 -19.77
CA GLN A 59 7.47 49.49 -21.01
C GLN A 59 6.26 49.51 -21.95
N ALA A 60 5.06 49.34 -21.41
CA ALA A 60 3.86 49.39 -22.23
C ALA A 60 3.68 50.78 -22.84
N SER A 61 3.94 51.83 -22.06
CA SER A 61 3.86 53.19 -22.59
C SER A 61 4.91 53.42 -23.66
N HIS A 62 6.13 52.91 -23.46
CA HIS A 62 7.20 53.06 -24.44
C HIS A 62 6.94 52.25 -25.71
N SER A 63 6.13 51.20 -25.62
CA SER A 63 5.83 50.37 -26.79
C SER A 63 5.07 51.16 -27.85
N VAL A 83 -1.74 37.94 -23.11
CA VAL A 83 -1.36 38.82 -22.01
C VAL A 83 -0.93 40.18 -22.56
N GLY A 84 -0.32 40.16 -23.74
CA GLY A 84 0.11 41.41 -24.36
C GLY A 84 -1.05 42.36 -24.61
N HIS A 85 -2.20 41.80 -25.00
CA HIS A 85 -3.39 42.63 -25.18
C HIS A 85 -3.83 43.26 -23.87
N VAL A 86 -3.70 42.54 -22.76
CA VAL A 86 -4.03 43.09 -21.46
C VAL A 86 -3.13 44.27 -21.14
N LEU A 87 -1.83 44.12 -21.38
CA LEU A 87 -0.88 45.21 -21.17
C LEU A 87 -1.22 46.41 -22.05
N ARG A 88 -1.59 46.14 -23.31
CA ARG A 88 -1.94 47.23 -24.22
C ARG A 88 -3.18 47.98 -23.74
N MET A 89 -4.20 47.25 -23.27
CA MET A 89 -5.44 47.91 -22.86
C MET A 89 -5.30 48.61 -21.51
N LEU A 90 -4.44 48.12 -20.63
CA LEU A 90 -4.25 48.78 -19.34
C LEU A 90 -3.29 49.95 -19.49
N LEU A 91 -3.68 51.10 -18.95
CA LEU A 91 -2.86 52.31 -19.02
C LEU A 91 -3.03 53.09 -17.73
N GLY A 92 -2.05 53.93 -17.43
CA GLY A 92 -2.08 54.74 -16.22
C GLY A 92 -3.09 55.87 -16.29
N PRO A 138 -17.98 48.25 -12.74
CA PRO A 138 -17.32 49.41 -12.12
C PRO A 138 -16.17 49.00 -11.20
N TRP A 139 -16.32 47.87 -10.52
CA TRP A 139 -15.29 47.39 -9.60
C TRP A 139 -14.19 46.62 -10.30
N SER A 140 -14.29 46.42 -11.62
CA SER A 140 -13.29 45.65 -12.34
C SER A 140 -11.92 46.32 -12.26
N ASP A 141 -11.88 47.64 -12.43
CA ASP A 141 -10.61 48.35 -12.37
C ASP A 141 -9.99 48.31 -10.98
N LEU A 142 -10.81 48.49 -9.94
CA LEU A 142 -10.28 48.38 -8.58
C LEU A 142 -9.72 46.98 -8.33
N LEU A 143 -10.46 45.96 -8.76
CA LEU A 143 -10.01 44.59 -8.56
C LEU A 143 -8.71 44.31 -9.30
N LEU A 144 -8.62 44.75 -10.55
CA LEU A 144 -7.41 44.53 -11.34
C LEU A 144 -6.22 45.25 -10.73
N TRP A 145 -6.44 46.48 -10.23
CA TRP A 145 -5.37 47.20 -9.56
C TRP A 145 -4.92 46.49 -8.30
N ALA A 146 -5.88 45.94 -7.54
CA ALA A 146 -5.53 45.18 -6.35
C ALA A 146 -4.70 43.94 -6.70
N LEU A 147 -5.09 43.23 -7.76
CA LEU A 147 -4.34 42.05 -8.18
C LEU A 147 -2.93 42.42 -8.61
N LEU A 148 -2.78 43.47 -9.42
CA LEU A 148 -1.44 43.83 -9.87
C LEU A 148 -0.58 44.33 -8.71
N LEU A 149 -1.18 45.01 -7.73
CA LEU A 149 -0.44 45.52 -6.59
C LEU A 149 -0.19 44.44 -5.54
N ASN A 150 -0.67 43.21 -5.75
CA ASN A 150 -0.45 42.09 -4.86
C ASN A 150 -1.13 42.30 -3.50
N ARG A 151 -2.27 42.98 -3.50
CA ARG A 151 -3.06 43.20 -2.29
C ARG A 151 -4.10 42.10 -2.19
N ALA A 152 -3.80 41.08 -1.39
CA ALA A 152 -4.68 39.91 -1.30
C ALA A 152 -6.04 40.28 -0.70
N GLN A 153 -6.03 41.03 0.41
CA GLN A 153 -7.28 41.39 1.07
C GLN A 153 -8.12 42.33 0.20
N MET A 154 -7.47 43.29 -0.46
CA MET A 154 -8.18 44.17 -1.38
C MET A 154 -8.79 43.36 -2.52
N ALA A 155 -8.04 42.39 -3.06
CA ALA A 155 -8.57 41.55 -4.11
C ALA A 155 -9.80 40.79 -3.63
N MET A 156 -9.71 40.21 -2.43
CA MET A 156 -10.83 39.44 -1.89
C MET A 156 -12.07 40.31 -1.73
N TYR A 157 -11.90 41.49 -1.15
CA TYR A 157 -13.05 42.35 -0.86
C TYR A 157 -13.66 42.90 -2.15
N PHE A 158 -12.82 43.33 -3.09
CA PHE A 158 -13.31 43.83 -4.36
C PHE A 158 -14.05 42.74 -5.13
N TRP A 159 -13.50 41.52 -5.11
CA TRP A 159 -14.22 40.38 -5.66
C TRP A 159 -15.60 40.23 -5.03
N GLU A 160 -15.64 40.19 -3.69
CA GLU A 160 -16.86 39.77 -3.01
C GLU A 160 -17.96 40.81 -3.13
N MET A 161 -17.58 42.09 -3.24
CA MET A 161 -18.60 43.12 -3.37
C MET A 161 -18.76 43.60 -4.81
N GLY A 162 -17.99 43.05 -5.76
CA GLY A 162 -18.14 43.41 -7.15
C GLY A 162 -19.04 42.45 -7.91
N SER A 163 -19.28 42.78 -9.17
CA SER A 163 -20.14 41.99 -10.04
C SER A 163 -19.33 40.89 -10.71
N ASN A 164 -20.00 40.15 -11.60
CA ASN A 164 -19.43 39.10 -12.46
C ASN A 164 -18.30 38.34 -11.78
N ALA A 165 -18.64 37.79 -10.62
CA ALA A 165 -17.63 37.25 -9.72
C ALA A 165 -16.86 36.09 -10.35
N VAL A 166 -17.56 35.17 -11.02
CA VAL A 166 -16.91 33.99 -11.55
C VAL A 166 -15.94 34.35 -12.68
N SER A 167 -16.41 35.16 -13.63
CA SER A 167 -15.54 35.55 -14.74
C SER A 167 -14.36 36.38 -14.25
N SER A 168 -14.62 37.31 -13.32
CA SER A 168 -13.54 38.09 -12.75
C SER A 168 -12.55 37.19 -12.03
N ALA A 169 -13.04 36.15 -11.36
CA ALA A 169 -12.16 35.22 -10.66
C ALA A 169 -11.26 34.47 -11.63
N LEU A 170 -11.84 33.93 -12.71
CA LEU A 170 -11.04 33.21 -13.67
C LEU A 170 -9.99 34.11 -14.31
N GLY A 171 -10.41 35.31 -14.72
CA GLY A 171 -9.45 36.24 -15.32
C GLY A 171 -8.35 36.63 -14.35
N ALA A 172 -8.71 36.93 -13.11
CA ALA A 172 -7.72 37.40 -12.14
C ALA A 172 -6.75 36.29 -11.77
N CYS A 173 -7.23 35.04 -11.64
CA CYS A 173 -6.31 33.96 -11.33
C CYS A 173 -5.41 33.64 -12.53
N LEU A 174 -5.94 33.81 -13.75
CA LEU A 174 -5.08 33.68 -14.93
C LEU A 174 -3.97 34.71 -14.90
N LEU A 175 -4.29 35.96 -14.59
CA LEU A 175 -3.26 36.99 -14.51
C LEU A 175 -2.31 36.76 -13.34
N LEU A 176 -2.80 36.18 -12.24
CA LEU A 176 -1.90 35.82 -11.15
C LEU A 176 -0.90 34.77 -11.59
N ARG A 177 -1.35 33.74 -12.31
CA ARG A 177 -0.42 32.74 -12.82
C ARG A 177 0.58 33.36 -13.77
N VAL A 178 0.10 34.25 -14.65
CA VAL A 178 0.99 34.90 -15.62
C VAL A 178 2.05 35.74 -14.90
N MET A 179 1.62 36.54 -13.94
CA MET A 179 2.56 37.37 -13.18
C MET A 179 3.53 36.56 -12.35
N ALA A 180 3.07 35.45 -11.75
CA ALA A 180 3.97 34.58 -11.01
C ALA A 180 5.02 33.97 -11.92
N ARG A 181 4.61 33.57 -13.13
CA ARG A 181 5.59 33.09 -14.11
C ARG A 181 6.57 34.19 -14.49
N LEU A 182 6.07 35.42 -14.67
CA LEU A 182 6.93 36.54 -15.06
C LEU A 182 7.77 37.07 -13.90
N GLU A 183 7.53 36.62 -12.68
CA GLU A 183 8.25 37.16 -11.53
C GLU A 183 9.72 36.78 -11.59
N PRO A 184 10.65 37.74 -11.51
CA PRO A 184 12.06 37.39 -11.35
C PRO A 184 12.45 37.03 -9.93
N ASP A 185 11.54 37.20 -8.97
CA ASP A 185 11.80 36.93 -7.57
C ASP A 185 10.97 35.74 -7.11
N ALA A 186 11.63 34.76 -6.49
CA ALA A 186 10.95 33.54 -6.07
C ALA A 186 9.89 33.82 -5.01
N GLU A 187 10.17 34.71 -4.07
CA GLU A 187 9.22 35.01 -3.01
C GLU A 187 7.96 35.66 -3.56
N GLU A 188 8.13 36.65 -4.45
CA GLU A 188 6.98 37.30 -5.06
C GLU A 188 6.20 36.32 -5.91
N ALA A 189 6.90 35.45 -6.66
CA ALA A 189 6.21 34.43 -7.44
C ALA A 189 5.40 33.50 -6.56
N ALA A 190 5.97 33.09 -5.42
CA ALA A 190 5.26 32.21 -4.50
C ALA A 190 4.03 32.90 -3.92
N ARG A 191 4.15 34.18 -3.57
CA ARG A 191 3.00 34.91 -3.06
C ARG A 191 1.89 34.99 -4.11
N ARG A 192 2.26 35.35 -5.34
CA ARG A 192 1.27 35.44 -6.41
C ARG A 192 0.60 34.09 -6.65
N LYS A 193 1.39 33.01 -6.66
CA LYS A 193 0.81 31.71 -6.99
C LYS A 193 -0.06 31.18 -5.85
N ASP A 194 0.31 31.41 -4.59
CA ASP A 194 -0.55 30.96 -3.50
C ASP A 194 -1.84 31.76 -3.48
N LEU A 195 -1.76 33.07 -3.78
CA LEU A 195 -2.98 33.84 -4.00
C LEU A 195 -3.81 33.24 -5.11
N ALA A 196 -3.16 32.80 -6.20
CA ALA A 196 -3.88 32.20 -7.32
C ALA A 196 -4.60 30.92 -6.90
N PHE A 197 -3.92 30.07 -6.13
CA PHE A 197 -4.57 28.82 -5.68
C PHE A 197 -5.76 29.11 -4.78
N LYS A 198 -5.57 29.94 -3.76
CA LYS A 198 -6.69 30.25 -2.87
C LYS A 198 -7.84 30.86 -3.64
N PHE A 199 -7.51 31.68 -4.65
CA PHE A 199 -8.51 32.47 -5.34
C PHE A 199 -9.29 31.60 -6.33
N GLU A 200 -8.62 30.69 -7.03
CA GLU A 200 -9.32 29.74 -7.87
C GLU A 200 -10.16 28.78 -7.05
N GLY A 201 -9.66 28.38 -5.87
CA GLY A 201 -10.45 27.50 -5.02
C GLY A 201 -11.73 28.14 -4.53
N MET A 202 -11.64 29.39 -4.08
CA MET A 202 -12.83 30.08 -3.62
C MET A 202 -13.79 30.40 -4.77
N GLY A 203 -13.24 30.70 -5.95
CA GLY A 203 -14.10 30.87 -7.13
C GLY A 203 -14.85 29.61 -7.50
N VAL A 204 -14.16 28.47 -7.50
CA VAL A 204 -14.82 27.21 -7.87
C VAL A 204 -15.81 26.80 -6.78
N ASP A 205 -15.54 27.16 -5.52
CA ASP A 205 -16.53 26.93 -4.48
C ASP A 205 -17.79 27.73 -4.74
N LEU A 206 -17.65 29.00 -5.13
CA LEU A 206 -18.83 29.79 -5.47
C LEU A 206 -19.57 29.17 -6.65
N PHE A 207 -18.85 28.72 -7.66
CA PHE A 207 -19.57 28.17 -8.81
C PHE A 207 -20.23 26.83 -8.46
N GLY A 208 -19.64 26.08 -7.54
CA GLY A 208 -20.29 24.86 -7.08
C GLY A 208 -21.58 25.14 -6.34
N GLU A 209 -21.57 26.14 -5.45
CA GLU A 209 -22.81 26.47 -4.76
C GLU A 209 -23.83 27.07 -5.73
N CYS A 210 -23.36 27.69 -6.81
CA CYS A 210 -24.27 28.18 -7.84
C CYS A 210 -24.93 27.02 -8.58
N TYR A 211 -24.12 26.04 -9.02
CA TYR A 211 -24.69 24.87 -9.68
C TYR A 211 -25.63 24.10 -8.76
N ARG A 212 -25.35 24.13 -7.46
CA ARG A 212 -26.24 23.46 -6.52
C ARG A 212 -27.62 24.08 -6.46
N SER A 213 -27.78 25.29 -7.02
CA SER A 213 -29.07 25.96 -7.02
C SER A 213 -29.83 25.71 -8.32
N SER A 214 -29.26 26.12 -9.45
CA SER A 214 -29.93 26.06 -10.75
C SER A 214 -28.95 25.54 -11.79
N GLU A 215 -29.13 24.28 -12.18
CA GLU A 215 -28.17 23.62 -13.07
C GLU A 215 -28.12 24.30 -14.44
N VAL A 216 -29.29 24.53 -15.05
CA VAL A 216 -29.31 25.15 -16.38
C VAL A 216 -28.83 26.59 -16.30
N ARG A 217 -29.13 27.29 -15.20
CA ARG A 217 -28.66 28.65 -15.02
C ARG A 217 -27.14 28.70 -15.00
N ALA A 218 -26.51 27.82 -14.22
CA ALA A 218 -25.05 27.78 -14.20
C ALA A 218 -24.50 27.35 -15.55
N ALA A 219 -25.19 26.41 -16.22
CA ALA A 219 -24.71 25.92 -17.51
C ALA A 219 -24.66 27.04 -18.54
N ARG A 220 -25.71 27.87 -18.59
CA ARG A 220 -25.67 29.01 -19.49
C ARG A 220 -24.79 30.14 -18.93
N LEU A 221 -24.44 30.08 -17.65
CA LEU A 221 -23.47 31.02 -17.11
C LEU A 221 -22.07 30.73 -17.63
N LEU A 222 -21.75 29.45 -17.82
CA LEU A 222 -20.44 29.09 -18.38
C LEU A 222 -20.21 29.79 -19.72
N LEU A 223 -21.04 29.50 -20.71
CA LEU A 223 -20.80 29.97 -22.07
C LEU A 223 -21.04 31.46 -22.22
N ARG A 224 -21.47 32.14 -21.16
CA ARG A 224 -21.66 33.58 -21.20
C ARG A 224 -20.36 34.27 -21.57
N ARG A 225 -20.32 34.87 -22.77
CA ARG A 225 -19.16 35.63 -23.22
C ARG A 225 -19.13 36.94 -22.45
N CYS A 226 -18.38 36.97 -21.36
CA CYS A 226 -18.33 38.17 -20.54
C CYS A 226 -17.52 39.26 -21.24
N PRO A 227 -17.93 40.52 -21.15
CA PRO A 227 -17.23 41.59 -21.89
C PRO A 227 -15.78 41.76 -21.48
N LEU A 228 -15.44 41.45 -20.24
CA LEU A 228 -14.08 41.68 -19.75
C LEU A 228 -13.16 40.53 -20.17
N TRP A 229 -11.87 40.73 -19.88
CA TRP A 229 -10.84 39.70 -20.11
C TRP A 229 -10.78 39.26 -21.57
N GLY A 230 -10.86 40.23 -22.48
CA GLY A 230 -10.70 39.94 -23.89
C GLY A 230 -11.84 39.17 -24.54
N ASP A 231 -13.06 39.27 -23.99
CA ASP A 231 -14.24 38.61 -24.55
C ASP A 231 -14.07 37.10 -24.65
N ALA A 232 -13.31 36.51 -23.72
CA ALA A 232 -13.10 35.07 -23.69
C ALA A 232 -14.02 34.44 -22.65
N THR A 233 -14.56 33.27 -22.98
CA THR A 233 -15.46 32.58 -22.06
C THR A 233 -14.67 32.07 -20.85
N CYS A 234 -15.42 31.68 -19.81
CA CYS A 234 -14.79 31.21 -18.58
C CYS A 234 -13.93 29.98 -18.84
N LEU A 235 -14.39 29.08 -19.72
CA LEU A 235 -13.67 27.85 -19.98
C LEU A 235 -12.29 28.11 -20.57
N GLN A 236 -12.22 29.01 -21.57
CA GLN A 236 -10.93 29.34 -22.16
C GLN A 236 -10.03 30.03 -21.16
N LEU A 237 -10.60 30.89 -20.32
CA LEU A 237 -9.81 31.54 -19.28
C LEU A 237 -9.21 30.52 -18.32
N ALA A 238 -10.02 29.53 -17.92
CA ALA A 238 -9.52 28.50 -17.02
C ALA A 238 -8.44 27.65 -17.69
N MET A 239 -8.65 27.29 -18.96
CA MET A 239 -7.66 26.48 -19.66
C MET A 239 -6.34 27.23 -19.81
N GLN A 240 -6.40 28.52 -20.12
CA GLN A 240 -5.18 29.33 -20.20
C GLN A 240 -4.55 29.46 -18.82
N ALA A 241 -5.38 29.49 -17.77
CA ALA A 241 -4.89 29.56 -16.40
C ALA A 241 -4.53 28.21 -15.81
N ASP A 242 -4.78 27.12 -16.53
CA ASP A 242 -4.58 25.76 -16.04
C ASP A 242 -5.35 25.55 -14.73
N ALA A 243 -6.66 25.83 -14.80
CA ALA A 243 -7.54 25.71 -13.63
C ALA A 243 -8.13 24.31 -13.57
N ARG A 244 -7.27 23.36 -13.20
CA ARG A 244 -7.70 21.97 -13.11
C ARG A 244 -8.79 21.81 -12.05
N ALA A 245 -8.65 22.49 -10.91
CA ALA A 245 -9.71 22.45 -9.92
C ALA A 245 -11.00 23.03 -10.45
N PHE A 246 -10.91 24.09 -11.26
CA PHE A 246 -12.13 24.70 -11.80
C PHE A 246 -12.73 23.85 -12.92
N PHE A 247 -11.96 22.88 -13.44
CA PHE A 247 -12.55 21.87 -14.31
C PHE A 247 -13.02 20.64 -13.55
N ALA A 248 -12.56 20.46 -12.30
CA ALA A 248 -12.85 19.25 -11.55
C ALA A 248 -14.31 19.11 -11.14
N GLN A 249 -15.02 20.21 -10.89
CA GLN A 249 -16.33 20.11 -10.26
C GLN A 249 -17.34 19.43 -11.17
N ASP A 250 -18.26 18.68 -10.54
CA ASP A 250 -19.21 17.87 -11.27
C ASP A 250 -20.12 18.71 -12.17
N GLY A 251 -20.37 19.97 -11.80
CA GLY A 251 -21.21 20.81 -12.63
C GLY A 251 -20.60 21.05 -14.01
N VAL A 252 -19.36 21.54 -14.03
CA VAL A 252 -18.69 21.77 -15.31
C VAL A 252 -18.42 20.45 -16.01
N GLN A 253 -18.16 19.38 -15.24
CA GLN A 253 -17.94 18.09 -15.86
C GLN A 253 -19.18 17.61 -16.60
N SER A 254 -20.35 17.75 -15.97
CA SER A 254 -21.60 17.34 -16.61
C SER A 254 -21.92 18.24 -17.80
N LEU A 255 -21.66 19.54 -17.69
CA LEU A 255 -21.92 20.42 -18.83
C LEU A 255 -21.01 20.07 -20.01
N LEU A 256 -19.74 19.76 -19.74
CA LEU A 256 -18.84 19.33 -20.81
C LEU A 256 -19.30 18.02 -21.40
N THR A 257 -19.80 17.10 -20.58
CA THR A 257 -20.34 15.84 -21.10
C THR A 257 -21.52 16.11 -22.02
N GLN A 258 -22.41 17.02 -21.63
CA GLN A 258 -23.58 17.32 -22.44
C GLN A 258 -23.19 18.04 -23.73
N LYS A 259 -22.14 18.86 -23.68
CA LYS A 259 -21.64 19.49 -24.91
C LYS A 259 -21.02 18.45 -25.84
N TRP A 260 -20.27 17.50 -25.28
CA TRP A 260 -19.76 16.38 -26.08
C TRP A 260 -20.90 15.60 -26.69
N TRP A 261 -22.03 15.52 -25.99
CA TRP A 261 -23.27 14.95 -26.50
C TRP A 261 -24.18 16.03 -27.08
N GLY A 262 -23.58 17.04 -27.70
CA GLY A 262 -24.30 18.21 -28.20
C GLY A 262 -25.59 17.90 -28.94
N ASP A 263 -26.72 18.30 -28.35
CA ASP A 263 -28.04 18.02 -28.89
C ASP A 263 -28.22 16.51 -29.10
N MET A 264 -27.91 15.74 -28.05
CA MET A 264 -28.05 14.29 -28.13
C MET A 264 -28.65 13.65 -26.88
N ALA A 265 -28.93 14.43 -25.83
CA ALA A 265 -29.57 13.90 -24.61
C ALA A 265 -28.71 12.79 -24.01
N SER A 266 -27.56 13.22 -23.44
CA SER A 266 -26.44 12.36 -23.07
C SER A 266 -26.84 11.13 -22.26
N THR A 267 -28.07 11.09 -21.74
CA THR A 267 -28.53 9.89 -21.05
C THR A 267 -28.56 8.67 -21.95
N THR A 268 -28.53 8.86 -23.27
CA THR A 268 -28.54 7.74 -24.19
C THR A 268 -27.27 6.90 -24.04
N PRO A 269 -27.39 5.58 -24.13
CA PRO A 269 -26.21 4.71 -23.98
C PRO A 269 -25.33 4.71 -25.22
N ILE A 270 -24.11 4.19 -25.02
CA ILE A 270 -23.12 4.18 -26.10
C ILE A 270 -23.50 3.19 -27.18
N TRP A 271 -24.00 2.01 -26.79
CA TRP A 271 -24.39 1.02 -27.79
C TRP A 271 -25.52 1.53 -28.66
N ALA A 272 -26.43 2.33 -28.10
CA ALA A 272 -27.43 2.99 -28.94
C ALA A 272 -26.76 3.86 -29.99
N LEU A 273 -25.73 4.61 -29.60
CA LEU A 273 -25.05 5.47 -30.55
C LEU A 273 -24.37 4.66 -31.65
N VAL A 274 -23.72 3.55 -31.29
CA VAL A 274 -23.02 2.78 -32.32
C VAL A 274 -24.01 2.12 -33.26
N LEU A 275 -25.15 1.65 -32.74
CA LEU A 275 -26.18 1.08 -33.61
C LEU A 275 -26.76 2.14 -34.52
N ALA A 276 -26.97 3.36 -34.02
CA ALA A 276 -27.48 4.43 -34.85
C ALA A 276 -26.47 4.80 -35.93
N PHE A 277 -25.18 4.81 -35.60
CA PHE A 277 -24.15 5.09 -36.60
C PHE A 277 -24.14 4.02 -37.68
N PHE A 278 -24.28 2.74 -37.28
CA PHE A 278 -24.27 1.67 -38.27
C PHE A 278 -25.53 1.70 -39.14
N CYS A 279 -26.67 2.07 -38.57
CA CYS A 279 -27.94 2.12 -39.30
C CYS A 279 -28.45 3.57 -39.29
N PRO A 280 -28.20 4.32 -40.35
CA PRO A 280 -28.66 5.72 -40.42
C PRO A 280 -30.17 5.84 -40.25
N PRO A 281 -30.98 4.91 -40.78
CA PRO A 281 -32.43 5.03 -40.53
C PRO A 281 -32.82 4.92 -39.07
N LEU A 282 -31.96 4.39 -38.21
CA LEU A 282 -32.29 4.18 -36.80
C LEU A 282 -32.47 5.50 -36.05
N ILE A 283 -32.09 6.63 -36.64
CA ILE A 283 -32.19 7.91 -35.94
C ILE A 283 -33.63 8.22 -35.57
N TYR A 284 -34.57 7.87 -36.45
CA TYR A 284 -35.98 8.22 -36.24
C TYR A 284 -36.72 7.09 -35.52
N THR A 285 -36.27 6.81 -34.31
CA THR A 285 -36.86 5.77 -33.47
C THR A 285 -37.04 6.31 -32.06
N ARG A 286 -37.69 5.50 -31.22
CA ARG A 286 -37.85 5.85 -29.82
C ARG A 286 -36.51 5.98 -29.11
N LEU A 287 -35.57 5.10 -29.42
CA LEU A 287 -34.23 5.14 -28.85
C LEU A 287 -33.50 6.39 -29.32
N ILE A 288 -32.61 6.89 -28.46
CA ILE A 288 -31.82 8.09 -28.71
C ILE A 288 -32.78 9.26 -28.88
N THR A 289 -33.19 9.85 -27.76
CA THR A 289 -33.92 11.11 -27.81
C THR A 289 -32.96 12.27 -27.99
N PHE A 290 -33.49 13.39 -28.45
CA PHE A 290 -32.70 14.59 -28.66
C PHE A 290 -33.39 15.80 -28.06
N ARG A 291 -32.59 16.79 -27.69
CA ARG A 291 -33.11 18.02 -27.09
C ARG A 291 -33.95 18.79 -28.11
N ARG A 346 -36.81 22.08 -42.08
CA ARG A 346 -36.80 20.68 -42.44
C ARG A 346 -36.37 19.83 -41.25
N ARG A 347 -37.36 19.26 -40.55
CA ARG A 347 -37.06 18.56 -39.30
C ARG A 347 -36.16 17.35 -39.53
N CYS A 348 -36.41 16.59 -40.60
CA CYS A 348 -35.55 15.45 -40.90
C CYS A 348 -34.14 15.92 -41.22
N LEU A 349 -34.02 16.97 -42.03
CA LEU A 349 -32.72 17.50 -42.39
C LEU A 349 -32.00 18.10 -41.18
N ARG A 350 -32.75 18.79 -40.32
CA ARG A 350 -32.15 19.34 -39.11
C ARG A 350 -31.63 18.23 -38.21
N ARG A 351 -32.42 17.15 -38.06
CA ARG A 351 -31.97 16.02 -37.25
C ARG A 351 -30.74 15.36 -37.86
N TRP A 352 -30.71 15.25 -39.20
CA TRP A 352 -29.56 14.67 -39.87
C TRP A 352 -28.29 15.47 -39.59
N PHE A 353 -28.37 16.79 -39.75
CA PHE A 353 -27.19 17.62 -39.48
C PHE A 353 -26.82 17.61 -38.00
N HIS A 354 -27.79 17.61 -37.10
CA HIS A 354 -27.46 17.52 -35.68
C HIS A 354 -26.73 16.22 -35.38
N PHE A 355 -27.23 15.10 -35.90
CA PHE A 355 -26.59 13.81 -35.67
C PHE A 355 -25.17 13.79 -36.22
N TRP A 356 -24.97 14.28 -37.44
CA TRP A 356 -23.66 14.19 -38.09
C TRP A 356 -22.77 15.39 -37.78
N GLY A 357 -23.22 16.31 -36.93
CA GLY A 357 -22.37 17.38 -36.46
C GLY A 357 -22.12 17.32 -34.97
N ALA A 358 -22.80 16.41 -34.27
CA ALA A 358 -22.51 16.21 -32.87
C ALA A 358 -21.05 15.77 -32.69
N PRO A 359 -20.29 16.42 -31.81
CA PRO A 359 -18.87 16.06 -31.66
C PRO A 359 -18.64 14.61 -31.29
N VAL A 360 -19.53 13.99 -30.50
CA VAL A 360 -19.35 12.59 -30.18
C VAL A 360 -19.50 11.73 -31.43
N THR A 361 -20.44 12.08 -32.30
CA THR A 361 -20.59 11.34 -33.55
C THR A 361 -19.40 11.56 -34.46
N ILE A 362 -18.85 12.78 -34.46
CA ILE A 362 -17.63 13.04 -35.22
C ILE A 362 -16.50 12.16 -34.70
N PHE A 363 -16.40 12.03 -33.37
CA PHE A 363 -15.37 11.19 -32.78
C PHE A 363 -15.55 9.73 -33.19
N MET A 364 -16.78 9.24 -33.17
CA MET A 364 -17.02 7.85 -33.56
C MET A 364 -16.69 7.63 -35.03
N GLY A 365 -17.06 8.58 -35.89
CA GLY A 365 -16.69 8.48 -37.30
C GLY A 365 -15.19 8.45 -37.49
N ASN A 366 -14.48 9.30 -36.74
CA ASN A 366 -13.02 9.31 -36.84
C ASN A 366 -12.43 7.98 -36.35
N VAL A 367 -12.98 7.42 -35.28
CA VAL A 367 -12.47 6.15 -34.77
C VAL A 367 -12.69 5.04 -35.79
N VAL A 368 -13.88 4.98 -36.38
CA VAL A 368 -14.14 3.90 -37.34
C VAL A 368 -13.30 4.10 -38.61
N SER A 369 -13.10 5.35 -39.03
CA SER A 369 -12.25 5.61 -40.18
C SER A 369 -10.81 5.21 -39.90
N TYR A 370 -10.32 5.50 -38.69
CA TYR A 370 -8.94 5.15 -38.36
C TYR A 370 -8.77 3.63 -38.25
N LEU A 371 -9.78 2.93 -37.71
CA LEU A 371 -9.71 1.48 -37.69
C LEU A 371 -9.69 0.90 -39.10
N LEU A 372 -10.52 1.45 -40.00
CA LEU A 372 -10.48 1.00 -41.39
C LEU A 372 -9.14 1.30 -42.03
N PHE A 373 -8.56 2.47 -41.73
CA PHE A 373 -7.25 2.82 -42.26
C PHE A 373 -6.19 1.83 -41.80
N LEU A 374 -6.19 1.49 -40.51
CA LEU A 374 -5.21 0.52 -40.01
C LEU A 374 -5.43 -0.85 -40.62
N LEU A 375 -6.69 -1.28 -40.76
CA LEU A 375 -6.96 -2.56 -41.38
C LEU A 375 -6.46 -2.61 -42.82
N LEU A 376 -6.72 -1.55 -43.58
CA LEU A 376 -6.28 -1.52 -44.96
C LEU A 376 -4.76 -1.47 -45.06
N PHE A 377 -4.12 -0.70 -44.17
CA PHE A 377 -2.65 -0.64 -44.19
C PHE A 377 -2.05 -1.98 -43.86
N SER A 378 -2.63 -2.70 -42.88
CA SER A 378 -2.16 -4.05 -42.57
C SER A 378 -2.36 -4.98 -43.75
N ARG A 379 -3.52 -4.91 -44.41
CA ARG A 379 -3.78 -5.75 -45.58
C ARG A 379 -2.74 -5.49 -46.66
N VAL A 380 -2.46 -4.22 -46.94
CA VAL A 380 -1.47 -3.87 -47.95
C VAL A 380 -0.09 -4.38 -47.55
N LEU A 381 0.30 -4.18 -46.30
CA LEU A 381 1.64 -4.55 -45.85
C LEU A 381 1.83 -6.05 -45.88
N LEU A 382 0.78 -6.82 -45.62
CA LEU A 382 0.93 -8.26 -45.51
C LEU A 382 0.66 -8.99 -46.81
N VAL A 383 -0.09 -8.39 -47.74
CA VAL A 383 -0.41 -9.09 -48.98
C VAL A 383 0.04 -8.28 -50.19
N ASP A 384 -0.53 -7.10 -50.38
CA ASP A 384 -0.35 -6.33 -51.61
C ASP A 384 0.75 -5.27 -51.44
N PHE A 385 1.97 -5.75 -51.32
CA PHE A 385 3.14 -4.87 -51.32
C PHE A 385 4.27 -5.47 -52.14
N GLN A 386 3.93 -6.00 -53.32
CA GLN A 386 4.91 -6.59 -54.19
C GLN A 386 5.79 -5.51 -54.80
N PRO A 387 7.00 -5.87 -55.24
CA PRO A 387 7.87 -4.86 -55.89
C PRO A 387 7.33 -4.34 -57.21
N ALA A 388 6.19 -4.84 -57.67
CA ALA A 388 5.53 -4.34 -58.87
C ALA A 388 5.07 -2.90 -58.63
N PRO A 389 4.82 -2.12 -59.69
CA PRO A 389 4.35 -0.76 -59.49
C PRO A 389 3.05 -0.75 -58.72
N PRO A 390 2.79 0.31 -57.95
CA PRO A 390 1.66 0.30 -57.02
C PRO A 390 0.32 0.06 -57.72
N GLY A 391 -0.52 -0.74 -57.08
CA GLY A 391 -1.84 -1.04 -57.60
C GLY A 391 -2.89 -0.07 -57.09
N SER A 392 -4.14 -0.40 -57.40
CA SER A 392 -5.26 0.46 -57.01
C SER A 392 -5.35 0.59 -55.50
N LEU A 393 -5.14 -0.52 -54.78
CA LEU A 393 -5.19 -0.47 -53.33
C LEU A 393 -4.09 0.42 -52.76
N GLU A 394 -2.88 0.33 -53.33
CA GLU A 394 -1.80 1.21 -52.91
C GLU A 394 -2.13 2.68 -53.19
N LEU A 395 -2.71 2.96 -54.34
CA LEU A 395 -3.08 4.35 -54.64
C LEU A 395 -4.13 4.86 -53.68
N LEU A 396 -5.11 4.03 -53.32
CA LEU A 396 -6.14 4.46 -52.37
C LEU A 396 -5.54 4.70 -50.99
N LEU A 397 -4.61 3.83 -50.57
CA LEU A 397 -3.95 4.04 -49.29
C LEU A 397 -3.11 5.32 -49.30
N TYR A 398 -2.43 5.59 -50.42
CA TYR A 398 -1.70 6.85 -50.57
C TYR A 398 -2.66 8.03 -50.48
N PHE A 399 -3.86 7.88 -51.04
CA PHE A 399 -4.85 8.95 -50.98
C PHE A 399 -5.27 9.22 -49.54
N TRP A 400 -5.54 8.17 -48.76
CA TRP A 400 -5.87 8.38 -47.36
C TRP A 400 -4.71 9.02 -46.61
N ALA A 401 -3.48 8.58 -46.89
CA ALA A 401 -2.34 9.16 -46.18
C ALA A 401 -2.17 10.64 -46.49
N PHE A 402 -2.30 11.01 -47.77
CA PHE A 402 -2.20 12.42 -48.14
C PHE A 402 -3.34 13.22 -47.53
N THR A 403 -4.54 12.64 -47.46
CA THR A 403 -5.65 13.32 -46.84
C THR A 403 -5.40 13.55 -45.35
N LEU A 404 -4.84 12.56 -44.67
CA LEU A 404 -4.49 12.73 -43.26
C LEU A 404 -3.43 13.79 -43.09
N LEU A 405 -2.46 13.84 -44.01
CA LEU A 405 -1.43 14.88 -43.93
C LEU A 405 -2.03 16.26 -44.09
N CYS A 406 -2.94 16.42 -45.05
CA CYS A 406 -3.62 17.70 -45.22
C CYS A 406 -4.45 18.05 -43.98
N GLU A 407 -5.13 17.07 -43.41
CA GLU A 407 -5.90 17.29 -42.20
C GLU A 407 -5.02 17.80 -41.07
N GLU A 408 -3.90 17.14 -40.83
CA GLU A 408 -3.03 17.54 -39.72
C GLU A 408 -2.40 18.89 -39.99
N LEU A 409 -2.02 19.17 -41.24
CA LEU A 409 -1.46 20.48 -41.57
C LEU A 409 -2.48 21.58 -41.33
N ARG A 410 -3.72 21.38 -41.76
CA ARG A 410 -4.76 22.39 -41.54
C ARG A 410 -5.05 22.57 -40.06
N GLN A 411 -5.07 21.46 -39.31
CA GLN A 411 -5.30 21.55 -37.87
C GLN A 411 -4.21 22.35 -37.18
N GLY A 412 -2.95 22.10 -37.55
CA GLY A 412 -1.86 22.88 -36.99
C GLY A 412 -1.91 24.34 -37.40
N LEU A 413 -2.29 24.61 -38.64
CA LEU A 413 -2.36 25.99 -39.13
C LEU A 413 -3.47 26.76 -38.43
N SER A 414 -4.61 26.11 -38.18
CA SER A 414 -5.74 26.80 -37.57
C SER A 414 -5.59 26.90 -36.06
N GLY A 415 -5.48 25.76 -35.37
CA GLY A 415 -5.35 25.75 -33.93
C GLY A 415 -4.01 26.26 -33.44
N SER A 431 1.72 35.49 -37.27
CA SER A 431 0.96 34.49 -36.53
C SER A 431 1.22 33.09 -37.09
N LEU A 432 1.70 33.04 -38.33
CA LEU A 432 1.98 31.76 -38.98
C LEU A 432 3.06 30.99 -38.22
N SER A 433 4.19 31.63 -37.97
CA SER A 433 5.29 30.98 -37.27
C SER A 433 4.96 30.76 -35.79
N GLN A 434 4.24 31.70 -35.17
CA GLN A 434 3.83 31.53 -33.80
C GLN A 434 2.93 30.31 -33.64
N ARG A 435 2.03 30.09 -34.61
CA ARG A 435 1.15 28.94 -34.56
C ARG A 435 1.93 27.63 -34.68
N LEU A 436 2.96 27.57 -35.52
CA LEU A 436 3.72 26.34 -35.63
C LEU A 436 4.57 26.10 -34.38
N ARG A 437 5.08 27.17 -33.77
CA ARG A 437 5.77 26.99 -32.49
C ARG A 437 4.81 26.51 -31.40
N LEU A 438 3.55 26.95 -31.47
CA LEU A 438 2.55 26.41 -30.56
C LEU A 438 2.27 24.95 -30.87
N TYR A 439 2.29 24.58 -32.15
CA TYR A 439 1.90 23.24 -32.56
C TYR A 439 3.00 22.22 -32.27
N LEU A 440 4.27 22.65 -32.22
CA LEU A 440 5.33 21.69 -31.96
C LEU A 440 5.22 21.07 -30.56
N ALA A 441 4.43 21.70 -29.68
CA ALA A 441 4.08 21.09 -28.40
C ALA A 441 2.96 20.08 -28.63
N ASP A 442 2.31 19.64 -27.55
CA ASP A 442 1.23 18.66 -27.63
C ASP A 442 1.72 17.37 -28.28
N SER A 443 2.57 16.67 -27.53
CA SER A 443 3.36 15.53 -28.00
C SER A 443 2.59 14.54 -28.86
N TRP A 444 1.27 14.47 -28.70
CA TRP A 444 0.48 13.61 -29.58
C TRP A 444 0.56 14.09 -31.02
N ASN A 445 0.50 15.41 -31.23
CA ASN A 445 0.68 15.95 -32.57
C ASN A 445 2.09 15.68 -33.08
N GLN A 446 3.09 15.69 -32.20
CA GLN A 446 4.44 15.32 -32.60
C GLN A 446 4.51 13.88 -33.07
N CYS A 447 3.83 12.98 -32.35
CA CYS A 447 3.78 11.58 -32.77
C CYS A 447 3.11 11.42 -34.12
N ASP A 448 2.00 12.13 -34.33
CA ASP A 448 1.34 12.07 -35.63
C ASP A 448 2.24 12.62 -36.73
N LEU A 449 2.96 13.71 -36.45
CA LEU A 449 3.83 14.30 -37.45
C LEU A 449 4.97 13.35 -37.83
N VAL A 450 5.59 12.72 -36.83
CA VAL A 450 6.69 11.82 -37.14
C VAL A 450 6.19 10.58 -37.87
N ALA A 451 4.99 10.10 -37.51
CA ALA A 451 4.40 8.99 -38.26
C ALA A 451 4.17 9.37 -39.71
N LEU A 452 3.70 10.59 -39.96
CA LEU A 452 3.41 11.00 -41.33
C LEU A 452 4.70 11.20 -42.13
N THR A 453 5.74 11.73 -41.49
CA THR A 453 7.03 11.84 -42.17
C THR A 453 7.59 10.47 -42.50
N CYS A 454 7.46 9.52 -41.58
CA CYS A 454 7.87 8.14 -41.87
C CYS A 454 7.07 7.58 -43.04
N PHE A 455 5.78 7.90 -43.10
CA PHE A 455 4.97 7.43 -44.23
C PHE A 455 5.47 8.02 -45.54
N LEU A 456 5.80 9.31 -45.55
CA LEU A 456 6.29 9.93 -46.77
C LEU A 456 7.61 9.31 -47.21
N LEU A 457 8.51 9.07 -46.25
CA LEU A 457 9.77 8.42 -46.58
C LEU A 457 9.55 7.00 -47.11
N GLY A 458 8.62 6.27 -46.51
CA GLY A 458 8.32 4.94 -46.98
C GLY A 458 7.74 4.92 -48.38
N VAL A 459 6.85 5.87 -48.68
CA VAL A 459 6.30 5.98 -50.02
C VAL A 459 7.41 6.29 -51.03
N GLY A 460 8.30 7.21 -50.68
CA GLY A 460 9.40 7.53 -51.57
C GLY A 460 10.29 6.33 -51.83
N CYS A 461 10.62 5.58 -50.77
CA CYS A 461 11.48 4.42 -50.94
C CYS A 461 10.79 3.30 -51.71
N ARG A 462 9.48 3.15 -51.50
CA ARG A 462 8.71 2.17 -52.27
C ARG A 462 8.67 2.53 -53.75
N LEU A 463 8.49 3.82 -54.05
CA LEU A 463 8.44 4.24 -55.45
C LEU A 463 9.80 4.10 -56.12
N THR A 464 10.87 4.49 -55.43
CA THR A 464 12.19 4.38 -56.03
C THR A 464 12.57 2.90 -56.17
N PRO A 465 13.31 2.54 -57.22
CA PRO A 465 13.56 1.11 -57.47
C PRO A 465 14.43 0.44 -56.42
N GLY A 466 15.57 1.06 -56.06
CA GLY A 466 16.54 0.38 -55.24
C GLY A 466 16.10 0.08 -53.82
N LEU A 467 15.34 1.00 -53.22
CA LEU A 467 15.07 0.95 -51.78
C LEU A 467 13.72 0.34 -51.43
N TYR A 468 13.30 -0.69 -52.18
CA TYR A 468 12.02 -1.32 -51.90
C TYR A 468 12.00 -1.98 -50.52
N HIS A 469 13.06 -2.70 -50.18
CA HIS A 469 13.11 -3.38 -48.89
C HIS A 469 13.15 -2.38 -47.74
N LEU A 470 13.93 -1.32 -47.88
CA LEU A 470 13.97 -0.29 -46.85
C LEU A 470 12.62 0.38 -46.71
N GLY A 471 11.93 0.61 -47.84
CA GLY A 471 10.59 1.18 -47.77
C GLY A 471 9.64 0.28 -47.01
N ARG A 472 9.68 -1.02 -47.29
CA ARG A 472 8.79 -1.94 -46.57
C ARG A 472 9.10 -1.94 -45.08
N THR A 473 10.38 -1.96 -44.71
CA THR A 473 10.73 -1.96 -43.29
C THR A 473 10.25 -0.68 -42.59
N VAL A 474 10.48 0.47 -43.22
CA VAL A 474 10.10 1.73 -42.57
C VAL A 474 8.58 1.86 -42.50
N LEU A 475 7.87 1.28 -43.48
CA LEU A 475 6.42 1.30 -43.40
C LEU A 475 5.90 0.37 -42.31
N CYS A 476 6.58 -0.75 -42.07
CA CYS A 476 6.23 -1.57 -40.91
C CYS A 476 6.39 -0.77 -39.61
N ILE A 477 7.51 -0.07 -39.47
CA ILE A 477 7.71 0.77 -38.29
C ILE A 477 6.62 1.83 -38.19
N ASP A 478 6.24 2.41 -39.33
CA ASP A 478 5.20 3.42 -39.33
C ASP A 478 3.86 2.84 -38.90
N PHE A 479 3.58 1.59 -39.26
CA PHE A 479 2.37 0.95 -38.77
C PHE A 479 2.39 0.86 -37.24
N MET A 480 3.55 0.51 -36.68
CA MET A 480 3.66 0.50 -35.22
C MET A 480 3.33 1.87 -34.65
N VAL A 481 3.87 2.92 -35.26
CA VAL A 481 3.65 4.27 -34.74
C VAL A 481 2.16 4.64 -34.83
N PHE A 482 1.51 4.29 -35.93
CA PHE A 482 0.08 4.58 -36.09
C PHE A 482 -0.74 3.82 -35.05
N THR A 483 -0.40 2.56 -34.80
CA THR A 483 -1.11 1.81 -33.78
C THR A 483 -0.91 2.44 -32.40
N VAL A 484 0.28 2.99 -32.16
CA VAL A 484 0.50 3.72 -30.90
C VAL A 484 -0.41 4.94 -30.83
N ARG A 485 -0.54 5.68 -31.94
CA ARG A 485 -1.41 6.86 -31.94
C ARG A 485 -2.88 6.48 -31.72
N LEU A 486 -3.27 5.28 -32.13
CA LEU A 486 -4.63 4.82 -31.86
C LEU A 486 -4.95 4.86 -30.37
N LEU A 487 -3.94 4.64 -29.53
CA LEU A 487 -4.12 4.73 -28.09
C LEU A 487 -4.59 6.11 -27.68
N HIS A 488 -3.89 7.15 -28.13
CA HIS A 488 -4.29 8.52 -27.83
C HIS A 488 -5.66 8.82 -28.41
N ILE A 489 -5.96 8.24 -29.58
CA ILE A 489 -7.31 8.40 -30.13
C ILE A 489 -8.36 7.77 -29.22
N PHE A 490 -7.99 6.74 -28.46
CA PHE A 490 -8.92 6.07 -27.58
C PHE A 490 -8.59 6.36 -26.11
N THR A 491 -8.26 7.61 -25.80
CA THR A 491 -8.05 8.01 -24.41
C THR A 491 -9.28 8.64 -23.78
N VAL A 492 -10.39 8.76 -24.52
CA VAL A 492 -11.54 9.51 -24.03
C VAL A 492 -12.29 8.73 -22.95
N ASN A 493 -12.15 7.40 -22.95
CA ASN A 493 -12.94 6.55 -22.08
C ASN A 493 -12.77 6.96 -20.62
N LYS A 494 -13.89 7.07 -19.91
CA LYS A 494 -13.88 7.63 -18.56
C LYS A 494 -13.08 6.75 -17.60
N GLN A 495 -13.04 5.45 -17.83
CA GLN A 495 -12.35 4.53 -16.94
C GLN A 495 -10.92 4.24 -17.38
N LEU A 496 -10.44 4.86 -18.47
CA LEU A 496 -9.14 4.49 -19.03
C LEU A 496 -8.16 5.65 -19.10
N GLY A 497 -8.63 6.87 -19.25
CA GLY A 497 -7.76 8.02 -19.41
C GLY A 497 -6.79 8.26 -18.26
N PRO A 498 -7.29 8.21 -17.02
CA PRO A 498 -6.36 8.27 -15.88
C PRO A 498 -5.32 7.17 -15.91
N LYS A 499 -5.69 5.96 -16.33
CA LYS A 499 -4.71 4.89 -16.40
C LYS A 499 -3.69 5.14 -17.50
N ILE A 500 -4.11 5.73 -18.61
CA ILE A 500 -3.17 6.06 -19.68
C ILE A 500 -2.18 7.10 -19.22
N VAL A 501 -2.65 8.14 -18.53
CA VAL A 501 -1.71 9.15 -18.05
C VAL A 501 -0.83 8.56 -16.95
N ILE A 502 -1.33 7.57 -16.20
CA ILE A 502 -0.50 6.86 -15.23
C ILE A 502 0.65 6.16 -15.95
N VAL A 503 0.35 5.36 -16.96
CA VAL A 503 1.40 4.61 -17.63
C VAL A 503 2.37 5.55 -18.33
N SER A 504 1.90 6.75 -18.70
CA SER A 504 2.83 7.77 -19.17
C SER A 504 3.77 8.21 -18.06
N LYS A 505 3.27 8.31 -16.82
CA LYS A 505 4.09 8.75 -15.70
C LYS A 505 5.06 7.68 -15.23
N MET A 506 4.84 6.41 -15.60
CA MET A 506 5.63 5.29 -15.07
C MET A 506 6.95 5.11 -15.81
N MET A 507 7.23 5.98 -16.78
CA MET A 507 8.41 5.83 -17.62
C MET A 507 9.70 6.01 -16.83
N LYS A 508 9.71 6.87 -15.81
CA LYS A 508 10.93 7.05 -15.01
C LYS A 508 11.31 5.75 -14.31
N ASP A 509 10.33 5.05 -13.75
CA ASP A 509 10.63 3.79 -13.08
C ASP A 509 11.09 2.74 -14.07
N VAL A 510 10.38 2.58 -15.20
CA VAL A 510 10.82 1.58 -16.17
C VAL A 510 12.19 1.94 -16.72
N PHE A 511 12.53 3.23 -16.72
CA PHE A 511 13.76 3.72 -17.31
C PHE A 511 14.96 3.47 -16.38
N PHE A 512 14.74 3.66 -15.07
CA PHE A 512 15.74 3.22 -14.10
C PHE A 512 15.94 1.71 -14.16
N PHE A 513 14.85 0.96 -14.29
CA PHE A 513 14.98 -0.50 -14.42
C PHE A 513 15.78 -0.86 -15.65
N LEU A 514 15.59 -0.11 -16.74
CA LEU A 514 16.37 -0.35 -17.95
C LEU A 514 17.86 -0.14 -17.68
N PHE A 515 18.21 0.94 -16.98
CA PHE A 515 19.62 1.12 -16.61
C PHE A 515 20.15 -0.07 -15.82
N PHE A 516 19.45 -0.47 -14.75
CA PHE A 516 19.99 -1.51 -13.89
C PHE A 516 20.12 -2.83 -14.65
N LEU A 517 19.11 -3.17 -15.45
CA LEU A 517 19.15 -4.39 -16.24
C LEU A 517 20.28 -4.35 -17.24
N GLY A 518 20.51 -3.20 -17.88
CA GLY A 518 21.62 -3.10 -18.80
C GLY A 518 22.95 -3.34 -18.13
N VAL A 519 23.15 -2.73 -16.96
CA VAL A 519 24.41 -2.89 -16.23
C VAL A 519 24.64 -4.36 -15.89
N TRP A 520 23.63 -5.00 -15.28
CA TRP A 520 23.80 -6.37 -14.87
C TRP A 520 23.96 -7.31 -16.06
N LEU A 521 23.27 -7.02 -17.17
CA LEU A 521 23.41 -7.82 -18.37
C LEU A 521 24.83 -7.72 -18.93
N VAL A 522 25.38 -6.51 -18.97
CA VAL A 522 26.76 -6.35 -19.43
C VAL A 522 27.70 -7.18 -18.55
N ALA A 523 27.55 -7.06 -17.23
CA ALA A 523 28.44 -7.78 -16.33
C ALA A 523 28.37 -9.28 -16.55
N TYR A 524 27.16 -9.84 -16.50
CA TYR A 524 27.03 -11.30 -16.60
C TYR A 524 27.40 -11.80 -17.98
N GLY A 525 27.01 -11.08 -19.03
CA GLY A 525 27.32 -11.52 -20.38
C GLY A 525 28.82 -11.54 -20.64
N VAL A 526 29.52 -10.47 -20.24
CA VAL A 526 30.96 -10.46 -20.44
C VAL A 526 31.64 -11.53 -19.59
N ALA A 527 31.13 -11.74 -18.38
CA ALA A 527 31.71 -12.79 -17.53
C ALA A 527 31.60 -14.16 -18.19
N THR A 528 30.41 -14.50 -18.70
CA THR A 528 30.26 -15.82 -19.31
C THR A 528 31.01 -15.90 -20.63
N GLU A 529 31.05 -14.81 -21.41
CA GLU A 529 31.77 -14.80 -22.67
C GLU A 529 33.27 -14.91 -22.47
N GLY A 530 33.76 -14.51 -21.30
CA GLY A 530 35.16 -14.69 -21.00
C GLY A 530 35.46 -16.06 -20.44
N LEU A 531 34.55 -16.58 -19.61
CA LEU A 531 34.76 -17.90 -19.03
C LEU A 531 34.73 -18.99 -20.10
N LEU A 532 33.77 -18.93 -21.01
CA LEU A 532 33.72 -19.85 -22.14
C LEU A 532 34.08 -19.09 -23.42
N ARG A 533 34.95 -19.68 -24.22
CA ARG A 533 35.53 -18.98 -25.36
C ARG A 533 35.16 -19.67 -26.67
N PRO A 534 34.02 -19.33 -27.26
CA PRO A 534 33.66 -19.93 -28.56
C PRO A 534 34.64 -19.54 -29.64
N ARG A 535 34.86 -20.47 -30.58
CA ARG A 535 35.81 -20.22 -31.66
C ARG A 535 35.31 -19.13 -32.60
N ASP A 536 34.02 -19.13 -32.90
CA ASP A 536 33.43 -18.14 -33.81
C ASP A 536 33.33 -16.80 -33.09
N SER A 537 34.44 -16.05 -33.11
CA SER A 537 34.55 -14.78 -32.39
C SER A 537 34.21 -13.59 -33.28
N ASP A 538 33.31 -13.79 -34.24
CA ASP A 538 32.84 -12.67 -35.05
C ASP A 538 32.09 -11.68 -34.15
N PHE A 539 32.22 -10.40 -34.49
CA PHE A 539 31.63 -9.34 -33.67
C PHE A 539 30.13 -9.47 -33.47
N PRO A 540 29.32 -9.72 -34.51
CA PRO A 540 27.88 -9.92 -34.24
C PRO A 540 27.59 -11.09 -33.33
N SER A 541 28.34 -12.19 -33.47
CA SER A 541 28.12 -13.34 -32.61
C SER A 541 28.49 -13.02 -31.17
N ILE A 542 29.61 -12.32 -30.96
CA ILE A 542 30.02 -11.94 -29.62
C ILE A 542 28.99 -11.03 -28.98
N LEU A 543 28.51 -10.03 -29.74
CA LEU A 543 27.49 -9.13 -29.22
C LEU A 543 26.19 -9.87 -28.91
N ARG A 544 25.79 -10.80 -29.77
CA ARG A 544 24.60 -11.61 -29.50
C ARG A 544 24.76 -12.38 -28.20
N ARG A 545 25.85 -13.13 -28.06
CA ARG A 545 26.06 -13.94 -26.87
C ARG A 545 26.21 -13.10 -25.61
N VAL A 546 26.65 -11.85 -25.73
CA VAL A 546 26.87 -11.04 -24.54
C VAL A 546 25.64 -10.23 -24.14
N PHE A 547 24.75 -9.92 -25.08
CA PHE A 547 23.57 -9.11 -24.76
C PHE A 547 22.26 -9.84 -24.94
N TYR A 548 22.02 -10.44 -26.11
CA TYR A 548 20.69 -10.94 -26.44
C TYR A 548 20.34 -12.17 -25.63
N ARG A 549 21.19 -13.19 -25.66
CA ARG A 549 20.91 -14.43 -24.94
C ARG A 549 20.76 -14.22 -23.44
N PRO A 550 21.66 -13.51 -22.75
CA PRO A 550 21.41 -13.21 -21.33
C PRO A 550 20.12 -12.46 -21.09
N TYR A 551 19.74 -11.55 -22.00
CA TYR A 551 18.47 -10.87 -21.88
C TYR A 551 17.31 -11.86 -21.97
N LEU A 552 17.39 -12.80 -22.90
CA LEU A 552 16.32 -13.78 -23.07
C LEU A 552 16.27 -14.77 -21.93
N GLN A 553 17.36 -14.93 -21.17
CA GLN A 553 17.32 -15.79 -20.01
C GLN A 553 16.29 -15.35 -18.99
N ILE A 554 15.91 -14.07 -18.99
CA ILE A 554 14.95 -13.58 -18.01
C ILE A 554 13.56 -14.17 -18.25
N PHE A 555 13.18 -14.37 -19.51
CA PHE A 555 11.82 -14.75 -19.88
C PHE A 555 11.71 -16.23 -20.23
N GLY A 556 12.45 -17.08 -19.52
CA GLY A 556 12.27 -18.51 -19.64
C GLY A 556 13.01 -19.19 -20.77
N GLN A 557 13.93 -18.50 -21.43
CA GLN A 557 14.75 -19.09 -22.49
C GLN A 557 16.15 -19.32 -21.93
N ILE A 558 16.40 -20.52 -21.43
CA ILE A 558 17.66 -20.86 -20.80
C ILE A 558 18.34 -21.96 -21.61
N PRO A 559 19.34 -21.61 -22.41
CA PRO A 559 20.04 -22.63 -23.21
C PRO A 559 21.07 -23.41 -22.40
N GLN A 560 20.55 -24.31 -21.55
CA GLN A 560 21.41 -25.18 -20.74
C GLN A 560 22.30 -26.04 -21.64
N GLU A 561 21.72 -26.62 -22.68
CA GLU A 561 22.50 -27.45 -23.60
C GLU A 561 23.53 -26.62 -24.35
N ASP A 562 23.41 -25.30 -24.32
CA ASP A 562 24.36 -24.44 -25.00
C ASP A 562 25.47 -23.96 -24.09
N MET A 563 25.20 -23.76 -22.79
CA MET A 563 26.23 -23.23 -21.90
C MET A 563 26.53 -24.11 -20.69
N ASP A 564 26.23 -25.40 -20.72
CA ASP A 564 26.71 -26.31 -19.67
C ASP A 564 27.36 -27.51 -20.33
N VAL A 565 28.54 -27.91 -19.82
CA VAL A 565 29.33 -28.94 -20.49
C VAL A 565 28.74 -30.32 -20.26
N ALA A 566 28.15 -30.55 -19.09
CA ALA A 566 27.63 -31.88 -18.78
C ALA A 566 26.52 -32.28 -19.73
N LEU A 567 25.92 -31.32 -20.44
CA LEU A 567 24.90 -31.60 -21.43
C LEU A 567 25.45 -31.63 -22.85
N MET A 568 26.77 -31.51 -23.02
CA MET A 568 27.37 -31.44 -24.35
C MET A 568 28.36 -32.59 -24.55
N GLU A 569 28.46 -33.03 -25.80
CA GLU A 569 29.38 -34.10 -26.16
C GLU A 569 30.80 -33.57 -26.25
N HIS A 570 31.76 -34.30 -25.68
CA HIS A 570 33.14 -33.85 -25.59
C HIS A 570 33.89 -34.14 -26.88
N SER A 571 34.72 -33.20 -27.30
CA SER A 571 35.53 -33.34 -28.50
C SER A 571 36.74 -32.42 -28.40
N ASN A 572 37.73 -32.67 -29.25
CA ASN A 572 38.95 -31.88 -29.28
C ASN A 572 38.97 -31.00 -30.54
N CYS A 573 38.73 -29.70 -30.32
CA CYS A 573 38.65 -28.77 -31.44
C CYS A 573 40.03 -28.34 -31.92
N SER A 574 40.79 -27.65 -31.07
CA SER A 574 41.94 -26.89 -31.51
C SER A 574 43.19 -27.34 -30.76
N SER A 575 44.34 -26.92 -31.29
CA SER A 575 45.63 -27.24 -30.70
C SER A 575 45.84 -26.56 -29.35
N GLU A 576 45.04 -25.53 -29.03
CA GLU A 576 45.16 -24.88 -27.75
C GLU A 576 44.81 -25.86 -26.63
N PRO A 577 45.67 -25.97 -25.61
CA PRO A 577 45.48 -27.00 -24.58
C PRO A 577 44.22 -26.76 -23.75
N GLY A 578 43.26 -27.65 -23.88
CA GLY A 578 42.03 -27.55 -23.10
C GLY A 578 41.03 -28.58 -23.57
N PHE A 579 39.94 -28.69 -22.81
CA PHE A 579 38.83 -29.56 -23.13
C PHE A 579 37.65 -28.68 -23.54
N TRP A 580 37.01 -29.03 -24.66
CA TRP A 580 36.12 -28.08 -25.31
C TRP A 580 34.66 -28.52 -25.36
N ALA A 581 34.37 -29.74 -25.82
CA ALA A 581 33.02 -30.29 -25.79
C ALA A 581 32.04 -29.43 -26.61
N HIS A 582 32.26 -29.46 -27.92
CA HIS A 582 31.48 -28.79 -28.95
C HIS A 582 29.98 -28.84 -28.68
N PRO A 583 29.27 -27.71 -28.78
CA PRO A 583 27.85 -27.67 -28.45
C PRO A 583 27.00 -28.07 -29.65
N PRO A 584 25.71 -28.35 -29.43
CA PRO A 584 24.80 -28.57 -30.55
C PRO A 584 24.08 -27.32 -31.03
N GLY A 585 24.22 -26.20 -30.32
CA GLY A 585 23.53 -24.99 -30.73
C GLY A 585 24.11 -24.39 -31.99
N ALA A 586 23.24 -23.71 -32.74
CA ALA A 586 23.67 -23.10 -34.00
C ALA A 586 24.46 -21.81 -33.79
N GLN A 587 24.08 -21.00 -32.80
CA GLN A 587 24.75 -19.73 -32.54
C GLN A 587 25.31 -19.68 -31.12
N ALA A 588 25.54 -20.83 -30.51
CA ALA A 588 26.16 -20.91 -29.19
C ALA A 588 27.68 -21.00 -29.27
N GLY A 589 28.25 -20.95 -30.46
CA GLY A 589 29.69 -21.06 -30.63
C GLY A 589 30.10 -22.35 -31.28
N THR A 590 31.25 -22.33 -31.94
CA THR A 590 31.78 -23.55 -32.54
C THR A 590 32.10 -24.58 -31.46
N CYS A 591 32.85 -24.18 -30.44
CA CYS A 591 33.01 -25.01 -29.23
C CYS A 591 33.63 -24.15 -28.14
N VAL A 592 33.03 -24.19 -26.95
CA VAL A 592 33.46 -23.39 -25.81
C VAL A 592 34.57 -24.12 -25.08
N SER A 593 35.24 -23.44 -24.15
CA SER A 593 36.14 -24.08 -23.22
C SER A 593 35.36 -24.61 -22.02
N GLN A 594 36.02 -25.43 -21.20
CA GLN A 594 35.28 -26.05 -20.10
C GLN A 594 36.01 -25.99 -18.76
N TYR A 595 37.03 -25.14 -18.63
CA TYR A 595 37.83 -25.15 -17.41
C TYR A 595 37.02 -24.73 -16.19
N ALA A 596 36.08 -23.80 -16.35
CA ALA A 596 35.38 -23.21 -15.21
C ALA A 596 33.86 -23.25 -15.37
N ASN A 597 33.32 -24.34 -15.90
CA ASN A 597 31.87 -24.39 -16.09
C ASN A 597 31.11 -24.47 -14.77
N TRP A 598 31.73 -24.97 -13.71
CA TRP A 598 31.08 -24.90 -12.41
C TRP A 598 30.79 -23.46 -12.04
N LEU A 599 31.76 -22.57 -12.25
CA LEU A 599 31.54 -21.17 -11.92
C LEU A 599 30.67 -20.50 -12.98
N VAL A 600 30.65 -21.03 -14.20
CA VAL A 600 29.70 -20.54 -15.21
C VAL A 600 28.27 -20.81 -14.77
N VAL A 601 28.00 -22.03 -14.29
CA VAL A 601 26.67 -22.36 -13.80
C VAL A 601 26.35 -21.55 -12.55
N LEU A 602 27.35 -21.31 -11.70
CA LEU A 602 27.13 -20.44 -10.55
C LEU A 602 26.74 -19.04 -10.97
N LEU A 603 27.40 -18.51 -12.01
CA LEU A 603 27.05 -17.18 -12.51
C LEU A 603 25.65 -17.17 -13.11
N LEU A 604 25.27 -18.24 -13.79
CA LEU A 604 23.91 -18.34 -14.32
C LEU A 604 22.90 -18.31 -13.19
N VAL A 605 23.18 -19.05 -12.11
CA VAL A 605 22.28 -19.06 -10.95
C VAL A 605 22.18 -17.67 -10.35
N ILE A 606 23.33 -17.00 -10.18
CA ILE A 606 23.33 -15.67 -9.57
C ILE A 606 22.56 -14.68 -10.45
N PHE A 607 22.78 -14.73 -11.76
CA PHE A 607 22.08 -13.83 -12.66
C PHE A 607 20.58 -14.06 -12.63
N LEU A 608 20.17 -15.33 -12.62
CA LEU A 608 18.74 -15.63 -12.56
C LEU A 608 18.14 -15.16 -11.24
N LEU A 609 18.89 -15.29 -10.14
CA LEU A 609 18.39 -14.83 -8.84
C LEU A 609 18.27 -13.32 -8.81
N VAL A 610 19.22 -12.61 -9.41
CA VAL A 610 19.21 -11.15 -9.32
C VAL A 610 18.19 -10.55 -10.27
N ALA A 611 18.28 -10.90 -11.55
CA ALA A 611 17.45 -10.24 -12.56
C ALA A 611 16.00 -10.70 -12.47
N ASN A 612 15.77 -12.00 -12.36
CA ASN A 612 14.41 -12.52 -12.41
C ASN A 612 13.69 -12.44 -11.08
N ILE A 613 14.40 -12.16 -9.98
CA ILE A 613 13.76 -12.11 -8.66
C ILE A 613 13.91 -10.73 -8.03
N LEU A 614 15.14 -10.24 -7.90
CA LEU A 614 15.32 -8.95 -7.26
C LEU A 614 14.72 -7.83 -8.11
N LEU A 615 15.04 -7.81 -9.41
CA LEU A 615 14.67 -6.67 -10.25
C LEU A 615 13.18 -6.62 -10.55
N VAL A 616 12.59 -7.73 -10.97
CA VAL A 616 11.19 -7.69 -11.39
C VAL A 616 10.29 -7.36 -10.21
N ASN A 617 10.56 -7.99 -9.06
CA ASN A 617 9.76 -7.74 -7.87
C ASN A 617 10.02 -6.34 -7.30
N LEU A 618 11.26 -5.84 -7.40
CA LEU A 618 11.53 -4.47 -6.99
C LEU A 618 10.80 -3.47 -7.89
N LEU A 619 10.75 -3.77 -9.19
CA LEU A 619 9.97 -2.94 -10.10
C LEU A 619 8.48 -3.02 -9.77
N ILE A 620 8.01 -4.17 -9.31
CA ILE A 620 6.66 -4.26 -8.76
C ILE A 620 6.47 -3.25 -7.64
N ALA A 621 7.42 -3.22 -6.70
CA ALA A 621 7.30 -2.30 -5.58
C ALA A 621 7.23 -0.85 -6.05
N MET A 622 8.14 -0.47 -6.94
CA MET A 622 8.12 0.91 -7.44
C MET A 622 6.85 1.21 -8.21
N PHE A 623 6.36 0.27 -9.02
CA PHE A 623 5.15 0.50 -9.80
C PHE A 623 3.96 0.72 -8.90
N SER A 624 3.80 -0.12 -7.87
CA SER A 624 2.70 0.03 -6.94
C SER A 624 2.77 1.36 -6.21
N TYR A 625 3.97 1.72 -5.72
CA TYR A 625 4.11 2.97 -4.99
C TYR A 625 3.81 4.17 -5.87
N THR A 626 4.33 4.16 -7.11
CA THR A 626 4.10 5.28 -8.02
C THR A 626 2.62 5.41 -8.37
N PHE A 627 1.95 4.28 -8.64
CA PHE A 627 0.53 4.35 -8.94
C PHE A 627 -0.24 4.93 -7.77
N GLY A 628 0.01 4.40 -6.57
CA GLY A 628 -0.70 4.89 -5.40
C GLY A 628 -0.48 6.38 -5.15
N LYS A 629 0.74 6.86 -5.42
CA LYS A 629 1.02 8.27 -5.22
C LYS A 629 0.36 9.14 -6.29
N VAL A 630 0.33 8.66 -7.54
CA VAL A 630 0.08 9.56 -8.66
C VAL A 630 -1.37 9.58 -9.12
N GLN A 631 -2.12 8.48 -8.89
CA GLN A 631 -3.47 8.39 -9.45
C GLN A 631 -4.36 9.58 -9.06
N GLY A 632 -4.18 10.10 -7.84
CA GLY A 632 -5.06 11.14 -7.33
C GLY A 632 -4.94 12.45 -8.10
N ASN A 633 -3.77 12.71 -8.67
CA ASN A 633 -3.63 13.87 -9.55
C ASN A 633 -3.81 13.49 -11.01
N SER A 634 -3.57 12.22 -11.34
CA SER A 634 -3.73 11.79 -12.73
C SER A 634 -5.18 11.92 -13.18
N ASP A 635 -6.12 11.57 -12.30
CA ASP A 635 -7.53 11.70 -12.70
C ASP A 635 -7.91 13.16 -12.94
N LEU A 636 -7.43 14.07 -12.10
CA LEU A 636 -7.70 15.49 -12.30
C LEU A 636 -7.11 15.97 -13.62
N TYR A 637 -5.87 15.57 -13.91
CA TYR A 637 -5.28 15.92 -15.20
C TYR A 637 -6.09 15.35 -16.34
N TRP A 638 -6.69 14.17 -16.14
CA TRP A 638 -7.56 13.60 -17.16
C TRP A 638 -8.81 14.45 -17.38
N LYS A 639 -9.33 15.07 -16.31
CA LYS A 639 -10.45 15.99 -16.49
C LYS A 639 -10.08 17.11 -17.46
N ALA A 640 -8.94 17.75 -17.24
CA ALA A 640 -8.51 18.82 -18.14
C ALA A 640 -8.26 18.29 -19.55
N GLN A 641 -7.67 17.10 -19.65
CA GLN A 641 -7.38 16.52 -20.96
C GLN A 641 -8.68 16.24 -21.71
N ARG A 642 -9.71 15.78 -21.01
CA ARG A 642 -10.98 15.49 -21.68
C ARG A 642 -11.67 16.77 -22.10
N TYR A 643 -11.51 17.85 -21.32
CA TYR A 643 -12.04 19.14 -21.79
C TYR A 643 -11.35 19.56 -23.08
N ARG A 644 -10.02 19.45 -23.13
CA ARG A 644 -9.29 19.81 -24.34
C ARG A 644 -9.70 18.92 -25.51
N LEU A 645 -9.94 17.64 -25.24
CA LEU A 645 -10.41 16.71 -26.26
C LEU A 645 -11.76 17.13 -26.83
N ILE A 646 -12.69 17.50 -25.96
CA ILE A 646 -14.00 17.95 -26.41
C ILE A 646 -13.85 19.19 -27.28
N ARG A 647 -13.00 20.13 -26.85
CA ARG A 647 -12.79 21.34 -27.64
C ARG A 647 -12.20 21.01 -29.01
N GLU A 648 -11.23 20.09 -29.06
CA GLU A 648 -10.56 19.82 -30.34
C GLU A 648 -11.48 19.08 -31.31
N PHE A 649 -12.29 18.14 -30.83
CA PHE A 649 -13.25 17.51 -31.73
C PHE A 649 -14.39 18.45 -32.11
N HIS A 650 -14.71 19.43 -31.26
CA HIS A 650 -15.67 20.44 -31.69
C HIS A 650 -15.08 21.29 -32.81
N SER A 651 -13.79 21.62 -32.71
CA SER A 651 -13.13 22.37 -33.77
C SER A 651 -12.93 21.55 -35.04
N ARG A 652 -12.84 20.22 -34.92
CA ARG A 652 -12.63 19.37 -36.08
C ARG A 652 -13.87 19.39 -37.00
N PRO A 653 -13.66 19.35 -38.32
CA PRO A 653 -14.81 19.36 -39.25
C PRO A 653 -15.63 18.09 -39.20
N ALA A 654 -16.64 18.00 -40.06
CA ALA A 654 -17.66 16.96 -39.94
C ALA A 654 -17.21 15.63 -40.52
N LEU A 655 -16.91 15.60 -41.82
CA LEU A 655 -16.77 14.35 -42.54
C LEU A 655 -15.54 13.57 -42.08
N ALA A 656 -15.59 12.26 -42.31
CA ALA A 656 -14.53 11.35 -41.91
C ALA A 656 -13.30 11.53 -42.81
N PRO A 657 -12.11 11.19 -42.31
CA PRO A 657 -10.88 11.41 -43.08
C PRO A 657 -10.92 10.79 -44.47
N PRO A 658 -11.49 9.59 -44.66
CA PRO A 658 -11.60 9.09 -46.04
C PRO A 658 -12.40 10.01 -46.94
N PHE A 659 -13.39 10.72 -46.41
CA PHE A 659 -14.20 11.65 -47.18
C PHE A 659 -14.02 13.10 -46.76
N ILE A 660 -13.08 13.40 -45.86
CA ILE A 660 -12.87 14.77 -45.41
C ILE A 660 -12.24 15.64 -46.48
N VAL A 661 -11.89 15.06 -47.63
CA VAL A 661 -11.45 15.88 -48.77
C VAL A 661 -12.58 16.82 -49.19
N ILE A 662 -13.83 16.36 -49.06
CA ILE A 662 -14.96 17.23 -49.36
C ILE A 662 -14.99 18.42 -48.42
N SER A 663 -14.75 18.19 -47.13
CA SER A 663 -14.69 19.29 -46.18
C SER A 663 -13.54 20.22 -46.48
N HIS A 664 -12.39 19.66 -46.86
CA HIS A 664 -11.24 20.49 -47.21
C HIS A 664 -11.55 21.38 -48.41
N LEU A 665 -12.16 20.83 -49.45
CA LEU A 665 -12.48 21.63 -50.62
C LEU A 665 -13.58 22.66 -50.30
N ARG A 666 -14.48 22.31 -49.39
CA ARG A 666 -15.48 23.27 -48.95
C ARG A 666 -14.83 24.45 -48.24
N LEU A 667 -13.83 24.18 -47.39
CA LEU A 667 -13.18 25.27 -46.66
C LEU A 667 -12.31 26.12 -47.58
N LEU A 668 -11.59 25.48 -48.51
CA LEU A 668 -10.81 26.25 -49.48
C LEU A 668 -11.71 27.07 -50.39
N LEU A 669 -12.87 26.54 -50.76
CA LEU A 669 -13.84 27.35 -51.50
C LEU A 669 -14.29 28.55 -50.69
N ARG A 670 -14.54 28.35 -49.39
CA ARG A 670 -14.85 29.47 -48.51
C ARG A 670 -13.69 30.47 -48.47
N GLN A 671 -12.46 29.97 -48.50
CA GLN A 671 -11.31 30.86 -48.65
C GLN A 671 -11.29 31.54 -50.01
N LEU A 672 -11.68 30.84 -51.06
CA LEU A 672 -11.76 31.43 -52.39
C LEU A 672 -13.04 32.22 -52.62
N CYS A 673 -14.07 32.02 -51.78
CA CYS A 673 -15.29 32.80 -51.90
C CYS A 673 -15.12 34.21 -51.35
N ARG A 674 -14.30 34.40 -50.33
CA ARG A 674 -14.13 35.72 -49.73
C ARG A 674 -13.19 36.61 -50.54
N ARG A 675 -12.40 36.02 -51.44
CA ARG A 675 -11.50 36.83 -52.26
C ARG A 675 -12.23 37.81 -53.17
N PRO A 676 -13.26 37.41 -53.94
CA PRO A 676 -14.01 38.42 -54.70
C PRO A 676 -14.85 39.33 -53.83
N ARG A 677 -15.11 38.95 -52.58
CA ARG A 677 -15.93 39.77 -51.69
C ARG A 677 -15.13 40.97 -51.16
N HIS A 688 -16.20 28.21 -27.90
CA HIS A 688 -16.63 28.06 -29.29
C HIS A 688 -18.09 27.67 -29.38
N PHE A 689 -18.64 27.18 -28.26
CA PHE A 689 -20.04 26.81 -28.23
C PHE A 689 -20.94 28.02 -28.45
N ARG A 690 -20.57 29.16 -27.83
CA ARG A 690 -21.16 30.47 -28.06
C ARG A 690 -22.69 30.43 -28.12
N VAL A 691 -23.28 29.73 -27.14
CA VAL A 691 -24.74 29.68 -27.03
C VAL A 691 -25.26 31.07 -26.68
N TYR A 692 -26.25 31.54 -27.43
CA TYR A 692 -26.76 32.89 -27.26
C TYR A 692 -27.55 33.01 -25.96
N LEU A 693 -27.42 34.17 -25.31
CA LEU A 693 -28.16 34.51 -24.11
C LEU A 693 -28.93 35.81 -24.34
N SER A 694 -30.14 35.89 -23.78
CA SER A 694 -30.95 37.07 -23.96
C SER A 694 -30.39 38.25 -23.17
N LYS A 695 -30.72 39.47 -23.63
CA LYS A 695 -30.20 40.67 -22.99
C LYS A 695 -30.72 40.82 -21.57
N GLU A 696 -32.02 40.63 -21.37
CA GLU A 696 -32.59 40.65 -20.03
C GLU A 696 -32.16 39.43 -19.23
N ALA A 697 -31.95 38.31 -19.91
CA ALA A 697 -31.42 37.13 -19.23
C ALA A 697 -30.03 37.41 -18.65
N GLU A 698 -29.24 38.26 -19.32
CA GLU A 698 -27.93 38.61 -18.77
C GLU A 698 -28.07 39.29 -17.42
N ARG A 699 -28.99 40.27 -17.32
CA ARG A 699 -29.19 40.95 -16.05
C ARG A 699 -29.75 40.02 -15.00
N LYS A 700 -30.67 39.12 -15.39
CA LYS A 700 -31.23 38.18 -14.43
C LYS A 700 -30.15 37.22 -13.91
N LEU A 701 -29.24 36.78 -14.79
CA LEU A 701 -28.13 35.96 -14.35
C LEU A 701 -27.21 36.72 -13.42
N LEU A 702 -26.93 37.99 -13.72
CA LEU A 702 -26.08 38.79 -12.85
C LEU A 702 -26.70 38.93 -11.46
N THR A 703 -28.00 39.21 -11.40
CA THR A 703 -28.67 39.34 -10.11
C THR A 703 -28.66 38.03 -9.34
N TRP A 704 -28.97 36.92 -10.04
CA TRP A 704 -28.95 35.60 -9.40
C TRP A 704 -27.57 35.27 -8.85
N GLU A 705 -26.54 35.53 -9.65
CA GLU A 705 -25.17 35.23 -9.22
C GLU A 705 -24.77 36.08 -8.04
N SER A 706 -25.13 37.37 -8.05
CA SER A 706 -24.81 38.24 -6.93
C SER A 706 -25.51 37.78 -5.65
N VAL A 707 -26.79 37.40 -5.75
CA VAL A 707 -27.53 36.94 -4.59
C VAL A 707 -26.91 35.68 -4.03
N HIS A 708 -26.59 34.71 -4.89
CA HIS A 708 -25.99 33.48 -4.40
C HIS A 708 -24.58 33.71 -3.86
N LYS A 709 -23.87 34.69 -4.43
CA LYS A 709 -22.55 35.02 -3.90
C LYS A 709 -22.64 35.59 -2.49
N GLU A 710 -23.57 36.52 -2.26
CA GLU A 710 -23.70 37.07 -0.91
C GLU A 710 -24.19 36.01 0.05
N ASN A 711 -25.04 35.08 -0.41
CA ASN A 711 -25.44 33.97 0.44
C ASN A 711 -24.24 33.11 0.82
N PHE A 712 -23.36 32.82 -0.14
CA PHE A 712 -22.19 32.01 0.15
C PHE A 712 -21.25 32.72 1.12
N LEU A 713 -21.08 34.03 0.94
CA LEU A 713 -20.24 34.79 1.87
C LEU A 713 -20.82 34.81 3.28
N LEU A 714 -22.14 34.98 3.41
CA LEU A 714 -22.71 34.97 4.75
C LEU A 714 -22.62 33.58 5.38
N ALA A 715 -22.77 32.53 4.57
CA ALA A 715 -22.59 31.17 5.09
C ALA A 715 -21.17 30.95 5.58
N ARG A 716 -20.17 31.39 4.81
CA ARG A 716 -18.78 31.21 5.22
C ARG A 716 -18.46 32.07 6.43
N ALA A 717 -19.07 33.24 6.54
CA ALA A 717 -18.89 34.08 7.72
C ALA A 717 -19.46 33.39 8.96
N ARG A 718 -20.64 32.77 8.83
CA ARG A 718 -21.20 32.03 9.95
C ARG A 718 -20.30 30.85 10.31
N ASP A 719 -19.75 30.17 9.31
CA ASP A 719 -18.82 29.07 9.58
C ASP A 719 -17.58 29.56 10.33
N LYS A 720 -17.02 30.69 9.91
CA LYS A 720 -15.86 31.24 10.60
C LYS A 720 -16.19 31.63 12.03
N ARG A 721 -17.37 32.22 12.24
CA ARG A 721 -17.78 32.59 13.59
C ARG A 721 -17.97 31.36 14.47
N GLU A 722 -18.55 30.30 13.91
CA GLU A 722 -18.76 29.06 14.66
C GLU A 722 -17.46 28.27 14.83
N SER A 723 -16.41 28.64 14.10
CA SER A 723 -15.10 28.01 14.30
C SER A 723 -14.64 28.19 15.75
N ASP A 724 -14.05 27.12 16.29
CA ASP A 724 -13.66 27.11 17.70
C ASP A 724 -12.58 28.15 18.00
N SER A 725 -11.65 28.34 17.06
CA SER A 725 -10.59 29.33 17.29
C SER A 725 -11.16 30.74 17.40
N GLU A 726 -12.08 31.10 16.50
CA GLU A 726 -12.72 32.40 16.58
C GLU A 726 -13.58 32.53 17.83
N ARG A 727 -14.26 31.45 18.22
CA ARG A 727 -15.04 31.48 19.45
C ARG A 727 -14.15 31.71 20.66
N LEU A 728 -12.99 31.06 20.70
CA LEU A 728 -12.07 31.25 21.81
C LEU A 728 -11.51 32.67 21.80
N LYS A 729 -11.24 33.21 20.61
CA LYS A 729 -10.92 34.64 20.49
C LYS A 729 -11.97 35.49 21.16
N ARG A 730 -13.25 35.25 20.82
CA ARG A 730 -14.33 36.08 21.34
C ARG A 730 -14.44 35.95 22.86
N THR A 731 -14.30 34.73 23.37
CA THR A 731 -14.33 34.53 24.82
C THR A 731 -13.18 35.26 25.50
N SER A 732 -11.99 35.23 24.89
CA SER A 732 -10.84 35.93 25.47
C SER A 732 -11.10 37.43 25.53
N GLN A 733 -11.61 38.01 24.45
CA GLN A 733 -11.91 39.45 24.46
C GLN A 733 -13.00 39.79 25.47
N LYS A 734 -14.04 38.97 25.57
CA LYS A 734 -15.09 39.24 26.54
C LYS A 734 -14.56 39.16 27.96
N VAL A 735 -13.72 38.17 28.26
CA VAL A 735 -13.12 38.06 29.59
C VAL A 735 -12.23 39.27 29.87
N ASP A 736 -11.45 39.71 28.87
CA ASP A 736 -10.60 40.87 29.06
C ASP A 736 -11.42 42.13 29.34
N LEU A 737 -12.53 42.30 28.61
CA LEU A 737 -13.37 43.47 28.84
C LEU A 737 -14.01 43.40 30.23
N ALA A 738 -14.42 42.21 30.66
CA ALA A 738 -14.97 42.04 31.99
C ALA A 738 -13.94 42.41 33.05
N LEU A 739 -12.70 41.94 32.87
CA LEU A 739 -11.64 42.27 33.81
C LEU A 739 -11.37 43.77 33.84
N LYS A 740 -11.37 44.40 32.66
CA LYS A 740 -11.12 45.84 32.58
C LYS A 740 -12.21 46.63 33.32
N GLN A 741 -13.48 46.29 33.07
CA GLN A 741 -14.55 47.05 33.69
C GLN A 741 -14.71 46.69 35.17
N LEU A 742 -14.22 45.52 35.58
CA LEU A 742 -14.17 45.21 37.01
C LEU A 742 -13.06 45.99 37.68
N GLY A 743 -11.95 46.22 36.98
CA GLY A 743 -10.94 47.15 37.46
C GLY A 743 -11.46 48.57 37.55
N HIS A 744 -12.34 48.96 36.63
CA HIS A 744 -12.99 50.26 36.70
C HIS A 744 -13.91 50.42 37.91
N ILE A 745 -14.30 49.32 38.56
CA ILE A 745 -15.04 49.38 39.81
C ILE A 745 -14.24 48.82 40.98
N ARG A 746 -12.94 48.60 40.81
CA ARG A 746 -12.10 48.15 41.91
C ARG A 746 -12.02 49.17 43.03
N GLU A 747 -12.07 50.46 42.69
CA GLU A 747 -11.91 51.51 43.69
C GLU A 747 -13.04 51.53 44.70
N TYR A 748 -14.16 50.88 44.40
CA TYR A 748 -15.29 50.83 45.32
C TYR A 748 -14.95 50.03 46.57
N ARG B 1 22.40 48.21 41.62
CA ARG B 1 23.72 48.49 41.05
C ARG B 1 24.21 47.33 40.19
N SER B 2 25.44 47.45 39.69
CA SER B 2 25.98 46.44 38.79
C SER B 2 26.20 45.12 39.51
N PHE B 3 26.89 45.16 40.66
CA PHE B 3 27.33 43.92 41.30
C PHE B 3 26.18 43.08 41.82
N HIS B 4 25.08 43.70 42.23
CA HIS B 4 23.91 42.93 42.67
C HIS B 4 23.39 42.05 41.55
N LEU B 5 23.17 42.64 40.37
CA LEU B 5 22.73 41.86 39.22
C LEU B 5 23.81 40.89 38.76
N GLU B 6 25.08 41.26 38.88
CA GLU B 6 26.17 40.35 38.51
C GLU B 6 26.11 39.07 39.34
N ALA B 7 26.04 39.20 40.66
CA ALA B 7 25.97 38.03 41.53
C ALA B 7 24.65 37.28 41.34
N SER B 8 23.55 38.01 41.13
CA SER B 8 22.27 37.36 40.91
C SER B 8 22.29 36.50 39.66
N LEU B 9 22.89 37.01 38.58
CA LEU B 9 22.99 36.22 37.35
C LEU B 9 24.01 35.11 37.49
N MET B 10 25.04 35.31 38.32
CA MET B 10 25.99 34.23 38.60
C MET B 10 25.27 33.05 39.23
N ASP B 11 24.46 33.31 40.25
CA ASP B 11 23.66 32.26 40.86
C ASP B 11 22.60 31.73 39.89
N ALA B 12 22.05 32.62 39.05
CA ALA B 12 21.06 32.21 38.06
C ALA B 12 21.64 31.29 37.01
N LEU B 13 22.95 31.34 36.78
CA LEU B 13 23.59 30.38 35.91
C LEU B 13 24.00 29.12 36.67
N LEU B 14 24.42 29.27 37.92
CA LEU B 14 24.77 28.10 38.73
C LEU B 14 23.58 27.17 38.90
N ASN B 15 22.40 27.74 39.18
CA ASN B 15 21.16 26.98 39.19
C ASN B 15 20.44 27.16 37.85
N ASP B 16 19.44 26.32 37.60
CA ASP B 16 18.73 26.37 36.33
C ASP B 16 17.96 27.67 36.15
N ARG B 17 16.88 27.84 36.94
CA ARG B 17 16.03 29.03 37.05
C ARG B 17 15.95 29.86 35.78
N PRO B 18 15.48 29.27 34.68
CA PRO B 18 15.53 29.96 33.38
C PRO B 18 14.69 31.23 33.35
N GLU B 19 13.56 31.26 34.06
CA GLU B 19 12.76 32.48 34.12
C GLU B 19 13.52 33.61 34.80
N PHE B 20 14.20 33.29 35.90
CA PHE B 20 15.03 34.29 36.58
C PHE B 20 16.14 34.79 35.66
N VAL B 21 16.77 33.88 34.92
CA VAL B 21 17.81 34.29 33.97
C VAL B 21 17.24 35.24 32.94
N ARG B 22 16.12 34.85 32.31
CA ARG B 22 15.58 35.64 31.22
C ARG B 22 15.14 37.02 31.72
N LEU B 23 14.57 37.09 32.92
CA LEU B 23 14.17 38.40 33.44
C LEU B 23 15.39 39.25 33.77
N LEU B 24 16.45 38.64 34.30
CA LEU B 24 17.66 39.40 34.63
C LEU B 24 18.26 40.03 33.38
N ILE B 25 18.45 39.26 32.32
CA ILE B 25 18.99 39.86 31.11
C ILE B 25 17.98 40.79 30.44
N SER B 26 16.67 40.49 30.56
CA SER B 26 15.67 41.39 29.99
C SER B 26 15.71 42.76 30.65
N HIS B 27 16.16 42.82 31.92
CA HIS B 27 16.41 44.12 32.53
C HIS B 27 17.50 44.88 31.79
N GLY B 28 18.55 44.19 31.36
CA GLY B 28 19.64 44.82 30.62
C GLY B 28 20.95 44.81 31.38
N LEU B 29 21.93 44.07 30.88
CA LEU B 29 23.24 43.95 31.50
C LEU B 29 24.31 44.44 30.52
N SER B 30 25.56 44.36 30.96
CA SER B 30 26.66 44.84 30.13
C SER B 30 27.10 43.80 29.11
N LEU B 31 27.30 42.56 29.56
CA LEU B 31 27.77 41.42 28.78
C LEU B 31 29.19 41.63 28.23
N GLY B 32 29.88 42.68 28.65
CA GLY B 32 31.27 42.88 28.26
C GLY B 32 32.22 42.64 29.42
N HIS B 33 31.80 43.00 30.62
CA HIS B 33 32.57 42.76 31.83
C HIS B 33 32.01 41.63 32.67
N PHE B 34 30.86 41.07 32.29
CA PHE B 34 30.28 39.92 32.98
C PHE B 34 30.92 38.60 32.56
N LEU B 35 31.81 38.62 31.56
CA LEU B 35 32.34 37.41 30.94
C LEU B 35 33.84 37.28 31.17
N THR B 36 34.30 37.56 32.38
CA THR B 36 35.72 37.47 32.68
C THR B 36 36.13 36.01 32.88
N PRO B 37 37.40 35.70 32.64
CA PRO B 37 37.85 34.30 32.78
C PRO B 37 37.65 33.71 34.16
N MET B 38 37.74 34.50 35.22
CA MET B 38 37.54 33.94 36.56
C MET B 38 36.06 33.59 36.80
N ARG B 39 35.15 34.43 36.30
CA ARG B 39 33.74 34.04 36.32
C ARG B 39 33.51 32.77 35.50
N LEU B 40 34.15 32.67 34.34
CA LEU B 40 34.03 31.46 33.55
C LEU B 40 34.52 30.24 34.32
N ALA B 41 35.65 30.38 35.03
CA ALA B 41 36.21 29.26 35.79
C ALA B 41 35.28 28.85 36.92
N GLN B 42 34.71 29.82 37.65
CA GLN B 42 33.86 29.46 38.77
C GLN B 42 32.52 28.91 38.30
N LEU B 43 32.07 29.31 37.11
CA LEU B 43 30.91 28.63 36.51
C LEU B 43 31.25 27.20 36.12
N TYR B 44 32.44 26.99 35.54
CA TYR B 44 32.86 25.64 35.18
C TYR B 44 33.00 24.75 36.41
N SER B 45 33.34 25.35 37.55
CA SER B 45 33.52 24.59 38.78
C SER B 45 32.21 23.98 39.28
N ALA B 46 31.07 24.41 38.75
CA ALA B 46 29.77 23.90 39.18
C ALA B 46 29.40 22.60 38.49
N ALA B 47 30.28 22.03 37.67
CA ALA B 47 29.98 20.80 36.96
C ALA B 47 29.82 19.64 37.93
N PRO B 48 28.85 18.75 37.70
CA PRO B 48 28.69 17.58 38.57
C PRO B 48 29.87 16.64 38.44
N SER B 49 30.32 16.11 39.58
CA SER B 49 31.44 15.16 39.57
C SER B 49 31.06 13.87 38.85
N ASN B 50 29.86 13.36 39.10
CA ASN B 50 29.40 12.11 38.51
C ASN B 50 28.72 12.34 37.16
N SER B 51 29.45 12.98 36.25
CA SER B 51 28.95 13.24 34.90
C SER B 51 30.14 13.15 33.94
N LEU B 52 29.93 13.61 32.71
CA LEU B 52 30.98 13.62 31.70
C LEU B 52 31.60 14.99 31.50
N ILE B 53 31.53 15.86 32.51
CA ILE B 53 32.11 17.20 32.41
C ILE B 53 33.30 17.33 33.34
N ARG B 54 33.09 17.05 34.63
CA ARG B 54 34.18 17.17 35.60
C ARG B 54 35.30 16.18 35.30
N ASN B 55 34.95 14.92 35.05
CA ASN B 55 35.97 13.92 34.75
C ASN B 55 36.66 14.23 33.41
N LEU B 56 35.89 14.73 32.44
CA LEU B 56 36.49 15.11 31.16
C LEU B 56 37.50 16.24 31.34
N LEU B 57 37.14 17.26 32.12
CA LEU B 57 38.06 18.36 32.38
C LEU B 57 39.30 17.88 33.13
N ASP B 58 39.11 16.99 34.11
CA ASP B 58 40.25 16.46 34.85
C ASP B 58 41.18 15.67 33.94
N GLN B 59 40.61 14.84 33.05
CA GLN B 59 41.43 14.07 32.12
C GLN B 59 42.17 14.98 31.15
N ALA B 60 41.50 16.02 30.66
CA ALA B 60 42.15 16.97 29.76
C ALA B 60 43.29 17.69 30.45
N SER B 61 43.09 18.08 31.72
CA SER B 61 44.16 18.72 32.47
C SER B 61 45.32 17.76 32.70
N HIS B 62 45.02 16.50 33.01
CA HIS B 62 46.06 15.50 33.23
C HIS B 62 46.80 15.15 31.95
N SER B 63 46.18 15.35 30.79
CA SER B 63 46.82 15.05 29.51
C SER B 63 48.05 15.92 29.28
N VAL B 83 37.31 16.19 17.94
CA VAL B 83 36.76 16.44 19.27
C VAL B 83 37.89 16.65 20.28
N GLY B 84 39.00 15.93 20.07
CA GLY B 84 40.14 16.07 20.96
C GLY B 84 40.68 17.48 20.98
N HIS B 85 40.69 18.16 19.84
CA HIS B 85 41.11 19.55 19.80
C HIS B 85 40.18 20.44 20.62
N VAL B 86 38.87 20.14 20.60
CA VAL B 86 37.93 20.90 21.42
C VAL B 86 38.25 20.72 22.90
N LEU B 87 38.52 19.48 23.32
CA LEU B 87 38.90 19.23 24.70
C LEU B 87 40.19 19.95 25.07
N ARG B 88 41.17 19.96 24.14
CA ARG B 88 42.42 20.65 24.41
C ARG B 88 42.22 22.16 24.57
N MET B 89 41.38 22.75 23.72
CA MET B 89 41.19 24.20 23.78
C MET B 89 40.32 24.62 24.95
N LEU B 90 39.39 23.78 25.39
CA LEU B 90 38.55 24.12 26.53
C LEU B 90 39.30 23.83 27.83
N LEU B 91 39.29 24.79 28.74
CA LEU B 91 39.97 24.65 30.02
C LEU B 91 39.15 25.38 31.09
N GLY B 92 39.34 24.96 32.33
CA GLY B 92 38.63 25.56 33.45
C GLY B 92 39.10 26.97 33.78
N PRO B 138 31.18 36.74 22.20
CA PRO B 138 31.20 36.81 23.67
C PRO B 138 30.31 35.77 24.32
N TRP B 139 29.18 35.45 23.67
CA TRP B 139 28.25 34.47 24.22
C TRP B 139 28.63 33.03 23.88
N SER B 140 29.70 32.83 23.11
CA SER B 140 30.09 31.49 22.71
C SER B 140 30.45 30.64 23.93
N ASP B 141 31.19 31.21 24.87
CA ASP B 141 31.58 30.46 26.06
C ASP B 141 30.37 30.12 26.93
N LEU B 142 29.45 31.07 27.12
CA LEU B 142 28.23 30.76 27.87
C LEU B 142 27.45 29.65 27.20
N LEU B 143 27.30 29.73 25.88
CA LEU B 143 26.55 28.72 25.15
C LEU B 143 27.21 27.35 25.26
N LEU B 144 28.54 27.29 25.10
CA LEU B 144 29.25 26.02 25.19
C LEU B 144 29.13 25.43 26.59
N TRP B 145 29.22 26.28 27.62
CA TRP B 145 29.05 25.80 28.98
C TRP B 145 27.64 25.26 29.21
N ALA B 146 26.63 25.94 28.64
CA ALA B 146 25.26 25.45 28.75
C ALA B 146 25.11 24.10 28.08
N LEU B 147 25.70 23.93 26.89
CA LEU B 147 25.61 22.66 26.18
C LEU B 147 26.29 21.54 26.98
N LEU B 148 27.49 21.80 27.50
CA LEU B 148 28.18 20.75 28.24
C LEU B 148 27.45 20.42 29.54
N LEU B 149 26.82 21.39 30.17
CA LEU B 149 26.10 21.17 31.41
C LEU B 149 24.70 20.60 31.18
N ASN B 150 24.31 20.39 29.91
CA ASN B 150 23.02 19.80 29.56
C ASN B 150 21.85 20.69 29.97
N ARG B 151 22.04 22.00 29.91
CA ARG B 151 21.00 22.98 30.21
C ARG B 151 20.32 23.37 28.91
N ALA B 152 19.17 22.74 28.63
CA ALA B 152 18.50 22.96 27.35
C ALA B 152 18.00 24.40 27.22
N GLN B 153 17.35 24.91 28.26
CA GLN B 153 16.82 26.27 28.20
C GLN B 153 17.92 27.30 28.13
N MET B 154 19.00 27.11 28.89
CA MET B 154 20.15 28.00 28.80
C MET B 154 20.75 27.98 27.41
N ALA B 155 20.87 26.79 26.81
CA ALA B 155 21.38 26.69 25.46
C ALA B 155 20.49 27.45 24.49
N MET B 156 19.17 27.28 24.61
CA MET B 156 18.25 27.96 23.71
C MET B 156 18.39 29.47 23.82
N TYR B 157 18.41 29.98 25.05
CA TYR B 157 18.43 31.43 25.25
C TYR B 157 19.76 32.02 24.82
N PHE B 158 20.86 31.36 25.16
CA PHE B 158 22.18 31.83 24.74
C PHE B 158 22.30 31.83 23.23
N TRP B 159 21.79 30.78 22.58
CA TRP B 159 21.71 30.78 21.13
C TRP B 159 20.96 32.00 20.61
N GLU B 160 19.75 32.21 21.13
CA GLU B 160 18.85 33.16 20.50
C GLU B 160 19.31 34.59 20.71
N MET B 161 20.01 34.86 21.81
CA MET B 161 20.49 36.23 22.02
C MET B 161 21.98 36.37 21.70
N GLY B 162 22.65 35.30 21.25
CA GLY B 162 24.03 35.39 20.85
C GLY B 162 24.19 35.60 19.35
N SER B 163 25.45 35.79 18.95
CA SER B 163 25.78 36.02 17.55
C SER B 163 25.97 34.68 16.82
N ASN B 164 26.38 34.78 15.56
CA ASN B 164 26.73 33.65 14.67
C ASN B 164 25.88 32.42 14.95
N ALA B 165 24.57 32.61 14.86
CA ALA B 165 23.62 31.61 15.34
C ALA B 165 23.74 30.31 14.58
N VAL B 166 23.87 30.38 13.25
CA VAL B 166 23.87 29.15 12.44
C VAL B 166 25.12 28.33 12.71
N SER B 167 26.29 28.97 12.68
CA SER B 167 27.53 28.25 12.93
C SER B 167 27.58 27.70 14.35
N SER B 168 27.14 28.51 15.32
CA SER B 168 27.08 28.03 16.70
C SER B 168 26.13 26.85 16.80
N ALA B 169 25.01 26.88 16.07
CA ALA B 169 24.06 25.77 16.10
C ALA B 169 24.68 24.50 15.55
N LEU B 170 25.34 24.59 14.40
CA LEU B 170 25.94 23.39 13.83
C LEU B 170 27.02 22.83 14.75
N GLY B 171 27.88 23.70 15.28
CA GLY B 171 28.90 23.22 16.20
C GLY B 171 28.33 22.60 17.46
N ALA B 172 27.32 23.24 18.04
CA ALA B 172 26.76 22.76 19.29
C ALA B 172 26.02 21.44 19.09
N CYS B 173 25.31 21.28 17.97
CA CYS B 173 24.64 20.01 17.73
C CYS B 173 25.65 18.91 17.43
N LEU B 174 26.76 19.26 16.77
CA LEU B 174 27.83 18.28 16.59
C LEU B 174 28.36 17.80 17.93
N LEU B 175 28.62 18.74 18.84
CA LEU B 175 29.11 18.34 20.16
C LEU B 175 28.04 17.60 20.96
N LEU B 176 26.77 17.90 20.77
CA LEU B 176 25.72 17.11 21.40
C LEU B 176 25.72 15.67 20.91
N ARG B 177 25.86 15.48 19.60
CA ARG B 177 25.95 14.11 19.08
C ARG B 177 27.18 13.40 19.64
N VAL B 178 28.32 14.11 19.70
CA VAL B 178 29.54 13.51 20.20
C VAL B 178 29.38 13.10 21.66
N MET B 179 28.83 14.00 22.49
CA MET B 179 28.63 13.69 23.90
C MET B 179 27.60 12.59 24.11
N ALA B 180 26.53 12.56 23.31
CA ALA B 180 25.56 11.46 23.41
C ALA B 180 26.21 10.13 23.07
N ARG B 181 27.07 10.11 22.06
CA ARG B 181 27.81 8.89 21.75
C ARG B 181 28.74 8.50 22.91
N LEU B 182 29.39 9.49 23.51
CA LEU B 182 30.31 9.24 24.62
C LEU B 182 29.61 8.93 25.93
N GLU B 183 28.29 9.11 26.00
CA GLU B 183 27.58 8.92 27.25
C GLU B 183 27.60 7.44 27.65
N PRO B 184 28.03 7.12 28.88
CA PRO B 184 27.87 5.75 29.37
C PRO B 184 26.47 5.46 29.91
N ASP B 185 25.62 6.48 30.00
CA ASP B 185 24.27 6.33 30.53
C ASP B 185 23.26 6.55 29.41
N ALA B 186 22.33 5.60 29.26
CA ALA B 186 21.35 5.67 28.18
C ALA B 186 20.44 6.88 28.32
N GLU B 187 20.02 7.20 29.55
CA GLU B 187 19.11 8.32 29.76
C GLU B 187 19.79 9.64 29.39
N GLU B 188 21.03 9.83 29.84
CA GLU B 188 21.76 11.05 29.50
C GLU B 188 22.01 11.13 28.01
N ALA B 189 22.35 10.01 27.38
CA ALA B 189 22.54 9.99 25.93
C ALA B 189 21.25 10.37 25.21
N ALA B 190 20.12 9.86 25.67
CA ALA B 190 18.84 10.18 25.05
C ALA B 190 18.52 11.67 25.21
N ARG B 191 18.78 12.23 26.39
CA ARG B 191 18.55 13.66 26.59
C ARG B 191 19.42 14.48 25.66
N ARG B 192 20.71 14.16 25.58
CA ARG B 192 21.62 14.90 24.70
C ARG B 192 21.17 14.79 23.25
N LYS B 193 20.75 13.59 22.82
CA LYS B 193 20.41 13.42 21.42
C LYS B 193 19.09 14.10 21.06
N ASP B 194 18.11 14.08 21.96
CA ASP B 194 16.86 14.77 21.66
C ASP B 194 17.08 16.28 21.64
N LEU B 195 17.93 16.78 22.54
CA LEU B 195 18.35 18.17 22.43
C LEU B 195 19.00 18.44 21.08
N ALA B 196 19.84 17.51 20.62
CA ALA B 196 20.49 17.67 19.33
C ALA B 196 19.49 17.73 18.19
N PHE B 197 18.48 16.86 18.20
CA PHE B 197 17.48 16.89 17.14
C PHE B 197 16.69 18.20 17.15
N LYS B 198 16.18 18.59 18.32
CA LYS B 198 15.41 19.83 18.37
C LYS B 198 16.27 21.01 17.94
N PHE B 199 17.56 20.96 18.29
CA PHE B 199 18.44 22.10 18.09
C PHE B 199 18.86 22.21 16.63
N GLU B 200 19.13 21.08 15.98
CA GLU B 200 19.41 21.11 14.55
C GLU B 200 18.16 21.51 13.76
N GLY B 201 16.98 21.05 14.20
CA GLY B 201 15.75 21.44 13.52
C GLY B 201 15.50 22.93 13.58
N MET B 202 15.65 23.53 14.76
CA MET B 202 15.44 24.96 14.90
C MET B 202 16.52 25.76 14.17
N GLY B 203 17.76 25.25 14.16
CA GLY B 203 18.80 25.91 13.36
C GLY B 203 18.50 25.89 11.87
N VAL B 204 18.05 24.75 11.35
CA VAL B 204 17.76 24.66 9.92
C VAL B 204 16.52 25.48 9.59
N ASP B 205 15.59 25.60 10.54
CA ASP B 205 14.47 26.51 10.32
C ASP B 205 14.93 27.96 10.19
N LEU B 206 15.86 28.38 11.05
CA LEU B 206 16.40 29.72 10.92
C LEU B 206 17.11 29.90 9.59
N PHE B 207 17.88 28.90 9.17
CA PHE B 207 18.59 29.09 7.90
C PHE B 207 17.63 29.07 6.72
N GLY B 208 16.53 28.34 6.83
CA GLY B 208 15.51 28.38 5.79
C GLY B 208 14.87 29.75 5.67
N GLU B 209 14.51 30.36 6.81
CA GLU B 209 13.94 31.69 6.76
C GLU B 209 14.97 32.71 6.29
N CYS B 210 16.26 32.45 6.53
CA CYS B 210 17.31 33.31 6.00
C CYS B 210 17.39 33.21 4.49
N TYR B 211 17.41 31.99 3.96
CA TYR B 211 17.44 31.81 2.50
C TYR B 211 16.19 32.40 1.86
N ARG B 212 15.06 32.36 2.57
CA ARG B 212 13.84 32.94 2.03
C ARG B 212 13.94 34.45 1.85
N SER B 213 14.96 35.08 2.44
CA SER B 213 15.15 36.52 2.31
C SER B 213 16.12 36.88 1.19
N SER B 214 17.36 36.40 1.30
CA SER B 214 18.43 36.75 0.36
C SER B 214 19.21 35.50 0.02
N GLU B 215 18.99 35.00 -1.21
CA GLU B 215 19.57 33.72 -1.62
C GLU B 215 21.09 33.80 -1.65
N VAL B 216 21.64 34.82 -2.32
CA VAL B 216 23.09 34.94 -2.44
C VAL B 216 23.71 35.22 -1.07
N ARG B 217 23.01 35.97 -0.22
CA ARG B 217 23.51 36.25 1.12
C ARG B 217 23.65 34.96 1.92
N ALA B 218 22.62 34.12 1.89
CA ALA B 218 22.72 32.84 2.59
C ALA B 218 23.77 31.94 1.95
N ALA B 219 23.89 31.99 0.62
CA ALA B 219 24.87 31.16 -0.08
C ALA B 219 26.29 31.49 0.37
N ARG B 220 26.61 32.79 0.45
CA ARG B 220 27.92 33.17 0.95
C ARG B 220 28.01 33.02 2.47
N LEU B 221 26.87 32.89 3.14
CA LEU B 221 26.90 32.59 4.58
C LEU B 221 27.36 31.16 4.82
N LEU B 222 26.98 30.24 3.92
CA LEU B 222 27.45 28.85 4.07
C LEU B 222 28.98 28.78 4.14
N LEU B 223 29.64 29.22 3.07
CA LEU B 223 31.09 29.03 2.96
C LEU B 223 31.87 29.93 3.91
N ARG B 224 31.18 30.78 4.66
CA ARG B 224 31.85 31.62 5.64
C ARG B 224 32.61 30.78 6.66
N ARG B 225 33.93 30.85 6.61
CA ARG B 225 34.79 30.15 7.57
C ARG B 225 34.69 30.87 8.90
N CYS B 226 33.80 30.40 9.77
CA CYS B 226 33.60 31.04 11.05
C CYS B 226 34.79 30.76 11.96
N PRO B 227 35.23 31.74 12.76
CA PRO B 227 36.43 31.53 13.60
C PRO B 227 36.27 30.41 14.62
N LEU B 228 35.06 30.16 15.09
CA LEU B 228 34.87 29.17 16.13
C LEU B 228 34.80 27.75 15.54
N TRP B 229 34.75 26.78 16.44
CA TRP B 229 34.59 25.37 16.09
C TRP B 229 35.69 24.89 15.15
N GLY B 230 36.94 25.28 15.45
CA GLY B 230 38.08 24.80 14.70
C GLY B 230 38.21 25.31 13.29
N ASP B 231 37.65 26.48 13.00
CA ASP B 231 37.76 27.11 11.68
C ASP B 231 37.17 26.24 10.57
N ALA B 232 36.17 25.43 10.90
CA ALA B 232 35.52 24.57 9.92
C ALA B 232 34.23 25.21 9.44
N THR B 233 33.95 25.07 8.15
CA THR B 233 32.74 25.66 7.59
C THR B 233 31.51 24.92 8.10
N CYS B 234 30.33 25.53 7.88
CA CYS B 234 29.09 24.94 8.36
C CYS B 234 28.85 23.57 7.74
N LEU B 235 29.19 23.41 6.46
CA LEU B 235 28.94 22.15 5.77
C LEU B 235 29.72 21.01 6.39
N GLN B 236 31.01 21.22 6.67
CA GLN B 236 31.80 20.17 7.31
C GLN B 236 31.30 19.87 8.71
N LEU B 237 30.88 20.91 9.45
CA LEU B 237 30.32 20.69 10.78
C LEU B 237 29.07 19.83 10.70
N ALA B 238 28.19 20.11 9.73
CA ALA B 238 26.98 19.32 9.57
C ALA B 238 27.30 17.88 9.18
N MET B 239 28.25 17.70 8.26
CA MET B 239 28.60 16.35 7.83
C MET B 239 29.19 15.55 8.99
N GLN B 240 30.04 16.17 9.80
CA GLN B 240 30.57 15.49 10.98
C GLN B 240 29.47 15.22 11.98
N ALA B 241 28.46 16.09 12.05
CA ALA B 241 27.33 15.92 12.94
C ALA B 241 26.24 15.04 12.34
N ASP B 242 26.37 14.64 11.08
CA ASP B 242 25.33 13.88 10.37
C ASP B 242 24.01 14.65 10.39
N ALA B 243 24.07 15.90 9.92
CA ALA B 243 22.89 16.78 9.91
C ALA B 243 22.17 16.63 8.57
N ARG B 244 21.50 15.49 8.44
CA ARG B 244 20.75 15.20 7.21
C ARG B 244 19.64 16.23 7.01
N ALA B 245 18.95 16.61 8.08
CA ALA B 245 17.94 17.65 7.95
C ALA B 245 18.55 18.97 7.52
N PHE B 246 19.76 19.28 8.02
CA PHE B 246 20.40 20.54 7.66
C PHE B 246 20.97 20.48 6.24
N PHE B 247 21.06 19.29 5.66
CA PHE B 247 21.34 19.18 4.23
C PHE B 247 20.06 19.11 3.39
N ALA B 248 18.93 18.81 4.02
CA ALA B 248 17.68 18.60 3.28
C ALA B 248 17.12 19.86 2.64
N GLN B 249 17.32 21.04 3.23
CA GLN B 249 16.59 22.21 2.78
C GLN B 249 17.01 22.62 1.37
N ASP B 250 16.03 23.16 0.62
CA ASP B 250 16.24 23.49 -0.78
C ASP B 250 17.32 24.54 -0.97
N GLY B 251 17.53 25.41 0.02
CA GLY B 251 18.57 26.41 -0.12
C GLY B 251 19.96 25.80 -0.22
N VAL B 252 20.31 24.96 0.75
CA VAL B 252 21.62 24.31 0.70
C VAL B 252 21.68 23.32 -0.46
N GLN B 253 20.54 22.70 -0.81
CA GLN B 253 20.54 21.79 -1.96
C GLN B 253 20.88 22.54 -3.25
N SER B 254 20.27 23.71 -3.45
CA SER B 254 20.54 24.50 -4.64
C SER B 254 21.97 25.02 -4.63
N LEU B 255 22.47 25.43 -3.47
CA LEU B 255 23.85 25.91 -3.43
C LEU B 255 24.83 24.78 -3.75
N LEU B 256 24.57 23.57 -3.24
CA LEU B 256 25.41 22.43 -3.58
C LEU B 256 25.33 22.11 -5.06
N THR B 257 24.13 22.22 -5.65
CA THR B 257 23.99 22.02 -7.08
C THR B 257 24.81 23.03 -7.86
N GLN B 258 24.78 24.29 -7.44
CA GLN B 258 25.54 25.33 -8.14
C GLN B 258 27.04 25.13 -7.96
N LYS B 259 27.47 24.63 -6.80
CA LYS B 259 28.88 24.31 -6.60
C LYS B 259 29.31 23.15 -7.48
N TRP B 260 28.46 22.13 -7.59
CA TRP B 260 28.71 21.02 -8.52
C TRP B 260 28.80 21.55 -9.95
N TRP B 261 28.03 22.60 -10.26
CA TRP B 261 28.13 23.32 -11.52
C TRP B 261 29.04 24.54 -11.39
N GLY B 262 30.11 24.41 -10.61
CA GLY B 262 31.00 25.51 -10.29
C GLY B 262 31.39 26.36 -11.48
N ASP B 263 30.94 27.62 -11.48
CA ASP B 263 31.18 28.55 -12.58
C ASP B 263 30.68 27.96 -13.90
N MET B 264 29.44 27.47 -13.88
CA MET B 264 28.85 26.89 -15.08
C MET B 264 27.39 27.29 -15.31
N ALA B 265 26.77 28.06 -14.41
CA ALA B 265 25.41 28.54 -14.60
C ALA B 265 24.44 27.35 -14.77
N SER B 266 24.24 26.66 -13.63
CA SER B 266 23.63 25.34 -13.57
C SER B 266 22.32 25.21 -14.34
N THR B 267 21.72 26.33 -14.76
CA THR B 267 20.54 26.27 -15.60
C THR B 267 20.80 25.57 -16.93
N THR B 268 22.06 25.44 -17.33
CA THR B 268 22.38 24.77 -18.59
C THR B 268 21.99 23.29 -18.53
N PRO B 269 21.47 22.74 -19.63
CA PRO B 269 21.05 21.34 -19.64
C PRO B 269 22.23 20.38 -19.74
N ILE B 270 21.95 19.11 -19.45
CA ILE B 270 22.98 18.08 -19.42
C ILE B 270 23.48 17.78 -20.83
N TRP B 271 22.56 17.71 -21.80
CA TRP B 271 22.97 17.42 -23.17
C TRP B 271 23.87 18.51 -23.72
N ALA B 272 23.65 19.76 -23.32
CA ALA B 272 24.59 20.82 -23.67
C ALA B 272 25.97 20.51 -23.14
N LEU B 273 26.06 20.03 -21.89
CA LEU B 273 27.35 19.70 -21.31
C LEU B 273 28.04 18.58 -22.06
N VAL B 274 27.28 17.53 -22.43
CA VAL B 274 27.92 16.40 -23.10
C VAL B 274 28.37 16.80 -24.50
N LEU B 275 27.59 17.63 -25.20
CA LEU B 275 28.02 18.12 -26.50
C LEU B 275 29.26 19.00 -26.38
N ALA B 276 29.32 19.85 -25.35
CA ALA B 276 30.50 20.67 -25.14
C ALA B 276 31.72 19.82 -24.83
N PHE B 277 31.54 18.75 -24.05
CA PHE B 277 32.65 17.85 -23.75
C PHE B 277 33.13 17.16 -25.02
N PHE B 278 32.21 16.73 -25.87
CA PHE B 278 32.60 16.07 -27.11
C PHE B 278 33.27 17.03 -28.09
N CYS B 279 32.84 18.29 -28.12
CA CYS B 279 33.39 19.30 -29.02
C CYS B 279 33.98 20.43 -28.18
N PRO B 280 35.29 20.41 -27.93
CA PRO B 280 35.92 21.48 -27.14
C PRO B 280 35.69 22.86 -27.72
N PRO B 281 35.67 23.04 -29.05
CA PRO B 281 35.37 24.39 -29.57
C PRO B 281 33.98 24.90 -29.21
N LEU B 282 33.06 24.01 -28.82
CA LEU B 282 31.68 24.42 -28.54
C LEU B 282 31.58 25.32 -27.31
N ILE B 283 32.64 25.45 -26.52
CA ILE B 283 32.58 26.24 -25.29
C ILE B 283 32.26 27.70 -25.61
N TYR B 284 32.79 28.22 -26.72
CA TYR B 284 32.64 29.63 -27.06
C TYR B 284 31.43 29.83 -27.97
N THR B 285 30.26 29.50 -27.45
CA THR B 285 29.00 29.63 -28.16
C THR B 285 27.96 30.27 -27.23
N ARG B 286 26.79 30.57 -27.81
CA ARG B 286 25.69 31.08 -27.02
C ARG B 286 25.24 30.08 -25.96
N LEU B 287 25.21 28.80 -26.30
CA LEU B 287 24.85 27.75 -25.36
C LEU B 287 25.89 27.64 -24.25
N ILE B 288 25.43 27.24 -23.08
CA ILE B 288 26.26 27.09 -21.87
C ILE B 288 26.84 28.46 -21.54
N THR B 289 26.07 29.27 -20.81
CA THR B 289 26.60 30.50 -20.25
C THR B 289 27.37 30.19 -18.96
N PHE B 290 28.23 31.12 -18.57
CA PHE B 290 29.03 30.97 -17.37
C PHE B 290 28.97 32.25 -16.53
N ARG B 291 29.15 32.09 -15.23
CA ARG B 291 29.12 33.21 -14.30
C ARG B 291 30.29 34.15 -14.57
N ARG B 346 43.95 36.10 -19.48
CA ARG B 346 43.64 35.37 -20.70
C ARG B 346 42.23 34.77 -20.62
N ARG B 347 41.26 35.45 -21.22
CA ARG B 347 39.87 35.06 -21.09
C ARG B 347 39.62 33.67 -21.65
N CYS B 348 40.21 33.36 -22.81
CA CYS B 348 40.05 32.02 -23.38
C CYS B 348 40.67 30.98 -22.46
N LEU B 349 41.87 31.26 -21.96
CA LEU B 349 42.55 30.33 -21.06
C LEU B 349 41.81 30.17 -19.74
N ARG B 350 41.28 31.29 -19.21
CA ARG B 350 40.49 31.21 -17.98
C ARG B 350 39.24 30.36 -18.18
N ARG B 351 38.56 30.54 -19.32
CA ARG B 351 37.38 29.74 -19.61
C ARG B 351 37.74 28.27 -19.77
N TRP B 352 38.88 27.99 -20.41
CA TRP B 352 39.34 26.61 -20.57
C TRP B 352 39.56 25.94 -19.23
N PHE B 353 40.28 26.62 -18.33
CA PHE B 353 40.52 26.03 -17.00
C PHE B 353 39.23 25.93 -16.19
N HIS B 354 38.34 26.91 -16.30
CA HIS B 354 37.07 26.79 -15.58
C HIS B 354 36.28 25.58 -16.08
N PHE B 355 36.21 25.40 -17.40
CA PHE B 355 35.48 24.27 -17.96
C PHE B 355 36.10 22.94 -17.51
N TRP B 356 37.43 22.82 -17.56
CA TRP B 356 38.07 21.56 -17.26
C TRP B 356 38.41 21.40 -15.78
N GLY B 357 38.03 22.36 -14.94
CA GLY B 357 38.16 22.20 -13.51
C GLY B 357 36.83 22.18 -12.79
N ALA B 358 35.75 22.44 -13.52
CA ALA B 358 34.43 22.29 -12.93
C ALA B 358 34.21 20.86 -12.47
N PRO B 359 33.79 20.64 -11.21
CA PRO B 359 33.63 19.27 -10.72
C PRO B 359 32.66 18.43 -11.55
N VAL B 360 31.61 19.02 -12.11
CA VAL B 360 30.71 18.24 -12.96
C VAL B 360 31.43 17.76 -14.21
N THR B 361 32.27 18.62 -14.79
CA THR B 361 33.04 18.22 -15.96
C THR B 361 34.07 17.14 -15.59
N ILE B 362 34.66 17.26 -14.40
CA ILE B 362 35.55 16.21 -13.93
C ILE B 362 34.81 14.89 -13.81
N PHE B 363 33.58 14.95 -13.29
CA PHE B 363 32.78 13.74 -13.17
C PHE B 363 32.47 13.13 -14.53
N MET B 364 32.12 13.97 -15.51
CA MET B 364 31.83 13.45 -16.85
C MET B 364 33.08 12.84 -17.47
N GLY B 365 34.23 13.49 -17.32
CA GLY B 365 35.46 12.90 -17.81
C GLY B 365 35.76 11.57 -17.16
N ASN B 366 35.55 11.47 -15.85
CA ASN B 366 35.76 10.20 -15.18
C ASN B 366 34.80 9.13 -15.68
N VAL B 367 33.54 9.48 -15.91
CA VAL B 367 32.57 8.51 -16.41
C VAL B 367 32.97 8.03 -17.79
N VAL B 368 33.35 8.94 -18.68
CA VAL B 368 33.71 8.51 -20.03
C VAL B 368 34.99 7.68 -20.01
N SER B 369 35.95 8.04 -19.15
CA SER B 369 37.17 7.26 -19.02
C SER B 369 36.88 5.87 -18.49
N TYR B 370 35.97 5.75 -17.53
CA TYR B 370 35.64 4.46 -16.97
C TYR B 370 34.89 3.60 -17.98
N LEU B 371 34.01 4.21 -18.77
CA LEU B 371 33.34 3.45 -19.84
C LEU B 371 34.35 2.95 -20.86
N LEU B 372 35.32 3.80 -21.25
CA LEU B 372 36.36 3.35 -22.17
C LEU B 372 37.18 2.23 -21.54
N PHE B 373 37.48 2.33 -20.25
CA PHE B 373 38.24 1.29 -19.56
C PHE B 373 37.49 -0.04 -19.59
N LEU B 374 36.18 -0.01 -19.29
CA LEU B 374 35.40 -1.24 -19.33
C LEU B 374 35.32 -1.80 -20.75
N LEU B 375 35.14 -0.93 -21.75
CA LEU B 375 35.08 -1.40 -23.12
C LEU B 375 36.39 -2.07 -23.52
N LEU B 376 37.52 -1.46 -23.17
CA LEU B 376 38.81 -2.04 -23.53
C LEU B 376 39.07 -3.34 -22.78
N PHE B 377 38.67 -3.40 -21.50
CA PHE B 377 38.84 -4.63 -20.74
C PHE B 377 38.00 -5.76 -21.33
N SER B 378 36.76 -5.45 -21.73
CA SER B 378 35.93 -6.45 -22.38
C SER B 378 36.54 -6.90 -23.71
N ARG B 379 37.05 -5.96 -24.50
CA ARG B 379 37.70 -6.32 -25.75
C ARG B 379 38.87 -7.25 -25.52
N VAL B 380 39.71 -6.93 -24.53
CA VAL B 380 40.86 -7.77 -24.23
C VAL B 380 40.41 -9.15 -23.76
N LEU B 381 39.41 -9.20 -22.87
CA LEU B 381 38.98 -10.47 -22.30
C LEU B 381 38.35 -11.36 -23.36
N LEU B 382 37.67 -10.77 -24.34
CA LEU B 382 36.95 -11.59 -25.31
C LEU B 382 37.77 -11.90 -26.56
N VAL B 383 38.78 -11.10 -26.88
CA VAL B 383 39.55 -11.33 -28.09
C VAL B 383 41.04 -11.52 -27.78
N ASP B 384 41.67 -10.49 -27.24
CA ASP B 384 43.12 -10.46 -27.10
C ASP B 384 43.55 -10.87 -25.70
N PHE B 385 43.34 -12.15 -25.39
CA PHE B 385 43.83 -12.74 -24.15
C PHE B 385 44.41 -14.13 -24.40
N GLN B 386 45.18 -14.26 -25.48
CA GLN B 386 45.79 -15.54 -25.81
C GLN B 386 46.90 -15.87 -24.82
N PRO B 387 47.25 -17.15 -24.68
CA PRO B 387 48.35 -17.51 -23.77
C PRO B 387 49.70 -17.00 -24.21
N ALA B 388 49.79 -16.31 -25.35
CA ALA B 388 51.01 -15.68 -25.80
C ALA B 388 51.40 -14.56 -24.84
N PRO B 389 52.67 -14.14 -24.84
CA PRO B 389 53.05 -13.05 -23.95
C PRO B 389 52.26 -11.80 -24.26
N PRO B 390 52.03 -10.95 -23.25
CA PRO B 390 51.08 -9.85 -23.42
C PRO B 390 51.48 -8.91 -24.55
N GLY B 391 50.47 -8.46 -25.30
CA GLY B 391 50.68 -7.55 -26.40
C GLY B 391 50.56 -6.09 -25.96
N SER B 392 50.59 -5.21 -26.97
CA SER B 392 50.51 -3.77 -26.70
C SER B 392 49.21 -3.41 -25.99
N LEU B 393 48.10 -4.02 -26.41
CA LEU B 393 46.82 -3.72 -25.79
C LEU B 393 46.81 -4.17 -24.33
N GLU B 394 47.39 -5.34 -24.04
CA GLU B 394 47.51 -5.80 -22.66
C GLU B 394 48.38 -4.85 -21.84
N LEU B 395 49.49 -4.38 -22.41
CA LEU B 395 50.33 -3.45 -21.67
C LEU B 395 49.60 -2.14 -21.38
N LEU B 396 48.83 -1.65 -22.35
CA LEU B 396 48.08 -0.41 -22.13
C LEU B 396 47.01 -0.61 -21.05
N LEU B 397 46.34 -1.76 -21.06
CA LEU B 397 45.35 -2.04 -20.03
C LEU B 397 46.01 -2.16 -18.66
N TYR B 398 47.18 -2.78 -18.60
CA TYR B 398 47.94 -2.82 -17.35
C TYR B 398 48.30 -1.42 -16.88
N PHE B 399 48.63 -0.54 -17.83
CA PHE B 399 48.96 0.83 -17.49
C PHE B 399 47.76 1.55 -16.87
N TRP B 400 46.57 1.39 -17.47
CA TRP B 400 45.39 1.98 -16.86
C TRP B 400 45.11 1.40 -15.49
N ALA B 401 45.27 0.09 -15.33
CA ALA B 401 45.00 -0.52 -14.03
C ALA B 401 45.96 0.00 -12.96
N PHE B 402 47.25 0.10 -13.29
CA PHE B 402 48.21 0.63 -12.33
C PHE B 402 47.93 2.09 -12.03
N THR B 403 47.50 2.85 -13.03
CA THR B 403 47.14 4.25 -12.80
C THR B 403 45.95 4.36 -11.86
N LEU B 404 44.94 3.50 -12.05
CA LEU B 404 43.79 3.48 -11.14
C LEU B 404 44.21 3.11 -9.73
N LEU B 405 45.13 2.16 -9.61
CA LEU B 405 45.62 1.77 -8.28
C LEU B 405 46.33 2.94 -7.60
N CYS B 406 47.18 3.65 -8.35
CA CYS B 406 47.84 4.83 -7.79
C CYS B 406 46.82 5.89 -7.39
N GLU B 407 45.80 6.09 -8.24
CA GLU B 407 44.74 7.05 -7.92
C GLU B 407 44.05 6.72 -6.62
N GLU B 408 43.65 5.45 -6.46
CA GLU B 408 42.92 5.06 -5.26
C GLU B 408 43.82 5.12 -4.03
N LEU B 409 45.09 4.74 -4.18
CA LEU B 409 46.01 4.84 -3.05
C LEU B 409 46.20 6.28 -2.61
N ARG B 410 46.38 7.20 -3.57
CA ARG B 410 46.54 8.60 -3.21
C ARG B 410 45.26 9.16 -2.59
N GLN B 411 44.10 8.76 -3.12
CA GLN B 411 42.84 9.23 -2.55
C GLN B 411 42.69 8.76 -1.11
N GLY B 412 43.03 7.50 -0.84
CA GLY B 412 42.96 7.01 0.53
C GLY B 412 43.97 7.70 1.44
N LEU B 413 45.17 7.96 0.92
CA LEU B 413 46.21 8.61 1.72
C LEU B 413 45.83 10.05 2.06
N SER B 414 45.21 10.76 1.11
CA SER B 414 44.87 12.16 1.33
C SER B 414 43.58 12.30 2.14
N GLY B 415 42.48 11.76 1.62
CA GLY B 415 41.20 11.87 2.30
C GLY B 415 41.11 11.02 3.55
N SER B 431 49.15 9.91 11.73
CA SER B 431 47.98 10.20 10.91
C SER B 431 47.89 9.23 9.74
N LEU B 432 49.01 8.59 9.41
CA LEU B 432 49.04 7.65 8.29
C LEU B 432 48.12 6.46 8.57
N SER B 433 48.29 5.82 9.73
CA SER B 433 47.47 4.66 10.07
C SER B 433 46.04 5.06 10.38
N GLN B 434 45.84 6.23 11.00
CA GLN B 434 44.49 6.71 11.26
C GLN B 434 43.74 6.92 9.95
N ARG B 435 44.41 7.45 8.94
CA ARG B 435 43.77 7.67 7.65
C ARG B 435 43.37 6.36 6.99
N LEU B 436 44.19 5.31 7.10
CA LEU B 436 43.81 4.04 6.48
C LEU B 436 42.67 3.38 7.26
N ARG B 437 42.65 3.53 8.58
CA ARG B 437 41.49 3.05 9.34
C ARG B 437 40.22 3.82 8.96
N LEU B 438 40.36 5.11 8.66
CA LEU B 438 39.21 5.86 8.14
C LEU B 438 38.81 5.35 6.76
N TYR B 439 39.80 4.97 5.94
CA TYR B 439 39.53 4.59 4.57
C TYR B 439 38.92 3.20 4.46
N LEU B 440 39.18 2.31 5.43
CA LEU B 440 38.62 0.97 5.34
C LEU B 440 37.10 0.99 5.42
N ALA B 441 36.51 2.09 5.87
CA ALA B 441 35.07 2.31 5.80
C ALA B 441 34.72 2.76 4.39
N ASP B 442 33.50 3.27 4.19
CA ASP B 442 33.04 3.72 2.88
C ASP B 442 33.09 2.57 1.87
N SER B 443 32.18 1.62 2.08
CA SER B 443 32.17 0.32 1.40
C SER B 443 32.43 0.39 -0.09
N TRP B 444 32.12 1.52 -0.73
CA TRP B 444 32.45 1.66 -2.15
C TRP B 444 33.97 1.61 -2.37
N ASN B 445 34.73 2.26 -1.49
CA ASN B 445 36.17 2.16 -1.56
C ASN B 445 36.64 0.74 -1.29
N GLN B 446 35.95 0.00 -0.41
CA GLN B 446 36.28 -1.40 -0.19
C GLN B 446 36.06 -2.22 -1.46
N CYS B 447 34.95 -1.95 -2.16
CA CYS B 447 34.69 -2.65 -3.42
C CYS B 447 35.77 -2.34 -4.46
N ASP B 448 36.17 -1.07 -4.56
CA ASP B 448 37.24 -0.72 -5.49
C ASP B 448 38.54 -1.41 -5.10
N LEU B 449 38.85 -1.46 -3.80
CA LEU B 449 40.09 -2.09 -3.35
C LEU B 449 40.10 -3.58 -3.67
N VAL B 450 38.98 -4.27 -3.41
CA VAL B 450 38.96 -5.71 -3.69
C VAL B 450 39.01 -5.97 -5.18
N ALA B 451 38.38 -5.11 -5.98
CA ALA B 451 38.49 -5.24 -7.43
C ALA B 451 39.93 -5.08 -7.88
N LEU B 452 40.66 -4.12 -7.30
CA LEU B 452 42.03 -3.89 -7.71
C LEU B 452 42.95 -5.02 -7.28
N THR B 453 42.72 -5.57 -6.08
CA THR B 453 43.49 -6.73 -5.66
C THR B 453 43.22 -7.94 -6.56
N CYS B 454 41.96 -8.14 -6.95
CA CYS B 454 41.66 -9.19 -7.91
C CYS B 454 42.36 -8.94 -9.24
N PHE B 455 42.45 -7.68 -9.66
CA PHE B 455 43.17 -7.38 -10.89
C PHE B 455 44.64 -7.73 -10.77
N LEU B 456 45.26 -7.38 -9.64
CA LEU B 456 46.67 -7.70 -9.44
C LEU B 456 46.89 -9.21 -9.45
N LEU B 457 46.02 -9.96 -8.79
CA LEU B 457 46.13 -11.41 -8.79
C LEU B 457 45.96 -11.97 -10.20
N GLY B 458 45.01 -11.42 -10.96
CA GLY B 458 44.81 -11.88 -12.32
C GLY B 458 46.00 -11.59 -13.21
N VAL B 459 46.61 -10.41 -13.06
CA VAL B 459 47.81 -10.09 -13.83
C VAL B 459 48.94 -11.05 -13.48
N GLY B 460 49.12 -11.33 -12.18
CA GLY B 460 50.15 -12.26 -11.78
C GLY B 460 49.94 -13.65 -12.37
N CYS B 461 48.69 -14.13 -12.32
CA CYS B 461 48.40 -15.46 -12.85
C CYS B 461 48.52 -15.51 -14.36
N ARG B 462 48.16 -14.42 -15.04
CA ARG B 462 48.33 -14.34 -16.49
C ARG B 462 49.80 -14.36 -16.87
N LEU B 463 50.64 -13.63 -16.12
CA LEU B 463 52.06 -13.59 -16.42
C LEU B 463 52.72 -14.93 -16.13
N THR B 464 52.38 -15.56 -15.02
CA THR B 464 52.98 -16.86 -14.71
C THR B 464 52.49 -17.91 -15.70
N PRO B 465 53.33 -18.89 -16.06
CA PRO B 465 52.93 -19.82 -17.12
C PRO B 465 51.78 -20.73 -16.75
N GLY B 466 51.84 -21.37 -15.58
CA GLY B 466 50.90 -22.42 -15.26
C GLY B 466 49.46 -21.95 -15.09
N LEU B 467 49.26 -20.77 -14.52
CA LEU B 467 47.94 -20.34 -14.06
C LEU B 467 47.23 -19.43 -15.05
N TYR B 468 47.39 -19.66 -16.34
CA TYR B 468 46.76 -18.81 -17.34
C TYR B 468 45.23 -18.91 -17.26
N HIS B 469 44.70 -20.12 -17.13
CA HIS B 469 43.26 -20.30 -17.07
C HIS B 469 42.68 -19.67 -15.80
N LEU B 470 43.35 -19.87 -14.67
CA LEU B 470 42.89 -19.25 -13.43
C LEU B 470 42.95 -17.73 -13.53
N GLY B 471 43.98 -17.20 -14.17
CA GLY B 471 44.05 -15.76 -14.38
C GLY B 471 42.89 -15.25 -15.20
N ARG B 472 42.56 -15.96 -16.28
CA ARG B 472 41.43 -15.52 -17.11
C ARG B 472 40.13 -15.55 -16.33
N THR B 473 39.91 -16.62 -15.55
CA THR B 473 38.68 -16.71 -14.76
C THR B 473 38.59 -15.58 -13.74
N VAL B 474 39.68 -15.32 -13.01
CA VAL B 474 39.62 -14.29 -11.97
C VAL B 474 39.48 -12.91 -12.60
N LEU B 475 40.03 -12.72 -13.81
CA LEU B 475 39.83 -11.44 -14.47
C LEU B 475 38.40 -11.27 -14.96
N CYS B 476 37.74 -12.36 -15.36
CA CYS B 476 36.32 -12.27 -15.66
C CYS B 476 35.52 -11.84 -14.42
N ILE B 477 35.83 -12.44 -13.28
CA ILE B 477 35.17 -12.05 -12.03
C ILE B 477 35.45 -10.58 -11.73
N ASP B 478 36.68 -10.14 -11.97
CA ASP B 478 37.03 -8.76 -11.72
C ASP B 478 36.26 -7.81 -12.63
N PHE B 479 36.02 -8.22 -13.86
CA PHE B 479 35.18 -7.41 -14.74
C PHE B 479 33.79 -7.25 -14.14
N MET B 480 33.23 -8.33 -13.60
CA MET B 480 31.94 -8.21 -12.93
C MET B 480 32.00 -7.19 -11.79
N VAL B 481 33.08 -7.24 -11.00
CA VAL B 481 33.19 -6.32 -9.88
C VAL B 481 33.30 -4.87 -10.36
N PHE B 482 34.06 -4.64 -11.43
CA PHE B 482 34.20 -3.30 -11.97
C PHE B 482 32.86 -2.78 -12.51
N THR B 483 32.11 -3.65 -13.18
CA THR B 483 30.79 -3.23 -13.66
C THR B 483 29.88 -2.90 -12.50
N VAL B 484 30.00 -3.63 -11.39
CA VAL B 484 29.24 -3.29 -10.19
C VAL B 484 29.63 -1.90 -9.68
N ARG B 485 30.93 -1.60 -9.66
CA ARG B 485 31.39 -0.29 -9.21
C ARG B 485 30.89 0.83 -10.12
N LEU B 486 30.68 0.54 -11.40
CA LEU B 486 30.10 1.53 -12.30
C LEU B 486 28.77 2.05 -11.79
N LEU B 487 28.01 1.19 -11.10
CA LEU B 487 26.75 1.61 -10.50
C LEU B 487 26.95 2.75 -9.51
N HIS B 488 27.88 2.56 -8.57
CA HIS B 488 28.19 3.61 -7.60
C HIS B 488 28.72 4.86 -8.30
N ILE B 489 29.47 4.68 -9.38
CA ILE B 489 29.92 5.83 -10.17
C ILE B 489 28.73 6.57 -10.77
N PHE B 490 27.63 5.87 -11.04
CA PHE B 490 26.45 6.49 -11.63
C PHE B 490 25.31 6.56 -10.62
N THR B 491 25.61 6.93 -9.38
CA THR B 491 24.57 7.14 -8.37
C THR B 491 24.19 8.60 -8.22
N VAL B 492 24.78 9.50 -9.00
CA VAL B 492 24.58 10.93 -8.80
C VAL B 492 23.21 11.36 -9.29
N ASN B 493 22.64 10.60 -10.23
CA ASN B 493 21.40 11.03 -10.89
C ASN B 493 20.30 11.28 -9.86
N LYS B 494 19.61 12.41 -10.03
CA LYS B 494 18.66 12.88 -9.04
C LYS B 494 17.49 11.91 -8.87
N GLN B 495 17.12 11.22 -9.95
CA GLN B 495 15.98 10.32 -9.92
C GLN B 495 16.37 8.87 -9.62
N LEU B 496 17.65 8.58 -9.39
CA LEU B 496 18.12 7.21 -9.27
C LEU B 496 18.78 6.90 -7.94
N GLY B 497 19.43 7.87 -7.30
CA GLY B 497 20.16 7.64 -6.08
C GLY B 497 19.32 7.09 -4.92
N PRO B 498 18.15 7.69 -4.68
CA PRO B 498 17.25 7.08 -3.69
C PRO B 498 16.89 5.65 -4.01
N LYS B 499 16.69 5.33 -5.29
CA LYS B 499 16.36 3.96 -5.65
C LYS B 499 17.54 3.02 -5.43
N ILE B 500 18.75 3.51 -5.67
CA ILE B 500 19.95 2.69 -5.42
C ILE B 500 20.09 2.41 -3.94
N VAL B 501 19.89 3.41 -3.09
CA VAL B 501 20.00 3.14 -1.66
C VAL B 501 18.84 2.27 -1.20
N ILE B 502 17.69 2.35 -1.87
CA ILE B 502 16.59 1.43 -1.58
C ILE B 502 17.01 -0.01 -1.85
N VAL B 503 17.53 -0.28 -3.04
CA VAL B 503 17.90 -1.65 -3.38
C VAL B 503 19.02 -2.15 -2.49
N SER B 504 19.84 -1.22 -1.98
CA SER B 504 20.80 -1.60 -0.94
C SER B 504 20.09 -2.04 0.34
N LYS B 505 18.99 -1.37 0.69
CA LYS B 505 18.26 -1.70 1.91
C LYS B 505 17.45 -2.99 1.78
N MET B 506 17.20 -3.46 0.56
CA MET B 506 16.31 -4.60 0.32
C MET B 506 17.00 -5.95 0.52
N MET B 507 18.29 -5.91 0.89
CA MET B 507 19.07 -7.13 1.01
C MET B 507 18.56 -8.04 2.12
N LYS B 508 18.04 -7.48 3.20
CA LYS B 508 17.52 -8.33 4.28
C LYS B 508 16.35 -9.18 3.80
N ASP B 509 15.45 -8.58 3.02
CA ASP B 509 14.32 -9.34 2.49
C ASP B 509 14.77 -10.40 1.50
N VAL B 510 15.64 -10.02 0.56
CA VAL B 510 16.11 -11.03 -0.41
C VAL B 510 16.89 -12.13 0.30
N PHE B 511 17.49 -11.79 1.45
CA PHE B 511 18.35 -12.73 2.18
C PHE B 511 17.52 -13.73 2.97
N PHE B 512 16.42 -13.26 3.58
CA PHE B 512 15.44 -14.19 4.15
C PHE B 512 14.85 -15.10 3.08
N PHE B 513 14.52 -14.53 1.92
CA PHE B 513 14.00 -15.35 0.83
C PHE B 513 15.02 -16.41 0.42
N LEU B 514 16.30 -16.05 0.42
CA LEU B 514 17.34 -17.02 0.11
C LEU B 514 17.34 -18.17 1.11
N PHE B 515 17.22 -17.86 2.41
CA PHE B 515 17.10 -18.94 3.40
C PHE B 515 15.92 -19.85 3.10
N PHE B 516 14.74 -19.26 2.91
CA PHE B 516 13.54 -20.10 2.76
C PHE B 516 13.64 -20.95 1.50
N LEU B 517 14.12 -20.36 0.41
CA LEU B 517 14.27 -21.10 -0.84
C LEU B 517 15.29 -22.22 -0.69
N GLY B 518 16.40 -21.96 0.02
CA GLY B 518 17.37 -23.01 0.25
C GLY B 518 16.78 -24.18 1.02
N VAL B 519 16.02 -23.88 2.08
CA VAL B 519 15.42 -24.94 2.89
C VAL B 519 14.48 -25.79 2.04
N TRP B 520 13.57 -25.12 1.31
CA TRP B 520 12.59 -25.87 0.53
C TRP B 520 13.27 -26.64 -0.60
N LEU B 521 14.32 -26.06 -1.20
CA LEU B 521 15.05 -26.75 -2.25
C LEU B 521 15.72 -28.01 -1.71
N VAL B 522 16.34 -27.92 -0.54
CA VAL B 522 16.94 -29.11 0.06
C VAL B 522 15.89 -30.19 0.27
N ALA B 523 14.75 -29.80 0.85
CA ALA B 523 13.70 -30.78 1.14
C ALA B 523 13.23 -31.48 -0.13
N TYR B 524 12.82 -30.68 -1.14
CA TYR B 524 12.24 -31.27 -2.34
C TYR B 524 13.29 -32.05 -3.13
N GLY B 525 14.51 -31.52 -3.23
CA GLY B 525 15.54 -32.21 -3.98
C GLY B 525 15.91 -33.55 -3.37
N VAL B 526 16.08 -33.59 -2.04
CA VAL B 526 16.41 -34.87 -1.42
C VAL B 526 15.24 -35.82 -1.53
N ALA B 527 14.00 -35.31 -1.42
CA ALA B 527 12.84 -36.18 -1.56
C ALA B 527 12.81 -36.85 -2.93
N THR B 528 12.99 -36.06 -4.00
CA THR B 528 12.95 -36.64 -5.34
C THR B 528 14.16 -37.53 -5.59
N GLU B 529 15.33 -37.17 -5.07
CA GLU B 529 16.53 -37.96 -5.26
C GLU B 529 16.44 -39.29 -4.52
N GLY B 530 15.62 -39.35 -3.47
CA GLY B 530 15.40 -40.60 -2.78
C GLY B 530 14.32 -41.43 -3.44
N LEU B 531 13.27 -40.77 -3.93
CA LEU B 531 12.18 -41.49 -4.57
C LEU B 531 12.65 -42.15 -5.87
N LEU B 532 13.40 -41.43 -6.69
CA LEU B 532 13.99 -41.99 -7.89
C LEU B 532 15.49 -42.13 -7.70
N ARG B 533 16.03 -43.29 -8.05
CA ARG B 533 17.42 -43.62 -7.73
C ARG B 533 18.25 -43.84 -8.99
N PRO B 534 18.81 -42.77 -9.56
CA PRO B 534 19.66 -42.94 -10.74
C PRO B 534 20.89 -43.77 -10.42
N ARG B 535 21.34 -44.54 -11.42
CA ARG B 535 22.49 -45.41 -11.23
C ARG B 535 23.78 -44.60 -11.05
N ASP B 536 23.93 -43.52 -11.82
CA ASP B 536 25.12 -42.67 -11.74
C ASP B 536 25.06 -41.84 -10.47
N SER B 537 25.52 -42.44 -9.38
CA SER B 537 25.46 -41.83 -8.05
C SER B 537 26.74 -41.09 -7.71
N ASP B 538 27.43 -40.55 -8.70
CA ASP B 538 28.60 -39.73 -8.44
C ASP B 538 28.18 -38.48 -7.67
N PHE B 539 29.06 -38.02 -6.78
CA PHE B 539 28.74 -36.88 -5.91
C PHE B 539 28.37 -35.62 -6.67
N PRO B 540 29.11 -35.18 -7.70
CA PRO B 540 28.66 -34.00 -8.45
C PRO B 540 27.30 -34.18 -9.09
N SER B 541 27.00 -35.37 -9.62
CA SER B 541 25.69 -35.61 -10.21
C SER B 541 24.59 -35.56 -9.18
N ILE B 542 24.82 -36.15 -8.01
CA ILE B 542 23.83 -36.13 -6.94
C ILE B 542 23.58 -34.70 -6.49
N LEU B 543 24.65 -33.93 -6.28
CA LEU B 543 24.49 -32.53 -5.89
C LEU B 543 23.77 -31.72 -6.95
N ARG B 544 24.08 -31.95 -8.23
CA ARG B 544 23.38 -31.27 -9.30
C ARG B 544 21.89 -31.57 -9.26
N ARG B 545 21.54 -32.86 -9.23
CA ARG B 545 20.13 -33.24 -9.23
C ARG B 545 19.39 -32.79 -7.97
N VAL B 546 20.11 -32.59 -6.86
CA VAL B 546 19.41 -32.22 -5.63
C VAL B 546 19.31 -30.70 -5.46
N PHE B 547 20.20 -29.92 -6.07
CA PHE B 547 20.17 -28.47 -5.89
C PHE B 547 19.88 -27.71 -7.18
N TYR B 548 20.63 -27.97 -8.25
CA TYR B 548 20.59 -27.10 -9.41
C TYR B 548 19.28 -27.26 -10.18
N ARG B 549 18.94 -28.49 -10.55
CA ARG B 549 17.71 -28.73 -11.31
C ARG B 549 16.47 -28.28 -10.58
N PRO B 550 16.24 -28.61 -9.30
CA PRO B 550 15.09 -28.04 -8.60
C PRO B 550 15.10 -26.53 -8.56
N TYR B 551 16.28 -25.91 -8.45
CA TYR B 551 16.35 -24.45 -8.51
C TYR B 551 15.89 -23.95 -9.87
N LEU B 552 16.31 -24.61 -10.94
CA LEU B 552 15.93 -24.17 -12.27
C LEU B 552 14.46 -24.44 -12.57
N GLN B 553 13.82 -25.34 -11.81
CA GLN B 553 12.39 -25.55 -11.99
C GLN B 553 11.58 -24.28 -11.73
N ILE B 554 12.12 -23.34 -10.95
CA ILE B 554 11.38 -22.13 -10.64
C ILE B 554 11.20 -21.26 -11.87
N PHE B 555 12.20 -21.21 -12.74
CA PHE B 555 12.23 -20.27 -13.86
C PHE B 555 11.88 -20.93 -15.18
N GLY B 556 10.93 -21.87 -15.16
CA GLY B 556 10.39 -22.42 -16.38
C GLY B 556 11.16 -23.55 -17.01
N GLN B 557 12.14 -24.12 -16.32
CA GLN B 557 12.89 -25.27 -16.83
C GLN B 557 12.43 -26.51 -16.06
N ILE B 558 11.47 -27.22 -16.64
CA ILE B 558 10.86 -28.38 -16.00
C ILE B 558 11.17 -29.61 -16.85
N PRO B 559 12.13 -30.44 -16.44
CA PRO B 559 12.45 -31.65 -17.20
C PRO B 559 11.47 -32.79 -16.93
N GLN B 560 10.27 -32.64 -17.51
CA GLN B 560 9.25 -33.69 -17.40
C GLN B 560 9.73 -35.00 -17.99
N GLU B 561 10.35 -34.93 -19.17
CA GLU B 561 10.87 -36.14 -19.79
C GLU B 561 12.01 -36.75 -18.99
N ASP B 562 12.56 -35.99 -18.04
CA ASP B 562 13.64 -36.52 -17.21
C ASP B 562 13.13 -37.11 -15.90
N MET B 563 12.05 -36.59 -15.34
CA MET B 563 11.59 -37.09 -14.05
C MET B 563 10.15 -37.60 -14.04
N ASP B 564 9.56 -37.95 -15.17
CA ASP B 564 8.28 -38.65 -15.18
C ASP B 564 8.38 -39.89 -16.05
N VAL B 565 7.86 -41.02 -15.56
CA VAL B 565 8.08 -42.30 -16.23
C VAL B 565 7.20 -42.42 -17.47
N ALA B 566 6.00 -41.84 -17.43
CA ALA B 566 5.09 -41.98 -18.56
C ALA B 566 5.64 -41.35 -19.82
N LEU B 567 6.65 -40.49 -19.69
CA LEU B 567 7.32 -39.88 -20.82
C LEU B 567 8.63 -40.58 -21.18
N MET B 568 8.95 -41.69 -20.53
CA MET B 568 10.21 -42.38 -20.75
C MET B 568 9.98 -43.81 -21.22
N GLU B 569 10.90 -44.30 -22.03
CA GLU B 569 10.84 -45.66 -22.54
C GLU B 569 11.28 -46.65 -21.48
N HIS B 570 10.52 -47.73 -21.31
CA HIS B 570 10.79 -48.70 -20.26
C HIS B 570 11.87 -49.69 -20.66
N SER B 571 12.73 -50.02 -19.72
CA SER B 571 13.82 -50.96 -19.94
C SER B 571 14.25 -51.56 -18.61
N ASN B 572 14.99 -52.66 -18.68
CA ASN B 572 15.48 -53.35 -17.49
C ASN B 572 16.99 -53.13 -17.34
N CYS B 573 17.35 -52.27 -16.39
CA CYS B 573 18.76 -51.93 -16.21
C CYS B 573 19.50 -52.98 -15.41
N SER B 574 19.12 -53.18 -14.14
CA SER B 574 19.96 -53.88 -13.18
C SER B 574 19.21 -55.07 -12.59
N SER B 575 19.97 -55.94 -11.94
CA SER B 575 19.42 -57.12 -11.29
C SER B 575 18.55 -56.76 -10.09
N GLU B 576 18.64 -55.54 -9.57
CA GLU B 576 17.80 -55.14 -8.47
C GLU B 576 16.34 -55.14 -8.89
N PRO B 577 15.45 -55.78 -8.11
CA PRO B 577 14.06 -55.95 -8.55
C PRO B 577 13.32 -54.63 -8.62
N GLY B 578 12.94 -54.24 -9.84
CA GLY B 578 12.18 -53.02 -10.04
C GLY B 578 12.06 -52.71 -11.51
N PHE B 579 11.23 -51.70 -11.79
CA PHE B 579 11.02 -51.20 -13.15
C PHE B 579 11.67 -49.83 -13.24
N TRP B 580 12.45 -49.60 -14.30
CA TRP B 580 13.38 -48.48 -14.31
C TRP B 580 13.09 -47.44 -15.38
N ALA B 581 12.92 -47.84 -16.63
CA ALA B 581 12.53 -46.93 -17.71
C ALA B 581 13.55 -45.80 -17.89
N HIS B 582 14.73 -46.20 -18.37
CA HIS B 582 15.88 -45.36 -18.69
C HIS B 582 15.47 -44.03 -19.35
N PRO B 583 16.00 -42.91 -18.88
CA PRO B 583 15.60 -41.60 -19.42
C PRO B 583 16.40 -41.23 -20.65
N PRO B 584 15.97 -40.23 -21.40
CA PRO B 584 16.78 -39.70 -22.50
C PRO B 584 17.71 -38.56 -22.11
N GLY B 585 17.59 -38.04 -20.89
CA GLY B 585 18.41 -36.92 -20.49
C GLY B 585 19.86 -37.32 -20.29
N ALA B 586 20.76 -36.36 -20.53
CA ALA B 586 22.19 -36.62 -20.40
C ALA B 586 22.64 -36.66 -18.94
N GLN B 587 22.08 -35.80 -18.09
CA GLN B 587 22.48 -35.74 -16.69
C GLN B 587 21.30 -35.98 -15.76
N ALA B 588 20.26 -36.64 -16.26
CA ALA B 588 19.11 -37.02 -15.45
C ALA B 588 19.27 -38.38 -14.80
N GLY B 589 20.41 -39.03 -14.99
CA GLY B 589 20.63 -40.34 -14.44
C GLY B 589 20.68 -41.42 -15.50
N THR B 590 21.39 -42.52 -15.19
CA THR B 590 21.43 -43.65 -16.12
C THR B 590 20.03 -44.25 -16.28
N CYS B 591 19.37 -44.55 -15.17
CA CYS B 591 17.95 -44.91 -15.19
C CYS B 591 17.41 -44.87 -13.77
N VAL B 592 16.28 -44.20 -13.58
CA VAL B 592 15.66 -44.01 -12.28
C VAL B 592 14.79 -45.22 -11.96
N SER B 593 14.33 -45.32 -10.72
CA SER B 593 13.29 -46.28 -10.36
C SER B 593 11.92 -45.67 -10.63
N GLN B 594 10.88 -46.50 -10.58
CA GLN B 594 9.56 -46.00 -10.94
C GLN B 594 8.46 -46.41 -9.96
N TYR B 595 8.82 -46.86 -8.76
CA TYR B 595 7.80 -47.38 -7.85
C TYR B 595 6.81 -46.29 -7.41
N ALA B 596 7.29 -45.06 -7.24
CA ALA B 596 6.47 -44.00 -6.66
C ALA B 596 6.46 -42.73 -7.49
N ASN B 597 6.40 -42.85 -8.82
CA ASN B 597 6.41 -41.65 -9.65
C ASN B 597 5.13 -40.84 -9.52
N TRP B 598 4.02 -41.46 -9.13
CA TRP B 598 2.83 -40.66 -8.85
C TRP B 598 3.12 -39.67 -7.73
N LEU B 599 3.79 -40.11 -6.68
CA LEU B 599 4.11 -39.21 -5.59
C LEU B 599 5.26 -38.29 -5.96
N VAL B 600 6.11 -38.72 -6.89
CA VAL B 600 7.14 -37.81 -7.42
C VAL B 600 6.49 -36.64 -8.14
N VAL B 601 5.50 -36.91 -8.99
CA VAL B 601 4.79 -35.84 -9.69
C VAL B 601 4.02 -34.99 -8.70
N LEU B 602 3.46 -35.61 -7.66
CA LEU B 602 2.80 -34.84 -6.62
C LEU B 602 3.77 -33.90 -5.92
N LEU B 603 4.99 -34.36 -5.65
CA LEU B 603 5.99 -33.50 -5.03
C LEU B 603 6.39 -32.37 -5.97
N LEU B 604 6.50 -32.66 -7.27
CA LEU B 604 6.80 -31.61 -8.23
C LEU B 604 5.70 -30.55 -8.22
N VAL B 605 4.44 -30.99 -8.18
CA VAL B 605 3.33 -30.05 -8.14
C VAL B 605 3.40 -29.20 -6.87
N ILE B 606 3.65 -29.84 -5.73
CA ILE B 606 3.70 -29.11 -4.46
C ILE B 606 4.85 -28.11 -4.47
N PHE B 607 6.01 -28.52 -4.96
CA PHE B 607 7.16 -27.63 -5.01
C PHE B 607 6.89 -26.44 -5.91
N LEU B 608 6.27 -26.68 -7.07
CA LEU B 608 5.95 -25.58 -7.97
C LEU B 608 4.94 -24.64 -7.34
N LEU B 609 3.97 -25.18 -6.60
CA LEU B 609 2.97 -24.34 -5.95
C LEU B 609 3.60 -23.50 -4.84
N VAL B 610 4.54 -24.07 -4.09
CA VAL B 610 5.10 -23.35 -2.96
C VAL B 610 6.13 -22.33 -3.43
N ALA B 611 7.13 -22.77 -4.19
CA ALA B 611 8.24 -21.89 -4.53
C ALA B 611 7.83 -20.83 -5.56
N ASN B 612 7.13 -21.25 -6.61
CA ASN B 612 6.82 -20.32 -7.70
C ASN B 612 5.59 -19.45 -7.41
N ILE B 613 4.81 -19.77 -6.38
CA ILE B 613 3.59 -19.01 -6.09
C ILE B 613 3.65 -18.38 -4.70
N LEU B 614 3.88 -19.19 -3.68
CA LEU B 614 3.90 -18.62 -2.32
C LEU B 614 5.10 -17.70 -2.15
N LEU B 615 6.29 -18.16 -2.53
CA LEU B 615 7.51 -17.42 -2.21
C LEU B 615 7.67 -16.16 -3.03
N VAL B 616 7.50 -16.24 -4.36
CA VAL B 616 7.77 -15.07 -5.19
C VAL B 616 6.77 -13.96 -4.88
N ASN B 617 5.50 -14.31 -4.72
CA ASN B 617 4.47 -13.33 -4.40
C ASN B 617 4.61 -12.80 -2.98
N LEU B 618 5.03 -13.64 -2.04
CA LEU B 618 5.30 -13.15 -0.69
C LEU B 618 6.49 -12.20 -0.68
N LEU B 619 7.50 -12.47 -1.49
CA LEU B 619 8.61 -11.55 -1.65
C LEU B 619 8.15 -10.25 -2.28
N ILE B 620 7.18 -10.32 -3.20
CA ILE B 620 6.53 -9.11 -3.69
C ILE B 620 5.96 -8.30 -2.54
N ALA B 621 5.23 -8.96 -1.65
CA ALA B 621 4.62 -8.25 -0.53
C ALA B 621 5.68 -7.57 0.33
N MET B 622 6.73 -8.30 0.69
CA MET B 622 7.79 -7.71 1.50
C MET B 622 8.49 -6.57 0.77
N PHE B 623 8.75 -6.73 -0.52
CA PHE B 623 9.43 -5.69 -1.28
C PHE B 623 8.61 -4.41 -1.32
N SER B 624 7.31 -4.54 -1.59
CA SER B 624 6.45 -3.36 -1.62
C SER B 624 6.40 -2.68 -0.26
N TYR B 625 6.24 -3.47 0.81
CA TYR B 625 6.15 -2.88 2.14
C TYR B 625 7.45 -2.18 2.52
N THR B 626 8.59 -2.81 2.24
CA THR B 626 9.87 -2.23 2.58
C THR B 626 10.11 -0.94 1.80
N PHE B 627 9.79 -0.93 0.50
CA PHE B 627 9.95 0.28 -0.28
C PHE B 627 9.10 1.40 0.28
N GLY B 628 7.81 1.11 0.53
CA GLY B 628 6.93 2.14 1.05
C GLY B 628 7.39 2.69 2.38
N LYS B 629 7.95 1.82 3.23
CA LYS B 629 8.43 2.29 4.53
C LYS B 629 9.71 3.12 4.40
N VAL B 630 10.60 2.73 3.49
CA VAL B 630 11.98 3.20 3.57
C VAL B 630 12.26 4.40 2.66
N GLN B 631 11.51 4.56 1.57
CA GLN B 631 11.84 5.61 0.59
C GLN B 631 11.93 7.00 1.22
N GLY B 632 11.10 7.27 2.23
CA GLY B 632 11.03 8.61 2.79
C GLY B 632 12.30 9.02 3.52
N ASN B 633 13.04 8.04 4.05
CA ASN B 633 14.35 8.34 4.62
C ASN B 633 15.46 8.10 3.61
N SER B 634 15.22 7.24 2.63
CA SER B 634 16.25 6.96 1.62
C SER B 634 16.58 8.21 0.82
N ASP B 635 15.56 8.99 0.46
CA ASP B 635 15.82 10.21 -0.30
C ASP B 635 16.66 11.21 0.51
N LEU B 636 16.36 11.34 1.81
CA LEU B 636 17.15 12.23 2.66
C LEU B 636 18.59 11.75 2.75
N TYR B 637 18.79 10.44 2.93
CA TYR B 637 20.15 9.90 2.93
C TYR B 637 20.84 10.17 1.60
N TRP B 638 20.08 10.15 0.51
CA TRP B 638 20.66 10.47 -0.79
C TRP B 638 21.11 11.93 -0.85
N LYS B 639 20.38 12.83 -0.19
CA LYS B 639 20.85 14.22 -0.13
C LYS B 639 22.25 14.29 0.49
N ALA B 640 22.44 13.65 1.64
CA ALA B 640 23.76 13.64 2.27
C ALA B 640 24.80 12.97 1.38
N GLN B 641 24.42 11.87 0.74
CA GLN B 641 25.35 11.16 -0.12
C GLN B 641 25.79 12.03 -1.29
N ARG B 642 24.85 12.80 -1.86
CA ARG B 642 25.20 13.66 -2.98
C ARG B 642 26.08 14.81 -2.53
N TYR B 643 25.89 15.31 -1.30
CA TYR B 643 26.83 16.31 -0.79
C TYR B 643 28.24 15.72 -0.69
N ARG B 644 28.35 14.51 -0.14
CA ARG B 644 29.66 13.86 -0.03
C ARG B 644 30.26 13.63 -1.41
N LEU B 645 29.42 13.26 -2.38
CA LEU B 645 29.88 13.06 -3.75
C LEU B 645 30.45 14.35 -4.33
N ILE B 646 29.74 15.47 -4.14
CA ILE B 646 30.23 16.74 -4.64
C ILE B 646 31.58 17.07 -4.01
N ARG B 647 31.69 16.85 -2.69
CA ARG B 647 32.95 17.13 -2.01
C ARG B 647 34.08 16.26 -2.56
N GLU B 648 33.81 14.98 -2.81
CA GLU B 648 34.88 14.07 -3.22
C GLU B 648 35.33 14.36 -4.64
N PHE B 649 34.41 14.69 -5.55
CA PHE B 649 34.86 15.09 -6.88
C PHE B 649 35.50 16.47 -6.90
N HIS B 650 35.14 17.34 -5.96
CA HIS B 650 35.89 18.59 -5.84
C HIS B 650 37.32 18.32 -5.39
N SER B 651 37.50 17.38 -4.47
CA SER B 651 38.84 17.00 -4.03
C SER B 651 39.62 16.26 -5.10
N ARG B 652 38.93 15.55 -6.00
CA ARG B 652 39.61 14.79 -7.04
C ARG B 652 40.32 15.73 -8.02
N PRO B 653 41.50 15.33 -8.52
CA PRO B 653 42.22 16.19 -9.47
C PRO B 653 41.53 16.30 -10.83
N ALA B 654 42.18 17.00 -11.76
CA ALA B 654 41.52 17.40 -13.00
C ALA B 654 41.48 16.29 -14.04
N LEU B 655 42.65 15.82 -14.46
CA LEU B 655 42.74 15.00 -15.66
C LEU B 655 42.10 13.63 -15.44
N ALA B 656 41.71 13.01 -16.55
CA ALA B 656 41.06 11.71 -16.54
C ALA B 656 42.05 10.61 -16.19
N PRO B 657 41.57 9.49 -15.66
CA PRO B 657 42.46 8.41 -15.21
C PRO B 657 43.42 7.94 -16.29
N PRO B 658 43.00 7.84 -17.56
CA PRO B 658 44.00 7.49 -18.59
C PRO B 658 45.14 8.49 -18.67
N PHE B 659 44.88 9.76 -18.40
CA PHE B 659 45.92 10.79 -18.42
C PHE B 659 46.20 11.39 -17.05
N ILE B 660 45.63 10.85 -15.98
CA ILE B 660 45.84 11.39 -14.64
C ILE B 660 47.25 11.11 -14.13
N VAL B 661 48.05 10.36 -14.89
CA VAL B 661 49.46 10.20 -14.55
C VAL B 661 50.15 11.55 -14.58
N ILE B 662 49.72 12.44 -15.48
CA ILE B 662 50.27 13.80 -15.51
C ILE B 662 49.95 14.53 -14.22
N SER B 663 48.72 14.40 -13.72
CA SER B 663 48.37 15.03 -12.45
C SER B 663 49.17 14.43 -11.30
N HIS B 664 49.37 13.10 -11.33
CA HIS B 664 50.15 12.45 -10.28
C HIS B 664 51.58 12.97 -10.27
N LEU B 665 52.20 13.07 -11.45
CA LEU B 665 53.58 13.57 -11.49
C LEU B 665 53.65 15.04 -11.12
N ARG B 666 52.59 15.80 -11.44
CA ARG B 666 52.53 17.20 -11.02
C ARG B 666 52.50 17.30 -9.49
N LEU B 667 51.70 16.44 -8.85
CA LEU B 667 51.60 16.50 -7.40
C LEU B 667 52.88 16.01 -6.72
N LEU B 668 53.49 14.94 -7.24
CA LEU B 668 54.77 14.49 -6.70
C LEU B 668 55.87 15.52 -6.90
N LEU B 669 55.85 16.23 -8.04
CA LEU B 669 56.78 17.34 -8.22
C LEU B 669 56.54 18.43 -7.18
N ARG B 670 55.28 18.74 -6.90
CA ARG B 670 54.97 19.68 -5.82
C ARG B 670 55.48 19.16 -4.48
N GLN B 671 55.40 17.85 -4.26
CA GLN B 671 56.04 17.25 -3.09
C GLN B 671 57.55 17.36 -3.15
N LEU B 672 58.14 17.21 -4.33
CA LEU B 672 59.59 17.36 -4.49
C LEU B 672 60.02 18.81 -4.61
N CYS B 673 59.09 19.72 -4.91
CA CYS B 673 59.43 21.15 -4.98
C CYS B 673 59.58 21.76 -3.59
N ARG B 674 58.83 21.29 -2.61
CA ARG B 674 58.91 21.86 -1.26
C ARG B 674 60.10 21.35 -0.48
N ARG B 675 60.72 20.25 -0.92
CA ARG B 675 61.90 19.73 -0.22
C ARG B 675 63.07 20.70 -0.22
N PRO B 676 63.49 21.29 -1.35
CA PRO B 676 64.55 22.30 -1.30
C PRO B 676 64.10 23.60 -0.64
N ARG B 677 62.79 23.84 -0.52
CA ARG B 677 62.29 25.06 0.09
C ARG B 677 62.42 25.02 1.60
N HIS B 688 35.93 23.34 1.40
CA HIS B 688 37.06 23.42 0.48
C HIS B 688 36.82 24.49 -0.57
N PHE B 689 35.56 24.89 -0.74
CA PHE B 689 35.24 25.94 -1.70
C PHE B 689 35.90 27.26 -1.31
N ARG B 690 35.87 27.58 -0.01
CA ARG B 690 36.62 28.70 0.59
C ARG B 690 36.51 29.98 -0.22
N VAL B 691 35.28 30.30 -0.61
CA VAL B 691 35.02 31.55 -1.32
C VAL B 691 35.28 32.72 -0.37
N TYR B 692 36.07 33.69 -0.83
CA TYR B 692 36.47 34.80 0.01
C TYR B 692 35.29 35.74 0.27
N LEU B 693 35.24 36.27 1.49
CA LEU B 693 34.26 37.27 1.89
C LEU B 693 34.97 38.51 2.40
N SER B 694 34.40 39.68 2.12
CA SER B 694 35.00 40.93 2.52
C SER B 694 34.88 41.12 4.03
N LYS B 695 35.80 41.92 4.59
CA LYS B 695 35.82 42.14 6.04
C LYS B 695 34.57 42.88 6.50
N GLU B 696 34.18 43.94 5.79
CA GLU B 696 32.95 44.65 6.13
C GLU B 696 31.73 43.81 5.75
N ALA B 697 31.86 42.99 4.70
CA ALA B 697 30.77 42.07 4.37
C ALA B 697 30.51 41.09 5.51
N GLU B 698 31.54 40.70 6.26
CA GLU B 698 31.35 39.82 7.40
C GLU B 698 30.44 40.48 8.44
N ARG B 699 30.69 41.74 8.77
CA ARG B 699 29.85 42.45 9.72
C ARG B 699 28.44 42.64 9.19
N LYS B 700 28.31 42.94 7.89
CA LYS B 700 26.98 43.12 7.32
C LYS B 700 26.19 41.81 7.34
N LEU B 701 26.86 40.69 7.08
CA LEU B 701 26.21 39.39 7.19
C LEU B 701 25.81 39.10 8.63
N LEU B 702 26.66 39.43 9.59
CA LEU B 702 26.32 39.21 10.99
C LEU B 702 25.09 40.01 11.39
N THR B 703 25.04 41.28 10.99
CA THR B 703 23.88 42.11 11.31
C THR B 703 22.62 41.59 10.64
N TRP B 704 22.72 41.22 9.37
CA TRP B 704 21.57 40.68 8.64
C TRP B 704 21.06 39.41 9.31
N GLU B 705 21.98 38.51 9.67
CA GLU B 705 21.59 37.26 10.30
C GLU B 705 20.95 37.50 11.65
N SER B 706 21.50 38.42 12.44
CA SER B 706 20.92 38.73 13.74
C SER B 706 19.51 39.30 13.60
N VAL B 707 19.32 40.21 12.64
CA VAL B 707 18.01 40.80 12.43
C VAL B 707 16.99 39.74 12.02
N HIS B 708 17.37 38.88 11.07
CA HIS B 708 16.44 37.85 10.64
C HIS B 708 16.19 36.82 11.74
N LYS B 709 17.19 36.58 12.59
CA LYS B 709 17.00 35.68 13.72
C LYS B 709 15.99 36.24 14.70
N GLU B 710 16.11 37.52 15.07
CA GLU B 710 15.14 38.09 15.99
C GLU B 710 13.76 38.17 15.35
N ASN B 711 13.69 38.39 14.04
CA ASN B 711 12.40 38.33 13.36
C ASN B 711 11.79 36.93 13.46
N PHE B 712 12.60 35.89 13.26
CA PHE B 712 12.07 34.53 13.35
C PHE B 712 11.62 34.21 14.78
N LEU B 713 12.38 34.66 15.78
CA LEU B 713 11.97 34.44 17.16
C LEU B 713 10.67 35.17 17.49
N LEU B 714 10.51 36.41 17.03
CA LEU B 714 9.25 37.10 17.31
C LEU B 714 8.08 36.45 16.58
N ALA B 715 8.32 35.95 15.37
CA ALA B 715 7.27 35.23 14.65
C ALA B 715 6.87 33.95 15.38
N ARG B 716 7.85 33.19 15.88
CA ARG B 716 7.52 31.96 16.60
C ARG B 716 6.86 32.28 17.94
N ALA B 717 7.23 33.39 18.57
CA ALA B 717 6.56 33.81 19.80
C ALA B 717 5.10 34.16 19.53
N ARG B 718 4.83 34.86 18.43
CA ARG B 718 3.45 35.15 18.06
C ARG B 718 2.69 33.87 17.77
N ASP B 719 3.33 32.91 17.09
CA ASP B 719 2.68 31.63 16.84
C ASP B 719 2.34 30.90 18.14
N LYS B 720 3.27 30.89 19.09
CA LYS B 720 3.01 30.26 20.38
C LYS B 720 1.89 30.95 21.12
N ARG B 721 1.85 32.29 21.08
CA ARG B 721 0.77 33.02 21.74
C ARG B 721 -0.57 32.72 21.09
N GLU B 722 -0.60 32.63 19.76
CA GLU B 722 -1.84 32.33 19.04
C GLU B 722 -2.23 30.86 19.16
N SER B 723 -1.31 30.01 19.64
CA SER B 723 -1.66 28.62 19.90
C SER B 723 -2.82 28.52 20.88
N ASP B 724 -3.72 27.57 20.60
CA ASP B 724 -4.94 27.45 21.38
C ASP B 724 -4.65 27.05 22.83
N SER B 725 -3.65 26.19 23.04
CA SER B 725 -3.31 25.79 24.40
C SER B 725 -2.83 26.97 25.23
N GLU B 726 -1.96 27.80 24.67
CA GLU B 726 -1.50 29.00 25.37
C GLU B 726 -2.65 29.99 25.58
N ARG B 727 -3.54 30.11 24.60
CA ARG B 727 -4.69 30.99 24.76
C ARG B 727 -5.59 30.51 25.90
N LEU B 728 -5.80 29.20 25.99
CA LEU B 728 -6.62 28.66 27.07
C LEU B 728 -5.93 28.86 28.41
N LYS B 729 -4.60 28.71 28.45
CA LYS B 729 -3.83 29.09 29.63
C LYS B 729 -4.14 30.52 30.04
N ARG B 730 -4.07 31.45 29.09
CA ARG B 730 -4.26 32.86 29.40
C ARG B 730 -5.67 33.12 29.91
N THR B 731 -6.67 32.49 29.27
CA THR B 731 -8.04 32.64 29.73
C THR B 731 -8.22 32.10 31.14
N SER B 732 -7.59 30.96 31.44
CA SER B 732 -7.68 30.40 32.78
C SER B 732 -7.08 31.33 33.82
N GLN B 733 -5.91 31.90 33.53
CA GLN B 733 -5.32 32.84 34.49
C GLN B 733 -6.16 34.10 34.65
N LYS B 734 -6.71 34.62 33.55
CA LYS B 734 -7.56 35.81 33.65
C LYS B 734 -8.82 35.53 34.46
N VAL B 735 -9.43 34.36 34.26
CA VAL B 735 -10.61 34.00 35.05
C VAL B 735 -10.24 33.85 36.51
N ASP B 736 -9.09 33.23 36.80
CA ASP B 736 -8.66 33.08 38.18
C ASP B 736 -8.43 34.44 38.84
N LEU B 737 -7.80 35.37 38.13
CA LEU B 737 -7.57 36.70 38.69
C LEU B 737 -8.89 37.41 38.92
N ALA B 738 -9.84 37.27 37.99
CA ALA B 738 -11.15 37.86 38.18
C ALA B 738 -11.84 37.30 39.42
N LEU B 739 -11.77 35.98 39.59
CA LEU B 739 -12.36 35.36 40.77
C LEU B 739 -11.70 35.86 42.05
N LYS B 740 -10.37 35.98 42.02
CA LYS B 740 -9.63 36.44 43.20
C LYS B 740 -10.04 37.86 43.58
N GLN B 741 -10.09 38.76 42.59
CA GLN B 741 -10.40 40.16 42.90
C GLN B 741 -11.89 40.34 43.19
N LEU B 742 -12.74 39.42 42.71
CA LEU B 742 -14.14 39.44 43.12
C LEU B 742 -14.29 38.96 44.55
N GLY B 743 -13.46 37.99 44.96
CA GLY B 743 -13.38 37.65 46.37
C GLY B 743 -12.87 38.78 47.22
N HIS B 744 -11.96 39.59 46.69
CA HIS B 744 -11.51 40.79 47.39
C HIS B 744 -12.60 41.84 47.57
N ILE B 745 -13.70 41.75 46.83
CA ILE B 745 -14.86 42.60 47.06
C ILE B 745 -16.07 41.83 47.51
N ARG B 746 -15.90 40.57 47.92
CA ARG B 746 -17.01 39.78 48.46
C ARG B 746 -17.54 40.38 49.77
N GLU B 747 -16.67 41.00 50.56
CA GLU B 747 -17.07 41.50 51.87
C GLU B 747 -18.08 42.63 51.76
N TYR B 748 -18.20 43.25 50.58
CA TYR B 748 -19.14 44.35 50.39
C TYR B 748 -20.58 43.85 50.49
N ARG C 1 -55.05 26.32 28.92
CA ARG C 1 -56.01 25.24 28.72
C ARG C 1 -55.58 24.30 27.60
N SER C 2 -56.44 23.33 27.30
CA SER C 2 -56.10 22.32 26.29
C SER C 2 -56.01 22.94 24.90
N PHE C 3 -57.04 23.69 24.50
CA PHE C 3 -57.14 24.14 23.11
C PHE C 3 -56.04 25.12 22.73
N HIS C 4 -55.58 25.94 23.68
CA HIS C 4 -54.48 26.86 23.38
C HIS C 4 -53.24 26.09 22.95
N LEU C 5 -52.83 25.10 23.74
CA LEU C 5 -51.69 24.26 23.37
C LEU C 5 -51.98 23.43 22.12
N GLU C 6 -53.22 23.00 21.93
CA GLU C 6 -53.58 22.25 20.74
C GLU C 6 -53.32 23.08 19.48
N ALA C 7 -53.85 24.30 19.44
CA ALA C 7 -53.64 25.16 18.28
C ALA C 7 -52.18 25.58 18.15
N SER C 8 -51.50 25.82 19.29
CA SER C 8 -50.09 26.19 19.25
C SER C 8 -49.26 25.08 18.63
N LEU C 9 -49.53 23.82 19.00
CA LEU C 9 -48.79 22.70 18.42
C LEU C 9 -49.22 22.44 16.98
N MET C 10 -50.47 22.76 16.64
CA MET C 10 -50.90 22.66 15.25
C MET C 10 -50.07 23.58 14.38
N ASP C 11 -49.92 24.84 14.79
CA ASP C 11 -49.07 25.77 14.06
C ASP C 11 -47.60 25.36 14.14
N ALA C 12 -47.19 24.78 15.28
CA ALA C 12 -45.82 24.33 15.45
C ALA C 12 -45.48 23.17 14.53
N LEU C 13 -46.48 22.41 14.10
CA LEU C 13 -46.27 21.38 13.09
C LEU C 13 -46.37 21.96 11.69
N LEU C 14 -47.27 22.91 11.47
CA LEU C 14 -47.39 23.55 10.16
C LEU C 14 -46.09 24.23 9.76
N ASN C 15 -45.48 24.96 10.70
CA ASN C 15 -44.15 25.52 10.51
C ASN C 15 -43.11 24.60 11.15
N ASP C 16 -41.84 24.84 10.82
CA ASP C 16 -40.78 23.97 11.33
C ASP C 16 -40.62 24.09 12.84
N ARG C 17 -40.12 25.25 13.31
CA ARG C 17 -39.98 25.67 14.71
C ARG C 17 -39.76 24.50 15.67
N PRO C 18 -38.68 23.72 15.48
CA PRO C 18 -38.50 22.50 16.28
C PRO C 18 -38.34 22.77 17.77
N GLU C 19 -37.71 23.88 18.14
CA GLU C 19 -37.59 24.23 19.55
C GLU C 19 -38.95 24.47 20.17
N PHE C 20 -39.82 25.19 19.46
CA PHE C 20 -41.18 25.42 19.94
C PHE C 20 -41.92 24.10 20.09
N VAL C 21 -41.77 23.21 19.11
CA VAL C 21 -42.42 21.90 19.20
C VAL C 21 -41.94 21.15 20.44
N ARG C 22 -40.61 21.07 20.62
CA ARG C 22 -40.07 20.28 21.71
C ARG C 22 -40.49 20.85 23.06
N LEU C 23 -40.52 22.18 23.19
CA LEU C 23 -40.96 22.77 24.45
C LEU C 23 -42.45 22.52 24.70
N LEU C 24 -43.26 22.59 23.64
CA LEU C 24 -44.69 22.34 23.80
C LEU C 24 -44.96 20.93 24.32
N ILE C 25 -44.36 19.91 23.69
CA ILE C 25 -44.58 18.56 24.19
C ILE C 25 -43.88 18.35 25.54
N SER C 26 -42.74 19.02 25.77
CA SER C 26 -42.07 18.89 27.06
C SER C 26 -42.94 19.42 28.19
N HIS C 27 -43.83 20.36 27.89
CA HIS C 27 -44.82 20.76 28.88
C HIS C 27 -45.74 19.60 29.24
N GLY C 28 -46.13 18.79 28.25
CA GLY C 28 -47.00 17.66 28.50
C GLY C 28 -48.37 17.80 27.86
N LEU C 29 -48.65 16.95 26.87
CA LEU C 29 -49.91 16.97 26.16
C LEU C 29 -50.60 15.61 26.31
N SER C 30 -51.77 15.49 25.69
CA SER C 30 -52.55 14.25 25.81
C SER C 30 -52.05 13.19 24.83
N LEU C 31 -51.87 13.57 23.56
CA LEU C 31 -51.49 12.70 22.46
C LEU C 31 -52.50 11.61 22.16
N GLY C 32 -53.68 11.65 22.78
CA GLY C 32 -54.74 10.71 22.46
C GLY C 32 -55.87 11.36 21.69
N HIS C 33 -56.15 12.62 22.02
CA HIS C 33 -57.16 13.40 21.32
C HIS C 33 -56.57 14.45 20.41
N PHE C 34 -55.25 14.61 20.39
CA PHE C 34 -54.55 15.52 19.49
C PHE C 34 -54.35 14.93 18.11
N LEU C 35 -54.69 13.65 17.91
CA LEU C 35 -54.38 12.92 16.69
C LEU C 35 -55.64 12.49 15.94
N THR C 36 -56.62 13.40 15.85
CA THR C 36 -57.84 13.07 15.16
C THR C 36 -57.65 13.14 13.64
N PRO C 37 -58.47 12.41 12.88
CA PRO C 37 -58.29 12.39 11.42
C PRO C 37 -58.43 13.76 10.76
N MET C 38 -59.26 14.66 11.31
CA MET C 38 -59.40 15.97 10.68
C MET C 38 -58.14 16.82 10.91
N ARG C 39 -57.55 16.72 12.11
CA ARG C 39 -56.24 17.35 12.32
C ARG C 39 -55.20 16.76 11.38
N LEU C 40 -55.22 15.44 11.20
CA LEU C 40 -54.29 14.81 10.25
C LEU C 40 -54.49 15.37 8.84
N ALA C 41 -55.75 15.52 8.42
CA ALA C 41 -56.04 16.03 7.09
C ALA C 41 -55.56 17.47 6.92
N GLN C 42 -55.79 18.32 7.92
CA GLN C 42 -55.39 19.71 7.77
C GLN C 42 -53.88 19.87 7.87
N LEU C 43 -53.20 18.96 8.58
CA LEU C 43 -51.74 18.93 8.50
C LEU C 43 -51.26 18.49 7.13
N TYR C 44 -51.91 17.48 6.55
CA TYR C 44 -51.54 17.04 5.21
C TYR C 44 -51.78 18.12 4.18
N SER C 45 -52.76 18.99 4.43
CA SER C 45 -53.07 20.07 3.49
C SER C 45 -51.94 21.09 3.38
N ALA C 46 -50.98 21.08 4.31
CA ALA C 46 -49.88 22.02 4.30
C ALA C 46 -48.75 21.61 3.36
N ALA C 47 -48.91 20.53 2.61
CA ALA C 47 -47.87 20.06 1.73
C ALA C 47 -47.64 21.07 0.59
N PRO C 48 -46.38 21.29 0.20
CA PRO C 48 -46.09 22.19 -0.92
C PRO C 48 -46.62 21.62 -2.23
N SER C 49 -47.22 22.48 -3.05
CA SER C 49 -47.73 22.04 -4.35
C SER C 49 -46.59 21.61 -5.27
N ASN C 50 -45.49 22.36 -5.28
CA ASN C 50 -44.36 22.07 -6.15
C ASN C 50 -43.37 21.13 -5.48
N SER C 51 -43.87 19.96 -5.06
CA SER C 51 -43.03 18.94 -4.44
C SER C 51 -43.59 17.58 -4.85
N LEU C 52 -43.12 16.52 -4.18
CA LEU C 52 -43.58 15.17 -4.45
C LEU C 52 -44.59 14.68 -3.42
N ILE C 53 -45.29 15.58 -2.74
CA ILE C 53 -46.28 15.19 -1.75
C ILE C 53 -47.69 15.53 -2.23
N ARG C 54 -47.91 16.80 -2.60
CA ARG C 54 -49.24 17.21 -3.06
C ARG C 54 -49.61 16.52 -4.35
N ASN C 55 -48.70 16.49 -5.32
CA ASN C 55 -48.99 15.82 -6.59
C ASN C 55 -49.15 14.32 -6.39
N LEU C 56 -48.35 13.73 -5.50
CA LEU C 56 -48.49 12.30 -5.21
C LEU C 56 -49.86 11.99 -4.61
N LEU C 57 -50.30 12.82 -3.65
CA LEU C 57 -51.62 12.62 -3.06
C LEU C 57 -52.72 12.79 -4.09
N ASP C 58 -52.59 13.80 -4.96
CA ASP C 58 -53.59 14.02 -6.00
C ASP C 58 -53.65 12.83 -6.96
N GLN C 59 -52.49 12.30 -7.36
CA GLN C 59 -52.47 11.15 -8.25
C GLN C 59 -53.07 9.92 -7.58
N ALA C 60 -52.76 9.71 -6.29
CA ALA C 60 -53.33 8.58 -5.57
C ALA C 60 -54.84 8.70 -5.46
N SER C 61 -55.34 9.92 -5.21
CA SER C 61 -56.79 10.13 -5.16
C SER C 61 -57.42 9.89 -6.52
N HIS C 62 -56.77 10.35 -7.59
CA HIS C 62 -57.28 10.15 -8.94
C HIS C 62 -57.23 8.69 -9.37
N SER C 63 -56.35 7.89 -8.78
CA SER C 63 -56.23 6.47 -9.13
C SER C 63 -57.51 5.71 -8.80
N VAL C 83 -44.37 -0.06 -2.67
CA VAL C 83 -44.55 1.36 -2.41
C VAL C 83 -45.95 1.79 -2.82
N GLY C 84 -46.47 1.16 -3.88
CA GLY C 84 -47.81 1.48 -4.34
C GLY C 84 -48.87 1.22 -3.27
N HIS C 85 -48.69 0.15 -2.50
CA HIS C 85 -49.61 -0.12 -1.39
C HIS C 85 -49.55 0.98 -0.34
N VAL C 86 -48.35 1.53 -0.09
CA VAL C 86 -48.22 2.63 0.85
C VAL C 86 -49.00 3.84 0.36
N LEU C 87 -48.86 4.16 -0.94
CA LEU C 87 -49.62 5.27 -1.52
C LEU C 87 -51.13 5.02 -1.42
N ARG C 88 -51.56 3.78 -1.66
CA ARG C 88 -52.97 3.46 -1.58
C ARG C 88 -53.49 3.63 -0.16
N MET C 89 -52.73 3.18 0.84
CA MET C 89 -53.21 3.26 2.22
C MET C 89 -53.14 4.68 2.78
N LEU C 90 -52.20 5.49 2.32
CA LEU C 90 -52.11 6.87 2.80
C LEU C 90 -53.11 7.74 2.06
N LEU C 91 -53.89 8.52 2.81
CA LEU C 91 -54.88 9.42 2.23
C LEU C 91 -54.94 10.69 3.06
N GLY C 92 -55.42 11.76 2.43
CA GLY C 92 -55.54 13.05 3.10
C GLY C 92 -56.64 13.09 4.14
N PRO C 138 -49.68 5.51 17.78
CA PRO C 138 -50.31 6.82 17.63
C PRO C 138 -49.40 7.83 16.95
N TRP C 139 -48.09 7.74 17.20
CA TRP C 139 -47.14 8.66 16.60
C TRP C 139 -46.71 8.25 15.20
N SER C 140 -47.19 7.11 14.70
CA SER C 140 -46.79 6.65 13.38
C SER C 140 -47.21 7.63 12.30
N ASP C 141 -48.43 8.16 12.40
CA ASP C 141 -48.90 9.10 11.38
C ASP C 141 -48.12 10.42 11.44
N LEU C 142 -47.83 10.93 12.63
CA LEU C 142 -47.01 12.13 12.73
C LEU C 142 -45.64 11.90 12.13
N LEU C 143 -45.03 10.76 12.45
CA LEU C 143 -43.70 10.45 11.93
C LEU C 143 -43.71 10.34 10.41
N LEU C 144 -44.70 9.63 9.86
CA LEU C 144 -44.79 9.48 8.41
C LEU C 144 -45.00 10.82 7.73
N TRP C 145 -45.84 11.68 8.32
CA TRP C 145 -46.04 13.01 7.75
C TRP C 145 -44.75 13.82 7.79
N ALA C 146 -44.00 13.71 8.89
CA ALA C 146 -42.71 14.40 8.97
C ALA C 146 -41.74 13.91 7.90
N LEU C 147 -41.69 12.59 7.69
CA LEU C 147 -40.80 12.05 6.66
C LEU C 147 -41.20 12.52 5.27
N LEU C 148 -42.49 12.49 4.95
CA LEU C 148 -42.91 12.91 3.63
C LEU C 148 -42.70 14.41 3.43
N LEU C 149 -42.84 15.21 4.48
CA LEU C 149 -42.66 16.64 4.38
C LEU C 149 -41.18 17.04 4.46
N ASN C 150 -40.28 16.07 4.61
CA ASN C 150 -38.84 16.31 4.63
C ASN C 150 -38.41 17.13 5.84
N ARG C 151 -39.10 16.94 6.96
CA ARG C 151 -38.77 17.62 8.22
C ARG C 151 -37.87 16.70 9.02
N ALA C 152 -36.56 16.96 8.94
CA ALA C 152 -35.59 16.07 9.60
C ALA C 152 -35.73 16.10 11.12
N GLN C 153 -35.83 17.30 11.70
CA GLN C 153 -35.94 17.41 13.15
C GLN C 153 -37.26 16.83 13.66
N MET C 154 -38.35 17.09 12.94
CA MET C 154 -39.62 16.49 13.31
C MET C 154 -39.56 14.97 13.25
N ALA C 155 -38.92 14.43 12.20
CA ALA C 155 -38.76 12.99 12.10
C ALA C 155 -37.96 12.46 13.28
N MET C 156 -36.86 13.13 13.64
CA MET C 156 -36.03 12.66 14.75
C MET C 156 -36.83 12.65 16.04
N TYR C 157 -37.55 13.74 16.33
CA TYR C 157 -38.25 13.85 17.60
C TYR C 157 -39.41 12.87 17.67
N PHE C 158 -40.18 12.74 16.58
CA PHE C 158 -41.28 11.80 16.56
C PHE C 158 -40.78 10.38 16.73
N TRP C 159 -39.67 10.04 16.07
CA TRP C 159 -39.02 8.76 16.30
C TRP C 159 -38.72 8.55 17.77
N GLU C 160 -38.02 9.52 18.37
CA GLU C 160 -37.43 9.29 19.69
C GLU C 160 -38.50 9.22 20.77
N MET C 161 -39.62 9.92 20.59
CA MET C 161 -40.67 9.86 21.58
C MET C 161 -41.82 8.93 21.18
N GLY C 162 -41.73 8.29 20.01
CA GLY C 162 -42.74 7.34 19.60
C GLY C 162 -42.37 5.90 19.94
N SER C 163 -43.31 5.00 19.66
CA SER C 163 -43.12 3.58 19.93
C SER C 163 -42.42 2.91 18.76
N ASN C 164 -42.29 1.58 18.86
CA ASN C 164 -41.76 0.67 17.82
C ASN C 164 -40.66 1.34 17.00
N ALA C 165 -39.64 1.80 17.72
CA ALA C 165 -38.63 2.67 17.12
C ALA C 165 -37.87 1.98 15.99
N VAL C 166 -37.48 0.72 16.20
CA VAL C 166 -36.65 0.04 15.21
C VAL C 166 -37.43 -0.21 13.92
N SER C 167 -38.65 -0.75 14.04
CA SER C 167 -39.45 -1.01 12.86
C SER C 167 -39.82 0.28 12.14
N SER C 168 -40.19 1.31 12.90
CA SER C 168 -40.48 2.60 12.30
C SER C 168 -39.26 3.14 11.59
N ALA C 169 -38.07 2.94 12.17
CA ALA C 169 -36.85 3.42 11.55
C ALA C 169 -36.59 2.72 10.22
N LEU C 170 -36.71 1.39 10.20
CA LEU C 170 -36.48 0.66 8.95
C LEU C 170 -37.48 1.08 7.88
N GLY C 171 -38.76 1.16 8.25
CA GLY C 171 -39.76 1.58 7.29
C GLY C 171 -39.53 2.99 6.77
N ALA C 172 -39.22 3.92 7.68
CA ALA C 172 -39.04 5.31 7.28
C ALA C 172 -37.81 5.50 6.40
N CYS C 173 -36.72 4.79 6.71
CA CYS C 173 -35.54 4.90 5.85
C CYS C 173 -35.78 4.25 4.49
N LEU C 174 -36.57 3.16 4.46
CA LEU C 174 -36.96 2.59 3.18
C LEU C 174 -37.73 3.61 2.34
N LEU C 175 -38.69 4.29 2.96
CA LEU C 175 -39.45 5.31 2.23
C LEU C 175 -38.59 6.50 1.85
N LEU C 176 -37.59 6.84 2.66
CA LEU C 176 -36.66 7.90 2.28
C LEU C 176 -35.87 7.51 1.04
N ARG C 177 -35.38 6.27 0.99
CA ARG C 177 -34.67 5.82 -0.21
C ARG C 177 -35.59 5.84 -1.42
N VAL C 178 -36.85 5.39 -1.24
CA VAL C 178 -37.79 5.35 -2.34
C VAL C 178 -38.07 6.77 -2.85
N MET C 179 -38.32 7.70 -1.94
CA MET C 179 -38.59 9.09 -2.33
C MET C 179 -37.38 9.75 -2.96
N ALA C 180 -36.18 9.48 -2.45
CA ALA C 180 -34.97 10.02 -3.07
C ALA C 180 -34.80 9.50 -4.49
N ARG C 181 -35.09 8.22 -4.71
CA ARG C 181 -35.06 7.68 -6.07
C ARG C 181 -36.11 8.36 -6.95
N LEU C 182 -37.30 8.58 -6.40
CA LEU C 182 -38.38 9.21 -7.15
C LEU C 182 -38.20 10.71 -7.34
N GLU C 183 -37.23 11.32 -6.66
CA GLU C 183 -37.06 12.76 -6.72
C GLU C 183 -36.63 13.18 -8.12
N PRO C 184 -37.32 14.13 -8.76
CA PRO C 184 -36.81 14.70 -10.01
C PRO C 184 -35.77 15.78 -9.79
N ASP C 185 -35.53 16.18 -8.55
CA ASP C 185 -34.57 17.23 -8.22
C ASP C 185 -33.40 16.63 -7.46
N ALA C 186 -32.19 16.93 -7.93
CA ALA C 186 -30.99 16.35 -7.33
C ALA C 186 -30.81 16.82 -5.89
N GLU C 187 -31.09 18.08 -5.60
CA GLU C 187 -30.91 18.61 -4.25
C GLU C 187 -31.87 17.95 -3.27
N GLU C 188 -33.13 17.82 -3.66
CA GLU C 188 -34.11 17.15 -2.80
C GLU C 188 -33.75 15.69 -2.61
N ALA C 189 -33.31 15.03 -3.68
CA ALA C 189 -32.88 13.64 -3.57
C ALA C 189 -31.70 13.50 -2.60
N ALA C 190 -30.74 14.42 -2.69
CA ALA C 190 -29.59 14.39 -1.79
C ALA C 190 -30.01 14.60 -0.34
N ARG C 191 -30.93 15.54 -0.11
CA ARG C 191 -31.42 15.75 1.25
C ARG C 191 -32.11 14.51 1.79
N ARG C 192 -32.99 13.91 0.99
CA ARG C 192 -33.69 12.70 1.43
C ARG C 192 -32.71 11.58 1.71
N LYS C 193 -31.69 11.42 0.86
CA LYS C 193 -30.80 10.28 1.03
C LYS C 193 -29.86 10.49 2.22
N ASP C 194 -29.40 11.72 2.47
CA ASP C 194 -28.55 11.95 3.64
C ASP C 194 -29.35 11.78 4.92
N LEU C 195 -30.62 12.21 4.91
CA LEU C 195 -31.50 11.88 6.01
C LEU C 195 -31.61 10.37 6.19
N ALA C 196 -31.71 9.64 5.08
CA ALA C 196 -31.81 8.18 5.15
C ALA C 196 -30.57 7.58 5.77
N PHE C 197 -29.39 8.04 5.37
CA PHE C 197 -28.15 7.50 5.95
C PHE C 197 -28.06 7.78 7.45
N LYS C 198 -28.27 9.04 7.84
CA LYS C 198 -28.19 9.37 9.27
C LYS C 198 -29.21 8.56 10.05
N PHE C 199 -30.39 8.34 9.45
CA PHE C 199 -31.50 7.74 10.16
C PHE C 199 -31.31 6.23 10.30
N GLU C 200 -30.81 5.57 9.26
CA GLU C 200 -30.47 4.16 9.38
C GLU C 200 -29.30 3.96 10.35
N GLY C 201 -28.33 4.87 10.34
CA GLY C 201 -27.22 4.74 11.28
C GLY C 201 -27.66 4.85 12.73
N MET C 202 -28.51 5.83 13.03
CA MET C 202 -28.98 5.98 14.40
C MET C 202 -29.92 4.84 14.80
N GLY C 203 -30.70 4.33 13.85
CA GLY C 203 -31.52 3.15 14.13
C GLY C 203 -30.68 1.92 14.46
N VAL C 204 -29.63 1.69 13.67
CA VAL C 204 -28.78 0.51 13.91
C VAL C 204 -27.98 0.69 15.19
N ASP C 205 -27.64 1.94 15.54
CA ASP C 205 -27.02 2.18 16.84
C ASP C 205 -27.96 1.80 17.98
N LEU C 206 -29.24 2.18 17.88
CA LEU C 206 -30.20 1.77 18.90
C LEU C 206 -30.31 0.26 18.96
N PHE C 207 -30.36 -0.41 17.82
CA PHE C 207 -30.51 -1.85 17.89
C PHE C 207 -29.25 -2.53 18.42
N GLY C 208 -28.08 -1.93 18.17
CA GLY C 208 -26.86 -2.45 18.77
C GLY C 208 -26.87 -2.33 20.28
N GLU C 209 -27.29 -1.18 20.80
CA GLU C 209 -27.36 -1.05 22.26
C GLU C 209 -28.45 -1.95 22.84
N CYS C 210 -29.47 -2.26 22.05
CA CYS C 210 -30.49 -3.21 22.49
C CYS C 210 -29.90 -4.62 22.59
N TYR C 211 -29.20 -5.06 21.54
CA TYR C 211 -28.57 -6.37 21.57
C TYR C 211 -27.54 -6.46 22.69
N ARG C 212 -26.88 -5.35 23.01
CA ARG C 212 -25.92 -5.34 24.10
C ARG C 212 -26.57 -5.62 25.45
N SER C 213 -27.89 -5.53 25.53
CA SER C 213 -28.59 -5.79 26.78
C SER C 213 -29.11 -7.23 26.87
N SER C 214 -29.96 -7.63 25.94
CA SER C 214 -30.61 -8.94 25.97
C SER C 214 -30.58 -9.54 24.57
N GLU C 215 -29.70 -10.53 24.38
CA GLU C 215 -29.48 -11.09 23.05
C GLU C 215 -30.74 -11.77 22.52
N VAL C 216 -31.34 -12.65 23.32
CA VAL C 216 -32.53 -13.36 22.88
C VAL C 216 -33.70 -12.40 22.68
N ARG C 217 -33.79 -11.36 23.53
CA ARG C 217 -34.84 -10.37 23.39
C ARG C 217 -34.73 -9.65 22.05
N ALA C 218 -33.53 -9.20 21.70
CA ALA C 218 -33.34 -8.56 20.40
C ALA C 218 -33.59 -9.54 19.26
N ALA C 219 -33.16 -10.80 19.44
CA ALA C 219 -33.34 -11.80 18.40
C ALA C 219 -34.82 -12.02 18.08
N ARG C 220 -35.65 -12.13 19.11
CA ARG C 220 -37.08 -12.24 18.87
C ARG C 220 -37.70 -10.90 18.48
N LEU C 221 -36.98 -9.79 18.71
CA LEU C 221 -37.45 -8.50 18.23
C LEU C 221 -37.31 -8.42 16.71
N LEU C 222 -36.26 -9.03 16.15
CA LEU C 222 -36.12 -9.05 14.69
C LEU C 222 -37.36 -9.61 14.02
N LEU C 223 -37.68 -10.88 14.29
CA LEU C 223 -38.73 -11.58 13.56
C LEU C 223 -40.12 -11.08 13.94
N ARG C 224 -40.21 -10.15 14.88
CA ARG C 224 -41.50 -9.58 15.23
C ARG C 224 -42.16 -8.94 14.02
N ARG C 225 -43.26 -9.54 13.57
CA ARG C 225 -44.04 -9.00 12.46
C ARG C 225 -44.79 -7.78 12.95
N CYS C 226 -44.21 -6.61 12.76
CA CYS C 226 -44.84 -5.39 13.25
C CYS C 226 -46.05 -5.04 12.38
N PRO C 227 -47.13 -4.54 12.99
CA PRO C 227 -48.36 -4.28 12.20
C PRO C 227 -48.17 -3.25 11.11
N LEU C 228 -47.26 -2.30 11.28
CA LEU C 228 -47.10 -1.23 10.32
C LEU C 228 -46.23 -1.68 9.15
N TRP C 229 -46.13 -0.80 8.15
CA TRP C 229 -45.26 -0.99 6.99
C TRP C 229 -45.60 -2.29 6.24
N GLY C 230 -46.88 -2.55 6.07
CA GLY C 230 -47.32 -3.69 5.28
C GLY C 230 -47.08 -5.04 5.90
N ASP C 231 -47.01 -5.13 7.23
CA ASP C 231 -46.82 -6.39 7.95
C ASP C 231 -45.55 -7.11 7.53
N ALA C 232 -44.51 -6.35 7.16
CA ALA C 232 -43.23 -6.94 6.77
C ALA C 232 -42.25 -6.86 7.95
N THR C 233 -41.46 -7.90 8.11
CA THR C 233 -40.49 -7.93 9.20
C THR C 233 -39.38 -6.92 8.95
N CYS C 234 -38.59 -6.65 9.99
CA CYS C 234 -37.52 -5.68 9.89
C CYS C 234 -36.50 -6.08 8.83
N LEU C 235 -36.21 -7.37 8.73
CA LEU C 235 -35.20 -7.84 7.79
C LEU C 235 -35.60 -7.56 6.35
N GLN C 236 -36.85 -7.85 6.00
CA GLN C 236 -37.32 -7.57 4.64
C GLN C 236 -37.33 -6.07 4.37
N LEU C 237 -37.72 -5.27 5.36
CA LEU C 237 -37.70 -3.82 5.20
C LEU C 237 -36.28 -3.32 4.93
N ALA C 238 -35.31 -3.84 5.67
CA ALA C 238 -33.92 -3.45 5.46
C ALA C 238 -33.42 -3.87 4.09
N MET C 239 -33.75 -5.10 3.67
CA MET C 239 -33.30 -5.58 2.36
C MET C 239 -33.91 -4.75 1.24
N GLN C 240 -35.19 -4.40 1.36
CA GLN C 240 -35.80 -3.52 0.36
C GLN C 240 -35.19 -2.13 0.40
N ALA C 241 -34.77 -1.69 1.59
CA ALA C 241 -34.11 -0.40 1.75
C ALA C 241 -32.62 -0.45 1.49
N ASP C 242 -32.06 -1.64 1.24
CA ASP C 242 -30.62 -1.81 1.07
C ASP C 242 -29.87 -1.27 2.30
N ALA C 243 -30.25 -1.77 3.46
CA ALA C 243 -29.66 -1.33 4.73
C ALA C 243 -28.47 -2.23 5.07
N ARG C 244 -27.38 -2.02 4.32
CA ARG C 244 -26.17 -2.80 4.54
C ARG C 244 -25.61 -2.57 5.93
N ALA C 245 -25.64 -1.32 6.40
CA ALA C 245 -25.20 -1.05 7.77
C ALA C 245 -26.09 -1.76 8.78
N PHE C 246 -27.39 -1.83 8.51
CA PHE C 246 -28.30 -2.48 9.45
C PHE C 246 -28.18 -4.00 9.38
N PHE C 247 -27.52 -4.51 8.34
CA PHE C 247 -27.14 -5.92 8.33
C PHE C 247 -25.73 -6.14 8.90
N ALA C 248 -24.93 -5.09 8.98
CA ALA C 248 -23.54 -5.23 9.38
C ALA C 248 -23.34 -5.62 10.85
N GLN C 249 -24.23 -5.22 11.75
CA GLN C 249 -23.96 -5.38 13.17
C GLN C 249 -23.91 -6.84 13.57
N ASP C 250 -23.05 -7.14 14.56
CA ASP C 250 -22.79 -8.50 14.97
C ASP C 250 -24.05 -9.18 15.52
N GLY C 251 -24.97 -8.40 16.09
CA GLY C 251 -26.19 -9.01 16.61
C GLY C 251 -27.02 -9.66 15.51
N VAL C 252 -27.34 -8.89 14.47
CA VAL C 252 -28.11 -9.46 13.36
C VAL C 252 -27.28 -10.49 12.61
N GLN C 253 -25.97 -10.31 12.55
CA GLN C 253 -25.12 -11.30 11.90
C GLN C 253 -25.20 -12.64 12.61
N SER C 254 -25.11 -12.62 13.95
CA SER C 254 -25.19 -13.86 14.73
C SER C 254 -26.59 -14.47 14.64
N LEU C 255 -27.63 -13.65 14.65
CA LEU C 255 -28.97 -14.21 14.52
C LEU C 255 -29.17 -14.86 13.15
N LEU C 256 -28.66 -14.23 12.10
CA LEU C 256 -28.72 -14.84 10.77
C LEU C 256 -27.93 -16.14 10.72
N THR C 257 -26.77 -16.17 11.38
CA THR C 257 -25.99 -17.41 11.45
C THR C 257 -26.79 -18.51 12.15
N GLN C 258 -27.45 -18.16 13.25
CA GLN C 258 -28.23 -19.16 13.99
C GLN C 258 -29.45 -19.62 13.20
N LYS C 259 -30.04 -18.72 12.40
CA LYS C 259 -31.15 -19.13 11.52
C LYS C 259 -30.65 -20.05 10.42
N TRP C 260 -29.48 -19.75 9.85
CA TRP C 260 -28.87 -20.65 8.89
C TRP C 260 -28.59 -22.00 9.53
N TRP C 261 -28.28 -22.01 10.82
CA TRP C 261 -28.16 -23.23 11.62
C TRP C 261 -29.46 -23.55 12.35
N GLY C 262 -30.59 -23.27 11.69
CA GLY C 262 -31.90 -23.40 12.30
C GLY C 262 -32.12 -24.69 13.07
N ASP C 263 -32.29 -24.55 14.39
CA ASP C 263 -32.43 -25.69 15.30
C ASP C 263 -31.24 -26.65 15.15
N MET C 264 -30.03 -26.09 15.21
CA MET C 264 -28.83 -26.90 15.07
C MET C 264 -27.73 -26.52 16.05
N ALA C 265 -27.90 -25.49 16.87
CA ALA C 265 -26.90 -25.10 17.87
C ALA C 265 -25.56 -24.79 17.21
N SER C 266 -25.56 -23.66 16.50
CA SER C 266 -24.52 -23.28 15.53
C SER C 266 -23.09 -23.43 16.05
N THR C 267 -22.91 -23.61 17.35
CA THR C 267 -21.58 -23.86 17.89
C THR C 267 -20.98 -25.15 17.35
N THR C 268 -21.79 -26.04 16.78
CA THR C 268 -21.27 -27.28 16.22
C THR C 268 -20.35 -27.00 15.04
N PRO C 269 -19.27 -27.76 14.90
CA PRO C 269 -18.34 -27.54 13.79
C PRO C 269 -18.86 -28.08 12.47
N ILE C 270 -18.20 -27.64 11.40
CA ILE C 270 -18.63 -28.02 10.04
C ILE C 270 -18.35 -29.49 9.77
N TRP C 271 -17.18 -29.98 10.21
CA TRP C 271 -16.84 -31.38 9.98
C TRP C 271 -17.82 -32.31 10.69
N ALA C 272 -18.33 -31.90 11.85
CA ALA C 272 -19.39 -32.65 12.49
C ALA C 272 -20.61 -32.74 11.58
N LEU C 273 -20.97 -31.63 10.94
CA LEU C 273 -22.12 -31.62 10.04
C LEU C 273 -21.90 -32.55 8.85
N VAL C 274 -20.71 -32.52 8.25
CA VAL C 274 -20.48 -33.35 7.08
C VAL C 274 -20.47 -34.83 7.45
N LEU C 275 -19.91 -35.16 8.62
CA LEU C 275 -19.94 -36.54 9.08
C LEU C 275 -21.36 -36.99 9.37
N ALA C 276 -22.17 -36.12 9.96
CA ALA C 276 -23.58 -36.46 10.21
C ALA C 276 -24.33 -36.66 8.91
N PHE C 277 -24.05 -35.82 7.90
CA PHE C 277 -24.69 -35.99 6.60
C PHE C 277 -24.30 -37.31 5.97
N PHE C 278 -23.02 -37.68 6.07
CA PHE C 278 -22.57 -38.94 5.48
C PHE C 278 -23.15 -40.14 6.23
N CYS C 279 -23.29 -40.04 7.55
CA CYS C 279 -23.82 -41.14 8.37
C CYS C 279 -25.10 -40.66 9.05
N PRO C 280 -26.26 -40.99 8.48
CA PRO C 280 -27.54 -40.59 9.08
C PRO C 280 -27.71 -41.06 10.51
N PRO C 281 -27.24 -42.28 10.86
CA PRO C 281 -27.35 -42.68 12.29
C PRO C 281 -26.57 -41.79 13.24
N LEU C 282 -25.60 -41.01 12.75
CA LEU C 282 -24.77 -40.20 13.62
C LEU C 282 -25.54 -39.07 14.31
N ILE C 283 -26.78 -38.80 13.88
CA ILE C 283 -27.55 -37.71 14.46
C ILE C 283 -27.78 -37.92 15.95
N TYR C 284 -27.99 -39.17 16.36
CA TYR C 284 -28.31 -39.48 17.76
C TYR C 284 -27.05 -39.81 18.55
N THR C 285 -26.17 -38.82 18.63
CA THR C 285 -24.92 -38.93 19.37
C THR C 285 -24.69 -37.69 20.22
N ARG C 286 -23.64 -37.74 21.03
CA ARG C 286 -23.27 -36.57 21.83
C ARG C 286 -22.90 -35.39 20.95
N LEU C 287 -22.21 -35.63 19.85
CA LEU C 287 -21.85 -34.58 18.92
C LEU C 287 -23.09 -34.02 18.24
N ILE C 288 -23.01 -32.73 17.89
CA ILE C 288 -24.11 -31.99 17.26
C ILE C 288 -25.29 -31.98 18.22
N THR C 289 -25.29 -31.04 19.15
CA THR C 289 -26.46 -30.79 19.97
C THR C 289 -27.47 -29.95 19.21
N PHE C 290 -28.71 -29.99 19.66
CA PHE C 290 -29.79 -29.22 19.03
C PHE C 290 -30.60 -28.50 20.09
N ARG C 291 -31.19 -27.38 19.69
CA ARG C 291 -32.01 -26.58 20.59
C ARG C 291 -33.26 -27.34 21.01
N ARG C 346 -43.27 -37.62 18.06
CA ARG C 346 -42.22 -38.56 17.69
C ARG C 346 -40.87 -37.87 17.69
N ARG C 347 -40.12 -38.04 18.79
CA ARG C 347 -38.87 -37.32 18.97
C ARG C 347 -37.86 -37.67 17.87
N CYS C 348 -37.74 -38.95 17.52
CA CYS C 348 -36.83 -39.34 16.46
C CYS C 348 -37.26 -38.73 15.13
N LEU C 349 -38.56 -38.79 14.84
CA LEU C 349 -39.08 -38.22 13.60
C LEU C 349 -38.93 -36.70 13.58
N ARG C 350 -39.19 -36.05 14.71
CA ARG C 350 -39.00 -34.61 14.79
C ARG C 350 -37.54 -34.23 14.54
N ARG C 351 -36.61 -34.98 15.14
CA ARG C 351 -35.20 -34.71 14.91
C ARG C 351 -34.82 -34.95 13.46
N TRP C 352 -35.37 -35.99 12.84
CA TRP C 352 -35.09 -36.28 11.44
C TRP C 352 -35.54 -35.12 10.56
N PHE C 353 -36.76 -34.63 10.75
CA PHE C 353 -37.24 -33.51 9.95
C PHE C 353 -36.47 -32.22 10.24
N HIS C 354 -36.10 -31.98 11.50
CA HIS C 354 -35.29 -30.81 11.79
C HIS C 354 -33.96 -30.87 11.07
N PHE C 355 -33.29 -32.03 11.14
CA PHE C 355 -32.01 -32.19 10.47
C PHE C 355 -32.12 -31.99 8.96
N TRP C 356 -33.13 -32.59 8.34
CA TRP C 356 -33.26 -32.53 6.89
C TRP C 356 -34.05 -31.33 6.40
N GLY C 357 -34.47 -30.45 7.30
CA GLY C 357 -35.09 -29.20 6.90
C GLY C 357 -34.28 -27.99 7.31
N ALA C 358 -33.21 -28.20 8.08
CA ALA C 358 -32.32 -27.10 8.40
C ALA C 358 -31.72 -26.53 7.11
N PRO C 359 -31.78 -25.22 6.90
CA PRO C 359 -31.26 -24.64 5.65
C PRO C 359 -29.80 -24.95 5.38
N VAL C 360 -28.96 -25.05 6.42
CA VAL C 360 -27.56 -25.40 6.19
C VAL C 360 -27.45 -26.82 5.66
N THR C 361 -28.27 -27.74 6.18
CA THR C 361 -28.26 -29.10 5.67
C THR C 361 -28.80 -29.15 4.25
N ILE C 362 -29.80 -28.32 3.94
CA ILE C 362 -30.28 -28.23 2.57
C ILE C 362 -29.16 -27.76 1.65
N PHE C 363 -28.39 -26.77 2.11
CA PHE C 363 -27.27 -26.27 1.32
C PHE C 363 -26.23 -27.36 1.09
N MET C 364 -25.91 -28.13 2.13
CA MET C 364 -24.93 -29.19 1.96
C MET C 364 -25.44 -30.27 1.00
N GLY C 365 -26.71 -30.62 1.11
CA GLY C 365 -27.28 -31.57 0.17
C GLY C 365 -27.22 -31.06 -1.26
N ASN C 366 -27.51 -29.77 -1.46
CA ASN C 366 -27.43 -29.19 -2.80
C ASN C 366 -26.00 -29.20 -3.31
N VAL C 367 -25.03 -28.90 -2.45
CA VAL C 367 -23.63 -28.90 -2.86
C VAL C 367 -23.19 -30.30 -3.28
N VAL C 368 -23.54 -31.31 -2.48
CA VAL C 368 -23.12 -32.67 -2.81
C VAL C 368 -23.83 -33.15 -4.07
N SER C 369 -25.09 -32.78 -4.25
CA SER C 369 -25.81 -33.15 -5.46
C SER C 369 -25.20 -32.49 -6.69
N TYR C 370 -24.81 -31.22 -6.56
CA TYR C 370 -24.20 -30.52 -7.70
C TYR C 370 -22.83 -31.09 -8.03
N LEU C 371 -22.05 -31.47 -7.01
CA LEU C 371 -20.78 -32.13 -7.27
C LEU C 371 -20.98 -33.46 -7.99
N LEU C 372 -21.96 -34.25 -7.55
CA LEU C 372 -22.26 -35.49 -8.25
C LEU C 372 -22.71 -35.24 -9.67
N PHE C 373 -23.51 -34.19 -9.89
CA PHE C 373 -23.96 -33.84 -11.23
C PHE C 373 -22.78 -33.49 -12.13
N LEU C 374 -21.85 -32.68 -11.63
CA LEU C 374 -20.67 -32.33 -12.42
C LEU C 374 -19.81 -33.56 -12.70
N LEU C 375 -19.63 -34.43 -11.70
CA LEU C 375 -18.84 -35.63 -11.91
C LEU C 375 -19.47 -36.52 -12.97
N LEU C 376 -20.79 -36.70 -12.92
CA LEU C 376 -21.46 -37.54 -13.90
C LEU C 376 -21.42 -36.91 -15.29
N PHE C 377 -21.58 -35.58 -15.38
CA PHE C 377 -21.50 -34.91 -16.66
C PHE C 377 -20.12 -35.05 -17.27
N SER C 378 -19.08 -34.90 -16.43
CA SER C 378 -17.72 -35.10 -16.92
C SER C 378 -17.49 -36.54 -17.40
N ARG C 379 -18.00 -37.51 -16.63
CA ARG C 379 -17.87 -38.91 -17.03
C ARG C 379 -18.53 -39.16 -18.37
N VAL C 380 -19.75 -38.63 -18.55
CA VAL C 380 -20.45 -38.78 -19.82
C VAL C 380 -19.69 -38.12 -20.95
N LEU C 381 -19.21 -36.90 -20.73
CA LEU C 381 -18.55 -36.15 -21.79
C LEU C 381 -17.24 -36.79 -22.20
N LEU C 382 -16.54 -37.43 -21.26
CA LEU C 382 -15.22 -37.97 -21.57
C LEU C 382 -15.27 -39.44 -22.00
N VAL C 383 -16.31 -40.18 -21.63
CA VAL C 383 -16.36 -41.60 -21.98
C VAL C 383 -17.60 -41.93 -22.78
N ASP C 384 -18.78 -41.75 -22.18
CA ASP C 384 -20.03 -42.23 -22.75
C ASP C 384 -20.76 -41.12 -23.50
N PHE C 385 -20.17 -40.70 -24.61
CA PHE C 385 -20.83 -39.76 -25.52
C PHE C 385 -20.61 -40.18 -26.96
N GLN C 386 -20.75 -41.46 -27.24
CA GLN C 386 -20.59 -41.98 -28.59
C GLN C 386 -21.75 -41.53 -29.47
N PRO C 387 -21.55 -41.50 -30.80
CA PRO C 387 -22.65 -41.11 -31.70
C PRO C 387 -23.80 -42.10 -31.70
N ALA C 388 -23.70 -43.19 -30.94
CA ALA C 388 -24.79 -44.15 -30.80
C ALA C 388 -25.96 -43.49 -30.08
N PRO C 389 -27.17 -44.03 -30.20
CA PRO C 389 -28.30 -43.44 -29.49
C PRO C 389 -28.05 -43.43 -27.99
N PRO C 390 -28.61 -42.46 -27.28
CA PRO C 390 -28.24 -42.26 -25.87
C PRO C 390 -28.51 -43.49 -25.02
N GLY C 391 -27.58 -43.77 -24.11
CA GLY C 391 -27.69 -44.89 -23.20
C GLY C 391 -28.39 -44.51 -21.90
N SER C 392 -28.37 -45.46 -20.97
CA SER C 392 -29.02 -45.24 -19.69
C SER C 392 -28.39 -44.08 -18.93
N LEU C 393 -27.07 -43.97 -18.98
CA LEU C 393 -26.39 -42.87 -18.30
C LEU C 393 -26.78 -41.53 -18.90
N GLU C 394 -26.88 -41.47 -20.23
CA GLU C 394 -27.32 -40.25 -20.90
C GLU C 394 -28.75 -39.90 -20.50
N LEU C 395 -29.64 -40.90 -20.44
CA LEU C 395 -31.02 -40.63 -20.02
C LEU C 395 -31.07 -40.11 -18.59
N LEU C 396 -30.28 -40.68 -17.70
CA LEU C 396 -30.27 -40.22 -16.32
C LEU C 396 -29.75 -38.79 -16.21
N LEU C 397 -28.70 -38.48 -16.99
CA LEU C 397 -28.19 -37.10 -17.00
C LEU C 397 -29.22 -36.14 -17.56
N TYR C 398 -29.94 -36.55 -18.61
CA TYR C 398 -31.03 -35.73 -19.13
C TYR C 398 -32.10 -35.52 -18.06
N PHE C 399 -32.36 -36.55 -17.26
CA PHE C 399 -33.35 -36.43 -16.19
C PHE C 399 -32.91 -35.40 -15.15
N TRP C 400 -31.65 -35.45 -14.75
CA TRP C 400 -31.16 -34.42 -13.82
C TRP C 400 -31.23 -33.03 -14.43
N ALA C 401 -30.88 -32.90 -15.71
CA ALA C 401 -30.92 -31.59 -16.34
C ALA C 401 -32.34 -31.04 -16.40
N PHE C 402 -33.31 -31.88 -16.77
CA PHE C 402 -34.70 -31.44 -16.81
C PHE C 402 -35.20 -31.10 -15.41
N THR C 403 -34.77 -31.86 -14.41
CA THR C 403 -35.16 -31.56 -13.04
C THR C 403 -34.60 -30.22 -12.60
N LEU C 404 -33.35 -29.93 -12.95
CA LEU C 404 -32.77 -28.63 -12.64
C LEU C 404 -33.51 -27.51 -13.34
N LEU C 405 -33.92 -27.74 -14.60
CA LEU C 405 -34.68 -26.74 -15.32
C LEU C 405 -36.01 -26.46 -14.64
N CYS C 406 -36.71 -27.52 -14.22
CA CYS C 406 -37.96 -27.33 -13.50
C CYS C 406 -37.73 -26.60 -12.19
N GLU C 407 -36.66 -26.94 -11.47
CA GLU C 407 -36.32 -26.26 -10.23
C GLU C 407 -36.12 -24.77 -10.45
N GLU C 408 -35.33 -24.41 -11.46
CA GLU C 408 -35.05 -22.99 -11.69
C GLU C 408 -36.29 -22.25 -12.17
N LEU C 409 -37.11 -22.91 -13.00
CA LEU C 409 -38.36 -22.29 -13.44
C LEU C 409 -39.29 -22.02 -12.27
N ARG C 410 -39.44 -23.00 -11.37
CA ARG C 410 -40.31 -22.81 -10.22
C ARG C 410 -39.74 -21.73 -9.29
N GLN C 411 -38.42 -21.70 -9.12
CA GLN C 411 -37.81 -20.68 -8.27
C GLN C 411 -38.06 -19.28 -8.83
N GLY C 412 -37.92 -19.12 -10.15
CA GLY C 412 -38.20 -17.84 -10.77
C GLY C 412 -39.68 -17.47 -10.67
N LEU C 413 -40.57 -18.46 -10.84
CA LEU C 413 -42.00 -18.19 -10.77
C LEU C 413 -42.42 -17.78 -9.37
N SER C 414 -41.84 -18.41 -8.34
CA SER C 414 -42.25 -18.12 -6.97
C SER C 414 -41.57 -16.86 -6.45
N GLY C 415 -40.24 -16.85 -6.42
CA GLY C 415 -39.51 -15.71 -5.92
C GLY C 415 -39.59 -14.49 -6.83
N SER C 431 -48.93 -10.42 -12.19
CA SER C 431 -47.77 -10.68 -11.35
C SER C 431 -46.81 -11.65 -12.03
N LEU C 432 -47.33 -12.40 -13.00
CA LEU C 432 -46.52 -13.38 -13.72
C LEU C 432 -45.38 -12.70 -14.46
N SER C 433 -45.71 -11.69 -15.27
CA SER C 433 -44.69 -11.00 -16.04
C SER C 433 -43.81 -10.12 -15.16
N GLN C 434 -44.39 -9.53 -14.11
CA GLN C 434 -43.59 -8.75 -13.17
C GLN C 434 -42.54 -9.62 -12.50
N ARG C 435 -42.92 -10.85 -12.14
CA ARG C 435 -41.97 -11.75 -11.51
C ARG C 435 -40.82 -12.13 -12.44
N LEU C 436 -41.10 -12.33 -13.74
CA LEU C 436 -40.01 -12.67 -14.64
C LEU C 436 -39.11 -11.46 -14.91
N ARG C 437 -39.69 -10.26 -14.94
CA ARG C 437 -38.84 -9.07 -15.02
C ARG C 437 -37.99 -8.91 -13.77
N LEU C 438 -38.51 -9.31 -12.62
CA LEU C 438 -37.68 -9.32 -11.41
C LEU C 438 -36.60 -10.38 -11.51
N TYR C 439 -36.92 -11.52 -12.14
CA TYR C 439 -35.99 -12.64 -12.17
C TYR C 439 -34.87 -12.42 -13.18
N LEU C 440 -35.09 -11.61 -14.22
CA LEU C 440 -34.03 -11.40 -15.20
C LEU C 440 -32.83 -10.70 -14.59
N ALA C 441 -33.00 -10.08 -13.41
CA ALA C 441 -31.89 -9.56 -12.65
C ALA C 441 -31.22 -10.71 -11.90
N ASP C 442 -30.36 -10.39 -10.93
CA ASP C 442 -29.66 -11.41 -10.14
C ASP C 442 -28.82 -12.30 -11.06
N SER C 443 -27.76 -11.69 -11.59
CA SER C 443 -26.94 -12.24 -12.66
C SER C 443 -26.57 -13.71 -12.50
N TRP C 444 -26.56 -14.21 -11.26
CA TRP C 444 -26.33 -15.63 -11.05
C TRP C 444 -27.44 -16.47 -11.68
N ASN C 445 -28.69 -16.01 -11.52
CA ASN C 445 -29.80 -16.68 -12.18
C ASN C 445 -29.69 -16.58 -13.69
N GLN C 446 -29.18 -15.46 -14.20
CA GLN C 446 -28.94 -15.34 -15.63
C GLN C 446 -27.91 -16.36 -16.10
N CYS C 447 -26.84 -16.55 -15.33
CA CYS C 447 -25.83 -17.55 -15.67
C CYS C 447 -26.43 -18.94 -15.68
N ASP C 448 -27.24 -19.27 -14.68
CA ASP C 448 -27.90 -20.57 -14.64
C ASP C 448 -28.83 -20.75 -15.85
N LEU C 449 -29.57 -19.69 -16.20
CA LEU C 449 -30.49 -19.78 -17.32
C LEU C 449 -29.75 -20.01 -18.64
N VAL C 450 -28.66 -19.28 -18.86
CA VAL C 450 -27.92 -19.45 -20.11
C VAL C 450 -27.26 -20.83 -20.15
N ALA C 451 -26.79 -21.31 -19.01
CA ALA C 451 -26.25 -22.67 -18.96
C ALA C 451 -27.32 -23.69 -19.33
N LEU C 452 -28.54 -23.50 -18.83
CA LEU C 452 -29.60 -24.47 -19.10
C LEU C 452 -30.04 -24.42 -20.56
N THR C 453 -30.09 -23.21 -21.14
CA THR C 453 -30.41 -23.10 -22.56
C THR C 453 -29.32 -23.75 -23.42
N CYS C 454 -28.06 -23.57 -23.04
CA CYS C 454 -26.98 -24.27 -23.74
C CYS C 454 -27.14 -25.78 -23.61
N PHE C 455 -27.57 -26.25 -22.44
CA PHE C 455 -27.80 -27.69 -22.28
C PHE C 455 -28.90 -28.18 -23.19
N LEU C 456 -29.99 -27.42 -23.29
CA LEU C 456 -31.09 -27.82 -24.17
C LEU C 456 -30.64 -27.87 -25.61
N LEU C 457 -29.87 -26.86 -26.04
CA LEU C 457 -29.36 -26.85 -27.41
C LEU C 457 -28.43 -28.03 -27.65
N GLY C 458 -27.57 -28.34 -26.66
CA GLY C 458 -26.68 -29.48 -26.80
C GLY C 458 -27.41 -30.80 -26.89
N VAL C 459 -28.47 -30.96 -26.09
CA VAL C 459 -29.28 -32.18 -26.16
C VAL C 459 -29.94 -32.29 -27.52
N GLY C 460 -30.48 -31.19 -28.04
CA GLY C 460 -31.09 -31.23 -29.35
C GLY C 460 -30.10 -31.60 -30.43
N CYS C 461 -28.90 -31.02 -30.38
CA CYS C 461 -27.90 -31.31 -31.40
C CYS C 461 -27.37 -32.73 -31.27
N ARG C 462 -27.27 -33.24 -30.04
CA ARG C 462 -26.86 -34.63 -29.84
C ARG C 462 -27.91 -35.59 -30.38
N LEU C 463 -29.19 -35.29 -30.16
CA LEU C 463 -30.25 -36.17 -30.65
C LEU C 463 -30.34 -36.13 -32.17
N THR C 464 -30.23 -34.95 -32.77
CA THR C 464 -30.31 -34.87 -34.22
C THR C 464 -29.07 -35.51 -34.84
N PRO C 465 -29.21 -36.16 -36.00
CA PRO C 465 -28.07 -36.92 -36.55
C PRO C 465 -26.89 -36.05 -36.97
N GLY C 466 -27.15 -34.99 -37.74
CA GLY C 466 -26.06 -34.26 -38.36
C GLY C 466 -25.15 -33.52 -37.39
N LEU C 467 -25.71 -32.96 -36.32
CA LEU C 467 -24.99 -32.01 -35.48
C LEU C 467 -24.40 -32.64 -34.22
N TYR C 468 -23.92 -33.89 -34.31
CA TYR C 468 -23.36 -34.56 -33.15
C TYR C 468 -22.11 -33.83 -32.64
N HIS C 469 -21.22 -33.45 -33.54
CA HIS C 469 -19.99 -32.77 -33.14
C HIS C 469 -20.28 -31.42 -32.52
N LEU C 470 -21.19 -30.66 -33.13
CA LEU C 470 -21.58 -29.37 -32.58
C LEU C 470 -22.22 -29.55 -31.20
N GLY C 471 -23.04 -30.59 -31.04
CA GLY C 471 -23.61 -30.86 -29.73
C GLY C 471 -22.55 -31.15 -28.69
N ARG C 472 -21.56 -31.96 -29.04
CA ARG C 472 -20.49 -32.25 -28.09
C ARG C 472 -19.73 -30.99 -27.71
N THR C 473 -19.42 -30.14 -28.69
CA THR C 473 -18.69 -28.91 -28.40
C THR C 473 -19.48 -27.99 -27.48
N VAL C 474 -20.77 -27.80 -27.79
CA VAL C 474 -21.57 -26.89 -26.98
C VAL C 474 -21.79 -27.45 -25.59
N LEU C 475 -21.84 -28.78 -25.45
CA LEU C 475 -21.95 -29.37 -24.12
C LEU C 475 -20.65 -29.20 -23.32
N CYS C 476 -19.50 -29.25 -23.99
CA CYS C 476 -18.26 -28.92 -23.31
C CYS C 476 -18.28 -27.49 -22.78
N ILE C 477 -18.73 -26.55 -23.62
CA ILE C 477 -18.85 -25.16 -23.17
C ILE C 477 -19.82 -25.07 -21.99
N ASP C 478 -20.92 -25.81 -22.05
CA ASP C 478 -21.89 -25.79 -20.97
C ASP C 478 -21.30 -26.34 -19.68
N PHE C 479 -20.43 -27.35 -19.78
CA PHE C 479 -19.74 -27.82 -18.58
C PHE C 479 -18.91 -26.70 -17.97
N MET C 480 -18.21 -25.93 -18.80
CA MET C 480 -17.47 -24.78 -18.28
C MET C 480 -18.41 -23.83 -17.54
N VAL C 481 -19.57 -23.55 -18.12
CA VAL C 481 -20.50 -22.61 -17.49
C VAL C 481 -21.00 -23.17 -16.15
N PHE C 482 -21.30 -24.46 -16.11
CA PHE C 482 -21.76 -25.07 -14.86
C PHE C 482 -20.67 -25.01 -13.78
N THR C 483 -19.42 -25.27 -14.18
CA THR C 483 -18.33 -25.17 -13.22
C THR C 483 -18.19 -23.75 -12.71
N VAL C 484 -18.43 -22.77 -13.57
CA VAL C 484 -18.43 -21.37 -13.13
C VAL C 484 -19.53 -21.14 -12.10
N ARG C 485 -20.73 -21.68 -12.35
CA ARG C 485 -21.82 -21.51 -11.40
C ARG C 485 -21.53 -22.16 -10.05
N LEU C 486 -20.72 -23.23 -10.06
CA LEU C 486 -20.32 -23.85 -8.81
C LEU C 486 -19.65 -22.85 -7.88
N LEU C 487 -18.95 -21.87 -8.45
CA LEU C 487 -18.33 -20.81 -7.65
C LEU C 487 -19.37 -20.04 -6.85
N HIS C 488 -20.42 -19.58 -7.52
CA HIS C 488 -21.49 -18.88 -6.82
C HIS C 488 -22.18 -19.78 -5.80
N ILE C 489 -22.28 -21.07 -6.12
CA ILE C 489 -22.81 -22.02 -5.14
C ILE C 489 -21.92 -22.09 -3.91
N PHE C 490 -20.61 -21.85 -4.07
CA PHE C 490 -19.68 -21.92 -2.95
C PHE C 490 -19.17 -20.52 -2.58
N THR C 491 -20.07 -19.54 -2.55
CA THR C 491 -19.71 -18.21 -2.08
C THR C 491 -20.07 -17.96 -0.62
N VAL C 492 -20.63 -18.97 0.07
CA VAL C 492 -21.15 -18.75 1.42
C VAL C 492 -20.01 -18.64 2.42
N ASN C 493 -18.85 -19.21 2.10
CA ASN C 493 -17.76 -19.31 3.06
C ASN C 493 -17.37 -17.93 3.58
N LYS C 494 -17.22 -17.85 4.91
CA LYS C 494 -17.03 -16.56 5.55
C LYS C 494 -15.74 -15.89 5.13
N GLN C 495 -14.71 -16.67 4.81
CA GLN C 495 -13.42 -16.13 4.42
C GLN C 495 -13.25 -15.97 2.93
N LEU C 496 -14.28 -16.28 2.13
CA LEU C 496 -14.12 -16.31 0.67
C LEU C 496 -15.06 -15.36 -0.06
N GLY C 497 -16.25 -15.10 0.47
CA GLY C 497 -17.24 -14.28 -0.20
C GLY C 497 -16.78 -12.87 -0.53
N PRO C 498 -16.17 -12.18 0.44
CA PRO C 498 -15.58 -10.87 0.12
C PRO C 498 -14.55 -10.96 -0.99
N LYS C 499 -13.75 -12.02 -1.03
CA LYS C 499 -12.75 -12.16 -2.09
C LYS C 499 -13.41 -12.41 -3.44
N ILE C 500 -14.52 -13.16 -3.45
CA ILE C 500 -15.24 -13.40 -4.70
C ILE C 500 -15.83 -12.10 -5.22
N VAL C 501 -16.43 -11.29 -4.35
CA VAL C 501 -16.97 -10.03 -4.84
C VAL C 501 -15.84 -9.08 -5.24
N ILE C 502 -14.67 -9.22 -4.61
CA ILE C 502 -13.50 -8.46 -5.05
C ILE C 502 -13.14 -8.81 -6.48
N VAL C 503 -12.97 -10.10 -6.77
CA VAL C 503 -12.55 -10.51 -8.11
C VAL C 503 -13.63 -10.15 -9.12
N SER C 504 -14.88 -10.07 -8.69
CA SER C 504 -15.91 -9.52 -9.57
C SER C 504 -15.66 -8.04 -9.86
N LYS C 505 -15.19 -7.29 -8.87
CA LYS C 505 -14.93 -5.86 -9.05
C LYS C 505 -13.68 -5.58 -9.88
N MET C 506 -12.80 -6.57 -10.03
CA MET C 506 -11.49 -6.36 -10.67
C MET C 506 -11.58 -6.42 -12.20
N MET C 507 -12.79 -6.62 -12.74
CA MET C 507 -12.97 -6.79 -14.17
C MET C 507 -12.60 -5.53 -14.95
N LYS C 508 -12.84 -4.35 -14.38
CA LYS C 508 -12.49 -3.12 -15.10
C LYS C 508 -10.99 -3.04 -15.34
N ASP C 509 -10.19 -3.38 -14.33
CA ASP C 509 -8.74 -3.35 -14.49
C ASP C 509 -8.28 -4.41 -15.49
N VAL C 510 -8.78 -5.64 -15.36
CA VAL C 510 -8.35 -6.66 -16.32
C VAL C 510 -8.81 -6.29 -17.73
N PHE C 511 -9.89 -5.53 -17.83
CA PHE C 511 -10.49 -5.18 -19.12
C PHE C 511 -9.70 -4.08 -19.81
N PHE C 512 -9.24 -3.09 -19.04
CA PHE C 512 -8.29 -2.12 -19.56
C PHE C 512 -6.99 -2.81 -20.01
N PHE C 513 -6.50 -3.75 -19.20
CA PHE C 513 -5.31 -4.47 -19.59
C PHE C 513 -5.52 -5.23 -20.88
N LEU C 514 -6.72 -5.79 -21.07
CA LEU C 514 -7.04 -6.46 -22.32
C LEU C 514 -6.96 -5.50 -23.50
N PHE C 515 -7.50 -4.30 -23.35
CA PHE C 515 -7.34 -3.30 -24.43
C PHE C 515 -5.87 -3.04 -24.74
N PHE C 516 -5.08 -2.74 -23.71
CA PHE C 516 -3.70 -2.34 -23.98
C PHE C 516 -2.92 -3.48 -24.61
N LEU C 517 -3.12 -4.70 -24.11
CA LEU C 517 -2.45 -5.87 -24.67
C LEU C 517 -2.87 -6.10 -26.10
N GLY C 518 -4.16 -5.94 -26.41
CA GLY C 518 -4.60 -6.09 -27.78
C GLY C 518 -3.95 -5.10 -28.71
N VAL C 519 -3.87 -3.84 -28.29
CA VAL C 519 -3.26 -2.81 -29.13
C VAL C 519 -1.79 -3.14 -29.40
N TRP C 520 -1.04 -3.45 -28.34
CA TRP C 520 0.39 -3.72 -28.51
C TRP C 520 0.61 -5.00 -29.32
N LEU C 521 -0.25 -6.00 -29.12
CA LEU C 521 -0.14 -7.23 -29.90
C LEU C 521 -0.37 -6.97 -31.38
N VAL C 522 -1.39 -6.18 -31.71
CA VAL C 522 -1.61 -5.83 -33.11
C VAL C 522 -0.38 -5.16 -33.69
N ALA C 523 0.14 -4.16 -32.98
CA ALA C 523 1.30 -3.43 -33.50
C ALA C 523 2.47 -4.35 -33.75
N TYR C 524 2.88 -5.12 -32.73
CA TYR C 524 4.08 -5.95 -32.86
C TYR C 524 3.86 -7.07 -33.88
N GLY C 525 2.69 -7.70 -33.87
CA GLY C 525 2.43 -8.78 -34.80
C GLY C 525 2.45 -8.33 -36.24
N VAL C 526 1.80 -7.20 -36.53
CA VAL C 526 1.82 -6.71 -37.91
C VAL C 526 3.23 -6.28 -38.30
N ALA C 527 3.97 -5.68 -37.36
CA ALA C 527 5.34 -5.29 -37.66
C ALA C 527 6.19 -6.49 -38.06
N THR C 528 6.13 -7.57 -37.26
CA THR C 528 6.95 -8.74 -37.59
C THR C 528 6.44 -9.44 -38.84
N GLU C 529 5.11 -9.48 -39.05
CA GLU C 529 4.55 -10.12 -40.22
C GLU C 529 4.88 -9.35 -41.49
N GLY C 530 5.16 -8.05 -41.37
CA GLY C 530 5.59 -7.29 -42.52
C GLY C 530 7.08 -7.39 -42.75
N LEU C 531 7.85 -7.42 -41.65
CA LEU C 531 9.30 -7.52 -41.79
C LEU C 531 9.71 -8.86 -42.39
N LEU C 532 9.12 -9.95 -41.91
CA LEU C 532 9.35 -11.27 -42.49
C LEU C 532 8.11 -11.71 -43.24
N ARG C 533 8.30 -12.21 -44.46
CA ARG C 533 7.18 -12.48 -45.36
C ARG C 533 7.10 -13.96 -45.70
N PRO C 534 6.42 -14.76 -44.87
CA PRO C 534 6.26 -16.19 -45.20
C PRO C 534 5.48 -16.38 -46.49
N ARG C 535 5.83 -17.44 -47.22
CA ARG C 535 5.17 -17.73 -48.49
C ARG C 535 3.72 -18.13 -48.29
N ASP C 536 3.45 -18.93 -47.27
CA ASP C 536 2.09 -19.40 -46.98
C ASP C 536 1.28 -18.26 -46.39
N SER C 537 0.73 -17.43 -47.27
CA SER C 537 -0.01 -16.23 -46.88
C SER C 537 -1.50 -16.48 -46.76
N ASP C 538 -1.89 -17.70 -46.41
CA ASP C 538 -3.30 -17.99 -46.17
C ASP C 538 -3.79 -17.17 -44.97
N PHE C 539 -5.05 -16.75 -45.03
CA PHE C 539 -5.61 -15.88 -44.00
C PHE C 539 -5.55 -16.46 -42.59
N PRO C 540 -5.92 -17.73 -42.35
CA PRO C 540 -5.75 -18.27 -40.99
C PRO C 540 -4.31 -18.26 -40.52
N SER C 541 -3.36 -18.57 -41.41
CA SER C 541 -1.95 -18.56 -41.02
C SER C 541 -1.48 -17.15 -40.68
N ILE C 542 -1.89 -16.16 -41.49
CA ILE C 542 -1.52 -14.78 -41.22
C ILE C 542 -2.09 -14.33 -39.89
N LEU C 543 -3.36 -14.63 -39.64
CA LEU C 543 -3.98 -14.25 -38.37
C LEU C 543 -3.31 -14.95 -37.20
N ARG C 544 -2.96 -16.23 -37.35
CA ARG C 544 -2.25 -16.94 -36.30
C ARG C 544 -0.92 -16.26 -35.99
N ARG C 545 -0.10 -16.03 -37.02
CA ARG C 545 1.21 -15.42 -36.81
C ARG C 545 1.12 -13.99 -36.28
N VAL C 546 0.01 -13.29 -36.54
CA VAL C 546 -0.08 -11.90 -36.10
C VAL C 546 -0.69 -11.76 -34.71
N PHE C 547 -1.50 -12.72 -34.27
CA PHE C 547 -2.16 -12.61 -32.97
C PHE C 547 -1.73 -13.69 -31.98
N TYR C 548 -1.81 -14.97 -32.36
CA TYR C 548 -1.68 -16.04 -31.40
C TYR C 548 -0.24 -16.17 -30.91
N ARG C 549 0.71 -16.32 -31.84
CA ARG C 549 2.11 -16.48 -31.46
C ARG C 549 2.65 -15.31 -30.66
N PRO C 550 2.45 -14.05 -31.06
CA PRO C 550 2.89 -12.95 -30.18
C PRO C 550 2.23 -12.98 -28.82
N TYR C 551 0.96 -13.41 -28.74
CA TYR C 551 0.32 -13.55 -27.44
C TYR C 551 1.01 -14.61 -26.60
N LEU C 552 1.37 -15.74 -27.22
CA LEU C 552 2.04 -16.80 -26.47
C LEU C 552 3.47 -16.44 -26.10
N GLN C 553 4.06 -15.45 -26.77
CA GLN C 553 5.39 -14.99 -26.36
C GLN C 553 5.41 -14.47 -24.93
N ILE C 554 4.27 -14.04 -24.40
CA ILE C 554 4.23 -13.49 -23.05
C ILE C 554 4.50 -14.57 -22.02
N PHE C 555 4.01 -15.79 -22.25
CA PHE C 555 4.04 -16.86 -21.24
C PHE C 555 5.14 -17.87 -21.52
N GLY C 556 6.29 -17.42 -22.00
CA GLY C 556 7.46 -18.26 -22.11
C GLY C 556 7.55 -19.12 -23.35
N GLN C 557 6.71 -18.88 -24.35
CA GLN C 557 6.78 -19.61 -25.62
C GLN C 557 7.37 -18.67 -26.67
N ILE C 558 8.68 -18.76 -26.85
CA ILE C 558 9.42 -17.87 -27.76
C ILE C 558 10.02 -18.72 -28.87
N PRO C 559 9.42 -18.72 -30.06
CA PRO C 559 9.97 -19.49 -31.18
C PRO C 559 11.14 -18.80 -31.86
N GLN C 560 12.29 -18.81 -31.17
CA GLN C 560 13.51 -18.24 -31.72
C GLN C 560 13.90 -18.93 -33.02
N GLU C 561 13.84 -20.27 -33.05
CA GLU C 561 14.17 -21.00 -34.26
C GLU C 561 13.18 -20.70 -35.37
N ASP C 562 12.04 -20.12 -35.04
CA ASP C 562 11.04 -19.79 -36.06
C ASP C 562 11.19 -18.37 -36.59
N MET C 563 11.64 -17.43 -35.76
CA MET C 563 11.71 -16.04 -36.20
C MET C 563 13.09 -15.40 -36.10
N ASP C 564 14.17 -16.17 -36.04
CA ASP C 564 15.51 -15.62 -36.16
C ASP C 564 16.30 -16.40 -37.20
N VAL C 565 16.99 -15.68 -38.07
CA VAL C 565 17.62 -16.33 -39.23
C VAL C 565 18.87 -17.08 -38.82
N ALA C 566 19.61 -16.57 -37.82
CA ALA C 566 20.86 -17.20 -37.43
C ALA C 566 20.64 -18.61 -36.90
N LEU C 567 19.40 -18.94 -36.53
CA LEU C 567 19.04 -20.28 -36.09
C LEU C 567 18.42 -21.12 -37.19
N MET C 568 18.36 -20.62 -38.42
CA MET C 568 17.70 -21.32 -39.51
C MET C 568 18.68 -21.58 -40.65
N GLU C 569 18.46 -22.69 -41.35
CA GLU C 569 19.30 -23.07 -42.49
C GLU C 569 18.92 -22.25 -43.71
N HIS C 570 19.92 -21.74 -44.41
CA HIS C 570 19.70 -20.85 -45.55
C HIS C 570 19.39 -21.63 -46.82
N SER C 571 18.44 -21.13 -47.59
CA SER C 571 18.05 -21.74 -48.85
C SER C 571 17.42 -20.69 -49.75
N ASN C 572 17.30 -21.02 -51.03
CA ASN C 572 16.72 -20.11 -52.01
C ASN C 572 15.34 -20.63 -52.44
N CYS C 573 14.31 -19.95 -51.94
CA CYS C 573 12.93 -20.38 -52.21
C CYS C 573 12.46 -19.93 -53.58
N SER C 574 12.34 -18.62 -53.78
CA SER C 574 11.58 -18.06 -54.89
C SER C 574 12.45 -17.17 -55.74
N SER C 575 11.93 -16.86 -56.94
CA SER C 575 12.63 -15.98 -57.87
C SER C 575 12.71 -14.55 -57.38
N GLU C 576 11.91 -14.18 -56.38
CA GLU C 576 12.00 -12.83 -55.84
C GLU C 576 13.37 -12.61 -55.20
N PRO C 577 14.04 -11.50 -55.54
CA PRO C 577 15.42 -11.31 -55.07
C PRO C 577 15.51 -11.12 -53.57
N GLY C 578 16.12 -12.08 -52.90
CA GLY C 578 16.32 -11.99 -51.46
C GLY C 578 16.87 -13.29 -50.92
N PHE C 579 17.24 -13.24 -49.65
CA PHE C 579 17.74 -14.40 -48.92
C PHE C 579 16.66 -14.82 -47.92
N TRP C 580 16.35 -16.12 -47.87
CA TRP C 580 15.12 -16.55 -47.21
C TRP C 580 15.35 -17.45 -46.01
N ALA C 581 16.15 -18.50 -46.13
CA ALA C 581 16.51 -19.35 -44.99
C ALA C 581 15.28 -19.99 -44.35
N HIS C 582 14.68 -20.90 -45.11
CA HIS C 582 13.51 -21.71 -44.76
C HIS C 582 13.55 -22.18 -43.30
N PRO C 583 12.47 -22.03 -42.56
CA PRO C 583 12.46 -22.41 -41.14
C PRO C 583 12.14 -23.88 -40.95
N PRO C 584 12.37 -24.42 -39.76
CA PRO C 584 11.92 -25.78 -39.45
C PRO C 584 10.53 -25.86 -38.84
N GLY C 585 9.93 -24.73 -38.49
CA GLY C 585 8.62 -24.76 -37.85
C GLY C 585 7.53 -25.17 -38.83
N ALA C 586 6.49 -25.80 -38.28
CA ALA C 586 5.38 -26.27 -39.10
C ALA C 586 4.44 -25.14 -39.53
N GLN C 587 4.21 -24.17 -38.65
CA GLN C 587 3.29 -23.06 -38.94
C GLN C 587 3.99 -21.73 -38.82
N ALA C 588 5.32 -21.71 -38.94
CA ALA C 588 6.09 -20.47 -38.93
C ALA C 588 6.27 -19.89 -40.34
N GLY C 589 5.69 -20.53 -41.35
CA GLY C 589 5.84 -20.06 -42.71
C GLY C 589 6.68 -21.00 -43.55
N THR C 590 6.43 -20.97 -44.87
CA THR C 590 7.25 -21.77 -45.78
C THR C 590 8.70 -21.32 -45.75
N CYS C 591 8.93 -20.01 -45.92
CA CYS C 591 10.25 -19.42 -45.68
C CYS C 591 10.11 -17.91 -45.63
N VAL C 592 10.66 -17.29 -44.59
CA VAL C 592 10.59 -15.86 -44.37
C VAL C 592 11.68 -15.15 -45.16
N SER C 593 11.61 -13.83 -45.25
CA SER C 593 12.71 -13.03 -45.75
C SER C 593 13.67 -12.73 -44.61
N GLN C 594 14.85 -12.21 -44.96
CA GLN C 594 15.86 -12.01 -43.93
C GLN C 594 16.54 -10.64 -43.99
N TYR C 595 15.97 -9.67 -44.72
CA TYR C 595 16.66 -8.40 -44.92
C TYR C 595 16.82 -7.64 -43.60
N ALA C 596 15.85 -7.74 -42.70
CA ALA C 596 15.85 -6.90 -41.50
C ALA C 596 15.64 -7.71 -40.22
N ASN C 597 16.29 -8.88 -40.12
CA ASN C 597 16.10 -9.69 -38.92
C ASN C 597 16.75 -9.07 -37.70
N TRP C 598 17.76 -8.22 -37.87
CA TRP C 598 18.28 -7.51 -36.71
C TRP C 598 17.19 -6.66 -36.08
N LEU C 599 16.41 -5.96 -36.91
CA LEU C 599 15.34 -5.13 -36.37
C LEU C 599 14.16 -6.01 -35.95
N VAL C 600 14.01 -7.20 -36.53
CA VAL C 600 13.00 -8.14 -36.04
C VAL C 600 13.32 -8.56 -34.61
N VAL C 601 14.58 -8.91 -34.35
CA VAL C 601 14.99 -9.29 -33.01
C VAL C 601 14.87 -8.11 -32.06
N LEU C 602 15.18 -6.90 -32.56
CA LEU C 602 14.99 -5.71 -31.74
C LEU C 602 13.52 -5.53 -31.36
N LEU C 603 12.61 -5.76 -32.31
CA LEU C 603 11.19 -5.67 -32.02
C LEU C 603 10.76 -6.74 -31.02
N LEU C 604 11.31 -7.94 -31.14
CA LEU C 604 11.00 -8.99 -30.18
C LEU C 604 11.44 -8.57 -28.77
N VAL C 605 12.64 -7.99 -28.68
CA VAL C 605 13.15 -7.51 -27.39
C VAL C 605 12.23 -6.43 -26.82
N ILE C 606 11.84 -5.48 -27.68
CA ILE C 606 10.99 -4.38 -27.22
C ILE C 606 9.63 -4.91 -26.76
N PHE C 607 9.04 -5.83 -27.53
CA PHE C 607 7.75 -6.38 -27.16
C PHE C 607 7.83 -7.14 -25.85
N LEU C 608 8.90 -7.92 -25.65
CA LEU C 608 9.06 -8.65 -24.40
C LEU C 608 9.24 -7.69 -23.24
N LEU C 609 9.97 -6.59 -23.45
CA LEU C 609 10.17 -5.62 -22.39
C LEU C 609 8.87 -4.92 -22.02
N VAL C 610 8.04 -4.60 -23.03
CA VAL C 610 6.82 -3.84 -22.76
C VAL C 610 5.74 -4.74 -22.17
N ALA C 611 5.42 -5.84 -22.86
CA ALA C 611 4.28 -6.65 -22.45
C ALA C 611 4.57 -7.46 -21.19
N ASN C 612 5.73 -8.10 -21.13
CA ASN C 612 6.04 -8.98 -20.01
C ASN C 612 6.56 -8.25 -18.79
N ILE C 613 6.92 -6.97 -18.91
CA ILE C 613 7.48 -6.23 -17.78
C ILE C 613 6.61 -5.02 -17.43
N LEU C 614 6.36 -4.15 -18.40
CA LEU C 614 5.57 -2.96 -18.09
C LEU C 614 4.13 -3.34 -17.74
N LEU C 615 3.51 -4.17 -18.59
CA LEU C 615 2.07 -4.42 -18.44
C LEU C 615 1.74 -5.29 -17.23
N VAL C 616 2.44 -6.41 -17.07
CA VAL C 616 2.06 -7.33 -16.00
C VAL C 616 2.28 -6.68 -14.63
N ASN C 617 3.40 -5.99 -14.47
CA ASN C 617 3.71 -5.31 -13.22
C ASN C 617 2.80 -4.10 -12.99
N LEU C 618 2.44 -3.39 -14.06
CA LEU C 618 1.49 -2.30 -13.92
C LEU C 618 0.11 -2.83 -13.52
N LEU C 619 -0.28 -3.97 -14.06
CA LEU C 619 -1.51 -4.62 -13.63
C LEU C 619 -1.43 -5.05 -12.19
N ILE C 620 -0.24 -5.48 -11.74
CA ILE C 620 -0.02 -5.70 -10.31
C ILE C 620 -0.36 -4.45 -9.52
N ALA C 621 0.16 -3.31 -9.95
CA ALA C 621 -0.08 -2.07 -9.22
C ALA C 621 -1.58 -1.77 -9.14
N MET C 622 -2.27 -1.85 -10.29
CA MET C 622 -3.71 -1.59 -10.28
C MET C 622 -4.47 -2.59 -9.42
N PHE C 623 -4.10 -3.86 -9.49
CA PHE C 623 -4.80 -4.88 -8.71
C PHE C 623 -4.65 -4.62 -7.21
N SER C 624 -3.43 -4.32 -6.77
CA SER C 624 -3.19 -4.03 -5.36
C SER C 624 -3.99 -2.81 -4.92
N TYR C 625 -3.94 -1.73 -5.72
CA TYR C 625 -4.65 -0.51 -5.34
C TYR C 625 -6.15 -0.75 -5.27
N THR C 626 -6.71 -1.45 -6.27
CA THR C 626 -8.14 -1.71 -6.29
C THR C 626 -8.56 -2.57 -5.11
N PHE C 627 -7.79 -3.61 -4.79
CA PHE C 627 -8.12 -4.44 -3.64
C PHE C 627 -8.12 -3.62 -2.36
N GLY C 628 -7.05 -2.84 -2.15
CA GLY C 628 -6.96 -2.04 -0.94
C GLY C 628 -8.10 -1.05 -0.82
N LYS C 629 -8.54 -0.48 -1.94
CA LYS C 629 -9.64 0.47 -1.89
C LYS C 629 -10.97 -0.22 -1.64
N VAL C 630 -11.18 -1.40 -2.21
CA VAL C 630 -12.53 -1.92 -2.34
C VAL C 630 -12.91 -2.92 -1.24
N GLN C 631 -11.92 -3.59 -0.64
CA GLN C 631 -12.24 -4.67 0.31
C GLN C 631 -13.16 -4.20 1.45
N GLY C 632 -12.99 -2.94 1.88
CA GLY C 632 -13.71 -2.45 3.04
C GLY C 632 -15.21 -2.35 2.81
N ASN C 633 -15.62 -2.14 1.56
CA ASN C 633 -17.03 -2.18 1.22
C ASN C 633 -17.45 -3.56 0.71
N SER C 634 -16.50 -4.31 0.16
CA SER C 634 -16.82 -5.63 -0.36
C SER C 634 -17.29 -6.55 0.76
N ASP C 635 -16.64 -6.48 1.93
CA ASP C 635 -17.07 -7.34 3.03
C ASP C 635 -18.49 -7.00 3.48
N LEU C 636 -18.82 -5.71 3.55
CA LEU C 636 -20.17 -5.30 3.91
C LEU C 636 -21.18 -5.80 2.89
N TYR C 637 -20.87 -5.67 1.60
CA TYR C 637 -21.75 -6.21 0.58
C TYR C 637 -21.90 -7.72 0.72
N TRP C 638 -20.84 -8.39 1.17
CA TRP C 638 -20.93 -9.82 1.42
C TRP C 638 -21.88 -10.13 2.56
N LYS C 639 -21.94 -9.27 3.58
CA LYS C 639 -22.93 -9.46 4.64
C LYS C 639 -24.34 -9.50 4.07
N ALA C 640 -24.69 -8.51 3.24
CA ALA C 640 -26.02 -8.48 2.63
C ALA C 640 -26.23 -9.70 1.73
N GLN C 641 -25.20 -10.08 0.97
CA GLN C 641 -25.31 -11.22 0.08
C GLN C 641 -25.57 -12.49 0.86
N ARG C 642 -24.91 -12.66 2.02
CA ARG C 642 -25.12 -13.85 2.82
C ARG C 642 -26.49 -13.87 3.44
N TYR C 643 -27.03 -12.69 3.80
CA TYR C 643 -28.41 -12.66 4.25
C TYR C 643 -29.36 -13.13 3.15
N ARG C 644 -29.16 -12.63 1.93
CA ARG C 644 -30.00 -13.05 0.81
C ARG C 644 -29.84 -14.55 0.55
N LEU C 645 -28.62 -15.06 0.68
CA LEU C 645 -28.37 -16.49 0.52
C LEU C 645 -29.15 -17.31 1.55
N ILE C 646 -29.11 -16.89 2.81
CA ILE C 646 -29.85 -17.60 3.85
C ILE C 646 -31.34 -17.60 3.53
N ARG C 647 -31.85 -16.44 3.09
CA ARG C 647 -33.27 -16.37 2.74
C ARG C 647 -33.61 -17.30 1.58
N GLU C 648 -32.76 -17.35 0.56
CA GLU C 648 -33.09 -18.14 -0.62
C GLU C 648 -33.02 -19.64 -0.33
N PHE C 649 -32.03 -20.08 0.46
CA PHE C 649 -32.03 -21.50 0.83
C PHE C 649 -33.13 -21.84 1.82
N HIS C 650 -33.58 -20.87 2.62
CA HIS C 650 -34.77 -21.14 3.44
C HIS C 650 -35.99 -21.31 2.57
N SER C 651 -36.12 -20.51 1.51
CA SER C 651 -37.23 -20.66 0.57
C SER C 651 -37.12 -21.93 -0.27
N ARG C 652 -35.91 -22.44 -0.50
CA ARG C 652 -35.73 -23.63 -1.31
C ARG C 652 -36.31 -24.86 -0.60
N PRO C 653 -36.91 -25.79 -1.36
CA PRO C 653 -37.48 -26.99 -0.73
C PRO C 653 -36.43 -27.93 -0.17
N ALA C 654 -36.88 -29.08 0.35
CA ALA C 654 -36.01 -29.93 1.16
C ALA C 654 -35.10 -30.82 0.30
N LEU C 655 -35.69 -31.68 -0.53
CA LEU C 655 -34.96 -32.76 -1.15
C LEU C 655 -33.94 -32.24 -2.16
N ALA C 656 -32.92 -33.06 -2.41
CA ALA C 656 -31.85 -32.72 -3.32
C ALA C 656 -32.33 -32.78 -4.77
N PRO C 657 -31.67 -32.03 -5.66
CA PRO C 657 -32.14 -31.95 -7.06
C PRO C 657 -32.29 -33.32 -7.72
N PRO C 658 -31.40 -34.29 -7.47
CA PRO C 658 -31.65 -35.63 -8.03
C PRO C 658 -32.97 -36.23 -7.57
N PHE C 659 -33.41 -35.93 -6.35
CA PHE C 659 -34.67 -36.42 -5.84
C PHE C 659 -35.71 -35.33 -5.59
N ILE C 660 -35.43 -34.09 -6.00
CA ILE C 660 -36.37 -32.99 -5.79
C ILE C 660 -37.60 -33.10 -6.68
N VAL C 661 -37.64 -34.10 -7.57
CA VAL C 661 -38.86 -34.38 -8.32
C VAL C 661 -39.98 -34.75 -7.36
N ILE C 662 -39.64 -35.42 -6.26
CA ILE C 662 -40.64 -35.74 -5.24
C ILE C 662 -41.21 -34.46 -4.64
N SER C 663 -40.34 -33.50 -4.33
CA SER C 663 -40.82 -32.22 -3.81
C SER C 663 -41.68 -31.49 -4.83
N HIS C 664 -41.28 -31.54 -6.10
CA HIS C 664 -42.06 -30.90 -7.16
C HIS C 664 -43.45 -31.51 -7.26
N LEU C 665 -43.54 -32.84 -7.24
CA LEU C 665 -44.85 -33.47 -7.34
C LEU C 665 -45.66 -33.22 -6.08
N ARG C 666 -45.00 -33.11 -4.93
CA ARG C 666 -45.71 -32.76 -3.70
C ARG C 666 -46.32 -31.37 -3.81
N LEU C 667 -45.58 -30.41 -4.37
CA LEU C 667 -46.10 -29.05 -4.47
C LEU C 667 -47.20 -28.96 -5.52
N LEU C 668 -47.05 -29.65 -6.65
CA LEU C 668 -48.11 -29.66 -7.65
C LEU C 668 -49.36 -30.36 -7.12
N LEU C 669 -49.19 -31.40 -6.32
CA LEU C 669 -50.35 -32.01 -5.65
C LEU C 669 -51.02 -31.02 -4.72
N ARG C 670 -50.23 -30.24 -3.97
CA ARG C 670 -50.79 -29.18 -3.16
C ARG C 670 -51.53 -28.15 -4.01
N GLN C 671 -51.01 -27.86 -5.21
CA GLN C 671 -51.73 -27.04 -6.16
C GLN C 671 -53.00 -27.73 -6.65
N LEU C 672 -52.95 -29.05 -6.87
CA LEU C 672 -54.12 -29.81 -7.28
C LEU C 672 -55.03 -30.16 -6.11
N CYS C 673 -54.54 -30.07 -4.88
CA CYS C 673 -55.39 -30.34 -3.72
C CYS C 673 -56.33 -29.18 -3.41
N ARG C 674 -55.91 -27.94 -3.69
CA ARG C 674 -56.75 -26.79 -3.38
C ARG C 674 -57.81 -26.55 -4.45
N ARG C 675 -57.69 -27.17 -5.62
CA ARG C 675 -58.70 -27.00 -6.66
C ARG C 675 -60.07 -27.54 -6.23
N PRO C 676 -60.20 -28.77 -5.71
CA PRO C 676 -61.52 -29.19 -5.22
C PRO C 676 -61.96 -28.47 -3.95
N ARG C 677 -61.04 -27.83 -3.25
CA ARG C 677 -61.38 -27.12 -2.02
C ARG C 677 -62.07 -25.79 -2.32
N HIS C 688 -39.66 -14.79 6.71
CA HIS C 688 -40.25 -16.09 6.45
C HIS C 688 -40.10 -17.01 7.67
N PHE C 689 -39.18 -16.64 8.56
CA PHE C 689 -38.97 -17.41 9.79
C PHE C 689 -40.21 -17.38 10.66
N ARG C 690 -40.84 -16.22 10.77
CA ARG C 690 -42.16 -16.03 11.40
C ARG C 690 -42.29 -16.78 12.72
N VAL C 691 -41.27 -16.63 13.57
CA VAL C 691 -41.29 -17.22 14.90
C VAL C 691 -42.37 -16.52 15.72
N TYR C 692 -43.24 -17.31 16.35
CA TYR C 692 -44.37 -16.75 17.09
C TYR C 692 -43.91 -16.06 18.36
N LEU C 693 -44.58 -14.96 18.70
CA LEU C 693 -44.34 -14.22 19.93
C LEU C 693 -45.65 -14.11 20.69
N SER C 694 -45.56 -14.18 22.02
CA SER C 694 -46.75 -14.11 22.86
C SER C 694 -47.33 -12.69 22.87
N LYS C 695 -48.63 -12.61 23.15
CA LYS C 695 -49.31 -11.32 23.14
C LYS C 695 -48.79 -10.41 24.24
N GLU C 696 -48.63 -10.93 25.46
CA GLU C 696 -48.05 -10.14 26.54
C GLU C 696 -46.56 -9.93 26.32
N ALA C 697 -45.90 -10.90 25.67
CA ALA C 697 -44.51 -10.72 25.31
C ALA C 697 -44.33 -9.53 24.37
N GLU C 698 -45.31 -9.28 23.50
CA GLU C 698 -45.23 -8.11 22.62
C GLU C 698 -45.17 -6.82 23.43
N ARG C 699 -46.05 -6.69 24.43
CA ARG C 699 -46.04 -5.49 25.26
C ARG C 699 -44.75 -5.40 26.07
N LYS C 700 -44.25 -6.52 26.58
CA LYS C 700 -43.02 -6.49 27.36
C LYS C 700 -41.83 -6.08 26.48
N LEU C 701 -41.80 -6.56 25.23
CA LEU C 701 -40.77 -6.13 24.29
C LEU C 701 -40.89 -4.65 23.99
N LEU C 702 -42.12 -4.15 23.81
CA LEU C 702 -42.30 -2.72 23.54
C LEU C 702 -41.79 -1.88 24.71
N THR C 703 -42.12 -2.28 25.94
CA THR C 703 -41.66 -1.53 27.10
C THR C 703 -40.14 -1.58 27.23
N TRP C 704 -39.55 -2.77 27.03
CA TRP C 704 -38.10 -2.91 27.11
C TRP C 704 -37.41 -2.05 26.06
N GLU C 705 -37.93 -2.07 24.83
CA GLU C 705 -37.34 -1.28 23.75
C GLU C 705 -37.46 0.20 24.04
N SER C 706 -38.61 0.65 24.55
CA SER C 706 -38.77 2.06 24.87
C SER C 706 -37.82 2.50 25.97
N VAL C 707 -37.66 1.67 27.00
CA VAL C 707 -36.76 2.00 28.09
C VAL C 707 -35.32 2.09 27.59
N HIS C 708 -34.89 1.13 26.79
CA HIS C 708 -33.52 1.17 26.29
C HIS C 708 -33.32 2.31 25.30
N LYS C 709 -34.38 2.67 24.57
CA LYS C 709 -34.29 3.82 23.67
C LYS C 709 -34.09 5.11 24.44
N GLU C 710 -34.88 5.32 25.50
CA GLU C 710 -34.70 6.55 26.27
C GLU C 710 -33.34 6.55 26.98
N ASN C 711 -32.85 5.38 27.39
CA ASN C 711 -31.51 5.31 27.95
C ASN C 711 -30.46 5.72 26.91
N PHE C 712 -30.60 5.24 25.67
CA PHE C 712 -29.65 5.59 24.63
C PHE C 712 -29.70 7.09 24.32
N LEU C 713 -30.91 7.66 24.29
CA LEU C 713 -31.03 9.09 24.05
C LEU C 713 -30.41 9.91 25.18
N LEU C 714 -30.61 9.51 26.43
CA LEU C 714 -29.99 10.26 27.52
C LEU C 714 -28.48 10.12 27.49
N ALA C 715 -27.98 8.94 27.12
CA ALA C 715 -26.54 8.75 26.99
C ALA C 715 -25.96 9.65 25.89
N ARG C 716 -26.64 9.72 24.74
CA ARG C 716 -26.14 10.56 23.66
C ARG C 716 -26.26 12.04 24.01
N ALA C 717 -27.28 12.40 24.79
CA ALA C 717 -27.40 13.78 25.26
C ALA C 717 -26.24 14.14 26.19
N ARG C 718 -25.89 13.22 27.09
CA ARG C 718 -24.74 13.46 27.96
C ARG C 718 -23.46 13.57 27.13
N ASP C 719 -23.32 12.74 26.10
CA ASP C 719 -22.15 12.81 25.23
C ASP C 719 -22.09 14.17 24.53
N LYS C 720 -23.22 14.65 24.02
CA LYS C 720 -23.24 15.95 23.36
C LYS C 720 -22.91 17.07 24.33
N ARG C 721 -23.43 16.99 25.56
CA ARG C 721 -23.12 18.00 26.56
C ARG C 721 -21.64 18.00 26.91
N GLU C 722 -21.05 16.81 27.03
CA GLU C 722 -19.63 16.69 27.36
C GLU C 722 -18.74 17.02 26.16
N SER C 723 -19.32 17.11 24.96
CA SER C 723 -18.55 17.54 23.80
C SER C 723 -17.95 18.91 24.03
N ASP C 724 -16.71 19.09 23.57
CA ASP C 724 -15.97 20.32 23.83
C ASP C 724 -16.61 21.52 23.15
N SER C 725 -17.16 21.32 21.94
CA SER C 725 -17.81 22.44 21.24
C SER C 725 -19.02 22.94 22.01
N GLU C 726 -19.86 22.02 22.50
CA GLU C 726 -21.01 22.42 23.30
C GLU C 726 -20.59 23.05 24.62
N ARG C 727 -19.52 22.52 25.23
CA ARG C 727 -19.01 23.12 26.46
C ARG C 727 -18.53 24.55 26.22
N LEU C 728 -17.84 24.78 25.10
CA LEU C 728 -17.37 26.12 24.79
C LEU C 728 -18.56 27.04 24.50
N LYS C 729 -19.59 26.52 23.83
CA LYS C 729 -20.85 27.26 23.70
C LYS C 729 -21.36 27.71 25.07
N ARG C 730 -21.43 26.76 26.02
CA ARG C 730 -21.99 27.07 27.33
C ARG C 730 -21.14 28.11 28.06
N THR C 731 -19.81 27.98 27.97
CA THR C 731 -18.94 28.96 28.59
C THR C 731 -19.13 30.33 27.97
N SER C 732 -19.28 30.40 26.64
CA SER C 732 -19.50 31.67 25.97
C SER C 732 -20.79 32.33 26.45
N GLN C 733 -21.88 31.56 26.53
CA GLN C 733 -23.13 32.13 27.01
C GLN C 733 -23.05 32.57 28.46
N LYS C 734 -22.37 31.79 29.31
CA LYS C 734 -22.22 32.18 30.70
C LYS C 734 -21.40 33.47 30.84
N VAL C 735 -20.33 33.59 30.05
CA VAL C 735 -19.53 34.80 30.09
C VAL C 735 -20.35 35.99 29.59
N ASP C 736 -21.14 35.80 28.53
CA ASP C 736 -21.97 36.87 28.03
C ASP C 736 -23.00 37.32 29.07
N LEU C 737 -23.62 36.36 29.76
CA LEU C 737 -24.58 36.72 30.80
C LEU C 737 -23.89 37.45 31.95
N ALA C 738 -22.70 37.01 32.33
CA ALA C 738 -21.94 37.71 33.36
C ALA C 738 -21.65 39.15 32.94
N LEU C 739 -21.22 39.33 31.69
CA LEU C 739 -20.94 40.68 31.19
C LEU C 739 -22.20 41.54 31.20
N LYS C 740 -23.32 40.95 30.79
CA LYS C 740 -24.58 41.69 30.76
C LYS C 740 -25.00 42.13 32.15
N GLN C 741 -24.95 41.22 33.13
CA GLN C 741 -25.40 41.58 34.46
C GLN C 741 -24.38 42.46 35.18
N LEU C 742 -23.11 42.43 34.75
CA LEU C 742 -22.13 43.38 35.27
C LEU C 742 -22.38 44.76 34.69
N GLY C 743 -22.82 44.83 33.43
CA GLY C 743 -23.29 46.08 32.88
C GLY C 743 -24.53 46.61 33.59
N HIS C 744 -25.39 45.70 34.05
CA HIS C 744 -26.55 46.09 34.84
C HIS C 744 -26.17 46.67 36.19
N ILE C 745 -24.94 46.46 36.66
CA ILE C 745 -24.44 47.12 37.87
C ILE C 745 -23.30 48.08 37.57
N ARG C 746 -23.08 48.42 36.31
CA ARG C 746 -22.06 49.41 35.96
C ARG C 746 -22.39 50.79 36.53
N GLU C 747 -23.68 51.12 36.62
CA GLU C 747 -24.08 52.46 37.06
C GLU C 747 -23.69 52.73 38.51
N TYR C 748 -23.39 51.70 39.28
CA TYR C 748 -23.00 51.87 40.67
C TYR C 748 -21.66 52.58 40.79
N ARG D 1 -13.56 10.01 65.37
CA ARG D 1 -12.80 8.92 65.97
C ARG D 1 -12.51 7.80 64.98
N SER D 2 -11.89 6.73 65.47
CA SER D 2 -11.49 5.64 64.58
C SER D 2 -12.70 4.92 64.00
N PHE D 3 -13.65 4.52 64.86
CA PHE D 3 -14.73 3.64 64.42
C PHE D 3 -15.67 4.31 63.43
N HIS D 4 -15.85 5.63 63.54
CA HIS D 4 -16.69 6.33 62.57
C HIS D 4 -16.13 6.19 61.16
N LEU D 5 -14.85 6.49 60.99
CA LEU D 5 -14.21 6.31 59.69
C LEU D 5 -14.13 4.85 59.29
N GLU D 6 -13.95 3.95 60.26
CA GLU D 6 -13.94 2.52 59.94
C GLU D 6 -15.24 2.09 59.30
N ALA D 7 -16.38 2.40 59.93
CA ALA D 7 -17.68 2.03 59.38
C ALA D 7 -17.96 2.78 58.08
N SER D 8 -17.55 4.05 58.01
CA SER D 8 -17.76 4.83 56.79
C SER D 8 -17.02 4.20 55.61
N LEU D 9 -15.77 3.77 55.82
CA LEU D 9 -15.03 3.11 54.75
C LEU D 9 -15.55 1.71 54.48
N MET D 10 -16.11 1.05 55.50
CA MET D 10 -16.76 -0.24 55.27
C MET D 10 -17.91 -0.09 54.29
N ASP D 11 -18.78 0.89 54.53
CA ASP D 11 -19.86 1.17 53.59
C ASP D 11 -19.33 1.67 52.26
N ALA D 12 -18.24 2.45 52.29
CA ALA D 12 -17.63 2.97 51.08
C ALA D 12 -17.04 1.87 50.20
N LEU D 13 -16.70 0.73 50.80
CA LEU D 13 -16.29 -0.43 50.02
C LEU D 13 -17.49 -1.26 49.59
N LEU D 14 -18.50 -1.37 50.46
CA LEU D 14 -19.71 -2.11 50.08
C LEU D 14 -20.38 -1.49 48.86
N ASN D 15 -20.49 -0.17 48.82
CA ASN D 15 -20.94 0.55 47.64
C ASN D 15 -19.75 1.06 46.86
N ASP D 16 -19.99 1.48 45.62
CA ASP D 16 -18.89 1.92 44.76
C ASP D 16 -18.23 3.19 45.30
N ARG D 17 -18.95 4.32 45.23
CA ARG D 17 -18.61 5.65 45.76
C ARG D 17 -17.10 5.91 45.80
N PRO D 18 -16.43 5.87 44.64
CA PRO D 18 -14.96 5.98 44.64
C PRO D 18 -14.45 7.30 45.16
N GLU D 19 -15.18 8.39 44.94
CA GLU D 19 -14.75 9.68 45.49
C GLU D 19 -14.78 9.67 47.01
N PHE D 20 -15.85 9.08 47.58
CA PHE D 20 -15.94 8.96 49.03
C PHE D 20 -14.79 8.10 49.56
N VAL D 21 -14.48 7.00 48.87
CA VAL D 21 -13.35 6.15 49.29
C VAL D 21 -12.06 6.95 49.28
N ARG D 22 -11.79 7.64 48.16
CA ARG D 22 -10.50 8.32 48.03
C ARG D 22 -10.38 9.43 49.07
N LEU D 23 -11.46 10.15 49.35
CA LEU D 23 -11.37 11.19 50.37
C LEU D 23 -11.18 10.59 51.76
N LEU D 24 -11.84 9.47 52.05
CA LEU D 24 -11.68 8.84 53.35
C LEU D 24 -10.24 8.43 53.60
N ILE D 25 -9.61 7.74 52.65
CA ILE D 25 -8.21 7.37 52.86
C ILE D 25 -7.29 8.60 52.77
N SER D 26 -7.66 9.59 51.96
CA SER D 26 -6.84 10.80 51.90
C SER D 26 -6.82 11.53 53.24
N HIS D 27 -7.87 11.36 54.04
CA HIS D 27 -7.81 11.86 55.41
C HIS D 27 -6.72 11.17 56.21
N GLY D 28 -6.54 9.87 56.02
CA GLY D 28 -5.52 9.12 56.72
C GLY D 28 -6.08 8.10 57.69
N LEU D 29 -5.87 6.81 57.39
CA LEU D 29 -6.35 5.72 58.22
C LEU D 29 -5.17 4.88 58.68
N SER D 30 -5.48 3.82 59.45
CA SER D 30 -4.43 2.98 60.00
C SER D 30 -3.94 1.95 58.98
N LEU D 31 -4.87 1.25 58.34
CA LEU D 31 -4.64 0.18 57.38
C LEU D 31 -3.93 -1.03 57.99
N GLY D 32 -3.77 -1.06 59.32
CA GLY D 32 -3.21 -2.22 59.98
C GLY D 32 -4.26 -2.99 60.76
N HIS D 33 -5.21 -2.27 61.34
CA HIS D 33 -6.32 -2.87 62.07
C HIS D 33 -7.63 -2.80 61.29
N PHE D 34 -7.65 -2.14 60.13
CA PHE D 34 -8.82 -2.08 59.27
C PHE D 34 -8.97 -3.33 58.41
N LEU D 35 -8.01 -4.23 58.44
CA LEU D 35 -7.93 -5.37 57.52
C LEU D 35 -8.06 -6.70 58.25
N THR D 36 -8.98 -6.77 59.22
CA THR D 36 -9.14 -8.00 59.98
C THR D 36 -9.94 -9.03 59.17
N PRO D 37 -9.75 -10.32 59.46
CA PRO D 37 -10.45 -11.35 58.67
C PRO D 37 -11.96 -11.25 58.72
N MET D 38 -12.55 -10.78 59.82
CA MET D 38 -14.01 -10.68 59.88
C MET D 38 -14.51 -9.54 58.99
N ARG D 39 -13.78 -8.42 58.95
CA ARG D 39 -14.10 -7.38 57.97
C ARG D 39 -13.96 -7.92 56.55
N LEU D 40 -12.90 -8.70 56.29
CA LEU D 40 -12.75 -9.30 54.97
C LEU D 40 -13.94 -10.18 54.63
N ALA D 41 -14.40 -10.98 55.58
CA ALA D 41 -15.53 -11.88 55.35
C ALA D 41 -16.82 -11.10 55.07
N GLN D 42 -17.07 -10.04 55.83
CA GLN D 42 -18.32 -9.31 55.62
C GLN D 42 -18.26 -8.49 54.34
N LEU D 43 -17.06 -8.08 53.90
CA LEU D 43 -16.94 -7.50 52.57
C LEU D 43 -17.20 -8.55 51.48
N TYR D 44 -16.66 -9.75 51.66
CA TYR D 44 -16.90 -10.83 50.69
C TYR D 44 -18.38 -11.18 50.63
N SER D 45 -19.10 -11.02 51.74
CA SER D 45 -20.52 -11.35 51.77
C SER D 45 -21.35 -10.44 50.88
N ALA D 46 -20.80 -9.32 50.41
CA ALA D 46 -21.52 -8.38 49.57
C ALA D 46 -21.53 -8.78 48.10
N ALA D 47 -20.97 -9.94 47.77
CA ALA D 47 -20.91 -10.38 46.37
C ALA D 47 -22.32 -10.65 45.83
N PRO D 48 -22.58 -10.27 44.59
CA PRO D 48 -23.89 -10.56 43.99
C PRO D 48 -24.09 -12.07 43.81
N SER D 49 -25.30 -12.53 44.11
CA SER D 49 -25.60 -13.95 43.95
C SER D 49 -25.58 -14.36 42.48
N ASN D 50 -26.14 -13.52 41.61
CA ASN D 50 -26.21 -13.81 40.18
C ASN D 50 -24.97 -13.32 39.44
N SER D 51 -23.81 -13.77 39.89
CA SER D 51 -22.53 -13.42 39.27
C SER D 51 -21.60 -14.63 39.37
N LEU D 52 -20.33 -14.42 39.08
CA LEU D 52 -19.33 -15.48 39.18
C LEU D 52 -18.49 -15.39 40.44
N ILE D 53 -18.99 -14.76 41.50
CA ILE D 53 -18.26 -14.64 42.75
C ILE D 53 -18.93 -15.45 43.85
N ARG D 54 -20.23 -15.22 44.07
CA ARG D 54 -20.93 -15.96 45.12
C ARG D 54 -21.01 -17.44 44.79
N ASN D 55 -21.38 -17.78 43.56
CA ASN D 55 -21.45 -19.18 43.18
C ASN D 55 -20.07 -19.83 43.18
N LEU D 56 -19.04 -19.09 42.77
CA LEU D 56 -17.68 -19.62 42.80
C LEU D 56 -17.25 -19.91 44.23
N LEU D 57 -17.52 -18.99 45.16
CA LEU D 57 -17.18 -19.23 46.56
C LEU D 57 -17.95 -20.41 47.12
N ASP D 58 -19.23 -20.53 46.78
CA ASP D 58 -20.03 -21.66 47.26
C ASP D 58 -19.48 -22.98 46.72
N GLN D 59 -19.11 -23.02 45.44
CA GLN D 59 -18.55 -24.23 44.86
C GLN D 59 -17.21 -24.58 45.50
N ALA D 60 -16.37 -23.57 45.75
CA ALA D 60 -15.08 -23.82 46.40
C ALA D 60 -15.27 -24.36 47.81
N SER D 61 -16.24 -23.81 48.55
CA SER D 61 -16.54 -24.31 49.89
C SER D 61 -17.06 -25.74 49.83
N HIS D 62 -17.93 -26.03 48.85
CA HIS D 62 -18.47 -27.38 48.71
C HIS D 62 -17.42 -28.38 48.25
N SER D 63 -16.35 -27.93 47.61
CA SER D 63 -15.30 -28.82 47.15
C SER D 63 -14.58 -29.50 48.31
N VAL D 83 -5.35 -21.79 38.36
CA VAL D 83 -6.47 -20.99 38.84
C VAL D 83 -7.17 -21.72 39.98
N GLY D 84 -7.20 -23.06 39.89
CA GLY D 84 -7.83 -23.84 40.95
C GLY D 84 -7.18 -23.64 42.30
N HIS D 85 -5.85 -23.48 42.32
CA HIS D 85 -5.15 -23.18 43.57
C HIS D 85 -5.59 -21.84 44.13
N VAL D 86 -5.82 -20.85 43.25
CA VAL D 86 -6.30 -19.55 43.72
C VAL D 86 -7.66 -19.69 44.38
N LEU D 87 -8.56 -20.45 43.75
CA LEU D 87 -9.88 -20.69 44.34
C LEU D 87 -9.76 -21.41 45.67
N ARG D 88 -8.85 -22.37 45.77
CA ARG D 88 -8.65 -23.10 47.02
C ARG D 88 -8.16 -22.18 48.12
N MET D 89 -7.20 -21.30 47.81
CA MET D 89 -6.62 -20.43 48.83
C MET D 89 -7.56 -19.30 49.22
N LEU D 90 -8.41 -18.83 48.32
CA LEU D 90 -9.36 -17.77 48.65
C LEU D 90 -10.58 -18.36 49.35
N LEU D 91 -10.95 -17.76 50.47
CA LEU D 91 -12.10 -18.21 51.25
C LEU D 91 -12.80 -17.00 51.85
N GLY D 92 -14.08 -17.18 52.17
CA GLY D 92 -14.88 -16.11 52.75
C GLY D 92 -14.49 -15.79 54.19
N PRO D 138 -0.55 -6.00 52.69
CA PRO D 138 -1.82 -5.77 53.39
C PRO D 138 -2.96 -5.39 52.43
N TRP D 139 -2.63 -4.67 51.37
CA TRP D 139 -3.63 -4.26 50.40
C TRP D 139 -3.93 -5.32 49.36
N SER D 140 -3.23 -6.46 49.40
CA SER D 140 -3.45 -7.50 48.40
C SER D 140 -4.87 -8.04 48.46
N ASP D 141 -5.40 -8.25 49.67
CA ASP D 141 -6.75 -8.78 49.79
C ASP D 141 -7.80 -7.76 49.32
N LEU D 142 -7.61 -6.48 49.66
CA LEU D 142 -8.54 -5.47 49.15
C LEU D 142 -8.51 -5.43 47.63
N LEU D 143 -7.31 -5.46 47.06
CA LEU D 143 -7.17 -5.40 45.60
C LEU D 143 -7.83 -6.61 44.94
N LEU D 144 -7.58 -7.80 45.48
CA LEU D 144 -8.16 -9.02 44.92
C LEU D 144 -9.69 -8.99 45.01
N TRP D 145 -10.22 -8.50 46.14
CA TRP D 145 -11.67 -8.38 46.27
C TRP D 145 -12.22 -7.38 45.27
N ALA D 146 -11.52 -6.27 45.04
CA ALA D 146 -11.96 -5.32 44.04
C ALA D 146 -11.98 -5.92 42.65
N LEU D 147 -10.94 -6.69 42.30
CA LEU D 147 -10.89 -7.33 40.99
C LEU D 147 -12.02 -8.34 40.83
N LEU D 148 -12.26 -9.17 41.84
CA LEU D 148 -13.33 -10.16 41.70
C LEU D 148 -14.71 -9.50 41.65
N LEU D 149 -14.88 -8.38 42.36
CA LEU D 149 -16.15 -7.68 42.35
C LEU D 149 -16.33 -6.78 41.14
N ASN D 150 -15.34 -6.73 40.25
CA ASN D 150 -15.39 -5.96 39.01
C ASN D 150 -15.47 -4.46 39.28
N ARG D 151 -14.81 -4.01 40.34
CA ARG D 151 -14.76 -2.59 40.69
C ARG D 151 -13.48 -2.01 40.09
N ALA D 152 -13.61 -1.37 38.93
CA ALA D 152 -12.45 -0.87 38.21
C ALA D 152 -11.73 0.23 39.01
N GLN D 153 -12.49 1.20 39.52
CA GLN D 153 -11.88 2.30 40.24
C GLN D 153 -11.24 1.83 41.55
N MET D 154 -11.92 0.93 42.26
CA MET D 154 -11.34 0.34 43.47
C MET D 154 -10.05 -0.39 43.15
N ALA D 155 -10.04 -1.17 42.06
CA ALA D 155 -8.83 -1.85 41.64
C ALA D 155 -7.71 -0.87 41.37
N MET D 156 -8.01 0.20 40.63
CA MET D 156 -7.00 1.20 40.31
C MET D 156 -6.41 1.81 41.57
N TYR D 157 -7.27 2.23 42.50
CA TYR D 157 -6.80 2.93 43.68
C TYR D 157 -6.03 2.01 44.61
N PHE D 158 -6.53 0.78 44.80
CA PHE D 158 -5.83 -0.19 45.63
C PHE D 158 -4.47 -0.53 45.04
N TRP D 159 -4.41 -0.69 43.72
CA TRP D 159 -3.12 -0.84 43.05
C TRP D 159 -2.19 0.31 43.38
N GLU D 160 -2.67 1.54 43.16
CA GLU D 160 -1.76 2.69 43.17
C GLU D 160 -1.27 3.01 44.57
N MET D 161 -2.06 2.70 45.59
CA MET D 161 -1.61 2.96 46.96
C MET D 161 -1.11 1.70 47.67
N GLY D 162 -1.13 0.54 46.99
CA GLY D 162 -0.60 -0.67 47.57
C GLY D 162 0.83 -0.94 47.16
N SER D 163 1.40 -1.99 47.75
CA SER D 163 2.77 -2.39 47.48
C SER D 163 2.84 -3.30 46.26
N ASN D 164 4.06 -3.79 45.98
CA ASN D 164 4.37 -4.77 44.93
C ASN D 164 3.49 -4.58 43.70
N ALA D 165 3.54 -3.36 43.16
CA ALA D 165 2.58 -2.95 42.14
C ALA D 165 2.70 -3.80 40.88
N VAL D 166 3.92 -4.08 40.43
CA VAL D 166 4.10 -4.78 39.16
C VAL D 166 3.60 -6.22 39.27
N SER D 167 4.01 -6.93 40.32
CA SER D 167 3.59 -8.32 40.49
C SER D 167 2.09 -8.40 40.71
N SER D 168 1.54 -7.49 41.52
CA SER D 168 0.09 -7.46 41.72
C SER D 168 -0.61 -7.19 40.40
N ALA D 169 -0.04 -6.33 39.56
CA ALA D 169 -0.66 -6.02 38.27
C ALA D 169 -0.67 -7.25 37.37
N LEU D 170 0.45 -7.96 37.26
CA LEU D 170 0.48 -9.14 36.42
C LEU D 170 -0.49 -10.20 36.92
N GLY D 171 -0.51 -10.45 38.23
CA GLY D 171 -1.43 -11.42 38.77
C GLY D 171 -2.89 -11.03 38.55
N ALA D 172 -3.22 -9.76 38.79
CA ALA D 172 -4.59 -9.32 38.69
C ALA D 172 -5.07 -9.34 37.24
N CYS D 173 -4.21 -8.98 36.29
CA CYS D 173 -4.62 -9.03 34.89
C CYS D 173 -4.75 -10.48 34.43
N LEU D 174 -3.90 -11.37 34.95
CA LEU D 174 -4.08 -12.80 34.66
C LEU D 174 -5.44 -13.28 35.14
N LEU D 175 -5.81 -12.92 36.37
CA LEU D 175 -7.12 -13.33 36.88
C LEU D 175 -8.27 -12.66 36.13
N LEU D 176 -8.07 -11.43 35.65
CA LEU D 176 -9.08 -10.80 34.81
C LEU D 176 -9.29 -11.57 33.51
N ARG D 177 -8.19 -11.99 32.87
CA ARG D 177 -8.33 -12.79 31.65
C ARG D 177 -9.03 -14.11 31.96
N VAL D 178 -8.67 -14.75 33.09
CA VAL D 178 -9.27 -16.02 33.46
C VAL D 178 -10.77 -15.85 33.69
N MET D 179 -11.15 -14.83 34.45
CA MET D 179 -12.57 -14.58 34.73
C MET D 179 -13.34 -14.20 33.48
N ALA D 180 -12.74 -13.41 32.58
CA ALA D 180 -13.41 -13.07 31.32
C ALA D 180 -13.64 -14.33 30.48
N ARG D 181 -12.66 -15.24 30.46
CA ARG D 181 -12.86 -16.51 29.77
C ARG D 181 -13.98 -17.32 30.43
N LEU D 182 -14.02 -17.31 31.77
CA LEU D 182 -15.03 -18.07 32.49
C LEU D 182 -16.41 -17.41 32.48
N GLU D 183 -16.51 -16.18 31.99
CA GLU D 183 -17.77 -15.45 32.03
C GLU D 183 -18.79 -16.12 31.10
N PRO D 184 -19.99 -16.46 31.60
CA PRO D 184 -21.05 -16.91 30.69
C PRO D 184 -21.78 -15.76 30.02
N ASP D 185 -21.49 -14.51 30.40
CA ASP D 185 -22.15 -13.34 29.85
C ASP D 185 -21.15 -12.53 29.04
N ALA D 186 -21.53 -12.20 27.80
CA ALA D 186 -20.62 -11.48 26.90
C ALA D 186 -20.29 -10.10 27.43
N GLU D 187 -21.28 -9.40 27.98
CA GLU D 187 -21.04 -8.05 28.48
C GLU D 187 -20.08 -8.05 29.66
N GLU D 188 -20.28 -8.97 30.61
CA GLU D 188 -19.36 -9.07 31.74
C GLU D 188 -17.97 -9.47 31.29
N ALA D 189 -17.88 -10.40 30.34
CA ALA D 189 -16.58 -10.78 29.80
C ALA D 189 -15.88 -9.60 29.14
N ALA D 190 -16.63 -8.79 28.38
CA ALA D 190 -16.04 -7.62 27.73
C ALA D 190 -15.56 -6.62 28.77
N ARG D 191 -16.34 -6.39 29.83
CA ARG D 191 -15.90 -5.48 30.88
C ARG D 191 -14.62 -5.97 31.53
N ARG D 192 -14.58 -7.26 31.89
CA ARG D 192 -13.39 -7.82 32.51
C ARG D 192 -12.17 -7.70 31.60
N LYS D 193 -12.37 -7.98 30.30
CA LYS D 193 -11.23 -7.99 29.40
C LYS D 193 -10.73 -6.57 29.11
N ASP D 194 -11.63 -5.59 28.99
CA ASP D 194 -11.17 -4.23 28.77
C ASP D 194 -10.46 -3.70 30.01
N LEU D 195 -10.96 -4.06 31.20
CA LEU D 195 -10.21 -3.77 32.41
C LEU D 195 -8.83 -4.42 32.36
N ALA D 196 -8.75 -5.65 31.87
CA ALA D 196 -7.47 -6.33 31.76
C ALA D 196 -6.52 -5.61 30.83
N PHE D 197 -7.01 -5.16 29.66
CA PHE D 197 -6.14 -4.44 28.74
C PHE D 197 -5.64 -3.13 29.34
N LYS D 198 -6.55 -2.31 29.89
CA LYS D 198 -6.12 -1.04 30.48
C LYS D 198 -5.13 -1.30 31.60
N PHE D 199 -5.35 -2.38 32.35
CA PHE D 199 -4.58 -2.62 33.56
C PHE D 199 -3.18 -3.14 33.23
N GLU D 200 -3.09 -4.03 32.24
CA GLU D 200 -1.77 -4.46 31.78
C GLU D 200 -1.02 -3.32 31.12
N GLY D 201 -1.71 -2.44 30.39
CA GLY D 201 -1.04 -1.31 29.78
C GLY D 201 -0.46 -0.36 30.82
N MET D 202 -1.23 -0.03 31.84
CA MET D 202 -0.74 0.86 32.88
C MET D 202 0.36 0.20 33.71
N GLY D 203 0.27 -1.12 33.93
CA GLY D 203 1.36 -1.82 34.59
C GLY D 203 2.65 -1.79 33.80
N VAL D 204 2.57 -2.03 32.49
CA VAL D 204 3.77 -2.04 31.67
C VAL D 204 4.33 -0.63 31.53
N ASP D 205 3.46 0.39 31.56
CA ASP D 205 3.95 1.76 31.60
C ASP D 205 4.74 2.03 32.87
N LEU D 206 4.25 1.56 34.02
CA LEU D 206 5.01 1.71 35.26
C LEU D 206 6.34 0.98 35.16
N PHE D 207 6.35 -0.23 34.61
CA PHE D 207 7.63 -0.94 34.56
C PHE D 207 8.58 -0.29 33.56
N GLY D 208 8.05 0.33 32.51
CA GLY D 208 8.91 1.07 31.60
C GLY D 208 9.56 2.26 32.26
N GLU D 209 8.78 3.03 33.04
CA GLU D 209 9.38 4.16 33.74
C GLU D 209 10.34 3.68 34.83
N CYS D 210 10.12 2.48 35.35
CA CYS D 210 11.08 1.91 36.30
C CYS D 210 12.39 1.57 35.62
N TYR D 211 12.32 0.88 34.48
CA TYR D 211 13.53 0.55 33.73
C TYR D 211 14.26 1.81 33.28
N ARG D 212 13.51 2.88 33.01
CA ARG D 212 14.13 4.14 32.61
C ARG D 212 14.97 4.74 33.72
N SER D 213 14.82 4.26 34.95
CA SER D 213 15.60 4.77 36.07
C SER D 213 16.85 3.91 36.34
N SER D 214 16.65 2.63 36.64
CA SER D 214 17.74 1.74 37.04
C SER D 214 17.56 0.40 36.33
N GLU D 215 18.39 0.17 35.32
CA GLU D 215 18.25 -1.01 34.47
C GLU D 215 18.46 -2.29 35.26
N VAL D 216 19.56 -2.37 36.01
CA VAL D 216 19.85 -3.59 36.78
C VAL D 216 18.81 -3.78 37.88
N ARG D 217 18.33 -2.69 38.47
CA ARG D 217 17.31 -2.78 39.50
C ARG D 217 16.03 -3.41 38.94
N ALA D 218 15.58 -2.91 37.78
CA ALA D 218 14.40 -3.51 37.15
C ALA D 218 14.67 -4.95 36.73
N ALA D 219 15.89 -5.23 36.25
CA ALA D 219 16.22 -6.58 35.81
C ALA D 219 16.11 -7.57 36.95
N ARG D 220 16.64 -7.21 38.12
CA ARG D 220 16.48 -8.09 39.28
C ARG D 220 15.08 -8.02 39.86
N LEU D 221 14.30 -6.99 39.48
CA LEU D 221 12.90 -6.95 39.89
C LEU D 221 12.10 -8.00 39.13
N LEU D 222 12.44 -8.25 37.86
CA LEU D 222 11.75 -9.30 37.11
C LEU D 222 11.79 -10.63 37.85
N LEU D 223 13.00 -11.17 38.04
CA LEU D 223 13.14 -12.51 38.57
C LEU D 223 12.77 -12.62 40.03
N ARG D 224 12.41 -11.50 40.67
CA ARG D 224 11.98 -11.53 42.05
C ARG D 224 10.77 -12.43 42.22
N ARG D 225 10.96 -13.55 42.92
CA ARG D 225 9.88 -14.49 43.21
C ARG D 225 9.00 -13.85 44.28
N CYS D 226 7.94 -13.18 43.86
CA CYS D 226 7.07 -12.51 44.81
C CYS D 226 6.23 -13.54 45.57
N PRO D 227 6.00 -13.32 46.86
CA PRO D 227 5.27 -14.33 47.66
C PRO D 227 3.85 -14.59 47.18
N LEU D 228 3.20 -13.59 46.59
CA LEU D 228 1.82 -13.73 46.19
C LEU D 228 1.71 -14.45 44.84
N TRP D 229 0.46 -14.74 44.45
CA TRP D 229 0.14 -15.32 43.15
C TRP D 229 0.86 -16.65 42.93
N GLY D 230 0.88 -17.49 43.97
CA GLY D 230 1.43 -18.82 43.86
C GLY D 230 2.93 -18.90 43.71
N ASP D 231 3.67 -17.90 44.20
CA ASP D 231 5.13 -17.89 44.15
C ASP D 231 5.67 -17.97 42.73
N ALA D 232 4.93 -17.43 41.76
CA ALA D 232 5.36 -17.44 40.36
C ALA D 232 5.95 -16.08 40.01
N THR D 233 7.02 -16.10 39.21
CA THR D 233 7.66 -14.86 38.82
C THR D 233 6.77 -14.08 37.86
N CYS D 234 7.13 -12.81 37.65
CA CYS D 234 6.33 -11.94 36.81
C CYS D 234 6.24 -12.48 35.38
N LEU D 235 7.35 -13.05 34.88
CA LEU D 235 7.38 -13.52 33.50
C LEU D 235 6.38 -14.66 33.29
N GLN D 236 6.34 -15.63 34.21
CA GLN D 236 5.40 -16.72 34.08
C GLN D 236 3.96 -16.22 34.21
N LEU D 237 3.73 -15.26 35.09
CA LEU D 237 2.40 -14.67 35.23
C LEU D 237 1.97 -14.01 33.92
N ALA D 238 2.87 -13.26 33.29
CA ALA D 238 2.56 -12.62 32.03
C ALA D 238 2.28 -13.64 30.93
N MET D 239 3.12 -14.69 30.86
CA MET D 239 2.93 -15.71 29.84
C MET D 239 1.59 -16.43 30.01
N GLN D 240 1.23 -16.75 31.26
CA GLN D 240 -0.08 -17.35 31.51
C GLN D 240 -1.20 -16.38 31.18
N ALA D 241 -0.96 -15.08 31.39
CA ALA D 241 -1.93 -14.04 31.07
C ALA D 241 -1.88 -13.61 29.61
N ASP D 242 -0.93 -14.12 28.83
CA ASP D 242 -0.72 -13.68 27.45
C ASP D 242 -0.53 -12.17 27.39
N ALA D 243 0.45 -11.69 28.16
CA ALA D 243 0.75 -10.26 28.24
C ALA D 243 1.81 -9.89 27.19
N ARG D 244 1.35 -9.89 25.93
CA ARG D 244 2.25 -9.57 24.83
C ARG D 244 2.79 -8.14 24.96
N ALA D 245 1.94 -7.20 25.37
CA ALA D 245 2.42 -5.84 25.60
C ALA D 245 3.45 -5.80 26.73
N PHE D 246 3.26 -6.63 27.76
CA PHE D 246 4.20 -6.64 28.87
C PHE D 246 5.49 -7.36 28.51
N PHE D 247 5.47 -8.11 27.40
CA PHE D 247 6.73 -8.61 26.84
C PHE D 247 7.32 -7.67 25.81
N ALA D 248 6.54 -6.73 25.29
CA ALA D 248 6.98 -5.88 24.19
C ALA D 248 8.07 -4.88 24.59
N GLN D 249 8.07 -4.40 25.83
CA GLN D 249 8.94 -3.27 26.17
C GLN D 249 10.42 -3.65 26.08
N ASP D 250 11.22 -2.67 25.69
CA ASP D 250 12.64 -2.90 25.43
C ASP D 250 13.38 -3.36 26.69
N GLY D 251 12.91 -2.97 27.87
CA GLY D 251 13.57 -3.41 29.09
C GLY D 251 13.52 -4.93 29.26
N VAL D 252 12.31 -5.49 29.21
CA VAL D 252 12.19 -6.93 29.34
C VAL D 252 12.78 -7.64 28.13
N GLN D 253 12.72 -7.00 26.95
CA GLN D 253 13.33 -7.60 25.77
C GLN D 253 14.84 -7.73 25.95
N SER D 254 15.49 -6.68 26.45
CA SER D 254 16.93 -6.72 26.67
C SER D 254 17.29 -7.69 27.77
N LEU D 255 16.48 -7.76 28.83
CA LEU D 255 16.78 -8.72 29.89
C LEU D 255 16.65 -10.16 29.38
N LEU D 256 15.63 -10.43 28.56
CA LEU D 256 15.50 -11.75 27.97
C LEU D 256 16.68 -12.06 27.05
N THR D 257 17.14 -11.06 26.29
CA THR D 257 18.32 -11.25 25.45
C THR D 257 19.53 -11.60 26.28
N GLN D 258 19.72 -10.90 27.41
CA GLN D 258 20.87 -11.17 28.27
C GLN D 258 20.76 -12.53 28.94
N LYS D 259 19.55 -12.97 29.26
CA LYS D 259 19.36 -14.31 29.80
C LYS D 259 19.66 -15.37 28.75
N TRP D 260 19.22 -15.14 27.51
CA TRP D 260 19.59 -16.03 26.41
C TRP D 260 21.10 -16.07 26.25
N TRP D 261 21.76 -14.95 26.52
CA TRP D 261 23.23 -14.88 26.57
C TRP D 261 23.74 -15.06 27.99
N GLY D 262 23.08 -15.93 28.76
CA GLY D 262 23.37 -16.12 30.17
C GLY D 262 24.84 -16.24 30.50
N ASP D 263 25.35 -15.25 31.23
CA ASP D 263 26.78 -15.17 31.58
C ASP D 263 27.64 -15.22 30.33
N MET D 264 27.30 -14.37 29.35
CA MET D 264 28.05 -14.32 28.10
C MET D 264 28.30 -12.92 27.58
N ALA D 265 27.80 -11.87 28.26
CA ALA D 265 28.05 -10.49 27.85
C ALA D 265 27.57 -10.25 26.41
N SER D 266 26.24 -10.24 26.27
CA SER D 266 25.54 -10.33 25.00
C SER D 266 26.05 -9.37 23.91
N THR D 267 26.86 -8.38 24.30
CA THR D 267 27.48 -7.52 23.30
C THR D 267 28.38 -8.27 22.33
N THR D 268 28.80 -9.49 22.68
CA THR D 268 29.64 -10.28 21.80
C THR D 268 28.90 -10.63 20.51
N PRO D 269 29.59 -10.62 19.37
CA PRO D 269 28.93 -10.93 18.10
C PRO D 269 28.70 -12.42 17.92
N ILE D 270 27.84 -12.74 16.94
CA ILE D 270 27.47 -14.13 16.69
C ILE D 270 28.63 -14.91 16.11
N TRP D 271 29.37 -14.30 15.18
CA TRP D 271 30.50 -14.99 14.57
C TRP D 271 31.56 -15.34 15.61
N ALA D 272 31.74 -14.48 16.62
CA ALA D 272 32.61 -14.84 17.72
C ALA D 272 32.13 -16.12 18.40
N LEU D 273 30.82 -16.23 18.62
CA LEU D 273 30.26 -17.41 19.26
C LEU D 273 30.49 -18.66 18.41
N VAL D 274 30.29 -18.56 17.10
CA VAL D 274 30.44 -19.76 16.26
C VAL D 274 31.91 -20.17 16.20
N LEU D 275 32.83 -19.19 16.15
CA LEU D 275 34.24 -19.53 16.16
C LEU D 275 34.64 -20.16 17.49
N ALA D 276 34.10 -19.65 18.60
CA ALA D 276 34.39 -20.25 19.89
C ALA D 276 33.85 -21.67 19.99
N PHE D 277 32.66 -21.90 19.43
CA PHE D 277 32.10 -23.25 19.42
C PHE D 277 32.97 -24.20 18.60
N PHE D 278 33.45 -23.72 17.45
CA PHE D 278 34.30 -24.57 16.61
C PHE D 278 35.65 -24.84 17.26
N CYS D 279 36.21 -23.86 17.97
CA CYS D 279 37.50 -23.99 18.63
C CYS D 279 37.31 -23.83 20.13
N PRO D 280 37.21 -24.94 20.87
CA PRO D 280 37.03 -24.85 22.32
C PRO D 280 38.14 -24.08 23.02
N PRO D 281 39.41 -24.18 22.58
CA PRO D 281 40.45 -23.34 23.22
C PRO D 281 40.23 -21.84 23.07
N LEU D 282 39.39 -21.42 22.11
CA LEU D 282 39.20 -19.99 21.87
C LEU D 282 38.49 -19.28 23.01
N ILE D 283 37.94 -20.02 23.98
CA ILE D 283 37.20 -19.40 25.08
C ILE D 283 38.10 -18.48 25.88
N TYR D 284 39.37 -18.85 26.06
CA TYR D 284 40.29 -18.09 26.91
C TYR D 284 41.08 -17.09 26.08
N THR D 285 40.36 -16.16 25.48
CA THR D 285 40.94 -15.11 24.65
C THR D 285 40.29 -13.77 25.00
N ARG D 286 40.84 -12.71 24.40
CA ARG D 286 40.25 -11.38 24.60
C ARG D 286 38.84 -11.31 24.06
N LEU D 287 38.56 -11.95 22.94
CA LEU D 287 37.23 -11.99 22.37
C LEU D 287 36.29 -12.79 23.28
N ILE D 288 35.01 -12.41 23.25
CA ILE D 288 33.97 -13.01 24.06
C ILE D 288 34.32 -12.80 25.53
N THR D 289 33.96 -11.65 26.07
CA THR D 289 34.05 -11.43 27.51
C THR D 289 32.85 -12.04 28.20
N PHE D 290 32.99 -12.29 29.51
CA PHE D 290 31.92 -12.87 30.30
C PHE D 290 31.74 -12.08 31.59
N ARG D 291 30.53 -12.11 32.12
CA ARG D 291 30.20 -11.41 33.35
C ARG D 291 30.96 -12.02 34.52
N ARG D 346 37.45 -23.63 40.64
CA ARG D 346 38.18 -23.89 39.41
C ARG D 346 37.72 -22.96 38.30
N ARG D 347 38.47 -21.88 38.08
CA ARG D 347 38.04 -20.85 37.15
C ARG D 347 37.91 -21.38 35.73
N CYS D 348 38.85 -22.21 35.29
CA CYS D 348 38.75 -22.81 33.96
C CYS D 348 37.53 -23.70 33.86
N LEU D 349 37.31 -24.53 34.89
CA LEU D 349 36.16 -25.43 34.90
C LEU D 349 34.85 -24.65 34.99
N ARG D 350 34.83 -23.59 35.79
CA ARG D 350 33.63 -22.76 35.87
C ARG D 350 33.33 -22.12 34.53
N ARG D 351 34.35 -21.61 33.85
CA ARG D 351 34.14 -21.02 32.53
C ARG D 351 33.65 -22.06 31.53
N TRP D 352 34.21 -23.28 31.61
CA TRP D 352 33.78 -24.36 30.72
C TRP D 352 32.30 -24.66 30.90
N PHE D 353 31.87 -24.83 32.16
CA PHE D 353 30.45 -25.12 32.40
C PHE D 353 29.56 -23.93 32.03
N HIS D 354 30.01 -22.70 32.29
CA HIS D 354 29.20 -21.56 31.87
C HIS D 354 29.03 -21.53 30.35
N PHE D 355 30.12 -21.75 29.62
CA PHE D 355 30.05 -21.75 28.16
C PHE D 355 29.13 -22.85 27.65
N TRP D 356 29.25 -24.06 28.20
CA TRP D 356 28.47 -25.18 27.69
C TRP D 356 27.11 -25.33 28.38
N GLY D 357 26.76 -24.40 29.27
CA GLY D 357 25.42 -24.39 29.83
C GLY D 357 24.64 -23.14 29.46
N ALA D 358 25.31 -22.20 28.81
CA ALA D 358 24.60 -21.02 28.31
C ALA D 358 23.53 -21.46 27.32
N PRO D 359 22.28 -21.02 27.48
CA PRO D 359 21.21 -21.46 26.56
C PRO D 359 21.48 -21.15 25.10
N VAL D 360 22.15 -20.04 24.79
CA VAL D 360 22.48 -19.76 23.39
C VAL D 360 23.45 -20.80 22.85
N THR D 361 24.43 -21.21 23.67
CA THR D 361 25.36 -22.24 23.23
C THR D 361 24.65 -23.57 23.09
N ILE D 362 23.69 -23.86 23.98
CA ILE D 362 22.88 -25.07 23.83
C ILE D 362 22.12 -25.04 22.51
N PHE D 363 21.57 -23.88 22.17
CA PHE D 363 20.86 -23.73 20.91
C PHE D 363 21.77 -23.97 19.72
N MET D 364 22.98 -23.41 19.77
CA MET D 364 23.91 -23.61 18.65
C MET D 364 24.31 -25.07 18.54
N GLY D 365 24.57 -25.73 19.67
CA GLY D 365 24.86 -27.15 19.63
C GLY D 365 23.72 -27.96 19.04
N ASN D 366 22.49 -27.62 19.41
CA ASN D 366 21.34 -28.31 18.85
C ASN D 366 21.22 -28.07 17.35
N VAL D 367 21.47 -26.85 16.90
CA VAL D 367 21.40 -26.55 15.48
C VAL D 367 22.45 -27.33 14.70
N VAL D 368 23.68 -27.37 15.20
CA VAL D 368 24.73 -28.08 14.48
C VAL D 368 24.45 -29.58 14.50
N SER D 369 23.93 -30.10 15.61
CA SER D 369 23.59 -31.52 15.67
C SER D 369 22.47 -31.85 14.70
N TYR D 370 21.47 -30.98 14.59
CA TYR D 370 20.36 -31.23 13.67
C TYR D 370 20.81 -31.15 12.22
N LEU D 371 21.71 -30.21 11.91
CA LEU D 371 22.27 -30.15 10.56
C LEU D 371 23.05 -31.42 10.23
N LEU D 372 23.85 -31.91 11.18
CA LEU D 372 24.56 -33.17 10.96
C LEU D 372 23.59 -34.33 10.79
N PHE D 373 22.51 -34.34 11.57
CA PHE D 373 21.51 -35.38 11.44
C PHE D 373 20.87 -35.37 10.07
N LEU D 374 20.50 -34.19 9.57
CA LEU D 374 19.91 -34.10 8.24
C LEU D 374 20.91 -34.52 7.16
N LEU D 375 22.18 -34.10 7.30
CA LEU D 375 23.19 -34.48 6.32
C LEU D 375 23.37 -36.00 6.30
N LEU D 376 23.44 -36.63 7.47
CA LEU D 376 23.61 -38.07 7.52
C LEU D 376 22.39 -38.80 6.98
N PHE D 377 21.19 -38.29 7.29
CA PHE D 377 19.97 -38.92 6.77
C PHE D 377 19.91 -38.82 5.25
N SER D 378 20.31 -37.66 4.70
CA SER D 378 20.36 -37.52 3.25
C SER D 378 21.39 -38.46 2.64
N ARG D 379 22.57 -38.58 3.27
CA ARG D 379 23.58 -39.50 2.77
C ARG D 379 23.07 -40.92 2.75
N VAL D 380 22.41 -41.35 3.84
CA VAL D 380 21.85 -42.69 3.90
C VAL D 380 20.79 -42.89 2.84
N LEU D 381 19.89 -41.93 2.68
CA LEU D 381 18.78 -42.07 1.75
C LEU D 381 19.26 -42.11 0.31
N LEU D 382 20.34 -41.40 -0.01
CA LEU D 382 20.77 -41.30 -1.39
C LEU D 382 21.82 -42.35 -1.75
N VAL D 383 22.55 -42.89 -0.78
CA VAL D 383 23.60 -43.86 -1.10
C VAL D 383 23.38 -45.18 -0.38
N ASP D 384 23.41 -45.15 0.95
CA ASP D 384 23.43 -46.38 1.74
C ASP D 384 22.03 -46.73 2.25
N PHE D 385 21.18 -47.11 1.30
CA PHE D 385 19.86 -47.65 1.64
C PHE D 385 19.52 -48.84 0.76
N GLN D 386 20.48 -49.73 0.58
CA GLN D 386 20.28 -50.92 -0.22
C GLN D 386 19.34 -51.90 0.50
N PRO D 387 18.68 -52.78 -0.24
CA PRO D 387 17.80 -53.77 0.41
C PRO D 387 18.55 -54.77 1.29
N ALA D 388 19.87 -54.67 1.36
CA ALA D 388 20.67 -55.51 2.25
C ALA D 388 20.36 -55.15 3.70
N PRO D 389 20.65 -56.05 4.65
CA PRO D 389 20.39 -55.73 6.05
C PRO D 389 21.14 -54.48 6.47
N PRO D 390 20.60 -53.73 7.42
CA PRO D 390 21.16 -52.41 7.71
C PRO D 390 22.62 -52.47 8.14
N GLY D 391 23.40 -51.50 7.66
CA GLY D 391 24.80 -51.40 7.98
C GLY D 391 25.05 -50.54 9.21
N SER D 392 26.34 -50.28 9.46
CA SER D 392 26.72 -49.50 10.62
C SER D 392 26.15 -48.09 10.56
N LEU D 393 26.15 -47.48 9.38
CA LEU D 393 25.59 -46.14 9.23
C LEU D 393 24.10 -46.13 9.52
N GLU D 394 23.39 -47.15 9.04
CA GLU D 394 21.96 -47.27 9.34
C GLU D 394 21.72 -47.44 10.83
N LEU D 395 22.54 -48.26 11.50
CA LEU D 395 22.38 -48.44 12.94
C LEU D 395 22.63 -47.13 13.69
N LEU D 396 23.65 -46.38 13.27
CA LEU D 396 23.93 -45.09 13.93
C LEU D 396 22.78 -44.11 13.71
N LEU D 397 22.23 -44.08 12.51
CA LEU D 397 21.09 -43.20 12.25
C LEU D 397 19.87 -43.62 13.07
N TYR D 398 19.65 -44.93 13.20
CA TYR D 398 18.59 -45.41 14.08
C TYR D 398 18.84 -44.97 15.52
N PHE D 399 20.10 -44.98 15.94
CA PHE D 399 20.43 -44.57 17.29
C PHE D 399 20.09 -43.09 17.50
N TRP D 400 20.44 -42.23 16.54
CA TRP D 400 20.07 -40.82 16.66
C TRP D 400 18.55 -40.66 16.68
N ALA D 401 17.84 -41.41 15.84
CA ALA D 401 16.39 -41.27 15.80
C ALA D 401 15.76 -41.68 17.12
N PHE D 402 16.21 -42.80 17.70
CA PHE D 402 15.69 -43.24 18.98
C PHE D 402 16.03 -42.24 20.08
N THR D 403 17.23 -41.66 20.01
CA THR D 403 17.61 -40.64 20.99
C THR D 403 16.72 -39.42 20.88
N LEU D 404 16.41 -38.99 19.66
CA LEU D 404 15.49 -37.87 19.47
C LEU D 404 14.11 -38.19 20.00
N LEU D 405 13.65 -39.44 19.78
CA LEU D 405 12.35 -39.84 20.30
C LEU D 405 12.33 -39.79 21.83
N CYS D 406 13.39 -40.29 22.46
CA CYS D 406 13.46 -40.21 23.92
C CYS D 406 13.50 -38.76 24.39
N GLU D 407 14.25 -37.92 23.68
CA GLU D 407 14.30 -36.49 24.02
C GLU D 407 12.93 -35.86 23.98
N GLU D 408 12.18 -36.10 22.89
CA GLU D 408 10.88 -35.47 22.75
C GLU D 408 9.89 -36.03 23.77
N LEU D 409 9.97 -37.34 24.05
CA LEU D 409 9.09 -37.93 25.06
C LEU D 409 9.36 -37.33 26.42
N ARG D 410 10.63 -37.18 26.80
CA ARG D 410 10.95 -36.60 28.09
C ARG D 410 10.54 -35.14 28.15
N GLN D 411 10.72 -34.40 27.06
CA GLN D 411 10.31 -33.00 27.03
C GLN D 411 8.80 -32.87 27.23
N GLY D 412 8.03 -33.72 26.55
CA GLY D 412 6.59 -33.71 26.74
C GLY D 412 6.18 -34.11 28.15
N LEU D 413 6.86 -35.11 28.71
CA LEU D 413 6.53 -35.56 30.06
C LEU D 413 6.84 -34.49 31.10
N SER D 414 7.94 -33.76 30.93
CA SER D 414 8.34 -32.76 31.92
C SER D 414 7.56 -31.46 31.73
N GLY D 415 7.69 -30.84 30.56
CA GLY D 415 7.01 -29.59 30.29
C GLY D 415 5.51 -29.73 30.15
N SER D 431 -1.53 -35.98 36.79
CA SER D 431 -0.78 -34.96 36.08
C SER D 431 -0.17 -35.51 34.80
N LEU D 432 -0.06 -36.83 34.72
CA LEU D 432 0.51 -37.48 33.54
C LEU D 432 -0.34 -37.22 32.31
N SER D 433 -1.65 -37.50 32.41
CA SER D 433 -2.54 -37.29 31.28
C SER D 433 -2.77 -35.81 31.00
N GLN D 434 -2.83 -34.99 32.06
CA GLN D 434 -2.96 -33.55 31.86
C GLN D 434 -1.78 -32.99 31.08
N ARG D 435 -0.57 -33.48 31.39
CA ARG D 435 0.61 -33.01 30.68
C ARG D 435 0.58 -33.40 29.20
N LEU D 436 0.09 -34.59 28.86
CA LEU D 436 0.03 -34.96 27.45
C LEU D 436 -1.05 -34.18 26.72
N ARG D 437 -2.16 -33.88 27.40
CA ARG D 437 -3.16 -32.99 26.78
C ARG D 437 -2.60 -31.59 26.58
N LEU D 438 -1.74 -31.13 27.49
CA LEU D 438 -1.05 -29.87 27.27
C LEU D 438 -0.08 -29.97 26.10
N TYR D 439 0.56 -31.13 25.95
CA TYR D 439 1.60 -31.28 24.93
C TYR D 439 1.02 -31.44 23.53
N LEU D 440 -0.21 -31.94 23.42
CA LEU D 440 -0.78 -32.11 22.08
C LEU D 440 -0.98 -30.78 21.37
N ALA D 441 -0.96 -29.67 22.12
CA ALA D 441 -0.92 -28.34 21.54
C ALA D 441 0.50 -28.03 21.09
N ASP D 442 0.79 -26.76 20.79
CA ASP D 442 2.12 -26.34 20.35
C ASP D 442 2.52 -27.08 19.08
N SER D 443 1.83 -26.73 18.00
CA SER D 443 1.84 -27.45 16.72
C SER D 443 3.23 -27.86 16.25
N TRP D 444 4.28 -27.16 16.68
CA TRP D 444 5.63 -27.58 16.35
C TRP D 444 5.93 -28.94 16.96
N ASN D 445 5.52 -29.16 18.20
CA ASN D 445 5.67 -30.47 18.82
C ASN D 445 4.83 -31.52 18.08
N GLN D 446 3.67 -31.14 17.57
CA GLN D 446 2.88 -32.06 16.76
C GLN D 446 3.62 -32.45 15.49
N CYS D 447 4.27 -31.47 14.84
CA CYS D 447 5.05 -31.77 13.65
C CYS D 447 6.21 -32.71 13.97
N ASP D 448 6.90 -32.47 15.08
CA ASP D 448 7.98 -33.36 15.47
C ASP D 448 7.45 -34.77 15.76
N LEU D 449 6.30 -34.86 16.44
CA LEU D 449 5.73 -36.16 16.77
C LEU D 449 5.36 -36.94 15.51
N VAL D 450 4.71 -36.26 14.54
CA VAL D 450 4.31 -36.97 13.33
C VAL D 450 5.54 -37.36 12.51
N ALA D 451 6.57 -36.52 12.50
CA ALA D 451 7.82 -36.90 11.84
C ALA D 451 8.41 -38.14 12.48
N LEU D 452 8.40 -38.22 13.81
CA LEU D 452 8.99 -39.35 14.49
C LEU D 452 8.18 -40.63 14.27
N THR D 453 6.86 -40.52 14.25
CA THR D 453 6.03 -41.68 13.94
C THR D 453 6.27 -42.16 12.51
N CYS D 454 6.41 -41.22 11.57
CA CYS D 454 6.78 -41.61 10.21
C CYS D 454 8.12 -42.30 10.18
N PHE D 455 9.07 -41.84 11.00
CA PHE D 455 10.37 -42.50 11.05
C PHE D 455 10.24 -43.92 11.57
N LEU D 456 9.44 -44.12 12.62
CA LEU D 456 9.26 -45.46 13.15
C LEU D 456 8.62 -46.38 12.12
N LEU D 457 7.60 -45.88 11.41
CA LEU D 457 6.97 -46.68 10.36
C LEU D 457 7.96 -47.01 9.26
N GLY D 458 8.80 -46.04 8.88
CA GLY D 458 9.79 -46.29 7.85
C GLY D 458 10.82 -47.32 8.27
N VAL D 459 11.27 -47.25 9.52
CA VAL D 459 12.21 -48.25 10.03
C VAL D 459 11.57 -49.63 10.02
N GLY D 460 10.31 -49.73 10.44
CA GLY D 460 9.63 -51.01 10.42
C GLY D 460 9.51 -51.57 9.01
N CYS D 461 9.15 -50.72 8.06
CA CYS D 461 9.00 -51.18 6.69
C CYS D 461 10.33 -51.54 6.06
N ARG D 462 11.39 -50.80 6.41
CA ARG D 462 12.73 -51.14 5.93
C ARG D 462 13.19 -52.47 6.49
N LEU D 463 12.93 -52.73 7.77
CA LEU D 463 13.34 -53.99 8.38
C LEU D 463 12.56 -55.16 7.80
N THR D 464 11.25 -55.01 7.63
CA THR D 464 10.45 -56.09 7.09
C THR D 464 10.81 -56.32 5.63
N PRO D 465 10.79 -57.57 5.15
CA PRO D 465 11.28 -57.85 3.79
C PRO D 465 10.44 -57.23 2.68
N GLY D 466 9.11 -57.41 2.75
CA GLY D 466 8.27 -57.04 1.62
C GLY D 466 8.20 -55.56 1.33
N LEU D 467 8.19 -54.73 2.38
CA LEU D 467 7.85 -53.31 2.24
C LEU D 467 9.08 -52.40 2.16
N TYR D 468 10.15 -52.86 1.51
CA TYR D 468 11.35 -52.05 1.40
C TYR D 468 11.09 -50.76 0.62
N HIS D 469 10.40 -50.86 -0.51
CA HIS D 469 10.13 -49.68 -1.32
C HIS D 469 9.23 -48.70 -0.60
N LEU D 470 8.19 -49.21 0.07
CA LEU D 470 7.32 -48.33 0.85
C LEU D 470 8.09 -47.66 1.98
N GLY D 471 9.00 -48.40 2.62
CA GLY D 471 9.83 -47.80 3.65
C GLY D 471 10.68 -46.67 3.11
N ARG D 472 11.30 -46.89 1.95
CA ARG D 472 12.13 -45.83 1.36
C ARG D 472 11.29 -44.60 1.04
N THR D 473 10.10 -44.81 0.46
CA THR D 473 9.25 -43.68 0.12
C THR D 473 8.83 -42.89 1.36
N VAL D 474 8.41 -43.59 2.41
CA VAL D 474 7.93 -42.91 3.60
C VAL D 474 9.09 -42.22 4.31
N LEU D 475 10.30 -42.77 4.22
CA LEU D 475 11.46 -42.09 4.79
C LEU D 475 11.83 -40.85 4.01
N CYS D 476 11.64 -40.87 2.69
CA CYS D 476 11.82 -39.63 1.92
C CYS D 476 10.84 -38.55 2.39
N ILE D 477 9.57 -38.94 2.56
CA ILE D 477 8.58 -37.99 3.07
C ILE D 477 8.98 -37.48 4.46
N ASP D 478 9.51 -38.37 5.29
CA ASP D 478 9.93 -37.98 6.63
C ASP D 478 11.10 -37.00 6.58
N PHE D 479 11.99 -37.17 5.60
CA PHE D 479 13.06 -36.18 5.43
C PHE D 479 12.47 -34.81 5.12
N MET D 480 11.45 -34.76 4.26
CA MET D 480 10.79 -33.49 4.01
C MET D 480 10.25 -32.89 5.29
N VAL D 481 9.61 -33.71 6.13
CA VAL D 481 9.03 -33.20 7.36
C VAL D 481 10.11 -32.67 8.30
N PHE D 482 11.23 -33.40 8.39
CA PHE D 482 12.33 -32.94 9.25
C PHE D 482 12.91 -31.62 8.75
N THR D 483 13.06 -31.49 7.43
CA THR D 483 13.55 -30.23 6.88
C THR D 483 12.58 -29.10 7.19
N VAL D 484 11.28 -29.39 7.17
CA VAL D 484 10.29 -28.38 7.57
C VAL D 484 10.50 -27.98 9.03
N ARG D 485 10.73 -28.96 9.90
CA ARG D 485 10.95 -28.66 11.32
C ARG D 485 12.21 -27.82 11.53
N LEU D 486 13.21 -27.98 10.65
CA LEU D 486 14.41 -27.15 10.74
C LEU D 486 14.05 -25.66 10.69
N LEU D 487 12.98 -25.31 9.96
CA LEU D 487 12.53 -23.93 9.92
C LEU D 487 12.16 -23.41 11.29
N HIS D 488 11.33 -24.17 12.02
CA HIS D 488 10.97 -23.78 13.38
C HIS D 488 12.19 -23.75 14.28
N ILE D 489 13.15 -24.65 14.05
CA ILE D 489 14.40 -24.60 14.81
C ILE D 489 15.15 -23.31 14.52
N PHE D 490 14.98 -22.74 13.33
CA PHE D 490 15.68 -21.50 12.97
C PHE D 490 14.71 -20.32 12.89
N THR D 491 13.78 -20.24 13.85
CA THR D 491 12.89 -19.08 13.92
C THR D 491 13.38 -18.02 14.91
N VAL D 492 14.52 -18.23 15.55
CA VAL D 492 14.95 -17.34 16.62
C VAL D 492 15.47 -16.02 16.05
N ASN D 493 15.91 -16.02 14.79
CA ASN D 493 16.57 -14.85 14.23
C ASN D 493 15.67 -13.62 14.32
N LYS D 494 16.27 -12.51 14.76
CA LYS D 494 15.50 -11.32 15.06
C LYS D 494 14.81 -10.75 13.82
N GLN D 495 15.43 -10.91 12.65
CA GLN D 495 14.90 -10.36 11.42
C GLN D 495 14.02 -11.35 10.65
N LEU D 496 13.81 -12.56 11.17
CA LEU D 496 13.13 -13.60 10.41
C LEU D 496 11.87 -14.12 11.08
N GLY D 497 11.79 -14.12 12.40
CA GLY D 497 10.66 -14.67 13.12
C GLY D 497 9.32 -14.04 12.78
N PRO D 498 9.26 -12.71 12.76
CA PRO D 498 8.02 -12.07 12.27
C PRO D 498 7.64 -12.48 10.87
N LYS D 499 8.62 -12.67 9.99
CA LYS D 499 8.30 -13.09 8.62
C LYS D 499 7.79 -14.53 8.60
N ILE D 500 8.34 -15.38 9.46
CA ILE D 500 7.86 -16.77 9.55
C ILE D 500 6.43 -16.80 10.04
N VAL D 501 6.10 -16.03 11.06
CA VAL D 501 4.72 -16.03 11.52
C VAL D 501 3.81 -15.37 10.49
N ILE D 502 4.34 -14.44 9.69
CA ILE D 502 3.58 -13.89 8.58
C ILE D 502 3.20 -14.98 7.59
N VAL D 503 4.20 -15.75 7.12
CA VAL D 503 3.92 -16.77 6.12
C VAL D 503 3.01 -17.83 6.69
N SER D 504 3.04 -18.03 8.01
CA SER D 504 2.04 -18.89 8.64
C SER D 504 0.64 -18.29 8.50
N LYS D 505 0.53 -16.97 8.62
CA LYS D 505 -0.78 -16.31 8.53
C LYS D 505 -1.31 -16.25 7.10
N MET D 506 -0.46 -16.43 6.10
CA MET D 506 -0.83 -16.25 4.70
C MET D 506 -1.55 -17.46 4.11
N MET D 507 -1.75 -18.50 4.92
CA MET D 507 -2.32 -19.75 4.44
C MET D 507 -3.76 -19.57 3.97
N LYS D 508 -4.53 -18.69 4.60
CA LYS D 508 -5.91 -18.48 4.18
C LYS D 508 -5.96 -17.96 2.74
N ASP D 509 -5.09 -17.01 2.42
CA ASP D 509 -5.06 -16.47 1.07
C ASP D 509 -4.61 -17.52 0.07
N VAL D 510 -3.52 -18.24 0.37
CA VAL D 510 -3.07 -19.26 -0.58
C VAL D 510 -4.13 -20.36 -0.71
N PHE D 511 -4.94 -20.55 0.32
CA PHE D 511 -5.92 -21.63 0.36
C PHE D 511 -7.15 -21.26 -0.48
N PHE D 512 -7.58 -20.00 -0.41
CA PHE D 512 -8.59 -19.51 -1.34
C PHE D 512 -8.10 -19.59 -2.78
N PHE D 513 -6.84 -19.22 -3.01
CA PHE D 513 -6.29 -19.33 -4.36
C PHE D 513 -6.30 -20.78 -4.83
N LEU D 514 -6.03 -21.71 -3.92
CA LEU D 514 -6.08 -23.12 -4.29
C LEU D 514 -7.48 -23.52 -4.72
N PHE D 515 -8.52 -23.07 -3.99
CA PHE D 515 -9.88 -23.33 -4.43
C PHE D 515 -10.13 -22.79 -5.84
N PHE D 516 -9.81 -21.52 -6.06
CA PHE D 516 -10.16 -20.91 -7.35
C PHE D 516 -9.42 -21.61 -8.48
N LEU D 517 -8.12 -21.89 -8.27
CA LEU D 517 -7.33 -22.56 -9.29
C LEU D 517 -7.88 -23.96 -9.56
N GLY D 518 -8.30 -24.68 -8.52
CA GLY D 518 -8.88 -26.00 -8.74
C GLY D 518 -10.14 -25.93 -9.58
N VAL D 519 -11.01 -24.97 -9.27
CA VAL D 519 -12.26 -24.85 -10.03
C VAL D 519 -11.96 -24.56 -11.49
N TRP D 520 -11.11 -23.57 -11.75
CA TRP D 520 -10.83 -23.20 -13.14
C TRP D 520 -10.10 -24.32 -13.87
N LEU D 521 -9.22 -25.03 -13.17
CA LEU D 521 -8.53 -26.16 -13.78
C LEU D 521 -9.50 -27.25 -14.17
N VAL D 522 -10.45 -27.58 -13.30
CA VAL D 522 -11.46 -28.58 -13.65
C VAL D 522 -12.21 -28.14 -14.89
N ALA D 523 -12.67 -26.90 -14.91
CA ALA D 523 -13.46 -26.41 -16.04
C ALA D 523 -12.68 -26.52 -17.35
N TYR D 524 -11.47 -25.95 -17.38
CA TYR D 524 -10.71 -25.91 -18.62
C TYR D 524 -10.26 -27.32 -19.04
N GLY D 525 -9.82 -28.13 -18.08
CA GLY D 525 -9.37 -29.47 -18.42
C GLY D 525 -10.47 -30.33 -18.98
N VAL D 526 -11.65 -30.30 -18.37
CA VAL D 526 -12.75 -31.09 -18.89
C VAL D 526 -13.20 -30.55 -20.25
N ALA D 527 -13.18 -29.23 -20.42
CA ALA D 527 -13.53 -28.66 -21.71
C ALA D 527 -12.61 -29.16 -22.81
N THR D 528 -11.30 -29.10 -22.59
CA THR D 528 -10.37 -29.55 -23.63
C THR D 528 -10.43 -31.06 -23.82
N GLU D 529 -10.62 -31.82 -22.72
CA GLU D 529 -10.70 -33.27 -22.83
C GLU D 529 -11.96 -33.71 -23.55
N GLY D 530 -12.99 -32.88 -23.56
CA GLY D 530 -14.18 -33.18 -24.32
C GLY D 530 -14.07 -32.74 -25.76
N LEU D 531 -13.44 -31.59 -25.98
CA LEU D 531 -13.28 -31.09 -27.35
C LEU D 531 -12.38 -32.01 -28.17
N LEU D 532 -11.26 -32.43 -27.61
CA LEU D 532 -10.37 -33.40 -28.25
C LEU D 532 -10.48 -34.74 -27.53
N ARG D 533 -10.63 -35.81 -28.30
CA ARG D 533 -10.94 -37.11 -27.73
C ARG D 533 -9.83 -38.12 -28.02
N PRO D 534 -8.81 -38.19 -27.18
CA PRO D 534 -7.75 -39.18 -27.39
C PRO D 534 -8.29 -40.60 -27.28
N ARG D 535 -7.70 -41.51 -28.07
CA ARG D 535 -8.15 -42.89 -28.06
C ARG D 535 -7.82 -43.58 -26.76
N ASP D 536 -6.65 -43.30 -26.19
CA ASP D 536 -6.24 -43.93 -24.93
C ASP D 536 -7.01 -43.28 -23.78
N SER D 537 -8.21 -43.80 -23.54
CA SER D 537 -9.12 -43.26 -22.54
C SER D 537 -8.98 -43.95 -21.19
N ASP D 538 -7.79 -44.45 -20.88
CA ASP D 538 -7.55 -45.02 -19.56
C ASP D 538 -7.72 -43.95 -18.49
N PHE D 539 -8.23 -44.36 -17.33
CA PHE D 539 -8.52 -43.40 -16.26
C PHE D 539 -7.32 -42.60 -15.81
N PRO D 540 -6.14 -43.18 -15.56
CA PRO D 540 -4.99 -42.33 -15.20
C PRO D 540 -4.62 -41.34 -16.28
N SER D 541 -4.71 -41.73 -17.56
CA SER D 541 -4.40 -40.82 -18.64
C SER D 541 -5.41 -39.67 -18.70
N ILE D 542 -6.69 -39.98 -18.54
CA ILE D 542 -7.72 -38.95 -18.55
C ILE D 542 -7.51 -37.98 -17.40
N LEU D 543 -7.25 -38.51 -16.20
CA LEU D 543 -7.00 -37.65 -15.06
C LEU D 543 -5.75 -36.78 -15.26
N ARG D 544 -4.69 -37.36 -15.81
CA ARG D 544 -3.49 -36.59 -16.12
C ARG D 544 -3.81 -35.44 -17.05
N ARG D 545 -4.43 -35.74 -18.19
CA ARG D 545 -4.73 -34.71 -19.17
C ARG D 545 -5.72 -33.67 -18.66
N VAL D 546 -6.55 -34.02 -17.68
CA VAL D 546 -7.54 -33.06 -17.21
C VAL D 546 -7.04 -32.22 -16.04
N PHE D 547 -6.06 -32.71 -15.27
CA PHE D 547 -5.58 -31.96 -14.12
C PHE D 547 -4.12 -31.54 -14.23
N TYR D 548 -3.22 -32.47 -14.52
CA TYR D 548 -1.79 -32.20 -14.39
C TYR D 548 -1.30 -31.25 -15.48
N ARG D 549 -1.55 -31.61 -16.74
CA ARG D 549 -1.09 -30.78 -17.86
C ARG D 549 -1.66 -29.37 -17.82
N PRO D 550 -2.97 -29.15 -17.62
CA PRO D 550 -3.44 -27.77 -17.47
C PRO D 550 -2.80 -27.05 -16.30
N TYR D 551 -2.52 -27.76 -15.20
CA TYR D 551 -1.81 -27.13 -14.09
C TYR D 551 -0.42 -26.69 -14.51
N LEU D 552 0.29 -27.53 -15.27
CA LEU D 552 1.64 -27.19 -15.70
C LEU D 552 1.64 -26.10 -16.76
N GLN D 553 0.51 -25.86 -17.43
CA GLN D 553 0.44 -24.75 -18.37
C GLN D 553 0.70 -23.41 -17.70
N ILE D 554 0.47 -23.30 -16.39
CA ILE D 554 0.67 -22.04 -15.69
C ILE D 554 2.13 -21.65 -15.66
N PHE D 555 3.04 -22.62 -15.49
CA PHE D 555 4.45 -22.36 -15.25
C PHE D 555 5.30 -22.59 -16.50
N GLY D 556 4.77 -22.21 -17.66
CA GLY D 556 5.56 -22.18 -18.87
C GLY D 556 5.69 -23.49 -19.62
N GLN D 557 4.92 -24.51 -19.27
CA GLN D 557 4.93 -25.78 -19.98
C GLN D 557 3.65 -25.86 -20.81
N ILE D 558 3.76 -25.46 -22.07
CA ILE D 558 2.62 -25.39 -22.99
C ILE D 558 2.85 -26.38 -24.13
N PRO D 559 2.21 -27.54 -24.10
CA PRO D 559 2.37 -28.51 -25.19
C PRO D 559 1.54 -28.17 -26.41
N GLN D 560 2.01 -27.15 -27.15
CA GLN D 560 1.35 -26.75 -28.39
C GLN D 560 1.34 -27.89 -29.40
N GLU D 561 2.48 -28.57 -29.55
CA GLU D 561 2.55 -29.70 -30.48
C GLU D 561 1.65 -30.84 -30.04
N ASP D 562 1.19 -30.81 -28.78
CA ASP D 562 0.33 -31.87 -28.28
C ASP D 562 -1.15 -31.52 -28.43
N MET D 563 -1.52 -30.25 -28.32
CA MET D 563 -2.94 -29.89 -28.38
C MET D 563 -3.30 -28.89 -29.47
N ASP D 564 -2.50 -28.73 -30.52
CA ASP D 564 -2.92 -27.95 -31.68
C ASP D 564 -2.69 -28.76 -32.94
N VAL D 565 -3.68 -28.78 -33.83
CA VAL D 565 -3.63 -29.68 -34.98
C VAL D 565 -2.66 -29.17 -36.04
N ALA D 566 -2.55 -27.85 -36.18
CA ALA D 566 -1.69 -27.29 -37.22
C ALA D 566 -0.24 -27.68 -37.01
N LEU D 567 0.12 -28.10 -35.81
CA LEU D 567 1.47 -28.56 -35.50
C LEU D 567 1.60 -30.07 -35.54
N MET D 568 0.54 -30.80 -35.94
CA MET D 568 0.55 -32.25 -35.92
C MET D 568 0.30 -32.81 -37.33
N GLU D 569 0.91 -33.96 -37.60
CA GLU D 569 0.75 -34.63 -38.87
C GLU D 569 -0.61 -35.33 -38.94
N HIS D 570 -1.30 -35.17 -40.06
CA HIS D 570 -2.65 -35.70 -40.22
C HIS D 570 -2.63 -37.17 -40.60
N SER D 571 -3.54 -37.94 -40.02
CA SER D 571 -3.66 -39.36 -40.30
C SER D 571 -5.07 -39.81 -39.95
N ASN D 572 -5.44 -41.00 -40.46
CA ASN D 572 -6.76 -41.57 -40.22
C ASN D 572 -6.65 -42.75 -39.26
N CYS D 573 -7.08 -42.51 -38.02
CA CYS D 573 -6.97 -43.53 -36.98
C CYS D 573 -8.08 -44.56 -37.06
N SER D 574 -9.32 -44.14 -36.86
CA SER D 574 -10.42 -45.05 -36.57
C SER D 574 -11.54 -44.88 -37.58
N SER D 575 -12.44 -45.86 -37.58
CA SER D 575 -13.60 -45.84 -38.47
C SER D 575 -14.59 -44.75 -38.12
N GLU D 576 -14.49 -44.16 -36.92
CA GLU D 576 -15.38 -43.07 -36.57
C GLU D 576 -15.13 -41.87 -37.47
N PRO D 577 -16.18 -41.30 -38.06
CA PRO D 577 -16.00 -40.25 -39.06
C PRO D 577 -15.41 -38.98 -38.47
N GLY D 578 -14.19 -38.65 -38.87
CA GLY D 578 -13.55 -37.44 -38.40
C GLY D 578 -12.10 -37.40 -38.87
N PHE D 579 -11.48 -36.25 -38.64
CA PHE D 579 -10.07 -36.04 -38.95
C PHE D 579 -9.32 -35.96 -37.62
N TRP D 580 -8.21 -36.67 -37.51
CA TRP D 580 -7.62 -36.94 -36.21
C TRP D 580 -6.22 -36.36 -36.03
N ALA D 581 -5.30 -36.60 -36.95
CA ALA D 581 -3.97 -35.98 -36.91
C ALA D 581 -3.20 -36.35 -35.64
N HIS D 582 -2.85 -37.63 -35.57
CA HIS D 582 -2.09 -38.26 -34.49
C HIS D 582 -0.95 -37.38 -33.99
N PRO D 583 -0.82 -37.23 -32.67
CA PRO D 583 0.20 -36.34 -32.12
C PRO D 583 1.54 -37.04 -31.96
N PRO D 584 2.62 -36.29 -31.74
CA PRO D 584 3.90 -36.91 -31.41
C PRO D 584 4.15 -37.10 -29.93
N GLY D 585 3.28 -36.57 -29.07
CA GLY D 585 3.51 -36.69 -27.63
C GLY D 585 3.28 -38.11 -27.14
N ALA D 586 4.00 -38.46 -26.07
CA ALA D 586 3.90 -39.80 -25.51
C ALA D 586 2.62 -39.99 -24.69
N GLN D 587 2.20 -38.97 -23.95
CA GLN D 587 1.01 -39.07 -23.10
C GLN D 587 -0.03 -38.02 -23.47
N ALA D 588 0.02 -37.52 -24.71
CA ALA D 588 -0.97 -36.58 -25.20
C ALA D 588 -2.14 -37.27 -25.88
N GLY D 589 -2.14 -38.60 -25.89
CA GLY D 589 -3.21 -39.35 -26.53
C GLY D 589 -2.74 -40.07 -27.78
N THR D 590 -3.43 -41.14 -28.12
CA THR D 590 -3.12 -41.86 -29.36
C THR D 590 -3.36 -40.97 -30.58
N CYS D 591 -4.56 -40.37 -30.65
CA CYS D 591 -4.83 -39.32 -31.64
C CYS D 591 -6.12 -38.63 -31.27
N VAL D 592 -6.09 -37.29 -31.22
CA VAL D 592 -7.22 -36.46 -30.84
C VAL D 592 -8.12 -36.24 -32.05
N SER D 593 -9.31 -35.71 -31.83
CA SER D 593 -10.15 -35.21 -32.91
C SER D 593 -9.76 -33.78 -33.23
N GLN D 594 -10.28 -33.28 -34.35
CA GLN D 594 -9.86 -31.94 -34.79
C GLN D 594 -11.01 -31.04 -35.21
N TYR D 595 -12.25 -31.38 -34.86
CA TYR D 595 -13.39 -30.61 -35.37
C TYR D 595 -13.38 -29.18 -34.84
N ALA D 596 -12.94 -28.97 -33.60
CA ALA D 596 -13.07 -27.66 -32.95
C ALA D 596 -11.76 -27.18 -32.35
N ASN D 597 -10.64 -27.38 -33.06
CA ASN D 597 -9.36 -26.94 -32.50
C ASN D 597 -9.23 -25.43 -32.46
N TRP D 598 -9.96 -24.71 -33.31
CA TRP D 598 -9.95 -23.26 -33.17
C TRP D 598 -10.49 -22.85 -31.80
N LEU D 599 -11.57 -23.49 -31.35
CA LEU D 599 -12.10 -23.17 -30.05
C LEU D 599 -11.25 -23.78 -28.94
N VAL D 600 -10.53 -24.87 -29.23
CA VAL D 600 -9.57 -25.40 -28.28
C VAL D 600 -8.46 -24.39 -28.01
N VAL D 601 -7.92 -23.79 -29.07
CA VAL D 601 -6.89 -22.77 -28.91
C VAL D 601 -7.45 -21.54 -28.22
N LEU D 602 -8.71 -21.20 -28.53
CA LEU D 602 -9.35 -20.09 -27.83
C LEU D 602 -9.46 -20.38 -26.34
N LEU D 603 -9.81 -21.62 -25.97
CA LEU D 603 -9.89 -21.98 -24.55
C LEU D 603 -8.51 -21.93 -23.91
N LEU D 604 -7.47 -22.35 -24.63
CA LEU D 604 -6.11 -22.25 -24.10
C LEU D 604 -5.75 -20.81 -23.83
N VAL D 605 -6.09 -19.91 -24.77
CA VAL D 605 -5.82 -18.49 -24.59
C VAL D 605 -6.56 -17.95 -23.38
N ILE D 606 -7.84 -18.31 -23.24
CA ILE D 606 -8.64 -17.82 -22.13
C ILE D 606 -8.08 -18.33 -20.80
N PHE D 607 -7.73 -19.61 -20.75
CA PHE D 607 -7.18 -20.17 -19.52
C PHE D 607 -5.87 -19.50 -19.15
N LEU D 608 -5.00 -19.26 -20.12
CA LEU D 608 -3.74 -18.60 -19.84
C LEU D 608 -3.97 -17.16 -19.36
N LEU D 609 -4.96 -16.49 -19.94
CA LEU D 609 -5.26 -15.12 -19.51
C LEU D 609 -5.81 -15.10 -18.09
N VAL D 610 -6.65 -16.07 -17.74
CA VAL D 610 -7.29 -16.04 -16.42
C VAL D 610 -6.33 -16.51 -15.34
N ALA D 611 -5.75 -17.69 -15.52
CA ALA D 611 -4.95 -18.29 -14.44
C ALA D 611 -3.61 -17.58 -14.29
N ASN D 612 -2.91 -17.33 -15.40
CA ASN D 612 -1.56 -16.78 -15.32
C ASN D 612 -1.55 -15.26 -15.15
N ILE D 613 -2.68 -14.58 -15.33
CA ILE D 613 -2.70 -13.12 -15.23
C ILE D 613 -3.65 -12.67 -14.13
N LEU D 614 -4.91 -13.09 -14.19
CA LEU D 614 -5.86 -12.64 -13.18
C LEU D 614 -5.49 -13.21 -11.80
N LEU D 615 -5.25 -14.51 -11.73
CA LEU D 615 -5.10 -15.17 -10.43
C LEU D 615 -3.78 -14.82 -9.75
N VAL D 616 -2.66 -14.91 -10.47
CA VAL D 616 -1.37 -14.71 -9.81
C VAL D 616 -1.25 -13.26 -9.32
N ASN D 617 -1.66 -12.31 -10.15
CA ASN D 617 -1.60 -10.90 -9.78
C ASN D 617 -2.62 -10.55 -8.70
N LEU D 618 -3.78 -11.19 -8.73
CA LEU D 618 -4.75 -10.98 -7.65
C LEU D 618 -4.23 -11.55 -6.33
N LEU D 619 -3.53 -12.68 -6.38
CA LEU D 619 -2.88 -13.22 -5.20
C LEU D 619 -1.78 -12.29 -4.72
N ILE D 620 -1.09 -11.62 -5.66
CA ILE D 620 -0.16 -10.56 -5.28
C ILE D 620 -0.88 -9.50 -4.44
N ALA D 621 -2.03 -9.06 -4.92
CA ALA D 621 -2.78 -8.01 -4.20
C ALA D 621 -3.14 -8.47 -2.80
N MET D 622 -3.69 -9.68 -2.68
CA MET D 622 -4.05 -10.20 -1.36
C MET D 622 -2.83 -10.37 -0.46
N PHE D 623 -1.72 -10.86 -1.01
CA PHE D 623 -0.53 -11.07 -0.21
C PHE D 623 0.00 -9.75 0.34
N SER D 624 0.07 -8.73 -0.52
CA SER D 624 0.54 -7.42 -0.07
C SER D 624 -0.37 -6.85 1.00
N TYR D 625 -1.69 -6.92 0.78
CA TYR D 625 -2.62 -6.36 1.76
C TYR D 625 -2.53 -7.10 3.10
N THR D 626 -2.46 -8.43 3.05
CA THR D 626 -2.38 -9.21 4.28
C THR D 626 -1.09 -8.92 5.04
N PHE D 627 0.04 -8.83 4.33
CA PHE D 627 1.29 -8.51 4.99
C PHE D 627 1.22 -7.14 5.65
N GLY D 628 0.75 -6.13 4.91
CA GLY D 628 0.66 -4.80 5.47
C GLY D 628 -0.25 -4.74 6.69
N LYS D 629 -1.33 -5.51 6.68
CA LYS D 629 -2.23 -5.50 7.82
C LYS D 629 -1.64 -6.23 9.03
N VAL D 630 -0.91 -7.33 8.78
CA VAL D 630 -0.65 -8.28 9.86
C VAL D 630 0.71 -8.08 10.51
N GLN D 631 1.70 -7.52 9.79
CA GLN D 631 3.06 -7.45 10.32
C GLN D 631 3.12 -6.78 11.70
N GLY D 632 2.28 -5.77 11.92
CA GLY D 632 2.36 -4.99 13.14
C GLY D 632 2.01 -5.78 14.39
N ASN D 633 1.18 -6.80 14.24
CA ASN D 633 0.92 -7.71 15.36
C ASN D 633 1.81 -8.94 15.30
N SER D 634 2.28 -9.29 14.10
CA SER D 634 3.14 -10.46 13.97
C SER D 634 4.45 -10.26 14.73
N ASP D 635 5.02 -9.07 14.66
CA ASP D 635 6.27 -8.83 15.40
C ASP D 635 6.07 -8.96 16.91
N LEU D 636 4.95 -8.43 17.42
CA LEU D 636 4.65 -8.56 18.84
C LEU D 636 4.50 -10.02 19.23
N TYR D 637 3.77 -10.80 18.42
CA TYR D 637 3.64 -12.22 18.68
C TYR D 637 5.01 -12.90 18.65
N TRP D 638 5.92 -12.41 17.79
CA TRP D 638 7.27 -12.95 17.77
C TRP D 638 8.01 -12.66 19.06
N LYS D 639 7.76 -11.50 19.68
CA LYS D 639 8.36 -11.23 20.98
C LYS D 639 7.98 -12.31 21.99
N ALA D 640 6.68 -12.61 22.09
CA ALA D 640 6.24 -13.65 23.02
C ALA D 640 6.82 -15.01 22.63
N GLN D 641 6.87 -15.31 21.34
CA GLN D 641 7.41 -16.59 20.89
C GLN D 641 8.87 -16.72 21.26
N ARG D 642 9.64 -15.62 21.14
CA ARG D 642 11.05 -15.69 21.49
C ARG D 642 11.25 -15.83 22.98
N TYR D 643 10.35 -15.24 23.79
CA TYR D 643 10.42 -15.50 25.22
C TYR D 643 10.20 -16.98 25.52
N ARG D 644 9.18 -17.57 24.90
CA ARG D 644 8.91 -18.99 25.10
C ARG D 644 10.09 -19.84 24.63
N LEU D 645 10.72 -19.44 23.52
CA LEU D 645 11.90 -20.13 23.02
C LEU D 645 13.04 -20.10 24.02
N ILE D 646 13.30 -18.93 24.60
CA ILE D 646 14.36 -18.81 25.60
C ILE D 646 14.07 -19.72 26.78
N ARG D 647 12.81 -19.73 27.22
CA ARG D 647 12.44 -20.58 28.36
C ARG D 647 12.63 -22.05 28.02
N GLU D 648 12.26 -22.47 26.80
CA GLU D 648 12.33 -23.89 26.47
C GLU D 648 13.77 -24.36 26.31
N PHE D 649 14.64 -23.54 25.71
CA PHE D 649 16.05 -23.94 25.65
C PHE D 649 16.73 -23.84 27.00
N HIS D 650 16.25 -22.96 27.90
CA HIS D 650 16.77 -23.01 29.26
C HIS D 650 16.38 -24.30 29.96
N SER D 651 15.15 -24.77 29.73
CA SER D 651 14.72 -26.04 30.29
C SER D 651 15.41 -27.24 29.65
N ARG D 652 15.83 -27.11 28.40
CA ARG D 652 16.49 -28.22 27.72
C ARG D 652 17.84 -28.53 28.35
N PRO D 653 18.23 -29.81 28.42
CA PRO D 653 19.52 -30.17 29.02
C PRO D 653 20.71 -29.73 28.17
N ALA D 654 21.91 -30.08 28.63
CA ALA D 654 23.13 -29.51 28.08
C ALA D 654 23.56 -30.17 26.77
N LEU D 655 23.84 -31.47 26.82
CA LEU D 655 24.53 -32.12 25.72
C LEU D 655 23.68 -32.20 24.46
N ALA D 656 24.36 -32.33 23.33
CA ALA D 656 23.71 -32.37 22.02
C ALA D 656 23.01 -33.71 21.83
N PRO D 657 21.98 -33.74 20.97
CA PRO D 657 21.19 -34.97 20.80
C PRO D 657 22.03 -36.19 20.44
N PRO D 658 23.07 -36.07 19.61
CA PRO D 658 23.92 -37.25 19.40
C PRO D 658 24.56 -37.77 20.68
N PHE D 659 24.85 -36.90 21.65
CA PHE D 659 25.41 -37.30 22.92
C PHE D 659 24.49 -37.06 24.11
N ILE D 660 23.24 -36.65 23.86
CA ILE D 660 22.32 -36.39 24.96
C ILE D 660 21.86 -37.66 25.66
N VAL D 661 22.28 -38.82 25.16
CA VAL D 661 22.03 -40.07 25.89
C VAL D 661 22.72 -40.02 27.24
N ILE D 662 23.88 -39.36 27.31
CA ILE D 662 24.56 -39.19 28.59
C ILE D 662 23.70 -38.37 29.54
N SER D 663 23.10 -37.29 29.05
CA SER D 663 22.22 -36.50 29.90
C SER D 663 21.00 -37.30 30.33
N HIS D 664 20.45 -38.10 29.42
CA HIS D 664 19.30 -38.94 29.76
C HIS D 664 19.66 -39.93 30.86
N LEU D 665 20.80 -40.59 30.75
CA LEU D 665 21.19 -41.56 31.78
C LEU D 665 21.52 -40.84 33.09
N ARG D 666 22.05 -39.62 33.00
CA ARG D 666 22.28 -38.84 34.21
C ARG D 666 20.97 -38.53 34.93
N LEU D 667 19.94 -38.16 34.16
CA LEU D 667 18.65 -37.82 34.78
C LEU D 667 17.97 -39.06 35.33
N LEU D 668 18.01 -40.18 34.60
CA LEU D 668 17.43 -41.42 35.13
C LEU D 668 18.18 -41.90 36.36
N LEU D 669 19.50 -41.72 36.40
CA LEU D 669 20.24 -42.02 37.62
C LEU D 669 19.78 -41.15 38.77
N ARG D 670 19.56 -39.85 38.50
CA ARG D 670 18.99 -38.98 39.52
C ARG D 670 17.61 -39.46 39.95
N GLN D 671 16.82 -39.99 39.02
CA GLN D 671 15.57 -40.65 39.39
C GLN D 671 15.80 -41.91 40.19
N LEU D 672 16.84 -42.68 39.86
CA LEU D 672 17.19 -43.87 40.61
C LEU D 672 17.98 -43.57 41.88
N CYS D 673 18.58 -42.37 41.98
CA CYS D 673 19.28 -42.00 43.20
C CYS D 673 18.35 -41.63 44.34
N ARG D 674 17.18 -41.06 44.02
CA ARG D 674 16.26 -40.65 45.07
C ARG D 674 15.43 -41.81 45.61
N ARG D 675 15.40 -42.94 44.90
CA ARG D 675 14.64 -44.09 45.38
C ARG D 675 15.20 -44.65 46.70
N PRO D 676 16.50 -44.89 46.86
CA PRO D 676 17.00 -45.31 48.18
C PRO D 676 16.95 -44.21 49.22
N ARG D 677 16.84 -42.95 48.80
CA ARG D 677 16.79 -41.83 49.74
C ARG D 677 15.44 -41.74 50.43
N HIS D 688 12.44 -19.66 35.98
CA HIS D 688 13.39 -20.74 36.20
C HIS D 688 14.79 -20.19 36.45
N PHE D 689 15.00 -18.93 36.06
CA PHE D 689 16.29 -18.29 36.28
C PHE D 689 16.59 -18.17 37.77
N ARG D 690 15.58 -17.81 38.56
CA ARG D 690 15.61 -17.82 40.02
C ARG D 690 16.90 -17.23 40.59
N VAL D 691 17.27 -16.07 40.07
CA VAL D 691 18.44 -15.36 40.59
C VAL D 691 18.14 -14.88 42.00
N TYR D 692 19.05 -15.17 42.92
CA TYR D 692 18.83 -14.85 44.32
C TYR D 692 18.91 -13.34 44.57
N LEU D 693 18.05 -12.86 45.47
CA LEU D 693 18.05 -11.47 45.90
C LEU D 693 18.21 -11.41 47.41
N SER D 694 18.94 -10.40 47.89
CA SER D 694 19.19 -10.27 49.32
C SER D 694 17.92 -9.85 50.05
N LYS D 695 17.85 -10.17 51.34
CA LYS D 695 16.67 -9.86 52.13
C LYS D 695 16.47 -8.35 52.28
N GLU D 696 17.55 -7.63 52.59
CA GLU D 696 17.45 -6.17 52.65
C GLU D 696 17.29 -5.57 51.26
N ALA D 697 17.87 -6.23 50.25
CA ALA D 697 17.66 -5.80 48.88
C ALA D 697 16.19 -5.86 48.49
N GLU D 698 15.45 -6.83 49.04
CA GLU D 698 14.01 -6.90 48.76
C GLU D 698 13.30 -5.65 49.25
N ARG D 699 13.60 -5.21 50.48
CA ARG D 699 12.98 -4.01 51.01
C ARG D 699 13.42 -2.78 50.22
N LYS D 700 14.68 -2.70 49.83
CA LYS D 700 15.15 -1.56 49.07
C LYS D 700 14.48 -1.50 47.70
N LEU D 701 14.27 -2.66 47.06
CA LEU D 701 13.54 -2.70 45.80
C LEU D 701 12.09 -2.28 46.00
N LEU D 702 11.46 -2.72 47.09
CA LEU D 702 10.08 -2.31 47.35
C LEU D 702 9.97 -0.80 47.52
N THR D 703 10.89 -0.21 48.28
CA THR D 703 10.86 1.24 48.49
C THR D 703 11.11 1.98 47.18
N TRP D 704 12.10 1.52 46.40
CA TRP D 704 12.39 2.16 45.11
C TRP D 704 11.19 2.08 44.18
N GLU D 705 10.56 0.92 44.11
CA GLU D 705 9.40 0.74 43.24
C GLU D 705 8.24 1.61 43.69
N SER D 706 7.99 1.71 45.00
CA SER D 706 6.92 2.55 45.50
C SER D 706 7.18 4.02 45.18
N VAL D 707 8.42 4.48 45.36
CA VAL D 707 8.76 5.86 45.08
C VAL D 707 8.56 6.16 43.60
N HIS D 708 9.04 5.28 42.72
CA HIS D 708 8.89 5.54 41.29
C HIS D 708 7.43 5.41 40.87
N LYS D 709 6.65 4.56 41.55
CA LYS D 709 5.22 4.47 41.26
C LYS D 709 4.51 5.77 41.60
N GLU D 710 4.78 6.32 42.79
CA GLU D 710 4.11 7.58 43.14
C GLU D 710 4.59 8.71 42.24
N ASN D 711 5.85 8.68 41.80
CA ASN D 711 6.31 9.66 40.83
C ASN D 711 5.54 9.54 39.51
N PHE D 712 5.33 8.32 39.04
CA PHE D 712 4.60 8.13 37.80
C PHE D 712 3.15 8.58 37.94
N LEU D 713 2.52 8.30 39.08
CA LEU D 713 1.16 8.75 39.30
C LEU D 713 1.05 10.26 39.36
N LEU D 714 2.01 10.93 40.01
CA LEU D 714 1.94 12.39 40.04
C LEU D 714 2.20 12.98 38.66
N ALA D 715 3.09 12.36 37.88
CA ALA D 715 3.31 12.80 36.51
C ALA D 715 2.05 12.66 35.66
N ARG D 716 1.35 11.52 35.78
CA ARG D 716 0.14 11.32 35.00
C ARG D 716 -0.97 12.25 35.48
N ALA D 717 -1.01 12.56 36.78
CA ALA D 717 -1.97 13.51 37.29
C ALA D 717 -1.71 14.91 36.71
N ARG D 718 -0.44 15.31 36.64
CA ARG D 718 -0.11 16.59 36.03
C ARG D 718 -0.50 16.59 34.55
N ASP D 719 -0.26 15.47 33.86
CA ASP D 719 -0.67 15.38 32.45
C ASP D 719 -2.18 15.52 32.31
N LYS D 720 -2.94 14.86 33.16
CA LYS D 720 -4.40 14.97 33.10
C LYS D 720 -4.85 16.40 33.38
N ARG D 721 -4.23 17.05 34.37
CA ARG D 721 -4.58 18.43 34.67
C ARG D 721 -4.26 19.36 33.50
N GLU D 722 -3.12 19.15 32.85
CA GLU D 722 -2.73 19.96 31.70
C GLU D 722 -3.52 19.60 30.45
N SER D 723 -4.24 18.49 30.46
CA SER D 723 -5.12 18.15 29.34
C SER D 723 -6.14 19.26 29.12
N ASP D 724 -6.40 19.55 27.84
CA ASP D 724 -7.27 20.66 27.47
C ASP D 724 -8.70 20.43 27.93
N SER D 725 -9.19 19.18 27.88
CA SER D 725 -10.54 18.91 28.32
C SER D 725 -10.72 19.18 29.81
N GLU D 726 -9.76 18.75 30.62
CA GLU D 726 -9.82 19.02 32.06
C GLU D 726 -9.68 20.52 32.33
N ARG D 727 -8.82 21.20 31.57
CA ARG D 727 -8.68 22.64 31.74
C ARG D 727 -9.98 23.36 31.41
N LEU D 728 -10.67 22.93 30.35
CA LEU D 728 -11.95 23.54 30.01
C LEU D 728 -12.99 23.25 31.07
N LYS D 729 -12.98 22.03 31.62
CA LYS D 729 -13.78 21.73 32.81
C LYS D 729 -13.54 22.74 33.91
N ARG D 730 -12.28 22.98 34.24
CA ARG D 730 -11.94 23.87 35.34
C ARG D 730 -12.40 25.29 35.07
N THR D 731 -12.21 25.75 33.83
CA THR D 731 -12.68 27.09 33.46
C THR D 731 -14.19 27.19 33.56
N SER D 732 -14.90 26.14 33.14
CA SER D 732 -16.35 26.15 33.25
C SER D 732 -16.80 26.25 34.69
N GLN D 733 -16.20 25.46 35.57
CA GLN D 733 -16.57 25.54 36.99
C GLN D 733 -16.23 26.90 37.60
N LYS D 734 -15.07 27.46 37.25
CA LYS D 734 -14.71 28.77 37.77
C LYS D 734 -15.68 29.85 37.29
N VAL D 735 -16.07 29.79 36.02
CA VAL D 735 -17.04 30.75 35.49
C VAL D 735 -18.39 30.58 36.19
N ASP D 736 -18.81 29.34 36.42
CA ASP D 736 -20.06 29.10 37.11
C ASP D 736 -20.04 29.65 38.53
N LEU D 737 -18.92 29.45 39.23
CA LEU D 737 -18.81 29.97 40.59
C LEU D 737 -18.81 31.49 40.59
N ALA D 738 -18.14 32.10 39.61
CA ALA D 738 -18.16 33.55 39.49
C ALA D 738 -19.57 34.06 39.25
N LEU D 739 -20.32 33.39 38.37
CA LEU D 739 -21.69 33.79 38.11
C LEU D 739 -22.55 33.64 39.37
N LYS D 740 -22.36 32.55 40.10
CA LYS D 740 -23.13 32.32 41.32
C LYS D 740 -22.86 33.40 42.36
N GLN D 741 -21.59 33.72 42.59
CA GLN D 741 -21.27 34.71 43.62
C GLN D 741 -21.59 36.13 43.15
N LEU D 742 -21.65 36.35 41.84
CA LEU D 742 -22.13 37.63 41.33
C LEU D 742 -23.63 37.75 41.50
N GLY D 743 -24.35 36.62 41.36
CA GLY D 743 -25.76 36.60 41.74
C GLY D 743 -25.97 36.84 43.21
N HIS D 744 -25.05 36.36 44.05
CA HIS D 744 -25.10 36.65 45.48
C HIS D 744 -24.89 38.12 45.81
N ILE D 745 -24.36 38.91 44.89
CA ILE D 745 -24.29 40.37 45.05
C ILE D 745 -25.17 41.11 44.06
N ARG D 746 -26.07 40.42 43.37
CA ARG D 746 -27.00 41.08 42.46
C ARG D 746 -27.94 42.02 43.20
N GLU D 747 -28.30 41.68 44.45
CA GLU D 747 -29.28 42.47 45.19
C GLU D 747 -28.77 43.87 45.51
N TYR D 748 -27.46 44.09 45.41
CA TYR D 748 -26.89 45.40 45.69
C TYR D 748 -27.32 46.42 44.64
C02 A1HZ5 E . 1.25 11.68 -23.23
C03 A1HZ5 E . 0.14 11.39 -24.24
C05 A1HZ5 E . 1.59 10.11 -25.67
C06 A1HZ5 E . 2.54 10.15 -26.68
C07 A1HZ5 E . 3.40 9.10 -26.87
C08 A1HZ5 E . 3.33 7.98 -26.06
C09 A1HZ5 E . 2.38 7.92 -25.05
C11 A1HZ5 E . 1.51 8.98 -24.86
C13 A1HZ5 E . 3.55 12.62 -22.75
C14 A1HZ5 E . 4.51 11.65 -22.64
C15 A1HZ5 E . 5.59 11.82 -21.79
C17 A1HZ5 E . 5.69 12.97 -21.04
C18 A1HZ5 E . 4.71 13.96 -21.14
C19 A1HZ5 E . 3.64 13.79 -22.00
C20 A1HZ5 E . 2.58 14.89 -22.10
I10 A1HZ5 E . 2.26 6.22 -23.80
N12 A1HZ5 E . 2.46 12.36 -23.67
O01 A1HZ5 E . 1.12 11.36 -22.09
O04 A1HZ5 E . 0.72 11.21 -25.50
O21 A1HZ5 E . 1.36 14.61 -22.03
O22 A1HZ5 E . 2.93 16.08 -22.24
CL16 A1HZ5 E . 6.82 10.53 -21.69
C1 CLR F . 23.89 -6.67 -34.39
C2 CLR F . 24.15 -6.64 -35.89
C3 CLR F . 23.82 -7.98 -36.52
C4 CLR F . 22.39 -8.40 -36.19
C5 CLR F . 22.07 -8.32 -34.71
C6 CLR F . 21.45 -9.32 -34.08
C7 CLR F . 20.94 -9.26 -32.68
C8 CLR F . 20.95 -7.84 -32.14
C9 CLR F . 22.31 -7.20 -32.49
C10 CLR F . 22.43 -7.01 -34.02
C11 CLR F . 22.61 -5.92 -31.69
C12 CLR F . 22.26 -5.99 -30.20
C13 CLR F . 20.80 -6.41 -30.00
C14 CLR F . 20.72 -7.81 -30.64
C15 CLR F . 19.42 -8.41 -30.10
C16 CLR F . 19.28 -7.80 -28.70
C17 CLR F . 20.35 -6.69 -28.54
C18 CLR F . 19.84 -5.42 -30.65
C19 CLR F . 21.51 -5.90 -34.55
C20 CLR F . 19.83 -5.53 -27.67
C21 CLR F . 20.79 -4.35 -27.59
C22 CLR F . 19.50 -6.05 -26.26
C23 CLR F . 19.55 -5.02 -25.15
C24 CLR F . 18.86 -5.49 -23.87
C25 CLR F . 18.60 -4.39 -22.85
C26 CLR F . 17.70 -4.90 -21.73
C27 CLR F . 19.88 -3.82 -22.27
O1 CLR F . 24.01 -7.87 -37.92
H11 CLR F . 24.11 -5.81 -34.01
H12 CLR F . 24.49 -7.31 -33.98
H21 CLR F . 25.08 -6.42 -36.05
H22 CLR F . 23.62 -5.95 -36.31
H3 CLR F . 24.43 -8.64 -36.15
H41 CLR F . 22.23 -9.31 -36.49
H42 CLR F . 21.79 -7.84 -36.69
H6 CLR F . 21.24 -10.08 -34.56
H71 CLR F . 20.04 -9.62 -32.66
H72 CLR F . 21.47 -9.84 -32.11
H8 CLR F . 20.24 -7.34 -32.57
H9 CLR F . 22.98 -7.85 -32.24
H111 CLR F . 22.14 -5.16 -32.08
H112 CLR F . 23.55 -5.70 -31.77
H121 CLR F . 22.40 -5.13 -29.79
H122 CLR F . 22.88 -6.61 -29.77
H14 CLR F . 21.44 -8.32 -30.24
H151 CLR F . 18.67 -8.21 -30.67
H152 CLR F . 19.49 -9.38 -30.07
H161 CLR F . 18.39 -7.45 -28.56
H162 CLR F . 19.42 -8.48 -28.01
H17 CLR F . 21.12 -7.06 -28.09
H181 CLR F . 19.92 -5.37 -31.62
H182 CLR F . 19.96 -4.52 -30.32
H183 CLR F . 18.91 -5.65 -30.47
H191 CLR F . 21.02 -6.18 -35.33
H192 CLR F . 22.01 -5.11 -34.80
H193 CLR F . 20.85 -5.64 -33.89
H20 CLR F . 19.00 -5.22 -28.06
H211 CLR F . 21.56 -4.56 -27.07
H212 CLR F . 20.37 -3.57 -27.20
H213 CLR F . 21.09 -4.07 -28.48
H221 CLR F . 20.10 -6.79 -26.05
H222 CLR F . 18.61 -6.44 -26.27
H231 CLR F . 19.11 -4.21 -25.45
H232 CLR F . 20.46 -4.78 -24.95
H241 CLR F . 19.40 -6.18 -23.46
H242 CLR F . 18.02 -5.92 -24.10
H25 CLR F . 18.13 -3.68 -23.31
H261 CLR F . 16.85 -5.23 -22.07
H262 CLR F . 17.50 -4.20 -21.08
H263 CLR F . 18.12 -5.63 -21.26
H271 CLR F . 20.39 -4.50 -21.83
H272 CLR F . 19.71 -3.11 -21.63
H273 CLR F . 20.44 -3.44 -22.97
H1 CLR F . 23.25 -7.77 -38.28
C1 CLR G . -5.22 -11.80 -46.50
C2 CLR G . -5.44 -12.37 -47.89
C3 CLR G . -6.91 -12.67 -48.10
C4 CLR G . -7.72 -11.38 -47.94
C5 CLR G . -7.48 -10.73 -46.60
C6 CLR G . -8.50 -10.18 -45.94
C7 CLR G . -8.39 -9.43 -44.65
C8 CLR G . -6.95 -9.16 -44.21
C9 CLR G . -6.03 -10.31 -44.63
C10 CLR G . -6.04 -10.53 -46.17
C11 CLR G . -4.63 -10.18 -44.01
C12 CLR G . -4.64 -9.92 -42.50
C13 CLR G . -5.48 -8.70 -42.14
C14 CLR G . -6.88 -8.99 -42.71
C15 CLR G . -7.79 -7.96 -42.04
C16 CLR G . -7.24 -7.88 -40.62
C17 CLR G . -5.80 -8.48 -40.63
C18 CLR G . -4.88 -7.43 -42.73
C19 CLR G . -5.47 -9.34 -46.94
C20 CLR G . -4.80 -7.67 -39.77
C21 CLR G . -3.42 -8.31 -39.74
C22 CLR G . -5.31 -7.46 -38.33
C23 CLR G . -5.14 -6.04 -37.79
C24 CLR G . -6.47 -5.34 -37.55
C25 CLR G . -6.41 -3.82 -37.47
C26 CLR G . -7.81 -3.22 -37.41
C27 CLR G . -5.59 -3.34 -36.27
O1 CLR G . -7.09 -13.24 -49.37
H11 CLR G . -4.28 -11.60 -46.40
H12 CLR G . -5.42 -12.49 -45.84
H21 CLR G . -4.92 -13.18 -48.00
H22 CLR G . -5.14 -11.75 -48.57
H3 CLR G . -7.20 -13.28 -47.41
H41 CLR G . -8.66 -11.56 -48.05
H42 CLR G . -7.46 -10.78 -48.65
H6 CLR G . -9.35 -10.26 -46.30
H71 CLR G . -8.87 -8.60 -44.73
H72 CLR G . -8.86 -9.92 -43.96
H8 CLR G . -6.66 -8.33 -44.64
H9 CLR G . -6.42 -11.10 -44.25
H111 CLR G . -4.14 -9.46 -44.45
H112 CLR G . -4.12 -10.98 -44.18
H121 CLR G . -3.72 -9.76 -42.20
H122 CLR G . -4.94 -10.72 -42.05
H14 CLR G . -7.14 -9.86 -42.34
H151 CLR G . -7.76 -7.10 -42.50
H152 CLR G . -8.71 -8.26 -42.05
H161 CLR G . -7.22 -6.97 -40.30
H162 CLR G . -7.79 -8.38 -40.00
H17 CLR G . -5.84 -9.37 -40.23
H181 CLR G . -4.81 -7.46 -43.71
H182 CLR G . -3.98 -7.25 -42.40
H183 CLR G . -5.41 -6.65 -42.51
H191 CLR G . -4.81 -9.61 -47.59
H192 CLR G . -5.03 -8.70 -46.35
H193 CLR G . -6.17 -8.87 -47.42
H20 CLR G . -4.73 -6.79 -40.18
H211 CLR G . -3.47 -9.24 -39.46
H212 CLR G . -2.82 -7.85 -39.13
H213 CLR G . -2.99 -8.29 -40.61
H221 CLR G . -4.85 -8.07 -37.76
H222 CLR G . -6.26 -7.69 -38.26
H231 CLR G . -4.61 -5.52 -38.41
H232 CLR G . -4.64 -6.06 -36.96
H241 CLR G . -6.87 -5.68 -36.73
H242 CLR G . -7.08 -5.58 -38.26
H25 CLR G . -5.98 -3.48 -38.27
H261 CLR G . -7.80 -2.26 -37.47
H262 CLR G . -8.27 -3.46 -36.58
H263 CLR G . -8.35 -3.55 -38.14
H271 CLR G . -5.76 -3.90 -35.50
H272 CLR G . -5.82 -2.42 -36.01
H273 CLR G . -4.65 -3.35 -36.45
H1 CLR G . -6.33 -13.53 -49.64
C1 CLR H . 36.26 -4.38 -32.09
C2 CLR H . 36.64 -4.56 -33.56
C3 CLR H . 37.34 -5.88 -33.83
C4 CLR H . 36.74 -7.08 -33.09
C5 CLR H . 36.21 -6.78 -31.71
C6 CLR H . 36.43 -7.62 -30.69
C7 CLR H . 35.75 -7.53 -29.38
C8 CLR H . 34.55 -6.58 -29.42
C9 CLR H . 35.00 -5.28 -30.08
C10 CLR H . 35.37 -5.52 -31.57
C11 CLR H . 34.01 -4.12 -29.87
C12 CLR H . 33.44 -4.00 -28.45
C13 CLR H . 32.83 -5.32 -27.98
C14 CLR H . 33.97 -6.34 -28.03
C15 CLR H . 33.45 -7.53 -27.25
C16 CLR H . 32.58 -6.91 -26.14
C17 CLR H . 32.44 -5.39 -26.49
C18 CLR H . 31.64 -5.73 -28.86
C19 CLR H . 34.13 -5.65 -32.45
C20 CLR H . 31.07 -4.84 -26.01
C21 CLR H . 30.68 -3.54 -26.70
C22 CLR H . 31.08 -4.70 -24.47
C23 CLR H . 30.53 -3.39 -23.90
C24 CLR H . 30.63 -3.31 -22.38
C25 CLR H . 30.68 -1.88 -21.83
C26 CLR H . 30.04 -1.81 -20.45
C27 CLR H . 32.11 -1.34 -21.79
O1 CLR H . 37.27 -6.09 -35.23
H11 CLR H . 35.78 -3.55 -31.99
H12 CLR H . 37.07 -4.31 -31.56
H21 CLR H . 37.22 -3.82 -33.81
H22 CLR H . 35.85 -4.48 -34.12
H3 CLR H . 38.27 -5.78 -33.56
H41 CLR H . 37.42 -7.77 -33.01
H42 CLR H . 36.05 -7.45 -33.64
H6 CLR H . 36.90 -8.40 -30.87
H71 CLR H . 35.45 -8.42 -29.11
H72 CLR H . 36.37 -7.25 -28.70
H8 CLR H . 33.88 -7.00 -29.98
H9 CLR H . 35.83 -5.03 -29.63
H111 CLR H . 33.27 -4.19 -30.48
H112 CLR H . 34.45 -3.28 -30.09
H121 CLR H . 32.77 -3.32 -28.43
H122 CLR H . 34.16 -3.70 -27.86
H14 CLR H . 34.69 -5.96 -27.51
H151 CLR H . 32.94 -8.15 -27.81
H152 CLR H . 34.19 -8.04 -26.87
H161 CLR H . 31.73 -7.34 -26.08
H162 CLR H . 33.00 -7.00 -25.27
H17 CLR H . 33.12 -4.90 -26.00
H181 CLR H . 31.87 -6.37 -29.54
H182 CLR H . 31.24 -4.98 -29.31
H183 CLR H . 30.94 -6.15 -28.33
H191 CLR H . 34.31 -6.08 -33.30
H192 CLR H . 33.76 -4.77 -32.65
H193 CLR H . 33.44 -6.18 -32.03
H20 CLR H . 30.40 -5.50 -26.23
H211 CLR H . 29.79 -3.26 -26.43
H212 CLR H . 30.67 -3.61 -27.66
H213 CLR H . 31.29 -2.82 -26.48
H221 CLR H . 31.98 -4.83 -24.15
H222 CLR H . 30.56 -5.41 -24.08
H231 CLR H . 29.61 -3.28 -24.17
H232 CLR H . 31.01 -2.63 -24.28
H241 CLR H . 31.41 -3.79 -22.09
H242 CLR H . 29.86 -3.76 -22.00
H25 CLR H . 30.16 -1.31 -22.43
H261 CLR H . 30.08 -0.90 -20.09
H262 CLR H . 30.49 -2.40 -19.82
H263 CLR H . 29.11 -2.07 -20.49
H271 CLR H . 32.45 -1.22 -22.68
H272 CLR H . 32.70 -1.94 -21.31
H273 CLR H . 32.14 -0.48 -21.34
H1 CLR H . 36.46 -6.17 -35.45
C02 A1HZ5 I . 26.01 1.03 -0.46
C03 A1HZ5 I . 26.67 1.69 -1.66
C05 A1HZ5 I . 27.51 -0.39 -2.53
C06 A1HZ5 I . 28.51 -1.33 -2.45
C07 A1HZ5 I . 28.30 -2.62 -2.91
C08 A1HZ5 I . 27.07 -2.97 -3.46
C09 A1HZ5 I . 26.05 -2.02 -3.53
C11 A1HZ5 I . 26.28 -0.74 -3.07
C13 A1HZ5 I . 26.20 -0.43 1.59
C14 A1HZ5 I . 25.77 -1.72 1.38
C15 A1HZ5 I . 25.18 -2.44 2.40
C17 A1HZ5 I . 25.03 -1.86 3.64
C18 A1HZ5 I . 25.48 -0.57 3.87
C19 A1HZ5 I . 26.06 0.16 2.83
C20 A1HZ5 I . 26.54 1.59 3.11
I10 A1HZ5 I . 24.18 -2.54 -4.35
N12 A1HZ5 I . 26.81 0.25 0.46
O01 A1HZ5 I . 24.84 1.17 -0.29
O04 A1HZ5 I . 27.77 0.91 -2.05
O21 A1HZ5 I . 26.25 2.51 2.33
O22 A1HZ5 I . 27.24 1.83 4.13
CL16 A1HZ5 I . 24.63 -4.11 2.07
C1 CLR J . 31.40 -30.47 -8.28
C2 CLR J . 32.88 -30.79 -8.45
C3 CLR J . 33.24 -30.93 -9.92
C4 CLR J . 32.83 -29.69 -10.70
C5 CLR J . 31.39 -29.30 -10.45
C6 CLR J . 30.53 -29.20 -11.47
C7 CLR J . 29.15 -28.64 -11.35
C8 CLR J . 28.95 -28.02 -9.98
C9 CLR J . 29.41 -29.04 -8.93
C10 CLR J . 30.95 -29.18 -9.00
C11 CLR J . 28.86 -28.80 -7.51
C12 CLR J . 27.43 -28.23 -7.42
C13 CLR J . 27.26 -27.03 -8.34
C14 CLR J . 27.50 -27.59 -9.76
C15 CLR J . 26.87 -26.60 -10.73
C16 CLR J . 25.82 -25.85 -9.90
C17 CLR J . 25.83 -26.44 -8.47
C18 CLR J . 28.24 -25.91 -7.97
C19 CLR J . 31.69 -27.98 -8.36
C20 CLR J . 25.36 -25.43 -7.40
C21 CLR J . 25.42 -26.01 -5.99
C22 CLR J . 23.96 -24.89 -7.71
C23 CLR J . 23.51 -23.69 -6.88
C24 CLR J . 22.08 -23.84 -6.38
C25 CLR J . 21.62 -22.77 -5.38
C26 CLR J . 20.14 -22.94 -5.07
C27 CLR J . 22.42 -22.80 -4.08
O1 CLR J . 34.64 -31.15 -10.00
H11 CLR J . 30.88 -31.21 -8.63
H12 CLR J . 31.20 -30.41 -7.34
H21 CLR J . 33.08 -31.61 -7.98
H22 CLR J . 33.42 -30.10 -8.05
H3 CLR J . 32.76 -31.69 -10.27
H41 CLR J . 32.96 -29.84 -11.65
H42 CLR J . 33.41 -28.97 -10.45
H6 CLR J . 30.74 -29.63 -12.27
H71 CLR J . 28.50 -29.34 -11.51
H72 CLR J . 29.00 -27.98 -12.05
H8 CLR J . 29.51 -27.23 -9.94
H9 CLR J . 29.06 -29.89 -9.23
H111 CLR J . 28.86 -29.65 -7.03
H112 CLR J . 29.45 -28.22 -7.01
H121 CLR J . 26.80 -28.91 -7.66
H122 CLR J . 27.27 -28.00 -6.49
H14 CLR J . 26.98 -28.40 -9.81
H151 CLR J . 26.50 -27.04 -11.50
H152 CLR J . 27.55 -25.99 -11.07
H161 CLR J . 24.93 -25.94 -10.31
H162 CLR J . 26.01 -24.90 -9.87
H17 CLR J . 25.22 -27.18 -8.44
H181 CLR J . 29.17 -26.18 -8.01
H182 CLR J . 28.16 -25.13 -8.55
H183 CLR J . 28.08 -25.59 -7.06
H191 CLR J . 32.63 -27.96 -8.61
H192 CLR J . 31.30 -27.14 -8.64
H193 CLR J . 31.66 -28.02 -7.39
H20 CLR J . 25.96 -24.66 -7.44
H211 CLR J . 24.98 -26.88 -5.96
H212 CLR J . 26.33 -26.12 -5.67
H213 CLR J . 24.97 -25.44 -5.36
H221 CLR J . 23.32 -25.61 -7.59
H222 CLR J . 23.89 -24.64 -8.64
H231 CLR J . 23.58 -22.88 -7.43
H232 CLR J . 24.12 -23.55 -6.13
H241 CLR J . 21.98 -24.71 -5.97
H242 CLR J . 21.48 -23.84 -7.14
H25 CLR J . 21.74 -21.90 -5.79
H261 CLR J . 19.82 -22.26 -4.45
H262 CLR J . 19.60 -22.88 -5.88
H263 CLR J . 19.97 -23.81 -4.67
H271 CLR J . 22.44 -23.70 -3.71
H272 CLR J . 23.34 -22.52 -4.21
H273 CLR J . 22.03 -22.22 -3.42
H1 CLR J . 34.86 -31.08 -10.81
C1 CLR K . -3.01 -43.12 -10.75
C2 CLR K . -3.06 -44.54 -11.31
C3 CLR K . -1.69 -45.18 -11.38
C4 CLR K . -0.73 -44.37 -12.23
C5 CLR K . -1.02 -42.88 -12.20
C6 CLR K . -0.58 -42.11 -13.19
C7 CLR K . -0.50 -40.61 -13.12
C8 CLR K . -0.82 -40.08 -11.73
C9 CLR K . -2.03 -40.84 -11.17
C10 CLR K . -1.70 -42.35 -10.96
C11 CLR K . -2.65 -40.17 -9.94
C12 CLR K . -2.82 -38.65 -10.05
C13 CLR K . -1.51 -37.96 -10.43
C14 CLR K . -1.09 -38.59 -11.77
C15 CLR K . -0.01 -37.67 -12.31
C16 CLR K . -0.44 -36.27 -11.83
C17 CLR K . -1.59 -36.45 -10.81
C18 CLR K . -0.43 -38.17 -9.36
C19 CLR K . -0.75 -42.58 -9.76
C20 CLR K . -1.56 -35.40 -9.70
C21 CLR K . -2.56 -35.69 -8.56
C22 CLR K . -1.78 -33.99 -10.26
C23 CLR K . -3.22 -33.45 -10.28
C24 CLR K . -3.46 -32.40 -9.19
C25 CLR K . -2.98 -30.97 -9.49
C26 CLR K . -3.44 -30.49 -10.85
C27 CLR K . -3.44 -29.99 -8.42
O1 CLR K . -1.22 -45.36 -10.06
H11 CLR K . -3.21 -43.16 -9.81
H12 CLR K . -3.75 -42.61 -11.15
H21 CLR K . -3.45 -44.51 -12.21
H22 CLR K . -3.65 -45.09 -10.78
H3 CLR K . -1.80 -46.06 -11.81
H41 CLR K . -0.75 -44.67 -13.15
H42 CLR K . 0.17 -44.53 -11.91
H6 CLR K . -0.17 -42.51 -13.92
H71 CLR K . 0.38 -40.32 -13.39
H72 CLR K . -1.11 -40.23 -13.77
H8 CLR K . -0.05 -40.25 -11.17
H9 CLR K . -2.70 -40.81 -11.86
H111 CLR K . -2.13 -40.34 -9.14
H112 CLR K . -3.52 -40.56 -9.76
H121 CLR K . -3.12 -38.29 -9.20
H122 CLR K . -3.52 -38.46 -10.69
H14 CLR K . -1.87 -38.48 -12.36
H151 CLR K . 0.87 -37.92 -11.99
H152 CLR K . 0.02 -37.71 -13.28
H161 CLR K . 0.31 -35.81 -11.42
H162 CLR K . -0.73 -35.72 -12.57
H17 CLR K . -2.43 -36.35 -11.28
H181 CLR K . -0.15 -39.09 -9.27
H182 CLR K . -0.73 -37.89 -8.48
H183 CLR K . 0.37 -37.65 -9.55
H191 CLR K . 0.07 -43.03 -10.04
H192 CLR K . -1.16 -43.13 -9.08
H193 CLR K . -0.48 -41.74 -9.36
H20 CLR K . -0.67 -35.42 -9.31
H211 CLR K . -3.40 -36.00 -8.91
H212 CLR K . -2.73 -34.91 -8.02
H213 CLR K . -2.21 -36.36 -7.95
H221 CLR K . -1.43 -33.95 -11.16
H222 CLR K . -1.25 -33.36 -9.75
H231 CLR K . -3.85 -34.17 -10.18
H232 CLR K . -3.41 -33.06 -11.16
H241 CLR K . -3.04 -32.70 -8.37
H242 CLR K . -4.41 -32.37 -9.01
H25 CLR K . -2.01 -30.98 -9.49
H261 CLR K . -3.36 -29.53 -10.94
H262 CLR K . -4.38 -30.72 -11.01
H263 CLR K . -2.93 -30.89 -11.56
H271 CLR K . -3.14 -29.09 -8.63
H272 CLR K . -3.10 -30.20 -7.54
H273 CLR K . -4.40 -29.96 -8.36
H1 CLR K . -1.42 -46.15 -9.81
C02 A1HZ5 L . -21.45 -11.39 -9.35
C03 A1HZ5 L . -21.79 -12.79 -8.85
C05 A1HZ5 L . -21.25 -13.84 -10.93
C06 A1HZ5 L . -21.70 -14.16 -12.21
C07 A1HZ5 L . -20.80 -14.43 -13.22
C08 A1HZ5 L . -19.44 -14.39 -12.97
C09 A1HZ5 L . -18.99 -14.07 -11.70
C11 A1HZ5 L . -19.88 -13.81 -10.69
C13 A1HZ5 L . -21.81 -9.56 -11.04
C14 A1HZ5 L . -20.82 -9.51 -12.01
C15 A1HZ5 L . -20.45 -8.31 -12.57
C17 A1HZ5 L . -21.07 -7.14 -12.17
C18 A1HZ5 L . -22.06 -7.18 -11.20
C19 A1HZ5 L . -22.44 -8.39 -10.63
C20 A1HZ5 L . -23.53 -8.41 -9.57
I10 A1HZ5 L . -16.91 -14.00 -11.31
N12 A1HZ5 L . -22.13 -10.86 -10.52
O01 A1HZ5 L . -20.62 -10.75 -8.79
O04 A1HZ5 L . -22.20 -13.58 -9.93
O21 A1HZ5 L . -23.38 -9.04 -8.49
O22 A1HZ5 L . -24.61 -7.79 -9.77
CL16 A1HZ5 L . -19.17 -8.31 -13.82
C1 CLR M . -9.00 -19.57 -38.69
C2 CLR M . -10.00 -20.34 -39.55
C3 CLR M . -9.73 -21.83 -39.49
C4 CLR M . -9.69 -22.32 -38.04
C5 CLR M . -8.82 -21.48 -37.15
C6 CLR M . -7.83 -22.05 -36.45
C7 CLR M . -7.05 -21.34 -35.39
C8 CLR M . -7.65 -19.98 -35.10
C9 CLR M . -7.87 -19.27 -36.44
C10 CLR M . -9.03 -19.98 -37.21
C11 CLR M . -8.03 -17.74 -36.35
C12 CLR M . -7.19 -17.05 -35.26
C13 CLR M . -7.36 -17.74 -33.91
C14 CLR M . -6.79 -19.15 -34.16
C15 CLR M . -6.46 -19.72 -32.79
C16 CLR M . -6.11 -18.48 -31.94
C17 CLR M . -6.47 -17.21 -32.74
C18 CLR M . -8.82 -17.75 -33.47
C19 CLR M . -10.41 -19.66 -36.63
C20 CLR M . -7.03 -16.09 -31.84
C21 CLR M . -7.43 -14.83 -32.62
C22 CLR M . -6.02 -15.72 -30.74
C23 CLR M . -6.54 -14.75 -29.67
C24 CLR M . -5.45 -13.81 -29.18
C25 CLR M . -5.90 -12.73 -28.19
C26 CLR M . -4.71 -11.90 -27.74
C27 CLR M . -6.98 -11.83 -28.76
O1 CLR M . -10.73 -22.50 -40.23
H11 CLR M . -9.21 -18.62 -38.76
H12 CLR M . -8.12 -19.69 -39.06
H21 CLR M . -9.93 -20.03 -40.47
H22 CLR M . -10.91 -20.16 -39.27
H3 CLR M . -8.86 -22.00 -39.88
H41 CLR M . -9.39 -23.25 -38.01
H42 CLR M . -10.61 -22.32 -37.71
H6 CLR M . -7.50 -22.87 -36.72
H71 CLR M . -7.01 -21.89 -34.59
H72 CLR M . -6.12 -21.25 -35.68
H8 CLR M . -8.51 -20.14 -34.67
H9 CLR M . -7.08 -19.44 -36.96
H111 CLR M . -8.95 -17.51 -36.22
H112 CLR M . -7.78 -17.36 -37.21
H121 CLR M . -7.49 -16.14 -35.18
H122 CLR M . -6.27 -17.02 -35.56
H14 CLR M . -5.95 -19.02 -34.62
H151 CLR M . -7.20 -20.22 -32.42
H152 CLR M . -5.71 -20.33 -32.85
H161 CLR M . -6.59 -18.51 -31.09
H162 CLR M . -5.17 -18.47 -31.71
H17 CLR M . -5.66 -16.86 -33.15
H181 CLR M . -9.40 -18.21 -34.10
H182 CLR M . -9.18 -16.87 -33.35
H183 CLR M . -8.92 -18.21 -32.62
H191 CLR M . -11.10 -20.27 -36.95
H192 CLR M . -10.70 -18.76 -36.86
H193 CLR M . -10.42 -19.73 -35.65
H20 CLR M . -7.83 -16.44 -31.40
H211 CLR M . -6.65 -14.34 -32.89
H212 CLR M . -7.98 -14.24 -32.08
H213 CLR M . -7.94 -15.05 -33.41
H221 CLR M . -5.23 -15.35 -31.15
H222 CLR M . -5.73 -16.52 -30.28
H231 CLR M . -6.88 -15.26 -28.91
H232 CLR M . -7.29 -14.24 -30.00
H241 CLR M . -5.02 -13.38 -29.94
H242 CLR M . -4.74 -14.34 -28.76
H25 CLR M . -6.25 -13.18 -27.40
H261 CLR M . -4.98 -11.20 -27.12
H262 CLR M . -4.26 -11.47 -28.49
H263 CLR M . -4.05 -12.44 -27.29
H271 CLR M . -6.72 -11.49 -29.63
H272 CLR M . -7.16 -11.07 -28.19
H273 CLR M . -7.81 -12.31 -28.88
H1 CLR M . -10.45 -22.59 -41.03
C02 A1HZ5 N . 3.26 -22.07 13.40
C03 A1HZ5 N . 4.69 -22.52 13.72
C05 A1HZ5 N . 4.62 -24.36 12.19
C06 A1HZ5 N . 4.22 -25.67 12.00
C07 A1HZ5 N . 4.04 -26.17 10.72
C08 A1HZ5 N . 4.26 -25.35 9.62
C09 A1HZ5 N . 4.64 -24.04 9.80
C11 A1HZ5 N . 4.83 -23.54 11.09
C13 A1HZ5 N . 0.80 -22.64 13.28
C14 A1HZ5 N . 0.38 -22.91 12.00
C15 A1HZ5 N . -0.91 -22.59 11.60
C17 A1HZ5 N . -1.77 -22.00 12.50
C18 A1HZ5 N . -1.35 -21.73 13.80
C19 A1HZ5 N . -0.06 -22.04 14.19
C20 A1HZ5 N . 0.38 -21.73 15.62
I10 A1HZ5 N . 4.97 -22.79 8.14
N12 A1HZ5 N . 2.17 -23.00 13.60
O01 A1HZ5 N . 3.06 -20.97 13.00
O04 A1HZ5 N . 4.80 -23.89 13.50
O21 A1HZ5 N . 1.47 -21.15 15.85
O22 A1HZ5 N . -0.36 -22.08 16.59
CL16 A1HZ5 N . -1.41 -22.96 9.92
C1 CLR O . -13.37 -42.31 -17.22
C2 CLR O . -13.78 -43.71 -17.63
C3 CLR O . -13.22 -44.74 -16.66
C4 CLR O . -13.71 -44.42 -15.24
C5 CLR O . -13.39 -43.01 -14.82
C6 CLR O . -12.69 -42.77 -13.71
C7 CLR O . -12.31 -41.40 -13.23
C8 CLR O . -13.21 -40.37 -13.88
C9 CLR O . -13.11 -40.58 -15.40
C10 CLR O . -13.80 -41.91 -15.79
C11 CLR O . -13.54 -39.36 -16.24
C12 CLR O . -13.13 -38.00 -15.67
C13 CLR O . -13.58 -37.85 -14.22
C14 CLR O . -12.82 -38.95 -13.47
C15 CLR O . -12.91 -38.60 -12.00
C16 CLR O . -13.08 -37.07 -11.98
C17 CLR O . -13.12 -36.58 -13.45
C18 CLR O . -15.10 -38.01 -14.11
C19 CLR O . -15.34 -41.82 -15.75
C20 CLR O . -13.90 -35.27 -13.62
C21 CLR O . -13.63 -34.57 -14.96
C22 CLR O . -13.64 -34.27 -12.48
C23 CLR O . -14.40 -32.95 -12.60
C24 CLR O . -14.69 -32.29 -11.26
C25 CLR O . -15.66 -33.02 -10.33
C26 CLR O . -15.87 -32.23 -9.04
C27 CLR O . -17.00 -33.30 -11.00
O1 CLR O . -13.65 -46.02 -17.09
H11 CLR O . -13.73 -41.67 -17.85
H12 CLR O . -12.39 -42.23 -17.29
H21 CLR O . -13.45 -43.89 -18.53
H22 CLR O . -14.74 -43.79 -17.67
H3 CLR O . -12.26 -44.68 -16.67
H41 CLR O . -13.30 -45.05 -14.61
H42 CLR O . -14.66 -44.57 -15.21
H6 CLR O . -12.67 -43.44 -13.06
H71 CLR O . -12.40 -41.36 -12.27
H72 CLR O . -11.40 -41.19 -13.43
H8 CLR O . -14.12 -40.54 -13.59
H9 CLR O . -12.17 -40.71 -15.57
H111 CLR O . -14.50 -39.36 -16.36
H112 CLR O . -13.17 -39.44 -17.14
H121 CLR O . -13.54 -37.30 -16.21
H122 CLR O . -12.17 -37.90 -15.78
H14 CLR O . -11.89 -38.85 -13.73
H151 CLR O . -13.64 -39.06 -11.56
H152 CLR O . -12.10 -38.86 -11.54
H161 CLR O . -13.90 -36.82 -11.51
H162 CLR O . -12.35 -36.63 -11.51
H17 CLR O . -12.21 -36.41 -13.74
H181 CLR O . -15.40 -38.92 -14.29
H182 CLR O . -15.57 -37.44 -14.74
H183 CLR O . -15.41 -37.78 -13.23
H191 CLR O . -15.75 -42.68 -15.91
H192 CLR O . -15.68 -41.21 -16.43
H193 CLR O . -15.66 -41.52 -14.89
H20 CLR O . -14.85 -35.47 -13.59
H211 CLR O . -12.77 -34.14 -14.95
H212 CLR O . -14.29 -33.90 -15.16
H213 CLR O . -13.64 -35.20 -15.69
H221 CLR O . -12.69 -34.09 -12.43
H222 CLR O . -13.89 -34.66 -11.63
H231 CLR O . -15.25 -33.10 -13.07
H232 CLR O . -13.92 -32.33 -13.16
H241 CLR O . -15.03 -31.39 -11.40
H242 CLR O . -13.85 -32.17 -10.79
H25 CLR O . -15.26 -33.87 -10.09
H261 CLR O . -16.62 -31.63 -9.12
H262 CLR O . -15.09 -31.69 -8.83
H263 CLR O . -16.03 -32.82 -8.29
H271 CLR O . -17.39 -32.47 -11.35
H272 CLR O . -17.64 -33.69 -10.38
H273 CLR O . -16.91 -33.91 -11.74
H1 CLR O . -13.28 -46.17 -17.84
C1 CLR P . 25.98 -38.47 -2.66
C2 CLR P . 26.53 -39.85 -2.97
C3 CLR P . 27.98 -39.97 -2.54
C4 CLR P . 28.12 -39.64 -1.06
C5 CLR P . 27.52 -38.30 -0.72
C6 CLR P . 28.18 -37.44 0.05
C7 CLR P . 27.59 -36.20 0.63
C8 CLR P . 26.09 -36.08 0.40
C9 CLR P . 25.75 -36.57 -1.02
C10 CLR P . 26.08 -38.07 -1.17
C11 CLR P . 24.33 -36.19 -1.48
C12 CLR P . 23.88 -34.77 -1.11
C13 CLR P . 24.10 -34.49 0.37
C14 CLR P . 25.61 -34.66 0.58
C15 CLR P . 25.93 -33.95 1.89
C16 CLR P . 24.97 -32.74 1.87
C17 CLR P . 23.84 -33.03 0.86
C18 CLR P . 23.28 -35.47 1.21
C19 CLR P . 25.17 -38.96 -0.32
C20 CLR P . 22.43 -32.67 1.41
C21 CLR P . 21.35 -32.75 0.33
C22 CLR P . 22.38 -31.31 2.09
C23 CLR P . 21.96 -31.35 3.56
C24 CLR P . 22.31 -30.07 4.29
C25 CLR P . 21.30 -29.63 5.36
C26 CLR P . 21.81 -28.39 6.09
C27 CLR P . 19.93 -29.35 4.77
O1 CLR P . 28.41 -41.28 -2.83
H11 CLR P . 26.45 -37.81 -3.18
H12 CLR P . 25.05 -38.44 -2.93
H21 CLR P . 26.46 -40.02 -3.93
H22 CLR P . 26.00 -40.53 -2.53
H3 CLR P . 28.51 -39.33 -3.04
H41 CLR P . 29.05 -39.66 -0.79
H42 CLR P . 27.68 -40.35 -0.55
H6 CLR P . 29.11 -37.52 0.11
H71 CLR P . 28.05 -35.42 0.26
H72 CLR P . 27.79 -36.17 1.59
H8 CLR P . 25.65 -36.66 1.05
H9 CLR P . 26.36 -36.09 -1.60
H111 CLR P . 24.28 -36.28 -2.45
H112 CLR P . 23.69 -36.82 -1.13
H121 CLR P . 24.38 -34.12 -1.64
H122 CLR P . 22.95 -34.67 -1.37
H14 CLR P . 26.03 -34.14 -0.12
H151 CLR P . 26.86 -33.68 1.94
H152 CLR P . 25.75 -34.53 2.64
H161 CLR P . 25.44 -31.92 1.64
H162 CLR P . 24.60 -32.59 2.76
H17 CLR P . 23.97 -32.46 0.08
H181 CLR P . 23.48 -36.40 1.03
H182 CLR P . 23.42 -35.33 2.17
H183 CLR P . 22.33 -35.36 1.05
H191 CLR P . 25.68 -39.46 0.34
H192 CLR P . 24.52 -38.44 0.17
H193 CLR P . 24.69 -39.61 -0.86
H20 CLR P . 22.21 -33.33 2.09
H211 CLR P . 21.50 -32.08 -0.36
H212 CLR P . 21.32 -33.62 -0.10
H213 CLR P . 20.47 -32.59 0.70
H221 CLR P . 21.75 -30.74 1.60
H222 CLR P . 23.23 -30.85 2.04
H231 CLR P . 22.41 -32.10 4.00
H232 CLR P . 21.01 -31.53 3.64
H241 CLR P . 22.42 -29.35 3.66
H242 CLR P . 23.18 -30.18 4.72
H25 CLR P . 21.21 -30.35 6.00
H261 CLR P . 21.19 -28.09 6.77
H262 CLR P . 22.67 -28.57 6.53
H263 CLR P . 21.95 -27.66 5.48
H271 CLR P . 20.00 -28.86 3.93
H272 CLR P . 19.43 -30.16 4.58
H273 CLR P . 19.38 -28.82 5.37
H1 CLR P . 27.79 -41.69 -3.24
#